data_6SU1
#
_entry.id   6SU1
#
_cell.length_a   83.450
_cell.length_b   107.150
_cell.length_c   148.000
_cell.angle_alpha   109.740
_cell.angle_beta   90.510
_cell.angle_gamma   106.780
#
_symmetry.space_group_name_H-M   'P 1'
#
loop_
_entity.id
_entity.type
_entity.pdbx_description
1 polymer 'Pyruvate kinase'
2 non-polymer GLYCEROL
3 non-polymer 'CITRIC ACID'
4 non-polymer 'TRIETHYLENE GLYCOL'
5 non-polymer DI(HYDROXYETHYL)ETHER
6 water water
#
_entity_poly.entity_id   1
_entity_poly.type   'polypeptide(L)'
_entity_poly.pdbx_seq_one_letter_code
;MSQLQHNIGLSIFEPVAKHRANRIICTIGPSTQSVEALKGLMKSGMSVARMNFSHGSYEYHQTTINNVRAAAAELGLHIG
IALDTKGPEIRTGLFKDGEATYAPGDTVLVTTDPAFEKIGTKEKFYVDYPQLPNVVRPGGLIYVDDGVLTLRVLSKEDDC
TLKCHVNNHHRLTDRKGINLPGCEVDLPAVSEKDRKDLQFGVEQGVDMIFASFIRTADQVREVRAALGEKGKDTLIISKI
ENHQGVQNIDAIIEASDGIMVARGDLGVEIPAEKVVVAQMCIISKCNVAGKPVICATQMLESMTTNPRPTRAEVTDVANA
VFNGADCVMLSGETAKGKYPNEVVQYMVRICIEAQSATHDSVMFNSIKNLQKIPMSPEEAVCSSAVSSAFEVQAKAILVL
SNTGRSARLISKYRPNCPIICATTRLLTCRQLNVTRSVESVYYDVDAHGEDNDREKRVQLGVDWAKTKGYVSAGDVMVIV
HADHSVKGYPNQTRLVRVRENLYFQSGGHHHHHH
;
_entity_poly.pdbx_strand_id   A,B,C,D,E,F,G,H
#
# COMPACT_ATOMS: atom_id res chain seq x y z
N MET A 1 1.10 24.70 -22.85
CA MET A 1 -0.28 24.78 -22.38
C MET A 1 -0.52 23.77 -21.24
N SER A 2 -0.74 22.45 -21.57
CA SER A 2 -0.97 21.33 -20.62
C SER A 2 0.33 21.05 -19.90
N GLN A 3 0.34 21.30 -18.57
CA GLN A 3 1.53 21.13 -17.74
C GLN A 3 2.00 19.68 -17.79
N LEU A 4 1.04 18.76 -17.78
CA LEU A 4 1.28 17.32 -17.86
C LEU A 4 2.03 17.00 -19.14
N GLN A 5 1.51 17.45 -20.29
CA GLN A 5 2.08 17.26 -21.62
C GLN A 5 3.47 17.87 -21.74
N HIS A 6 3.76 18.91 -20.94
CA HIS A 6 5.09 19.55 -20.94
C HIS A 6 6.11 18.75 -20.13
N ASN A 7 5.67 18.22 -18.95
CA ASN A 7 6.45 17.38 -18.04
C ASN A 7 6.85 16.04 -18.65
N ILE A 8 5.88 15.32 -19.25
CA ILE A 8 6.17 14.10 -19.97
C ILE A 8 6.86 14.72 -21.15
N GLY A 9 8.09 14.36 -21.38
CA GLY A 9 8.75 15.01 -22.50
C GLY A 9 9.89 15.94 -22.15
N LEU A 10 9.98 16.36 -20.88
CA LEU A 10 11.11 17.14 -20.40
C LEU A 10 12.36 16.27 -20.62
N SER A 11 13.46 16.84 -21.14
CA SER A 11 14.71 16.11 -21.33
C SER A 11 15.65 16.57 -20.23
N ILE A 12 15.70 15.81 -19.14
CA ILE A 12 16.51 16.07 -17.94
C ILE A 12 17.96 16.45 -18.30
N PHE A 13 18.58 15.72 -19.25
CA PHE A 13 19.98 15.93 -19.61
C PHE A 13 20.19 16.68 -20.95
N GLU A 14 19.34 17.68 -21.22
CA GLU A 14 19.45 18.59 -22.38
C GLU A 14 20.41 19.72 -21.93
N PRO A 15 21.07 20.50 -22.82
CA PRO A 15 21.93 21.58 -22.33
C PRO A 15 21.13 22.71 -21.68
N VAL A 16 21.56 23.18 -20.50
CA VAL A 16 20.87 24.26 -19.74
C VAL A 16 21.02 25.64 -20.43
N ALA A 17 20.27 26.64 -19.94
CA ALA A 17 20.32 28.02 -20.42
C ALA A 17 21.71 28.62 -20.10
N LYS A 18 22.34 29.29 -21.07
CA LYS A 18 23.67 29.88 -20.84
C LYS A 18 23.57 31.18 -20.02
N HIS A 19 22.38 31.83 -20.01
CA HIS A 19 22.18 33.09 -19.29
C HIS A 19 21.00 33.05 -18.31
N ARG A 20 21.35 33.14 -17.00
CA ARG A 20 20.47 33.13 -15.83
C ARG A 20 19.58 34.38 -15.81
N ALA A 21 18.25 34.16 -15.66
CA ALA A 21 17.19 35.16 -15.63
C ALA A 21 16.78 35.50 -14.22
N ASN A 22 16.68 34.49 -13.35
CA ASN A 22 16.28 34.73 -11.97
C ASN A 22 17.39 35.39 -11.15
N ARG A 23 16.97 36.18 -10.14
CA ARG A 23 17.89 36.96 -9.33
C ARG A 23 17.97 36.50 -7.88
N ILE A 24 19.18 36.55 -7.30
CA ILE A 24 19.42 36.12 -5.92
C ILE A 24 19.69 37.32 -4.99
N ILE A 25 18.96 37.34 -3.85
CA ILE A 25 19.05 38.36 -2.82
C ILE A 25 19.69 37.71 -1.59
N CYS A 26 20.75 38.31 -1.05
CA CYS A 26 21.47 37.78 0.10
C CYS A 26 21.45 38.74 1.23
N THR A 27 21.18 38.22 2.44
CA THR A 27 21.24 39.00 3.67
C THR A 27 22.73 39.06 4.05
N ILE A 28 23.21 40.21 4.54
CA ILE A 28 24.62 40.38 4.89
C ILE A 28 24.79 40.38 6.40
N GLY A 29 25.67 39.51 6.89
CA GLY A 29 25.96 39.39 8.32
C GLY A 29 27.43 39.23 8.61
N PRO A 30 27.81 38.67 9.80
CA PRO A 30 29.24 38.52 10.14
C PRO A 30 30.09 37.73 9.13
N SER A 31 29.52 36.65 8.55
CA SER A 31 30.19 35.79 7.55
C SER A 31 30.51 36.53 6.22
N THR A 32 29.66 37.52 5.82
CA THR A 32 29.81 38.19 4.52
C THR A 32 29.90 39.74 4.52
N GLN A 33 30.21 40.41 5.62
CA GLN A 33 30.32 41.87 5.61
C GLN A 33 31.60 42.39 4.90
N SER A 34 32.72 41.62 4.95
CA SER A 34 34.00 41.98 4.36
C SER A 34 33.93 42.09 2.85
N VAL A 35 34.60 43.11 2.34
CA VAL A 35 34.66 43.41 0.89
C VAL A 35 35.05 42.12 0.16
N GLU A 36 35.94 41.31 0.73
CA GLU A 36 36.36 40.10 -0.01
C GLU A 36 35.32 38.99 0.08
N ALA A 37 34.38 39.08 1.02
CA ALA A 37 33.34 38.03 1.11
C ALA A 37 32.19 38.44 0.19
N LEU A 38 32.01 39.75 0.04
CA LEU A 38 30.98 40.33 -0.82
C LEU A 38 31.37 40.12 -2.27
N LYS A 39 32.68 40.27 -2.61
CA LYS A 39 33.21 40.03 -3.96
C LYS A 39 32.98 38.55 -4.34
N GLY A 40 33.07 37.68 -3.36
CA GLY A 40 32.81 36.25 -3.51
C GLY A 40 31.35 35.99 -3.78
N LEU A 41 30.45 36.65 -3.00
CA LEU A 41 29.00 36.53 -3.15
C LEU A 41 28.59 37.00 -4.51
N MET A 42 29.03 38.21 -4.91
CA MET A 42 28.72 38.83 -6.20
C MET A 42 29.17 37.94 -7.37
N LYS A 43 30.39 37.32 -7.28
CA LYS A 43 30.94 36.38 -8.26
C LYS A 43 30.11 35.11 -8.29
N SER A 44 29.62 34.72 -7.11
CA SER A 44 28.76 33.53 -6.95
C SER A 44 27.43 33.80 -7.65
N GLY A 45 26.82 34.96 -7.37
CA GLY A 45 25.56 35.32 -8.02
C GLY A 45 24.73 36.23 -7.16
N MET A 46 25.33 37.21 -6.51
CA MET A 46 24.51 38.09 -5.65
C MET A 46 24.12 39.31 -6.47
N SER A 47 22.82 39.60 -6.57
CA SER A 47 22.31 40.75 -7.32
C SER A 47 21.90 41.89 -6.40
N VAL A 48 21.28 41.55 -5.25
CA VAL A 48 20.82 42.48 -4.21
C VAL A 48 21.41 42.06 -2.86
N ALA A 49 21.99 43.01 -2.15
CA ALA A 49 22.54 42.82 -0.83
C ALA A 49 21.52 43.40 0.11
N ARG A 50 20.97 42.56 1.01
CA ARG A 50 19.96 42.95 2.01
C ARG A 50 20.63 43.29 3.32
N MET A 51 20.04 44.25 4.05
CA MET A 51 20.48 44.68 5.37
C MET A 51 19.27 44.56 6.27
N ASN A 52 19.30 43.60 7.23
CA ASN A 52 18.18 43.45 8.16
C ASN A 52 18.37 44.48 9.27
N PHE A 53 17.52 45.51 9.28
CA PHE A 53 17.56 46.61 10.24
C PHE A 53 16.92 46.28 11.60
N SER A 54 16.40 45.04 11.75
CA SER A 54 15.87 44.57 13.02
C SER A 54 17.02 44.44 14.03
N HIS A 55 18.25 44.23 13.51
CA HIS A 55 19.48 44.08 14.27
C HIS A 55 20.62 44.90 13.65
N GLY A 56 21.35 45.65 14.47
CA GLY A 56 22.52 46.42 14.03
C GLY A 56 22.43 47.93 14.15
N SER A 57 23.57 48.57 14.51
CA SER A 57 23.69 50.03 14.63
C SER A 57 23.86 50.64 13.24
N TYR A 58 23.69 51.98 13.11
CA TYR A 58 23.86 52.65 11.82
C TYR A 58 25.32 52.59 11.32
N GLU A 59 26.28 52.47 12.26
CA GLU A 59 27.73 52.34 11.98
C GLU A 59 27.97 51.00 11.27
N TYR A 60 27.33 49.92 11.78
CA TYR A 60 27.40 48.55 11.26
C TYR A 60 26.79 48.49 9.88
N HIS A 61 25.64 49.16 9.69
CA HIS A 61 24.94 49.19 8.41
C HIS A 61 25.62 50.13 7.41
N GLN A 62 26.41 51.11 7.90
CA GLN A 62 27.18 52.00 7.03
C GLN A 62 28.32 51.18 6.41
N THR A 63 28.95 50.29 7.21
CA THR A 63 30.04 49.38 6.80
C THR A 63 29.53 48.47 5.67
N THR A 64 28.31 47.86 5.82
CA THR A 64 27.73 47.01 4.77
C THR A 64 27.55 47.82 3.48
N ILE A 65 27.02 49.05 3.58
CA ILE A 65 26.81 49.93 2.43
C ILE A 65 28.14 50.17 1.70
N ASN A 66 29.10 50.79 2.39
CA ASN A 66 30.41 51.12 1.84
C ASN A 66 31.16 49.93 1.26
N ASN A 67 31.06 48.75 1.91
CA ASN A 67 31.72 47.52 1.45
C ASN A 67 31.03 46.96 0.20
N VAL A 68 29.68 47.05 0.09
CA VAL A 68 28.95 46.56 -1.09
C VAL A 68 29.34 47.39 -2.29
N ARG A 69 29.43 48.70 -2.11
CA ARG A 69 29.80 49.65 -3.15
C ARG A 69 31.24 49.43 -3.61
N ALA A 70 32.16 49.16 -2.65
CA ALA A 70 33.58 48.88 -2.91
C ALA A 70 33.72 47.57 -3.72
N ALA A 71 33.13 46.46 -3.23
CA ALA A 71 33.17 45.14 -3.86
C ALA A 71 32.61 45.17 -5.29
N ALA A 72 31.41 45.80 -5.49
CA ALA A 72 30.75 45.98 -6.79
C ALA A 72 31.61 46.82 -7.73
N ALA A 73 32.30 47.86 -7.19
CA ALA A 73 33.17 48.74 -7.98
C ALA A 73 34.36 47.98 -8.55
N GLU A 74 34.99 47.08 -7.77
CA GLU A 74 36.13 46.26 -8.16
C GLU A 74 35.75 45.33 -9.31
N LEU A 75 34.57 44.71 -9.21
CA LEU A 75 34.03 43.77 -10.18
C LEU A 75 33.30 44.47 -11.34
N GLY A 76 33.15 45.79 -11.25
CA GLY A 76 32.47 46.62 -12.25
C GLY A 76 30.99 46.29 -12.38
N LEU A 77 30.33 46.01 -11.25
CA LEU A 77 28.91 45.65 -11.20
C LEU A 77 28.08 46.76 -10.54
N HIS A 78 26.75 46.75 -10.76
CA HIS A 78 25.80 47.67 -10.13
C HIS A 78 24.87 46.79 -9.28
N ILE A 79 25.25 46.58 -8.00
CA ILE A 79 24.54 45.76 -7.02
C ILE A 79 23.63 46.64 -6.16
N GLY A 80 22.36 46.28 -6.11
CA GLY A 80 21.38 47.03 -5.34
C GLY A 80 21.47 46.73 -3.87
N ILE A 81 21.32 47.75 -3.03
CA ILE A 81 21.31 47.62 -1.58
C ILE A 81 19.85 47.77 -1.11
N ALA A 82 19.32 46.77 -0.36
CA ALA A 82 17.95 46.75 0.14
C ALA A 82 17.93 46.95 1.64
N LEU A 83 17.16 47.94 2.10
CA LEU A 83 16.99 48.23 3.53
C LEU A 83 15.74 47.47 3.99
N ASP A 84 15.94 46.43 4.84
CA ASP A 84 14.84 45.66 5.39
C ASP A 84 14.52 46.20 6.76
N THR A 85 13.48 47.03 6.79
CA THR A 85 12.90 47.72 7.94
C THR A 85 12.63 46.77 9.13
N LYS A 86 12.73 47.26 10.38
CA LYS A 86 12.40 46.43 11.54
C LYS A 86 10.84 46.18 11.54
N GLY A 87 10.06 47.27 11.45
CA GLY A 87 8.60 47.24 11.43
C GLY A 87 7.98 47.07 12.82
N PRO A 88 6.70 46.65 12.97
CA PRO A 88 6.17 46.41 14.32
C PRO A 88 6.79 45.12 14.91
N GLU A 89 7.50 45.23 16.05
CA GLU A 89 8.23 44.12 16.70
C GLU A 89 7.70 43.72 18.09
N ILE A 90 7.37 42.43 18.23
CA ILE A 90 6.89 41.86 19.48
C ILE A 90 7.95 40.85 19.95
N VAL A 108 4.70 30.67 32.91
CA VAL A 108 6.06 31.12 33.36
C VAL A 108 6.11 32.65 33.44
N LEU A 109 7.21 33.19 33.95
CA LEU A 109 7.37 34.65 34.11
C LEU A 109 7.12 35.38 32.80
N VAL A 110 6.38 36.48 32.84
CA VAL A 110 6.10 37.26 31.60
C VAL A 110 5.63 38.66 32.00
N THR A 111 5.61 38.96 33.30
CA THR A 111 5.15 40.31 33.77
C THR A 111 5.95 41.39 33.03
N THR A 112 5.30 42.03 32.05
CA THR A 112 5.80 43.12 31.16
C THR A 112 7.05 43.82 31.72
N ASP A 113 6.89 44.47 32.88
CA ASP A 113 7.88 45.24 33.68
C ASP A 113 9.27 45.30 33.05
N PRO A 114 9.59 46.36 32.28
CA PRO A 114 10.88 46.51 31.64
C PRO A 114 12.10 46.26 32.56
N ALA A 115 12.07 46.79 33.78
CA ALA A 115 13.20 46.68 34.75
C ALA A 115 13.79 45.27 34.80
N PHE A 116 12.94 44.26 34.97
CA PHE A 116 13.38 42.84 35.15
C PHE A 116 14.29 42.38 34.00
N GLU A 117 14.55 43.23 33.01
CA GLU A 117 15.41 42.86 31.89
C GLU A 117 16.88 42.89 32.28
N VAL A 127 8.57 41.00 25.48
CA VAL A 127 9.90 41.28 24.96
C VAL A 127 10.12 42.77 24.76
N ASP A 128 9.26 43.40 23.91
CA ASP A 128 9.28 44.82 23.55
C ASP A 128 7.85 45.43 23.53
N TYR A 129 6.82 44.56 23.41
CA TYR A 129 5.40 44.91 23.35
C TYR A 129 4.74 44.85 24.74
N PRO A 130 4.47 46.03 25.37
CA PRO A 130 3.87 46.02 26.71
C PRO A 130 2.33 45.98 26.76
N GLN A 131 1.63 46.48 25.71
CA GLN A 131 0.17 46.52 25.62
C GLN A 131 -0.44 45.13 25.36
N ILE A 142 1.38 31.86 22.33
CA ILE A 142 2.50 32.79 22.17
C ILE A 142 3.77 32.04 21.78
N TYR A 143 4.29 32.35 20.57
CA TYR A 143 5.45 31.63 19.97
C TYR A 143 6.80 32.32 20.16
N VAL A 144 7.90 31.57 20.00
CA VAL A 144 9.29 32.11 20.16
C VAL A 144 10.23 31.53 19.09
N ASP A 145 10.73 32.39 18.20
CA ASP A 145 11.71 32.04 17.13
C ASP A 145 11.18 30.97 16.18
N ASP A 146 10.39 31.37 15.18
CA ASP A 146 9.84 30.47 14.14
C ASP A 146 9.02 29.31 14.73
N GLY A 147 8.29 29.55 15.82
CA GLY A 147 7.39 28.54 16.41
C GLY A 147 8.08 27.37 17.10
N VAL A 148 8.52 27.57 18.36
CA VAL A 148 9.09 26.47 19.19
C VAL A 148 8.34 26.46 20.52
N LEU A 149 8.20 27.62 21.18
CA LEU A 149 7.47 27.73 22.45
C LEU A 149 6.01 28.10 22.14
N THR A 150 5.06 27.77 23.06
CA THR A 150 3.60 28.07 23.02
C THR A 150 3.05 27.99 24.46
N LEU A 151 1.75 28.39 24.66
CA LEU A 151 0.96 28.34 25.93
C LEU A 151 -0.51 28.82 25.72
N ARG A 152 -1.29 28.92 26.83
CA ARG A 152 -2.69 29.38 26.85
C ARG A 152 -2.98 30.30 28.04
N VAL A 153 -3.70 31.42 27.77
CA VAL A 153 -4.09 32.49 28.71
C VAL A 153 -4.74 31.94 30.01
N ARG A 175 15.78 38.52 24.02
CA ARG A 175 15.28 39.29 22.89
C ARG A 175 15.02 38.33 21.72
N LYS A 176 14.04 37.42 21.92
CA LYS A 176 13.63 36.41 20.95
C LYS A 176 12.28 36.77 20.31
N GLY A 177 12.23 36.69 18.99
CA GLY A 177 11.07 37.02 18.13
C GLY A 177 9.87 36.34 18.77
N ILE A 178 8.92 37.16 19.27
CA ILE A 178 7.70 36.67 19.91
C ILE A 178 6.59 36.97 18.88
N ASN A 179 5.67 36.00 18.69
CA ASN A 179 4.55 36.11 17.77
C ASN A 179 3.24 35.60 18.39
N LEU A 180 2.32 36.53 18.57
CA LEU A 180 0.94 36.21 19.03
C LEU A 180 0.12 36.11 17.76
N PRO A 181 -0.22 34.90 17.26
CA PRO A 181 -0.93 34.71 16.01
C PRO A 181 -2.00 35.72 15.56
N GLY A 182 -3.20 35.65 16.12
CA GLY A 182 -4.29 36.53 15.69
C GLY A 182 -4.90 37.31 16.85
N CYS A 183 -4.07 38.04 17.60
CA CYS A 183 -4.55 38.87 18.73
C CYS A 183 -4.58 40.32 18.27
N GLU A 184 -5.64 41.06 18.62
CA GLU A 184 -5.76 42.45 18.18
C GLU A 184 -4.60 43.31 18.73
N VAL A 185 -3.39 43.01 18.22
CA VAL A 185 -2.12 43.64 18.55
C VAL A 185 -1.91 44.90 17.68
N ASP A 186 -1.96 46.10 18.32
CA ASP A 186 -1.82 47.39 17.65
C ASP A 186 -0.40 47.96 17.74
N LEU A 187 0.18 48.28 16.57
CA LEU A 187 1.51 48.87 16.40
C LEU A 187 1.60 49.54 15.01
N PRO A 188 2.20 50.75 14.92
CA PRO A 188 2.28 51.46 13.63
C PRO A 188 3.22 50.83 12.59
N ALA A 189 2.95 51.12 11.30
CA ALA A 189 3.75 50.65 10.16
C ALA A 189 5.13 51.28 10.22
N VAL A 190 5.17 52.64 10.39
CA VAL A 190 6.41 53.42 10.48
C VAL A 190 6.58 53.99 11.90
N SER A 191 7.14 53.17 12.80
CA SER A 191 7.43 53.56 14.18
C SER A 191 8.56 54.60 14.19
N GLU A 192 8.73 55.34 15.31
CA GLU A 192 9.76 56.37 15.46
C GLU A 192 11.16 55.86 15.07
N LYS A 193 11.48 54.57 15.33
CA LYS A 193 12.75 53.96 14.94
C LYS A 193 12.76 53.80 13.45
N ASP A 194 11.68 53.24 12.85
CA ASP A 194 11.51 53.03 11.41
C ASP A 194 11.65 54.31 10.59
N ARG A 195 11.13 55.44 11.09
CA ARG A 195 11.30 56.71 10.39
C ARG A 195 12.79 57.10 10.36
N LYS A 196 13.51 56.87 11.48
CA LYS A 196 14.96 57.10 11.64
C LYS A 196 15.79 56.10 10.80
N ASP A 197 15.32 54.84 10.64
CA ASP A 197 15.98 53.82 9.83
C ASP A 197 15.86 54.21 8.35
N LEU A 198 14.67 54.68 7.90
CA LEU A 198 14.36 55.06 6.50
C LEU A 198 15.07 56.32 6.06
N GLN A 199 15.14 57.33 6.94
CA GLN A 199 15.85 58.59 6.70
C GLN A 199 17.35 58.34 6.53
N PHE A 200 17.89 57.33 7.25
CA PHE A 200 19.28 56.93 7.14
C PHE A 200 19.53 56.31 5.77
N GLY A 201 18.65 55.37 5.37
CA GLY A 201 18.70 54.68 4.09
C GLY A 201 18.74 55.64 2.92
N VAL A 202 17.78 56.58 2.88
CA VAL A 202 17.64 57.62 1.85
C VAL A 202 18.90 58.46 1.78
N GLU A 203 19.40 58.93 2.95
CA GLU A 203 20.61 59.74 3.05
C GLU A 203 21.83 58.98 2.56
N GLN A 204 21.81 57.63 2.68
CA GLN A 204 22.89 56.77 2.26
C GLN A 204 22.83 56.39 0.82
N GLY A 205 21.62 56.30 0.29
CA GLY A 205 21.40 55.97 -1.12
C GLY A 205 20.89 54.57 -1.40
N VAL A 206 20.36 53.88 -0.36
CA VAL A 206 19.75 52.58 -0.56
C VAL A 206 18.75 52.59 -1.73
N ASP A 207 18.79 51.53 -2.54
CA ASP A 207 18.01 51.43 -3.77
C ASP A 207 16.53 51.11 -3.55
N MET A 208 16.25 50.16 -2.64
CA MET A 208 14.89 49.70 -2.35
C MET A 208 14.68 49.48 -0.86
N ILE A 209 13.42 49.50 -0.45
CA ILE A 209 13.01 49.29 0.95
C ILE A 209 12.16 48.02 1.01
N PHE A 210 12.46 47.13 1.97
CA PHE A 210 11.72 45.90 2.21
C PHE A 210 10.90 46.16 3.48
N ALA A 211 9.72 46.78 3.31
CA ALA A 211 8.80 47.17 4.38
C ALA A 211 8.19 45.97 5.11
N SER A 212 8.51 45.83 6.39
CA SER A 212 8.06 44.72 7.24
C SER A 212 6.64 44.89 7.76
N PHE A 213 5.91 43.76 7.82
CA PHE A 213 4.53 43.62 8.30
C PHE A 213 3.58 44.62 7.67
N ILE A 214 3.45 44.55 6.34
CA ILE A 214 2.52 45.38 5.60
C ILE A 214 1.20 44.62 5.62
N ARG A 215 0.15 45.30 6.07
CA ARG A 215 -1.20 44.78 6.26
C ARG A 215 -2.20 45.56 5.41
N THR A 216 -1.98 46.87 5.24
CA THR A 216 -2.86 47.72 4.44
C THR A 216 -2.08 48.54 3.40
N ALA A 217 -2.80 49.01 2.37
CA ALA A 217 -2.25 49.85 1.31
C ALA A 217 -1.90 51.24 1.85
N ASP A 218 -2.57 51.66 2.94
CA ASP A 218 -2.35 52.94 3.61
C ASP A 218 -0.99 52.93 4.30
N GLN A 219 -0.57 51.76 4.79
CA GLN A 219 0.72 51.54 5.44
C GLN A 219 1.87 51.79 4.46
N VAL A 220 1.68 51.38 3.19
CA VAL A 220 2.67 51.53 2.10
C VAL A 220 2.87 53.02 1.80
N ARG A 221 1.77 53.79 1.78
CA ARG A 221 1.80 55.24 1.54
C ARG A 221 2.44 55.95 2.73
N GLU A 222 2.35 55.36 3.97
CA GLU A 222 2.96 55.87 5.20
C GLU A 222 4.45 55.77 5.04
N VAL A 223 4.93 54.65 4.47
CA VAL A 223 6.35 54.39 4.22
C VAL A 223 6.82 55.32 3.09
N ARG A 224 5.99 55.48 2.03
CA ARG A 224 6.31 56.33 0.89
C ARG A 224 6.49 57.80 1.28
N ALA A 225 5.75 58.23 2.31
CA ALA A 225 5.78 59.57 2.89
C ALA A 225 6.98 59.73 3.81
N ALA A 226 7.41 58.63 4.47
CA ALA A 226 8.58 58.62 5.37
C ALA A 226 9.88 58.92 4.61
N LEU A 227 9.96 58.51 3.31
CA LEU A 227 11.12 58.78 2.45
C LEU A 227 11.03 60.16 1.83
N GLY A 228 9.83 60.64 1.54
CA GLY A 228 9.56 61.97 1.02
C GLY A 228 10.01 62.32 -0.39
N GLU A 229 10.40 63.61 -0.56
CA GLU A 229 10.86 64.25 -1.80
C GLU A 229 12.15 63.60 -2.30
N LYS A 230 13.13 63.39 -1.39
CA LYS A 230 14.41 62.75 -1.68
C LYS A 230 14.22 61.27 -2.08
N GLY A 231 13.59 60.49 -1.22
CA GLY A 231 13.35 59.07 -1.50
C GLY A 231 12.09 58.77 -2.27
N LYS A 232 11.73 59.63 -3.24
CA LYS A 232 10.53 59.43 -4.06
C LYS A 232 10.76 58.27 -5.05
N ASP A 233 12.01 58.18 -5.58
CA ASP A 233 12.45 57.19 -6.55
C ASP A 233 12.88 55.83 -5.96
N THR A 234 13.12 55.74 -4.65
CA THR A 234 13.48 54.45 -4.04
C THR A 234 12.26 53.53 -4.00
N LEU A 235 12.44 52.27 -4.44
CA LEU A 235 11.37 51.26 -4.51
C LEU A 235 10.87 50.79 -3.14
N ILE A 236 9.59 50.40 -3.09
CA ILE A 236 8.95 49.89 -1.89
C ILE A 236 8.43 48.46 -2.13
N ILE A 237 9.16 47.48 -1.61
CA ILE A 237 8.82 46.07 -1.70
C ILE A 237 8.16 45.70 -0.38
N SER A 238 6.85 45.50 -0.40
CA SER A 238 6.09 45.17 0.80
C SER A 238 6.20 43.71 1.19
N LYS A 239 6.50 43.44 2.46
CA LYS A 239 6.63 42.07 2.99
C LYS A 239 5.30 41.57 3.54
N ILE A 240 4.78 40.49 2.94
CA ILE A 240 3.55 39.86 3.36
C ILE A 240 3.92 38.74 4.33
N GLU A 241 3.58 38.94 5.61
CA GLU A 241 3.93 37.98 6.67
C GLU A 241 2.83 37.84 7.76
N ASN A 242 1.59 38.16 7.40
CA ASN A 242 0.43 38.21 8.29
C ASN A 242 -0.81 37.66 7.60
N HIS A 243 -1.93 37.57 8.32
CA HIS A 243 -3.21 37.16 7.75
C HIS A 243 -3.84 38.30 6.91
N GLN A 244 -3.93 39.54 7.44
CA GLN A 244 -4.59 40.56 6.64
C GLN A 244 -3.69 41.10 5.52
N GLY A 245 -2.39 40.85 5.58
CA GLY A 245 -1.43 41.23 4.54
C GLY A 245 -1.61 40.43 3.27
N VAL A 246 -2.13 39.19 3.44
CA VAL A 246 -2.54 38.22 2.42
C VAL A 246 -3.95 38.61 1.98
N GLN A 247 -4.84 38.93 2.93
CA GLN A 247 -6.24 39.30 2.70
C GLN A 247 -6.38 40.58 1.85
N ASN A 248 -5.51 41.58 2.08
CA ASN A 248 -5.48 42.86 1.37
C ASN A 248 -4.36 42.92 0.30
N ILE A 249 -3.95 41.76 -0.26
CA ILE A 249 -2.85 41.64 -1.21
C ILE A 249 -3.03 42.57 -2.44
N ASP A 250 -4.22 42.63 -3.05
CA ASP A 250 -4.49 43.46 -4.25
C ASP A 250 -4.23 44.95 -4.05
N ALA A 251 -4.71 45.50 -2.92
CA ALA A 251 -4.55 46.90 -2.54
C ALA A 251 -3.08 47.23 -2.31
N ILE A 252 -2.39 46.34 -1.57
CA ILE A 252 -0.97 46.41 -1.23
C ILE A 252 -0.10 46.34 -2.49
N ILE A 253 -0.45 45.46 -3.48
CA ILE A 253 0.24 45.30 -4.76
C ILE A 253 0.24 46.62 -5.54
N GLU A 254 -0.96 47.26 -5.69
CA GLU A 254 -1.14 48.54 -6.40
C GLU A 254 -0.27 49.66 -5.76
N ALA A 255 -0.26 49.71 -4.42
CA ALA A 255 0.48 50.68 -3.61
C ALA A 255 2.01 50.51 -3.64
N SER A 256 2.48 49.25 -3.74
CA SER A 256 3.90 48.89 -3.75
C SER A 256 4.53 48.89 -5.15
N ASP A 257 5.85 48.71 -5.18
CA ASP A 257 6.65 48.63 -6.40
C ASP A 257 6.96 47.16 -6.69
N GLY A 258 6.76 46.33 -5.68
CA GLY A 258 7.01 44.90 -5.68
C GLY A 258 6.59 44.29 -4.35
N ILE A 259 6.62 42.96 -4.23
CA ILE A 259 6.19 42.23 -3.03
C ILE A 259 7.21 41.16 -2.58
N MET A 260 7.29 40.92 -1.28
CA MET A 260 8.11 39.85 -0.75
C MET A 260 7.19 38.86 -0.03
N VAL A 261 7.41 37.58 -0.29
CA VAL A 261 6.66 36.53 0.37
C VAL A 261 7.55 36.14 1.56
N ALA A 262 7.50 36.97 2.64
CA ALA A 262 8.28 36.75 3.86
C ALA A 262 7.65 35.55 4.57
N ARG A 263 8.13 34.35 4.22
CA ARG A 263 7.58 33.10 4.71
C ARG A 263 7.90 32.77 6.17
N GLY A 264 8.86 33.47 6.74
CA GLY A 264 9.25 33.28 8.15
C GLY A 264 8.10 33.55 9.09
N ASP A 265 7.66 34.83 9.18
CA ASP A 265 6.56 35.23 10.05
C ASP A 265 5.21 34.79 9.49
N LEU A 266 5.11 34.60 8.17
CA LEU A 266 3.85 34.15 7.55
C LEU A 266 3.49 32.74 8.01
N GLY A 267 4.49 31.86 8.07
CA GLY A 267 4.33 30.47 8.51
C GLY A 267 3.88 30.29 9.95
N VAL A 268 3.95 31.38 10.76
CA VAL A 268 3.59 31.40 12.18
C VAL A 268 2.25 32.12 12.35
N GLU A 269 2.04 33.21 11.58
CA GLU A 269 0.81 34.01 11.61
C GLU A 269 -0.37 33.23 10.99
N ILE A 270 -0.08 32.39 9.96
CA ILE A 270 -1.03 31.51 9.25
C ILE A 270 -0.53 30.03 9.35
N PRO A 271 -1.39 28.97 9.21
CA PRO A 271 -0.87 27.59 9.31
C PRO A 271 0.21 27.30 8.27
N ALA A 272 1.22 26.52 8.66
CA ALA A 272 2.37 26.17 7.83
C ALA A 272 2.01 25.65 6.42
N GLU A 273 0.97 24.80 6.32
CA GLU A 273 0.49 24.22 5.06
C GLU A 273 -0.11 25.26 4.12
N LYS A 274 -0.73 26.31 4.67
CA LYS A 274 -1.37 27.38 3.91
C LYS A 274 -0.37 28.32 3.19
N VAL A 275 0.90 28.36 3.64
CA VAL A 275 1.94 29.21 3.06
C VAL A 275 2.19 28.86 1.57
N VAL A 276 2.15 27.55 1.19
CA VAL A 276 2.36 27.10 -0.20
C VAL A 276 1.33 27.78 -1.11
N VAL A 277 0.03 27.64 -0.78
CA VAL A 277 -1.11 28.22 -1.50
C VAL A 277 -0.98 29.76 -1.53
N ALA A 278 -0.61 30.37 -0.39
CA ALA A 278 -0.39 31.83 -0.25
C ALA A 278 0.74 32.33 -1.17
N GLN A 279 1.84 31.58 -1.26
CA GLN A 279 3.00 31.87 -2.10
C GLN A 279 2.62 31.87 -3.60
N MET A 280 1.94 30.79 -4.05
CA MET A 280 1.49 30.61 -5.43
C MET A 280 0.60 31.77 -5.84
N CYS A 281 -0.42 32.06 -5.01
CA CYS A 281 -1.40 33.10 -5.21
C CYS A 281 -0.80 34.50 -5.27
N ILE A 282 0.14 34.81 -4.37
CA ILE A 282 0.77 36.12 -4.33
C ILE A 282 1.66 36.34 -5.53
N ILE A 283 2.60 35.41 -5.81
CA ILE A 283 3.53 35.46 -6.94
C ILE A 283 2.80 35.63 -8.29
N SER A 284 1.70 34.88 -8.50
CA SER A 284 0.90 34.99 -9.73
C SER A 284 0.17 36.33 -9.85
N LYS A 285 -0.29 36.90 -8.71
CA LYS A 285 -0.94 38.21 -8.68
C LYS A 285 0.07 39.32 -9.07
N CYS A 286 1.31 39.17 -8.62
CA CYS A 286 2.43 40.09 -8.92
C CYS A 286 2.82 39.94 -10.36
N ASN A 287 2.77 38.69 -10.89
CA ASN A 287 3.10 38.34 -12.29
C ASN A 287 2.18 39.11 -13.27
N VAL A 288 0.83 39.08 -13.02
CA VAL A 288 -0.25 39.74 -13.78
C VAL A 288 -0.12 41.26 -13.64
N ALA A 289 0.25 41.73 -12.44
CA ALA A 289 0.45 43.15 -12.14
C ALA A 289 1.69 43.70 -12.82
N GLY A 290 2.70 42.87 -13.02
CA GLY A 290 3.96 43.26 -13.63
C GLY A 290 4.87 43.96 -12.62
N LYS A 291 4.94 43.40 -11.39
CA LYS A 291 5.73 43.91 -10.28
C LYS A 291 6.63 42.82 -9.69
N PRO A 292 7.93 43.13 -9.42
CA PRO A 292 8.87 42.11 -8.89
C PRO A 292 8.42 41.43 -7.60
N VAL A 293 8.40 40.09 -7.60
CA VAL A 293 8.03 39.32 -6.42
C VAL A 293 9.24 38.48 -5.97
N ILE A 294 9.49 38.44 -4.66
CA ILE A 294 10.60 37.73 -4.04
C ILE A 294 10.06 36.60 -3.13
N CYS A 295 10.67 35.39 -3.20
CA CYS A 295 10.36 34.28 -2.29
C CYS A 295 11.40 34.42 -1.13
N ALA A 296 11.16 33.97 0.14
CA ALA A 296 12.14 34.43 1.13
C ALA A 296 12.69 33.50 2.23
N THR A 297 11.90 32.70 2.97
CA THR A 297 12.56 32.04 4.12
C THR A 297 12.80 30.52 4.06
N GLN A 298 13.97 30.09 4.61
CA GLN A 298 14.47 28.72 4.74
C GLN A 298 14.68 28.13 3.38
N MET A 299 14.99 29.00 2.39
CA MET A 299 15.17 28.60 0.99
C MET A 299 16.14 27.43 0.87
N LEU A 300 17.38 27.60 1.40
CA LEU A 300 18.43 26.56 1.47
C LEU A 300 19.02 26.51 2.90
N GLU A 301 18.15 26.58 3.92
CA GLU A 301 18.47 26.63 5.35
C GLU A 301 19.57 25.64 5.82
N SER A 302 19.54 24.36 5.35
CA SER A 302 20.55 23.36 5.74
C SER A 302 21.99 23.76 5.39
N MET A 303 22.15 24.59 4.34
CA MET A 303 23.46 25.03 3.87
C MET A 303 24.13 26.11 4.77
N THR A 304 23.48 26.47 5.91
CA THR A 304 24.05 27.36 6.93
C THR A 304 25.18 26.58 7.64
N THR A 305 25.02 25.23 7.71
CA THR A 305 25.96 24.31 8.36
C THR A 305 26.50 23.19 7.46
N ASN A 306 25.83 22.87 6.34
CA ASN A 306 26.25 21.79 5.45
C ASN A 306 26.71 22.27 4.04
N PRO A 307 27.61 21.52 3.34
CA PRO A 307 28.05 21.98 2.01
C PRO A 307 27.09 21.67 0.86
N ARG A 308 25.99 20.95 1.17
CA ARG A 308 24.97 20.54 0.21
C ARG A 308 23.56 20.69 0.81
N PRO A 309 22.51 21.03 0.01
CA PRO A 309 21.16 21.13 0.58
C PRO A 309 20.36 19.82 0.53
N THR A 310 19.27 19.73 1.31
CA THR A 310 18.40 18.54 1.33
C THR A 310 17.61 18.48 0.02
N ARG A 311 17.00 17.32 -0.31
CA ARG A 311 16.23 17.22 -1.55
C ARG A 311 14.99 18.15 -1.55
N ALA A 312 14.57 18.57 -0.35
CA ALA A 312 13.44 19.48 -0.11
C ALA A 312 13.80 20.93 -0.49
N GLU A 313 15.03 21.37 -0.11
CA GLU A 313 15.57 22.72 -0.38
C GLU A 313 15.79 23.01 -1.87
N VAL A 314 16.15 21.98 -2.64
CA VAL A 314 16.33 22.07 -4.09
C VAL A 314 14.96 22.21 -4.75
N THR A 315 13.95 21.41 -4.33
CA THR A 315 12.60 21.53 -4.93
C THR A 315 11.92 22.83 -4.50
N ASP A 316 12.29 23.38 -3.33
CA ASP A 316 11.72 24.64 -2.86
C ASP A 316 12.18 25.83 -3.71
N VAL A 317 13.50 25.91 -4.03
CA VAL A 317 14.10 26.97 -4.87
C VAL A 317 13.53 26.87 -6.31
N ALA A 318 13.48 25.65 -6.88
CA ALA A 318 12.95 25.41 -8.22
C ALA A 318 11.50 25.81 -8.30
N ASN A 319 10.67 25.41 -7.29
CA ASN A 319 9.25 25.75 -7.24
C ASN A 319 9.03 27.24 -7.21
N ALA A 320 9.84 27.96 -6.43
CA ALA A 320 9.74 29.42 -6.30
C ALA A 320 9.85 30.05 -7.69
N VAL A 321 10.81 29.54 -8.52
CA VAL A 321 11.05 29.96 -9.91
C VAL A 321 9.84 29.56 -10.75
N PHE A 322 9.40 28.28 -10.66
CA PHE A 322 8.24 27.72 -11.37
C PHE A 322 6.95 28.50 -11.11
N ASN A 323 6.74 28.96 -9.86
CA ASN A 323 5.59 29.77 -9.41
C ASN A 323 5.53 31.14 -10.07
N GLY A 324 6.70 31.61 -10.54
CA GLY A 324 6.86 32.87 -11.27
C GLY A 324 7.62 33.96 -10.54
N ALA A 325 8.41 33.59 -9.52
CA ALA A 325 9.17 34.56 -8.72
C ALA A 325 10.29 35.19 -9.54
N ASP A 326 10.45 36.51 -9.40
CA ASP A 326 11.51 37.26 -10.08
C ASP A 326 12.81 36.91 -9.36
N CYS A 327 12.78 37.01 -8.01
CA CYS A 327 13.89 36.76 -7.10
C CYS A 327 13.62 35.64 -6.11
N VAL A 328 14.70 35.12 -5.54
CA VAL A 328 14.77 34.11 -4.48
C VAL A 328 15.79 34.63 -3.44
N MET A 329 15.49 34.47 -2.14
CA MET A 329 16.31 35.05 -1.08
C MET A 329 16.99 34.06 -0.12
N LEU A 330 18.15 34.51 0.42
CA LEU A 330 18.97 33.84 1.41
C LEU A 330 19.02 34.76 2.60
N SER A 331 18.80 34.21 3.77
CA SER A 331 18.84 35.01 4.98
C SER A 331 20.05 34.62 5.80
N GLY A 332 19.87 33.70 6.74
CA GLY A 332 20.94 33.19 7.59
C GLY A 332 22.06 32.60 6.75
N GLU A 333 21.69 31.74 5.80
CA GLU A 333 22.58 31.03 4.86
C GLU A 333 23.81 31.84 4.43
N THR A 334 23.62 33.14 4.09
CA THR A 334 24.71 34.06 3.71
C THR A 334 25.18 34.98 4.88
N ALA A 335 24.27 35.32 5.79
CA ALA A 335 24.57 36.19 6.93
C ALA A 335 25.43 35.53 8.02
N LYS A 336 24.97 34.39 8.58
CA LYS A 336 25.61 33.62 9.66
C LYS A 336 26.10 32.21 9.22
N GLY A 337 25.98 31.88 7.94
CA GLY A 337 26.36 30.59 7.41
C GLY A 337 27.84 30.34 7.25
N LYS A 338 28.22 29.04 7.29
CA LYS A 338 29.60 28.56 7.14
C LYS A 338 29.96 28.34 5.66
N TYR A 339 28.96 28.32 4.76
CA TYR A 339 29.15 28.14 3.32
C TYR A 339 28.37 29.22 2.55
N PRO A 340 28.84 30.50 2.54
CA PRO A 340 28.06 31.56 1.88
C PRO A 340 28.16 31.61 0.36
N ASN A 341 29.34 31.34 -0.22
CA ASN A 341 29.54 31.35 -1.67
C ASN A 341 28.97 30.07 -2.26
N GLU A 342 29.07 28.97 -1.52
CA GLU A 342 28.61 27.64 -1.91
C GLU A 342 27.08 27.59 -2.00
N VAL A 343 26.39 28.34 -1.10
CA VAL A 343 24.92 28.39 -1.07
C VAL A 343 24.35 29.22 -2.26
N VAL A 344 25.02 30.35 -2.62
CA VAL A 344 24.62 31.21 -3.74
C VAL A 344 24.82 30.44 -5.04
N GLN A 345 25.95 29.69 -5.14
CA GLN A 345 26.31 28.85 -6.29
C GLN A 345 25.31 27.75 -6.64
N TYR A 346 24.80 27.09 -5.61
CA TYR A 346 23.80 26.01 -5.74
C TYR A 346 22.50 26.63 -6.23
N MET A 347 22.09 27.70 -5.57
CA MET A 347 20.86 28.45 -5.82
C MET A 347 20.89 28.79 -7.32
N VAL A 348 22.06 29.24 -7.83
CA VAL A 348 22.30 29.56 -9.23
C VAL A 348 22.00 28.33 -10.12
N ARG A 349 22.59 27.16 -9.78
CA ARG A 349 22.40 25.91 -10.54
C ARG A 349 20.94 25.48 -10.63
N ILE A 350 20.18 25.60 -9.51
CA ILE A 350 18.75 25.27 -9.41
C ILE A 350 17.91 26.23 -10.27
N CYS A 351 18.14 27.56 -10.11
CA CYS A 351 17.46 28.63 -10.87
C CYS A 351 17.63 28.44 -12.37
N ILE A 352 18.84 28.06 -12.83
CA ILE A 352 19.14 27.80 -14.25
C ILE A 352 18.44 26.55 -14.72
N GLU A 353 18.37 25.50 -13.88
CA GLU A 353 17.66 24.26 -14.20
C GLU A 353 16.15 24.51 -14.34
N ALA A 354 15.53 25.15 -13.33
CA ALA A 354 14.10 25.50 -13.35
C ALA A 354 13.77 26.40 -14.53
N GLN A 355 14.62 27.44 -14.82
CA GLN A 355 14.45 28.39 -15.97
C GLN A 355 14.35 27.54 -17.24
N SER A 356 15.46 26.81 -17.55
CA SER A 356 15.63 25.90 -18.69
C SER A 356 14.39 25.05 -18.96
N ALA A 357 13.79 24.47 -17.89
CA ALA A 357 12.59 23.63 -17.98
C ALA A 357 11.38 24.45 -18.46
N THR A 358 11.15 25.65 -17.91
CA THR A 358 10.03 26.51 -18.31
C THR A 358 10.40 27.51 -19.43
N HIS A 359 11.20 27.07 -20.42
CA HIS A 359 11.72 27.91 -21.51
C HIS A 359 10.61 28.55 -22.39
N ASP A 360 9.47 27.85 -22.49
CA ASP A 360 8.23 28.11 -23.22
C ASP A 360 7.58 29.50 -23.08
N SER A 361 6.71 29.77 -24.04
CA SER A 361 5.86 30.94 -24.24
C SER A 361 4.55 30.86 -23.42
N VAL A 362 4.41 29.82 -22.54
CA VAL A 362 3.23 29.53 -21.70
C VAL A 362 2.97 30.66 -20.71
N MET A 363 4.00 31.10 -19.99
CA MET A 363 3.85 32.18 -19.02
C MET A 363 3.43 33.47 -19.71
N PHE A 364 4.08 33.78 -20.85
CA PHE A 364 3.78 34.96 -21.65
C PHE A 364 2.31 34.98 -22.09
N ASN A 365 1.83 33.87 -22.67
CA ASN A 365 0.42 33.77 -23.10
C ASN A 365 -0.54 33.83 -21.91
N SER A 366 -0.20 33.18 -20.78
CA SER A 366 -1.01 33.21 -19.55
C SER A 366 -1.23 34.64 -19.04
N ILE A 367 -0.13 35.41 -18.91
CA ILE A 367 -0.09 36.79 -18.43
C ILE A 367 -0.81 37.74 -19.42
N LYS A 368 -0.49 37.63 -20.73
CA LYS A 368 -1.07 38.46 -21.81
C LYS A 368 -2.61 38.35 -21.86
N ASN A 369 -3.14 37.13 -21.81
CA ASN A 369 -4.58 36.85 -21.84
C ASN A 369 -5.33 37.37 -20.60
N LEU A 370 -4.60 37.60 -19.50
CA LEU A 370 -5.17 38.12 -18.25
C LEU A 370 -5.12 39.65 -18.17
N GLN A 371 -4.61 40.31 -19.24
CA GLN A 371 -4.55 41.77 -19.34
C GLN A 371 -5.82 42.19 -20.04
N LYS A 372 -6.45 43.28 -19.59
CA LYS A 372 -7.68 43.81 -20.20
C LYS A 372 -7.36 44.62 -21.43
N ILE A 373 -8.21 44.49 -22.48
CA ILE A 373 -8.02 45.19 -23.76
C ILE A 373 -9.01 46.37 -23.81
N PRO A 374 -8.62 47.56 -24.33
CA PRO A 374 -7.33 47.88 -24.97
C PRO A 374 -6.20 48.18 -24.01
N MET A 375 -4.98 47.83 -24.43
CA MET A 375 -3.72 48.05 -23.71
C MET A 375 -3.23 49.46 -24.06
N SER A 376 -2.30 49.98 -23.25
CA SER A 376 -1.71 51.29 -23.53
C SER A 376 -0.71 51.08 -24.68
N PRO A 377 -0.49 52.05 -25.60
CA PRO A 377 0.52 51.82 -26.66
C PRO A 377 1.87 51.36 -26.10
N GLU A 378 2.21 51.81 -24.86
CA GLU A 378 3.42 51.51 -24.08
C GLU A 378 3.54 50.04 -23.69
N GLU A 379 2.41 49.42 -23.32
CA GLU A 379 2.37 48.01 -22.95
C GLU A 379 2.16 47.13 -24.18
N ALA A 380 1.39 47.60 -25.19
CA ALA A 380 1.17 46.90 -26.45
C ALA A 380 2.48 46.75 -27.24
N VAL A 381 3.39 47.74 -27.13
CA VAL A 381 4.72 47.70 -27.77
C VAL A 381 5.61 46.70 -27.03
N CYS A 382 5.62 46.74 -25.68
CA CYS A 382 6.44 45.86 -24.86
C CYS A 382 6.00 44.40 -24.89
N SER A 383 4.68 44.13 -24.86
CA SER A 383 4.19 42.75 -24.97
C SER A 383 4.47 42.19 -26.38
N SER A 384 4.30 43.02 -27.45
CA SER A 384 4.60 42.64 -28.84
C SER A 384 6.09 42.44 -29.07
N ALA A 385 6.93 43.17 -28.32
CA ALA A 385 8.39 43.03 -28.39
C ALA A 385 8.77 41.63 -27.91
N VAL A 386 8.04 41.11 -26.91
CA VAL A 386 8.21 39.77 -26.36
C VAL A 386 7.71 38.74 -27.38
N SER A 387 6.50 38.93 -27.95
CA SER A 387 6.03 37.98 -28.96
C SER A 387 6.93 37.93 -30.20
N SER A 388 7.49 39.10 -30.65
CA SER A 388 8.44 39.17 -31.77
C SER A 388 9.66 38.33 -31.45
N ALA A 389 10.20 38.46 -30.20
CA ALA A 389 11.35 37.70 -29.72
C ALA A 389 11.08 36.21 -29.82
N PHE A 390 9.88 35.76 -29.36
CA PHE A 390 9.48 34.36 -29.40
C PHE A 390 9.46 33.82 -30.83
N GLU A 391 8.88 34.60 -31.77
CA GLU A 391 8.75 34.26 -33.18
C GLU A 391 10.09 34.10 -33.89
N VAL A 392 11.00 35.10 -33.79
CA VAL A 392 12.33 35.07 -34.44
C VAL A 392 13.42 34.37 -33.62
N GLN A 393 13.10 33.87 -32.42
CA GLN A 393 14.07 33.25 -31.52
C GLN A 393 15.24 34.24 -31.19
N ALA A 394 14.87 35.51 -30.88
CA ALA A 394 15.78 36.60 -30.55
C ALA A 394 16.70 36.20 -29.43
N LYS A 395 18.01 36.46 -29.60
CA LYS A 395 19.01 36.13 -28.60
C LYS A 395 19.02 37.15 -27.46
N ALA A 396 18.32 38.28 -27.65
CA ALA A 396 18.19 39.35 -26.67
C ALA A 396 17.06 40.31 -27.04
N ILE A 397 16.68 41.20 -26.07
CA ILE A 397 15.73 42.32 -26.21
C ILE A 397 16.50 43.50 -25.67
N LEU A 398 16.67 44.57 -26.47
CA LEU A 398 17.36 45.80 -26.07
C LEU A 398 16.29 46.87 -25.78
N VAL A 399 16.25 47.39 -24.55
CA VAL A 399 15.31 48.45 -24.20
C VAL A 399 16.11 49.68 -23.77
N LEU A 400 15.75 50.88 -24.26
CA LEU A 400 16.36 52.17 -23.90
C LEU A 400 15.46 52.84 -22.83
N SER A 401 15.52 52.31 -21.59
CA SER A 401 14.72 52.76 -20.45
C SER A 401 15.58 53.49 -19.46
N ASN A 402 15.16 54.70 -19.11
CA ASN A 402 15.88 55.55 -18.17
C ASN A 402 15.43 55.33 -16.72
N THR A 403 14.09 55.17 -16.49
CA THR A 403 13.52 54.88 -15.17
C THR A 403 13.63 53.38 -14.89
N GLY A 404 13.42 52.60 -15.94
CA GLY A 404 13.39 51.13 -15.94
C GLY A 404 11.98 50.62 -16.14
N ARG A 405 10.98 51.53 -16.13
CA ARG A 405 9.58 51.20 -16.27
C ARG A 405 9.27 50.46 -17.56
N SER A 406 10.06 50.70 -18.61
CA SER A 406 9.96 50.02 -19.91
C SER A 406 10.54 48.60 -19.82
N ALA A 407 11.62 48.40 -19.04
CA ALA A 407 12.33 47.12 -18.83
C ALA A 407 11.52 46.18 -17.93
N ARG A 408 10.80 46.75 -16.93
CA ARG A 408 9.95 46.04 -15.99
C ARG A 408 8.70 45.53 -16.72
N LEU A 409 8.23 46.32 -17.70
CA LEU A 409 7.09 46.06 -18.55
C LEU A 409 7.40 44.97 -19.56
N ILE A 410 8.68 44.85 -19.99
CA ILE A 410 9.09 43.79 -20.93
C ILE A 410 9.27 42.48 -20.14
N SER A 411 9.90 42.58 -18.98
CA SER A 411 10.11 41.45 -18.07
C SER A 411 8.77 40.85 -17.59
N LYS A 412 7.69 41.67 -17.55
CA LYS A 412 6.33 41.31 -17.15
C LYS A 412 5.79 40.17 -18.01
N TYR A 413 6.16 40.16 -19.30
CA TYR A 413 5.71 39.19 -20.28
C TYR A 413 6.67 38.01 -20.41
N ARG A 414 7.54 37.83 -19.42
CA ARG A 414 8.47 36.71 -19.26
C ARG A 414 9.09 36.15 -20.59
N PRO A 415 10.02 36.89 -21.26
CA PRO A 415 10.66 36.31 -22.46
C PRO A 415 11.73 35.29 -22.07
N ASN A 416 12.11 34.36 -22.97
CA ASN A 416 13.16 33.37 -22.62
C ASN A 416 14.58 33.98 -22.69
N CYS A 417 14.78 34.99 -23.56
CA CYS A 417 16.04 35.70 -23.80
C CYS A 417 16.29 36.81 -22.75
N PRO A 418 17.55 37.35 -22.60
CA PRO A 418 17.75 38.46 -21.64
C PRO A 418 17.14 39.79 -22.10
N ILE A 419 17.05 40.76 -21.19
CA ILE A 419 16.55 42.09 -21.50
C ILE A 419 17.70 43.01 -21.15
N ILE A 420 18.34 43.63 -22.17
CA ILE A 420 19.43 44.56 -21.93
C ILE A 420 18.79 45.94 -21.84
N CYS A 421 19.12 46.68 -20.78
CA CYS A 421 18.55 47.99 -20.57
C CYS A 421 19.60 49.08 -20.65
N ALA A 422 19.53 49.92 -21.70
CA ALA A 422 20.44 51.05 -21.89
C ALA A 422 19.86 52.23 -21.10
N THR A 423 20.24 52.29 -19.80
CA THR A 423 19.80 53.29 -18.82
C THR A 423 20.82 54.41 -18.62
N THR A 424 20.32 55.66 -18.50
CA THR A 424 21.12 56.86 -18.27
C THR A 424 21.36 57.12 -16.77
N ARG A 425 20.70 56.33 -15.93
CA ARG A 425 20.75 56.39 -14.48
C ARG A 425 21.58 55.21 -13.98
N LEU A 426 22.13 55.32 -12.76
CA LEU A 426 22.81 54.23 -12.07
C LEU A 426 21.81 53.60 -11.10
N LEU A 427 20.82 54.41 -10.61
CA LEU A 427 19.80 53.97 -9.66
C LEU A 427 18.96 52.91 -10.32
N THR A 428 18.73 53.07 -11.63
CA THR A 428 17.98 52.16 -12.46
C THR A 428 18.74 50.82 -12.62
N CYS A 429 20.10 50.87 -12.72
CA CYS A 429 20.96 49.69 -12.84
C CYS A 429 20.92 48.84 -11.59
N ARG A 430 20.84 49.48 -10.41
CA ARG A 430 20.75 48.82 -9.10
C ARG A 430 19.33 48.35 -8.72
N GLN A 431 18.30 49.08 -9.17
CA GLN A 431 16.89 48.74 -8.91
C GLN A 431 16.38 47.64 -9.84
N LEU A 432 17.05 47.42 -10.99
CA LEU A 432 16.66 46.37 -11.94
C LEU A 432 17.27 44.99 -11.59
N ASN A 433 17.93 44.88 -10.42
CA ASN A 433 18.48 43.61 -9.91
C ASN A 433 17.35 42.77 -9.31
N VAL A 434 16.15 43.39 -9.14
CA VAL A 434 14.96 42.70 -8.62
C VAL A 434 14.06 42.20 -9.75
N THR A 435 14.24 42.71 -10.96
CA THR A 435 13.39 42.19 -12.01
C THR A 435 14.18 41.15 -12.80
N ARG A 436 13.46 40.11 -13.23
CA ARG A 436 13.98 38.91 -13.92
C ARG A 436 14.41 39.29 -15.34
N SER A 437 15.45 38.63 -15.85
CA SER A 437 16.03 38.74 -17.21
C SER A 437 16.73 40.04 -17.60
N VAL A 438 16.64 41.11 -16.81
CA VAL A 438 17.23 42.42 -17.18
C VAL A 438 18.68 42.35 -16.74
N GLU A 439 19.56 42.76 -17.65
CA GLU A 439 21.00 42.93 -17.49
C GLU A 439 21.36 44.35 -17.95
N SER A 440 21.26 45.34 -17.03
CA SER A 440 21.47 46.78 -17.28
C SER A 440 22.86 47.20 -17.80
N VAL A 441 22.90 48.27 -18.64
CA VAL A 441 24.11 48.89 -19.21
C VAL A 441 23.98 50.39 -19.01
N TYR A 442 24.86 50.99 -18.21
CA TYR A 442 24.88 52.42 -17.91
C TYR A 442 25.61 53.28 -18.95
N TYR A 443 24.88 54.23 -19.53
CA TYR A 443 25.38 55.20 -20.51
C TYR A 443 25.67 56.50 -19.76
N ASP A 444 26.96 56.88 -19.65
CA ASP A 444 27.34 58.11 -18.97
C ASP A 444 27.14 59.28 -19.92
N VAL A 445 26.04 60.05 -19.69
CA VAL A 445 25.63 61.22 -20.48
C VAL A 445 26.67 62.36 -20.43
N ASP A 446 27.24 62.64 -19.24
CA ASP A 446 28.24 63.68 -18.99
C ASP A 446 29.58 63.36 -19.67
N ALA A 447 29.83 62.08 -20.00
CA ALA A 447 31.06 61.58 -20.62
C ALA A 447 31.01 61.46 -22.14
N HIS A 448 29.98 60.80 -22.70
CA HIS A 448 29.87 60.59 -24.15
C HIS A 448 29.20 61.75 -24.88
N GLY A 449 27.94 62.02 -24.52
CA GLY A 449 27.13 63.08 -25.11
C GLY A 449 25.69 63.06 -24.65
N GLU A 450 24.86 63.92 -25.27
CA GLU A 450 23.43 64.08 -24.99
C GLU A 450 22.66 62.80 -25.35
N ASP A 451 22.74 62.39 -26.63
CA ASP A 451 22.08 61.24 -27.25
C ASP A 451 20.55 61.06 -27.20
N ASN A 452 19.84 62.05 -27.80
CA ASN A 452 18.38 62.12 -27.95
C ASN A 452 17.86 61.26 -29.13
N ASP A 453 18.82 60.73 -29.93
CA ASP A 453 18.62 59.86 -31.09
C ASP A 453 18.96 58.40 -30.76
N ARG A 454 18.23 57.45 -31.38
CA ARG A 454 18.42 56.01 -31.19
C ARG A 454 19.70 55.58 -31.91
N GLU A 455 20.86 55.89 -31.27
CA GLU A 455 22.18 55.65 -31.85
C GLU A 455 23.29 55.15 -30.91
N LYS A 456 23.74 56.00 -29.96
CA LYS A 456 24.86 55.72 -29.05
C LYS A 456 24.53 54.66 -27.99
N ARG A 457 23.41 54.83 -27.24
CA ARG A 457 22.91 53.90 -26.21
C ARG A 457 22.65 52.52 -26.83
N VAL A 458 21.96 52.51 -28.02
CA VAL A 458 21.61 51.34 -28.85
C VAL A 458 22.88 50.59 -29.28
N GLN A 459 23.93 51.35 -29.66
CA GLN A 459 25.26 50.85 -30.06
C GLN A 459 25.99 50.25 -28.83
N LEU A 460 26.02 50.99 -27.70
CA LEU A 460 26.60 50.55 -26.43
C LEU A 460 25.91 49.24 -25.98
N GLY A 461 24.59 49.19 -26.09
CA GLY A 461 23.75 48.04 -25.75
C GLY A 461 24.03 46.83 -26.62
N VAL A 462 24.26 47.06 -27.91
CA VAL A 462 24.58 46.00 -28.88
C VAL A 462 26.01 45.49 -28.65
N ASP A 463 26.98 46.41 -28.45
CA ASP A 463 28.39 46.08 -28.20
C ASP A 463 28.57 45.34 -26.88
N TRP A 464 27.71 45.64 -25.88
CA TRP A 464 27.72 45.01 -24.55
C TRP A 464 27.24 43.57 -24.63
N ALA A 465 26.14 43.34 -25.38
CA ALA A 465 25.53 42.03 -25.58
C ALA A 465 26.43 41.10 -26.41
N LYS A 466 27.35 41.67 -27.23
CA LYS A 466 28.31 40.92 -28.05
C LYS A 466 29.55 40.48 -27.25
N THR A 467 30.15 41.41 -26.45
CA THR A 467 31.30 41.15 -25.56
C THR A 467 30.89 40.22 -24.40
N LYS A 468 29.67 40.41 -23.84
CA LYS A 468 29.16 39.53 -22.78
C LYS A 468 28.65 38.16 -23.34
N GLY A 469 28.88 37.92 -24.63
CA GLY A 469 28.56 36.68 -25.33
C GLY A 469 27.09 36.36 -25.59
N TYR A 470 26.16 37.29 -25.28
CA TYR A 470 24.71 37.07 -25.50
C TYR A 470 24.37 37.01 -26.97
N VAL A 471 25.01 37.91 -27.73
CA VAL A 471 24.76 38.06 -29.19
C VAL A 471 26.08 38.02 -29.97
N SER A 472 26.07 37.36 -31.13
CA SER A 472 27.23 37.27 -32.04
C SER A 472 26.78 37.65 -33.46
N ALA A 473 27.73 37.75 -34.39
CA ALA A 473 27.38 38.14 -35.78
C ALA A 473 26.42 37.13 -36.41
N GLY A 474 25.23 37.59 -36.79
CA GLY A 474 24.24 36.73 -37.46
C GLY A 474 23.05 36.39 -36.60
N ASP A 475 22.90 37.10 -35.48
CA ASP A 475 21.77 36.84 -34.55
C ASP A 475 20.80 38.02 -34.59
N VAL A 476 19.51 37.75 -34.41
CA VAL A 476 18.47 38.78 -34.45
C VAL A 476 18.17 39.27 -33.01
N MET A 477 18.12 40.60 -32.82
CA MET A 477 17.82 41.26 -31.54
C MET A 477 16.60 42.15 -31.74
N VAL A 478 15.76 42.29 -30.71
CA VAL A 478 14.58 43.14 -30.71
C VAL A 478 14.95 44.44 -29.97
N ILE A 479 14.89 45.59 -30.63
CA ILE A 479 15.21 46.88 -30.01
C ILE A 479 13.94 47.71 -29.76
N VAL A 480 13.66 48.02 -28.48
CA VAL A 480 12.48 48.78 -28.03
C VAL A 480 12.94 50.11 -27.48
N HIS A 481 12.29 51.20 -27.94
CA HIS A 481 12.58 52.57 -27.51
C HIS A 481 11.50 53.52 -28.01
N ALA A 482 11.74 54.84 -27.94
CA ALA A 482 10.81 55.88 -28.40
C ALA A 482 11.30 56.51 -29.72
N ASP A 483 10.35 56.92 -30.57
CA ASP A 483 10.64 57.51 -31.88
C ASP A 483 11.02 59.00 -31.81
N HIS A 484 11.25 59.64 -32.99
CA HIS A 484 11.61 61.06 -33.12
C HIS A 484 10.37 61.95 -32.87
N SER A 485 9.25 61.64 -33.57
CA SER A 485 7.98 62.36 -33.50
C SER A 485 7.02 61.68 -32.52
N TYR A 489 7.71 57.88 -23.34
CA TYR A 489 7.24 56.49 -23.38
C TYR A 489 7.73 55.77 -24.63
N PRO A 490 7.98 54.44 -24.63
CA PRO A 490 8.38 53.80 -25.89
C PRO A 490 7.16 53.50 -26.79
N ASN A 491 7.34 53.63 -28.12
CA ASN A 491 6.28 53.42 -29.10
C ASN A 491 6.80 52.69 -30.34
N GLN A 492 8.10 52.44 -30.39
CA GLN A 492 8.77 51.84 -31.53
C GLN A 492 9.48 50.53 -31.22
N THR A 493 9.36 49.56 -32.14
CA THR A 493 10.04 48.26 -32.02
C THR A 493 10.85 47.93 -33.29
N ARG A 494 12.14 47.59 -33.13
CA ARG A 494 13.06 47.25 -34.22
C ARG A 494 13.51 45.82 -34.14
N LEU A 495 13.67 45.14 -35.28
CA LEU A 495 14.18 43.76 -35.33
C LEU A 495 15.47 43.85 -36.14
N VAL A 496 16.62 43.76 -35.44
CA VAL A 496 17.91 43.94 -36.09
C VAL A 496 18.87 42.74 -36.01
N ARG A 497 19.53 42.39 -37.13
CA ARG A 497 20.55 41.34 -37.18
C ARG A 497 21.86 42.01 -36.73
N VAL A 498 22.46 41.49 -35.65
CA VAL A 498 23.62 42.03 -34.91
C VAL A 498 24.87 42.38 -35.80
N ARG A 499 25.01 41.79 -37.02
CA ARG A 499 26.12 42.07 -37.97
C ARG A 499 27.52 42.03 -37.33
N MET B 1 -8.08 28.91 -19.36
CA MET B 1 -7.66 27.61 -18.82
C MET B 1 -6.37 27.68 -17.94
N SER B 2 -5.67 28.85 -17.87
CA SER B 2 -4.36 29.04 -17.24
C SER B 2 -4.21 28.72 -15.74
N GLN B 3 -3.00 28.16 -15.39
CA GLN B 3 -2.57 27.90 -14.02
C GLN B 3 -2.54 29.24 -13.28
N LEU B 4 -2.08 30.32 -13.96
CA LEU B 4 -2.02 31.69 -13.46
C LEU B 4 -3.42 32.14 -13.01
N GLN B 5 -4.42 31.99 -13.88
CA GLN B 5 -5.82 32.34 -13.63
C GLN B 5 -6.41 31.55 -12.47
N HIS B 6 -5.87 30.34 -12.21
CA HIS B 6 -6.29 29.48 -11.12
C HIS B 6 -5.71 29.97 -9.80
N ASN B 7 -4.40 30.30 -9.79
CA ASN B 7 -3.64 30.80 -8.64
C ASN B 7 -4.20 32.12 -8.13
N ILE B 8 -4.47 33.08 -9.01
CA ILE B 8 -5.10 34.36 -8.62
C ILE B 8 -6.43 34.16 -7.83
N GLY B 9 -7.17 33.09 -8.12
CA GLY B 9 -8.46 32.80 -7.47
C GLY B 9 -8.42 31.80 -6.33
N LEU B 10 -7.22 31.39 -5.89
CA LEU B 10 -7.04 30.49 -4.75
C LEU B 10 -7.54 31.26 -3.52
N SER B 11 -8.38 30.64 -2.70
CA SER B 11 -8.83 31.27 -1.44
C SER B 11 -8.06 30.51 -0.37
N ILE B 12 -6.90 31.03 0.00
CA ILE B 12 -6.00 30.34 0.92
C ILE B 12 -6.71 30.01 2.27
N PHE B 13 -7.57 30.90 2.74
CA PHE B 13 -8.28 30.70 4.02
C PHE B 13 -9.64 30.03 3.80
N GLU B 14 -9.76 29.22 2.76
CA GLU B 14 -11.07 28.54 2.59
C GLU B 14 -11.02 27.21 3.35
N PRO B 15 -12.16 26.52 3.55
CA PRO B 15 -12.13 25.27 4.27
C PRO B 15 -11.45 24.18 3.44
N VAL B 16 -10.79 23.22 4.10
CA VAL B 16 -10.10 22.11 3.43
C VAL B 16 -11.02 20.91 3.12
N ALA B 17 -10.50 19.98 2.28
CA ALA B 17 -11.18 18.75 1.86
C ALA B 17 -11.42 17.86 3.07
N LYS B 18 -12.66 17.30 3.13
CA LYS B 18 -13.12 16.42 4.19
C LYS B 18 -12.40 15.03 4.21
N HIS B 19 -11.95 14.54 3.02
CA HIS B 19 -11.31 13.25 2.87
C HIS B 19 -9.99 13.30 2.10
N ARG B 20 -8.87 12.92 2.77
CA ARG B 20 -7.50 12.86 2.25
C ARG B 20 -7.37 11.78 1.19
N ALA B 21 -6.85 12.16 0.01
CA ALA B 21 -6.64 11.31 -1.17
C ALA B 21 -5.25 10.77 -1.24
N ASN B 22 -4.22 11.58 -0.89
CA ASN B 22 -2.81 11.15 -0.94
C ASN B 22 -2.45 10.20 0.18
N ARG B 23 -1.50 9.30 -0.10
CA ARG B 23 -1.09 8.26 0.81
C ARG B 23 0.32 8.47 1.36
N ILE B 24 0.52 8.13 2.67
CA ILE B 24 1.80 8.26 3.37
C ILE B 24 2.43 6.90 3.62
N ILE B 25 3.73 6.76 3.22
CA ILE B 25 4.56 5.58 3.41
C ILE B 25 5.63 5.94 4.45
N CYS B 26 5.76 5.14 5.51
CA CYS B 26 6.74 5.41 6.56
C CYS B 26 7.71 4.27 6.71
N THR B 27 8.98 4.63 6.96
CA THR B 27 10.04 3.68 7.23
C THR B 27 9.98 3.33 8.74
N ILE B 28 10.16 2.05 9.07
CA ILE B 28 10.07 1.59 10.44
C ILE B 28 11.45 1.30 10.96
N GLY B 29 11.82 1.94 12.07
CA GLY B 29 13.10 1.78 12.74
C GLY B 29 12.99 1.66 14.25
N PRO B 30 14.09 1.96 15.00
CA PRO B 30 14.04 1.85 16.47
C PRO B 30 12.93 2.66 17.17
N SER B 31 12.64 3.89 16.69
CA SER B 31 11.60 4.79 17.23
C SER B 31 10.18 4.24 17.05
N THR B 32 9.91 3.46 15.97
CA THR B 32 8.56 3.01 15.63
C THR B 32 8.34 1.48 15.42
N GLN B 33 9.24 0.59 15.90
CA GLN B 33 9.03 -0.85 15.73
C GLN B 33 7.96 -1.44 16.67
N SER B 34 7.79 -0.86 17.89
CA SER B 34 6.78 -1.30 18.86
C SER B 34 5.35 -1.15 18.37
N VAL B 35 4.45 -2.11 18.74
CA VAL B 35 3.03 -2.15 18.37
C VAL B 35 2.32 -0.83 18.72
N GLU B 36 2.63 -0.24 19.89
CA GLU B 36 2.07 1.03 20.36
C GLU B 36 2.48 2.19 19.43
N ALA B 37 3.76 2.20 18.97
CA ALA B 37 4.30 3.23 18.07
C ALA B 37 3.71 3.12 16.69
N LEU B 38 3.49 1.89 16.22
CA LEU B 38 2.90 1.62 14.91
C LEU B 38 1.42 1.97 14.92
N LYS B 39 0.70 1.71 16.04
CA LYS B 39 -0.72 2.07 16.22
C LYS B 39 -0.86 3.59 16.16
N GLY B 40 0.15 4.30 16.69
CA GLY B 40 0.25 5.75 16.70
C GLY B 40 0.46 6.27 15.30
N LEU B 41 1.37 5.64 14.54
CA LEU B 41 1.67 6.01 13.14
C LEU B 41 0.44 5.86 12.31
N MET B 42 -0.25 4.68 12.36
CA MET B 42 -1.50 4.40 11.58
C MET B 42 -2.58 5.43 11.90
N LYS B 43 -2.82 5.69 13.18
CA LYS B 43 -3.85 6.69 13.58
C LYS B 43 -3.40 8.06 13.10
N SER B 44 -2.13 8.21 12.77
CA SER B 44 -1.58 9.52 12.35
C SER B 44 -1.73 9.73 10.84
N GLY B 45 -1.60 8.66 10.05
CA GLY B 45 -1.76 8.82 8.60
C GLY B 45 -1.15 7.69 7.77
N MET B 46 -0.27 6.89 8.36
CA MET B 46 0.44 5.81 7.63
C MET B 46 -0.51 4.79 6.99
N SER B 47 -0.21 4.43 5.74
CA SER B 47 -0.90 3.50 4.83
C SER B 47 -0.01 2.32 4.43
N VAL B 48 1.30 2.58 4.19
CA VAL B 48 2.29 1.53 3.92
C VAL B 48 3.45 1.69 4.91
N ALA B 49 3.89 0.57 5.51
CA ALA B 49 5.06 0.48 6.40
C ALA B 49 6.23 -0.14 5.59
N ARG B 50 7.36 0.59 5.50
CA ARG B 50 8.60 0.21 4.79
C ARG B 50 9.59 -0.50 5.71
N MET B 51 10.23 -1.58 5.18
CA MET B 51 11.25 -2.42 5.84
C MET B 51 12.52 -2.27 5.02
N ASN B 52 13.40 -1.35 5.43
CA ASN B 52 14.64 -1.09 4.72
C ASN B 52 15.57 -2.27 4.89
N PHE B 53 15.75 -3.03 3.81
CA PHE B 53 16.60 -4.21 3.86
C PHE B 53 18.10 -3.90 3.72
N SER B 54 18.50 -2.60 3.77
CA SER B 54 19.92 -2.23 3.74
C SER B 54 20.57 -2.66 5.06
N HIS B 55 19.78 -2.58 6.16
CA HIS B 55 20.19 -2.93 7.52
C HIS B 55 19.13 -3.76 8.22
N GLY B 56 19.58 -4.78 8.93
CA GLY B 56 18.71 -5.64 9.72
C GLY B 56 18.66 -7.11 9.35
N SER B 57 18.62 -7.98 10.39
CA SER B 57 18.48 -9.44 10.28
C SER B 57 17.02 -9.80 9.91
N TYR B 58 16.78 -11.06 9.46
CA TYR B 58 15.41 -11.49 9.12
C TYR B 58 14.50 -11.58 10.37
N GLU B 59 15.11 -11.72 11.56
CA GLU B 59 14.41 -11.72 12.85
C GLU B 59 13.83 -10.32 13.12
N TYR B 60 14.64 -9.27 12.84
CA TYR B 60 14.31 -7.86 13.01
C TYR B 60 13.21 -7.46 12.06
N HIS B 61 13.30 -7.87 10.81
CA HIS B 61 12.30 -7.55 9.82
C HIS B 61 11.06 -8.38 10.08
N GLN B 62 11.20 -9.54 10.76
CA GLN B 62 10.04 -10.36 11.15
C GLN B 62 9.25 -9.67 12.26
N THR B 63 9.93 -8.93 13.18
CA THR B 63 9.22 -8.23 14.25
C THR B 63 8.46 -7.05 13.64
N THR B 64 9.03 -6.36 12.61
CA THR B 64 8.30 -5.27 11.92
C THR B 64 7.01 -5.83 11.29
N ILE B 65 7.10 -6.97 10.56
CA ILE B 65 5.98 -7.64 9.93
C ILE B 65 4.92 -7.96 10.98
N ASN B 66 5.24 -8.80 11.95
CA ASN B 66 4.34 -9.22 13.01
C ASN B 66 3.69 -8.07 13.78
N ASN B 67 4.48 -7.03 14.09
CA ASN B 67 3.99 -5.85 14.82
C ASN B 67 3.06 -5.00 13.97
N VAL B 68 3.31 -4.87 12.64
CA VAL B 68 2.44 -4.08 11.75
C VAL B 68 1.09 -4.76 11.61
N ARG B 69 1.11 -6.11 11.52
CA ARG B 69 -0.09 -6.94 11.41
C ARG B 69 -0.89 -6.86 12.69
N ALA B 70 -0.22 -6.86 13.86
CA ALA B 70 -0.83 -6.77 15.18
C ALA B 70 -1.49 -5.41 15.37
N ALA B 71 -0.72 -4.31 15.18
CA ALA B 71 -1.19 -2.93 15.32
C ALA B 71 -2.41 -2.64 14.37
N ALA B 72 -2.31 -3.02 13.06
CA ALA B 72 -3.38 -2.89 12.08
C ALA B 72 -4.61 -3.70 12.49
N ALA B 73 -4.42 -4.91 13.05
CA ALA B 73 -5.52 -5.77 13.50
C ALA B 73 -6.32 -5.13 14.65
N GLU B 74 -5.64 -4.49 15.61
CA GLU B 74 -6.25 -3.80 16.76
C GLU B 74 -7.13 -2.64 16.28
N LEU B 75 -6.63 -1.87 15.29
CA LEU B 75 -7.30 -0.71 14.70
C LEU B 75 -8.27 -1.09 13.57
N GLY B 76 -8.30 -2.37 13.22
CA GLY B 76 -9.13 -2.92 12.17
C GLY B 76 -8.80 -2.37 10.80
N LEU B 77 -7.50 -2.18 10.50
CA LEU B 77 -7.03 -1.62 9.24
C LEU B 77 -6.28 -2.66 8.41
N HIS B 78 -6.13 -2.39 7.09
CA HIS B 78 -5.36 -3.22 6.14
C HIS B 78 -4.18 -2.39 5.64
N ILE B 79 -3.07 -2.46 6.37
CA ILE B 79 -1.84 -1.72 6.09
C ILE B 79 -0.87 -2.61 5.30
N GLY B 80 -0.40 -2.08 4.19
CA GLY B 80 0.56 -2.78 3.34
C GLY B 80 1.95 -2.72 3.92
N ILE B 81 2.75 -3.76 3.65
CA ILE B 81 4.15 -3.86 4.08
C ILE B 81 5.00 -3.91 2.82
N ALA B 82 6.01 -3.03 2.75
CA ALA B 82 6.91 -2.92 1.60
C ALA B 82 8.32 -3.34 1.94
N LEU B 83 8.91 -4.25 1.14
CA LEU B 83 10.27 -4.74 1.33
C LEU B 83 11.20 -3.92 0.42
N ASP B 84 12.02 -3.02 1.01
CA ASP B 84 12.93 -2.18 0.24
C ASP B 84 14.30 -2.82 0.23
N THR B 85 14.65 -3.51 -0.87
CA THR B 85 15.89 -4.27 -1.12
C THR B 85 17.18 -3.47 -0.91
N LYS B 86 18.28 -4.17 -0.52
CA LYS B 86 19.61 -3.54 -0.36
C LYS B 86 20.16 -3.10 -1.77
N GLY B 87 19.90 -3.94 -2.77
CA GLY B 87 20.25 -3.73 -4.17
C GLY B 87 21.72 -3.69 -4.46
N PRO B 88 22.08 -3.29 -5.71
CA PRO B 88 23.51 -3.25 -6.07
C PRO B 88 24.19 -1.93 -5.70
N GLU B 89 25.18 -2.00 -4.79
CA GLU B 89 25.91 -0.80 -4.39
C GLU B 89 27.34 -1.07 -4.00
N ILE B 90 28.26 -0.21 -4.49
CA ILE B 90 29.69 -0.25 -4.19
C ILE B 90 29.88 0.33 -2.79
N ARG B 91 30.80 -0.27 -2.02
CA ARG B 91 31.04 0.15 -0.64
C ARG B 91 32.51 0.28 -0.27
N THR B 92 32.74 0.89 0.91
CA THR B 92 34.01 1.13 1.63
C THR B 92 33.66 1.24 3.15
N GLY B 93 34.25 0.37 3.96
CA GLY B 93 33.96 0.23 5.39
C GLY B 93 34.53 1.21 6.39
N LEU B 94 34.46 0.82 7.70
CA LEU B 94 34.91 1.55 8.91
C LEU B 94 36.36 1.97 8.84
N PHE B 95 36.63 3.25 9.09
CA PHE B 95 37.94 3.87 9.00
C PHE B 95 38.80 3.69 10.27
N LYS B 96 39.87 4.52 10.46
CA LYS B 96 40.81 4.46 11.59
C LYS B 96 39.91 4.43 12.86
N ASP B 97 39.89 3.25 13.54
CA ASP B 97 39.12 2.91 14.75
C ASP B 97 37.72 3.57 14.86
N GLY B 98 37.01 3.62 13.73
CA GLY B 98 35.67 4.20 13.64
C GLY B 98 35.43 5.50 12.87
N GLU B 99 36.50 6.33 12.74
CA GLU B 99 36.51 7.62 12.05
C GLU B 99 37.89 8.33 12.13
N ALA B 100 38.24 9.05 11.05
CA ALA B 100 39.49 9.82 10.91
C ALA B 100 39.26 11.08 10.01
N THR B 101 40.33 11.65 9.39
CA THR B 101 40.25 12.85 8.55
C THR B 101 41.12 12.72 7.27
N TYR B 102 40.55 13.17 6.12
CA TYR B 102 41.20 13.21 4.80
C TYR B 102 41.26 14.65 4.33
N ALA B 103 42.44 15.09 3.87
CA ALA B 103 42.68 16.47 3.44
C ALA B 103 42.81 16.59 1.91
N PRO B 104 42.34 17.70 1.27
CA PRO B 104 42.50 17.81 -0.19
C PRO B 104 43.96 17.91 -0.62
N GLY B 105 44.24 17.51 -1.85
CA GLY B 105 45.59 17.53 -2.40
C GLY B 105 46.39 16.30 -2.01
N PHE B 116 42.12 -5.94 2.29
CA PHE B 116 41.51 -5.14 3.38
C PHE B 116 40.83 -3.91 2.79
N GLU B 117 39.55 -4.03 2.44
CA GLU B 117 38.79 -2.90 1.83
C GLU B 117 38.08 -2.11 2.92
N LYS B 118 38.30 -2.48 4.18
CA LYS B 118 37.65 -1.79 5.32
C LYS B 118 38.68 -1.52 6.40
N ILE B 119 39.94 -1.32 6.03
CA ILE B 119 41.00 -1.05 7.05
C ILE B 119 41.74 0.23 6.67
N GLY B 120 41.12 1.06 5.82
CA GLY B 120 41.76 2.31 5.41
C GLY B 120 41.66 3.36 6.49
N THR B 121 42.54 4.36 6.45
CA THR B 121 42.52 5.48 7.43
C THR B 121 42.28 6.76 6.61
N LYS B 122 43.22 7.06 5.72
CA LYS B 122 43.20 8.22 4.79
C LYS B 122 44.48 8.15 3.93
N GLU B 123 44.82 6.97 3.40
CA GLU B 123 46.05 6.82 2.58
C GLU B 123 45.80 5.94 1.36
N LYS B 124 45.53 4.64 1.56
CA LYS B 124 45.28 3.67 0.46
C LYS B 124 44.76 2.36 1.06
N ASP B 128 35.26 -3.03 -4.20
CA ASP B 128 34.11 -3.92 -4.13
C ASP B 128 33.74 -4.43 -5.52
N TYR B 129 33.61 -3.48 -6.49
CA TYR B 129 33.29 -3.71 -7.89
C TYR B 129 34.52 -4.19 -8.72
N PRO B 130 34.54 -5.45 -9.18
CA PRO B 130 35.67 -5.93 -10.00
C PRO B 130 35.66 -5.39 -11.43
N GLN B 131 34.48 -4.97 -11.92
CA GLN B 131 34.26 -4.41 -13.26
C GLN B 131 34.44 -2.88 -13.29
N LEU B 132 34.98 -2.29 -12.19
CA LEU B 132 35.20 -0.84 -12.06
C LEU B 132 36.22 -0.26 -13.10
N PRO B 133 37.47 -0.83 -13.26
CA PRO B 133 38.40 -0.25 -14.25
C PRO B 133 37.97 -0.48 -15.71
N ASN B 134 37.13 -1.50 -15.95
CA ASN B 134 36.63 -1.85 -17.27
C ASN B 134 35.32 -1.14 -17.65
N VAL B 135 34.40 -0.94 -16.68
CA VAL B 135 33.10 -0.26 -16.91
C VAL B 135 33.31 1.27 -17.04
N VAL B 136 34.24 1.86 -16.25
CA VAL B 136 34.55 3.29 -16.27
C VAL B 136 35.80 3.58 -17.12
N ARG B 137 35.60 4.33 -18.22
CA ARG B 137 36.63 4.74 -19.19
C ARG B 137 37.54 5.90 -18.63
N PRO B 138 38.66 6.32 -19.31
CA PRO B 138 39.52 7.38 -18.72
C PRO B 138 38.82 8.73 -18.51
N GLY B 139 39.21 9.44 -17.46
CA GLY B 139 38.62 10.71 -17.08
C GLY B 139 37.22 10.54 -16.49
N GLY B 140 36.65 11.63 -16.02
CA GLY B 140 35.30 11.63 -15.46
C GLY B 140 35.30 11.77 -13.94
N LEU B 141 34.20 11.32 -13.31
CA LEU B 141 34.01 11.40 -11.86
C LEU B 141 33.81 10.05 -11.19
N ILE B 142 34.37 9.89 -9.98
CA ILE B 142 34.26 8.69 -9.14
C ILE B 142 33.86 9.16 -7.75
N TYR B 143 32.68 8.72 -7.27
CA TYR B 143 32.14 9.15 -5.97
C TYR B 143 32.38 8.18 -4.83
N VAL B 144 32.69 8.73 -3.62
CA VAL B 144 32.97 7.98 -2.39
C VAL B 144 32.30 8.64 -1.13
N ASP B 145 31.58 7.85 -0.30
CA ASP B 145 30.90 8.24 0.96
C ASP B 145 29.82 9.34 1.01
N ASP B 146 28.67 9.10 0.34
CA ASP B 146 27.48 9.96 0.25
C ASP B 146 27.66 10.93 -0.94
N GLY B 147 28.75 10.73 -1.69
CA GLY B 147 29.14 11.58 -2.81
C GLY B 147 29.91 12.80 -2.34
N VAL B 148 29.82 13.10 -1.01
CA VAL B 148 30.45 14.20 -0.27
C VAL B 148 31.94 14.20 -0.59
N LEU B 149 32.63 13.10 -0.27
CA LEU B 149 34.03 12.96 -0.63
C LEU B 149 34.04 12.50 -2.10
N THR B 150 35.03 12.93 -2.85
CA THR B 150 35.13 12.55 -4.26
C THR B 150 36.48 11.89 -4.50
N LEU B 151 36.71 11.39 -5.73
CA LEU B 151 37.96 10.76 -6.09
C LEU B 151 38.42 11.15 -7.49
N ARG B 152 39.66 11.68 -7.56
CA ARG B 152 40.33 12.08 -8.80
C ARG B 152 41.39 11.02 -9.07
N VAL B 153 41.06 10.02 -9.92
CA VAL B 153 41.93 8.89 -10.29
C VAL B 153 43.23 9.40 -10.93
N LEU B 154 44.36 9.14 -10.24
CA LEU B 154 45.68 9.57 -10.69
C LEU B 154 46.14 8.82 -11.93
N SER B 155 46.08 7.47 -11.93
CA SER B 155 46.51 6.63 -13.06
C SER B 155 45.69 5.33 -13.16
N LYS B 156 45.77 4.63 -14.32
CA LYS B 156 45.12 3.33 -14.53
C LYS B 156 45.93 2.30 -13.73
N GLU B 157 45.26 1.54 -12.84
CA GLU B 157 45.98 0.62 -11.95
C GLU B 157 45.56 -0.85 -11.98
N ASP B 158 46.47 -1.70 -11.46
CA ASP B 158 46.42 -3.15 -11.30
C ASP B 158 45.34 -3.55 -10.28
N ASP B 159 44.98 -4.86 -10.25
CA ASP B 159 43.97 -5.47 -9.38
C ASP B 159 42.57 -4.87 -9.64
N CYS B 160 42.00 -4.11 -8.68
CA CYS B 160 40.70 -3.47 -8.83
C CYS B 160 40.75 -1.99 -8.40
N THR B 161 41.39 -1.72 -7.24
CA THR B 161 41.56 -0.38 -6.67
C THR B 161 42.56 0.44 -7.50
N LEU B 162 42.33 1.77 -7.59
CA LEU B 162 43.18 2.69 -8.34
C LEU B 162 43.70 3.80 -7.41
N LYS B 163 44.92 4.34 -7.69
CA LYS B 163 45.52 5.40 -6.87
C LYS B 163 44.80 6.71 -7.12
N CYS B 164 44.19 7.29 -6.07
CA CYS B 164 43.38 8.50 -6.19
C CYS B 164 43.84 9.67 -5.32
N HIS B 165 43.76 10.86 -5.91
CA HIS B 165 44.07 12.15 -5.30
C HIS B 165 42.81 12.67 -4.60
N VAL B 166 42.92 12.98 -3.29
CA VAL B 166 41.82 13.48 -2.45
C VAL B 166 41.43 14.91 -2.89
N ASN B 167 40.14 15.12 -3.26
CA ASN B 167 39.62 16.42 -3.71
C ASN B 167 39.10 17.26 -2.55
N ILE B 178 31.94 3.72 -4.34
CA ILE B 178 30.64 3.99 -3.75
C ILE B 178 29.59 4.22 -4.86
N ASN B 179 29.76 5.27 -5.68
CA ASN B 179 28.84 5.62 -6.78
C ASN B 179 29.59 6.00 -8.09
N LEU B 180 29.13 5.45 -9.23
CA LEU B 180 29.71 5.73 -10.54
C LEU B 180 28.68 6.50 -11.41
N PRO B 181 28.93 7.82 -11.64
CA PRO B 181 27.95 8.66 -12.34
C PRO B 181 27.89 8.61 -13.85
N GLY B 182 26.68 8.91 -14.39
CA GLY B 182 26.34 9.02 -15.82
C GLY B 182 26.38 7.69 -16.54
N CYS B 183 27.55 7.02 -16.45
CA CYS B 183 27.89 5.74 -17.05
C CYS B 183 27.09 4.52 -16.56
N GLU B 184 26.79 3.60 -17.51
CA GLU B 184 26.06 2.36 -17.29
C GLU B 184 26.98 1.32 -16.63
N VAL B 185 26.49 0.68 -15.54
CA VAL B 185 27.24 -0.34 -14.80
C VAL B 185 26.64 -1.75 -14.96
N ASP B 186 27.50 -2.80 -14.90
CA ASP B 186 27.08 -4.19 -15.00
C ASP B 186 27.12 -4.86 -13.63
N LEU B 187 25.95 -4.82 -12.97
CA LEU B 187 25.73 -5.41 -11.64
C LEU B 187 24.43 -6.19 -11.72
N PRO B 188 24.36 -7.41 -11.15
CA PRO B 188 23.09 -8.16 -11.24
C PRO B 188 21.95 -7.41 -10.57
N ALA B 189 20.73 -7.57 -11.12
CA ALA B 189 19.54 -6.92 -10.57
C ALA B 189 19.17 -7.56 -9.26
N VAL B 190 19.27 -8.89 -9.20
CA VAL B 190 18.95 -9.69 -8.05
C VAL B 190 20.19 -10.37 -7.49
N SER B 191 20.97 -9.61 -6.69
CA SER B 191 22.20 -10.07 -6.06
C SER B 191 21.91 -11.20 -5.06
N GLU B 192 22.94 -12.02 -4.71
CA GLU B 192 22.77 -13.16 -3.80
C GLU B 192 22.03 -12.81 -2.51
N LYS B 193 22.24 -11.58 -1.98
CA LYS B 193 21.57 -11.06 -0.79
C LYS B 193 20.10 -10.80 -1.10
N ASP B 194 19.83 -9.99 -2.17
CA ASP B 194 18.49 -9.66 -2.65
C ASP B 194 17.66 -10.92 -2.90
N ARG B 195 18.27 -11.98 -3.50
CA ARG B 195 17.59 -13.27 -3.79
C ARG B 195 17.00 -13.83 -2.50
N LYS B 196 17.84 -13.92 -1.45
CA LYS B 196 17.45 -14.40 -0.12
C LYS B 196 16.39 -13.47 0.51
N ASP B 197 16.54 -12.13 0.34
CA ASP B 197 15.60 -11.12 0.87
C ASP B 197 14.22 -11.33 0.24
N LEU B 198 14.16 -11.34 -1.11
CA LEU B 198 12.93 -11.46 -1.88
C LEU B 198 12.19 -12.75 -1.56
N GLN B 199 12.94 -13.85 -1.43
CA GLN B 199 12.42 -15.18 -1.08
C GLN B 199 11.84 -15.16 0.35
N PHE B 200 12.45 -14.34 1.24
CA PHE B 200 11.96 -14.17 2.60
C PHE B 200 10.62 -13.42 2.57
N GLY B 201 10.60 -12.32 1.80
CA GLY B 201 9.42 -11.48 1.64
C GLY B 201 8.22 -12.25 1.19
N VAL B 202 8.39 -13.02 0.12
CA VAL B 202 7.36 -13.87 -0.49
C VAL B 202 6.82 -14.87 0.54
N GLU B 203 7.74 -15.58 1.24
CA GLU B 203 7.42 -16.56 2.28
C GLU B 203 6.67 -15.91 3.44
N GLN B 204 6.91 -14.59 3.68
CA GLN B 204 6.27 -13.81 4.76
C GLN B 204 4.93 -13.25 4.38
N GLY B 205 4.77 -12.92 3.11
CA GLY B 205 3.55 -12.33 2.60
C GLY B 205 3.61 -10.82 2.49
N VAL B 206 4.81 -10.30 2.17
CA VAL B 206 5.02 -8.87 1.98
C VAL B 206 4.18 -8.43 0.76
N ASP B 207 3.51 -7.28 0.83
CA ASP B 207 2.56 -6.84 -0.22
C ASP B 207 3.21 -6.27 -1.47
N MET B 208 4.34 -5.57 -1.33
CA MET B 208 5.04 -4.96 -2.47
C MET B 208 6.54 -4.94 -2.24
N ILE B 209 7.30 -4.85 -3.32
CA ILE B 209 8.75 -4.79 -3.31
C ILE B 209 9.20 -3.43 -3.85
N PHE B 210 10.13 -2.78 -3.16
CA PHE B 210 10.70 -1.51 -3.58
C PHE B 210 12.12 -1.82 -4.08
N ALA B 211 12.21 -2.24 -5.36
CA ALA B 211 13.44 -2.68 -6.04
C ALA B 211 14.45 -1.55 -6.21
N SER B 212 15.61 -1.68 -5.55
CA SER B 212 16.68 -0.69 -5.56
C SER B 212 17.54 -0.76 -6.80
N PHE B 213 17.95 0.44 -7.28
CA PHE B 213 18.80 0.69 -8.45
C PHE B 213 18.33 -0.06 -9.68
N ILE B 214 17.12 0.26 -10.14
CA ILE B 214 16.57 -0.30 -11.36
C ILE B 214 17.08 0.62 -12.46
N ARG B 215 17.72 0.02 -13.49
CA ARG B 215 18.36 0.71 -14.61
C ARG B 215 17.85 0.25 -16.00
N THR B 216 17.44 -1.02 -16.13
CA THR B 216 16.93 -1.62 -17.37
C THR B 216 15.58 -2.29 -17.09
N ALA B 217 14.62 -2.22 -18.03
CA ALA B 217 13.32 -2.89 -17.89
C ALA B 217 13.51 -4.40 -17.74
N ASP B 218 14.67 -4.92 -18.19
CA ASP B 218 15.07 -6.32 -18.11
C ASP B 218 15.37 -6.66 -16.67
N GLN B 219 15.91 -5.69 -15.91
CA GLN B 219 16.21 -5.85 -14.47
C GLN B 219 14.92 -6.08 -13.67
N VAL B 220 13.81 -5.40 -14.06
CA VAL B 220 12.50 -5.51 -13.41
C VAL B 220 11.96 -6.92 -13.59
N ARG B 221 12.12 -7.48 -14.80
CA ARG B 221 11.67 -8.83 -15.10
C ARG B 221 12.54 -9.86 -14.37
N GLU B 222 13.84 -9.50 -14.07
CA GLU B 222 14.78 -10.31 -13.29
C GLU B 222 14.27 -10.42 -11.85
N VAL B 223 13.74 -9.30 -11.31
CA VAL B 223 13.16 -9.21 -9.97
C VAL B 223 11.84 -9.99 -9.97
N ARG B 224 11.03 -9.83 -11.03
CA ARG B 224 9.75 -10.52 -11.17
C ARG B 224 9.90 -12.04 -11.19
N ALA B 225 11.05 -12.52 -11.75
CA ALA B 225 11.41 -13.94 -11.84
C ALA B 225 11.95 -14.42 -10.50
N ALA B 226 12.59 -13.53 -9.70
CA ALA B 226 13.13 -13.86 -8.37
C ALA B 226 12.00 -14.25 -7.39
N LEU B 227 10.79 -13.70 -7.58
CA LEU B 227 9.60 -14.08 -6.79
C LEU B 227 8.89 -15.09 -7.71
N GLY B 228 8.70 -16.32 -7.23
CA GLY B 228 8.08 -17.38 -8.03
C GLY B 228 6.57 -17.21 -8.12
N GLU B 229 5.87 -18.28 -8.59
CA GLU B 229 4.40 -18.35 -8.67
C GLU B 229 3.73 -17.95 -7.34
N LYS B 230 4.46 -18.21 -6.21
CA LYS B 230 4.05 -17.83 -4.87
C LYS B 230 4.01 -16.30 -4.76
N GLY B 231 5.05 -15.62 -5.26
CA GLY B 231 5.13 -14.16 -5.25
C GLY B 231 4.75 -13.48 -6.55
N LYS B 232 3.91 -14.15 -7.35
CA LYS B 232 3.48 -13.63 -8.65
C LYS B 232 2.67 -12.34 -8.52
N ASP B 233 1.72 -12.30 -7.55
CA ASP B 233 0.80 -11.19 -7.32
C ASP B 233 1.39 -9.99 -6.54
N THR B 234 2.58 -10.16 -5.92
CA THR B 234 3.21 -9.06 -5.19
C THR B 234 3.69 -7.98 -6.17
N LEU B 235 3.41 -6.69 -5.84
CA LEU B 235 3.77 -5.52 -6.65
C LEU B 235 5.27 -5.24 -6.68
N ILE B 236 5.74 -4.68 -7.79
CA ILE B 236 7.13 -4.30 -7.99
C ILE B 236 7.20 -2.79 -8.26
N ILE B 237 7.61 -2.03 -7.23
CA ILE B 237 7.79 -0.58 -7.31
C ILE B 237 9.26 -0.34 -7.57
N SER B 238 9.63 0.07 -8.79
CA SER B 238 11.01 0.28 -9.15
C SER B 238 11.53 1.62 -8.66
N LYS B 239 12.72 1.61 -8.03
CA LYS B 239 13.35 2.81 -7.53
C LYS B 239 14.30 3.40 -8.57
N ILE B 240 13.99 4.62 -9.04
CA ILE B 240 14.82 5.33 -10.00
C ILE B 240 15.79 6.20 -9.18
N GLU B 241 17.10 5.83 -9.20
CA GLU B 241 18.11 6.55 -8.43
C GLU B 241 19.46 6.66 -9.15
N ASN B 242 19.46 6.46 -10.48
CA ASN B 242 20.64 6.58 -11.34
C ASN B 242 20.28 7.21 -12.69
N HIS B 243 21.32 7.59 -13.45
CA HIS B 243 21.22 8.18 -14.78
C HIS B 243 20.49 7.25 -15.77
N GLN B 244 20.85 5.94 -15.80
CA GLN B 244 20.24 4.91 -16.67
C GLN B 244 18.74 4.76 -16.46
N GLY B 245 18.33 4.67 -15.20
CA GLY B 245 16.92 4.53 -14.80
C GLY B 245 16.04 5.66 -15.29
N VAL B 246 16.63 6.85 -15.37
CA VAL B 246 15.96 8.10 -15.83
C VAL B 246 15.95 8.13 -17.36
N GLN B 247 17.03 7.68 -18.01
CA GLN B 247 17.13 7.73 -19.48
C GLN B 247 16.44 6.51 -20.11
N ASN B 248 16.04 5.55 -19.29
CA ASN B 248 15.35 4.33 -19.75
C ASN B 248 13.98 4.28 -19.07
N ILE B 249 13.53 5.39 -18.50
CA ILE B 249 12.26 5.46 -17.70
C ILE B 249 11.08 4.70 -18.31
N ASP B 250 10.57 5.09 -19.48
CA ASP B 250 9.43 4.54 -20.20
C ASP B 250 9.35 3.00 -20.06
N ALA B 251 10.33 2.24 -20.59
CA ALA B 251 10.29 0.78 -20.47
C ALA B 251 10.21 0.25 -19.00
N ILE B 252 10.85 0.96 -18.05
CA ILE B 252 10.90 0.70 -16.60
C ILE B 252 9.49 0.85 -16.03
N ILE B 253 8.75 1.80 -16.61
CA ILE B 253 7.37 2.13 -16.17
C ILE B 253 6.39 1.13 -16.75
N GLU B 254 6.82 0.30 -17.68
CA GLU B 254 5.87 -0.66 -18.30
C GLU B 254 6.00 -2.04 -17.65
N ALA B 255 7.21 -2.36 -17.20
CA ALA B 255 7.55 -3.66 -16.59
C ALA B 255 7.24 -3.68 -15.09
N SER B 256 7.12 -2.50 -14.49
CA SER B 256 6.84 -2.30 -13.05
C SER B 256 5.34 -2.28 -12.79
N ASP B 257 4.98 -2.10 -11.52
CA ASP B 257 3.61 -1.94 -11.05
C ASP B 257 3.40 -0.52 -10.53
N GLY B 258 4.53 0.16 -10.29
CA GLY B 258 4.64 1.52 -9.78
C GLY B 258 6.08 1.95 -9.78
N ILE B 259 6.35 3.24 -9.50
CA ILE B 259 7.70 3.82 -9.48
C ILE B 259 7.96 4.64 -8.22
N MET B 260 9.20 4.60 -7.72
CA MET B 260 9.62 5.42 -6.58
C MET B 260 10.71 6.36 -7.07
N VAL B 261 10.52 7.68 -6.85
CA VAL B 261 11.53 8.67 -7.23
C VAL B 261 12.46 8.70 -5.99
N ALA B 262 13.38 7.71 -5.90
CA ALA B 262 14.34 7.60 -4.80
C ALA B 262 15.35 8.73 -4.95
N ARG B 263 15.02 9.90 -4.36
CA ARG B 263 15.78 11.13 -4.52
C ARG B 263 17.12 11.14 -3.80
N GLY B 264 17.32 10.22 -2.86
CA GLY B 264 18.55 10.08 -2.09
C GLY B 264 19.73 9.84 -3.00
N ASP B 265 19.79 8.65 -3.63
CA ASP B 265 20.88 8.28 -4.53
C ASP B 265 20.79 9.00 -5.88
N LEU B 266 19.58 9.43 -6.28
CA LEU B 266 19.40 10.16 -7.55
C LEU B 266 20.11 11.52 -7.51
N GLY B 267 20.00 12.21 -6.38
CA GLY B 267 20.64 13.51 -6.16
C GLY B 267 22.15 13.50 -6.16
N VAL B 268 22.76 12.30 -6.09
CA VAL B 268 24.21 12.12 -6.09
C VAL B 268 24.68 11.56 -7.43
N GLU B 269 23.86 10.67 -8.05
CA GLU B 269 24.15 10.07 -9.36
C GLU B 269 23.99 11.09 -10.50
N ILE B 270 23.04 12.04 -10.34
CA ILE B 270 22.74 13.14 -11.26
C ILE B 270 22.87 14.50 -10.49
N PRO B 271 23.12 15.67 -11.15
CA PRO B 271 23.23 16.92 -10.36
C PRO B 271 21.97 17.20 -9.55
N ALA B 272 22.14 17.75 -8.34
CA ALA B 272 21.05 18.05 -7.41
C ALA B 272 19.91 18.84 -8.03
N GLU B 273 20.22 19.86 -8.86
CA GLU B 273 19.21 20.70 -9.53
C GLU B 273 18.35 19.94 -10.53
N LYS B 274 18.91 18.90 -11.17
CA LYS B 274 18.24 18.08 -12.19
C LYS B 274 17.17 17.18 -11.60
N VAL B 275 17.25 16.87 -10.29
CA VAL B 275 16.27 16.00 -9.62
C VAL B 275 14.84 16.58 -9.69
N VAL B 276 14.66 17.92 -9.55
CA VAL B 276 13.35 18.58 -9.64
C VAL B 276 12.69 18.26 -10.97
N VAL B 277 13.37 18.53 -12.07
CA VAL B 277 12.89 18.27 -13.43
C VAL B 277 12.64 16.77 -13.65
N ALA B 278 13.56 15.90 -13.14
CA ALA B 278 13.44 14.44 -13.19
C ALA B 278 12.19 13.95 -12.44
N GLN B 279 11.87 14.54 -11.27
CA GLN B 279 10.71 14.22 -10.42
C GLN B 279 9.41 14.56 -11.16
N MET B 280 9.30 15.78 -11.71
CA MET B 280 8.14 16.27 -12.44
C MET B 280 7.83 15.37 -13.61
N CYS B 281 8.86 15.09 -14.41
CA CYS B 281 8.83 14.26 -15.60
C CYS B 281 8.44 12.80 -15.30
N ILE B 282 9.01 12.18 -14.21
CA ILE B 282 8.71 10.80 -13.82
C ILE B 282 7.28 10.67 -13.31
N ILE B 283 6.87 11.54 -12.38
CA ILE B 283 5.52 11.54 -11.79
C ILE B 283 4.44 11.68 -12.87
N SER B 284 4.60 12.62 -13.82
CA SER B 284 3.63 12.84 -14.90
C SER B 284 3.56 11.67 -15.86
N LYS B 285 4.71 11.00 -16.14
CA LYS B 285 4.80 9.81 -16.99
C LYS B 285 4.02 8.65 -16.36
N CYS B 286 4.14 8.52 -15.00
CA CYS B 286 3.44 7.50 -14.20
C CYS B 286 1.97 7.81 -14.15
N ASN B 287 1.59 9.12 -14.12
CA ASN B 287 0.20 9.57 -14.09
C ASN B 287 -0.53 9.10 -15.37
N VAL B 288 0.07 9.39 -16.55
CA VAL B 288 -0.43 9.04 -17.88
C VAL B 288 -0.50 7.52 -17.99
N ALA B 289 0.51 6.80 -17.41
CA ALA B 289 0.59 5.33 -17.43
C ALA B 289 -0.49 4.69 -16.53
N GLY B 290 -0.87 5.41 -15.47
CA GLY B 290 -1.82 4.94 -14.47
C GLY B 290 -1.20 3.98 -13.48
N LYS B 291 0.03 4.31 -13.03
CA LYS B 291 0.80 3.49 -12.09
C LYS B 291 1.21 4.33 -10.89
N PRO B 292 1.07 3.80 -9.64
CA PRO B 292 1.41 4.59 -8.46
C PRO B 292 2.85 5.10 -8.42
N VAL B 293 3.01 6.40 -8.21
CA VAL B 293 4.32 7.01 -8.10
C VAL B 293 4.50 7.58 -6.70
N ILE B 294 5.70 7.37 -6.08
CA ILE B 294 6.11 7.70 -4.68
C ILE B 294 7.28 8.71 -4.62
N CYS B 295 7.10 9.87 -3.93
CA CYS B 295 8.23 10.82 -3.75
C CYS B 295 9.04 10.37 -2.53
N ALA B 296 10.38 10.42 -2.54
CA ALA B 296 11.02 9.66 -1.48
C ALA B 296 12.00 10.28 -0.45
N THR B 297 12.91 11.23 -0.78
CA THR B 297 13.93 11.55 0.27
C THR B 297 13.98 13.02 0.77
N GLN B 298 14.21 13.17 2.09
CA GLN B 298 14.37 14.41 2.87
C GLN B 298 13.13 15.33 2.79
N MET B 299 11.93 14.72 2.59
CA MET B 299 10.64 15.43 2.46
C MET B 299 10.29 16.31 3.67
N LEU B 300 10.54 15.81 4.88
CA LEU B 300 10.34 16.54 6.14
C LEU B 300 11.50 16.21 7.10
N GLU B 301 12.73 16.10 6.53
CA GLU B 301 13.99 15.75 7.22
C GLU B 301 14.22 16.47 8.55
N SER B 302 13.95 17.79 8.64
CA SER B 302 14.15 18.56 9.88
C SER B 302 13.35 18.03 11.08
N MET B 303 12.20 17.38 10.80
CA MET B 303 11.32 16.86 11.84
C MET B 303 11.84 15.57 12.53
N THR B 304 13.06 15.12 12.17
CA THR B 304 13.74 13.99 12.81
C THR B 304 14.20 14.47 14.20
N THR B 305 14.48 15.81 14.31
CA THR B 305 14.96 16.47 15.52
C THR B 305 14.08 17.65 16.02
N ASN B 306 13.22 18.22 15.14
CA ASN B 306 12.37 19.37 15.49
C ASN B 306 10.86 19.07 15.47
N PRO B 307 10.02 19.77 16.28
CA PRO B 307 8.58 19.48 16.26
C PRO B 307 7.81 20.10 15.09
N ARG B 308 8.49 20.89 14.24
CA ARG B 308 7.85 21.50 13.08
C ARG B 308 8.86 21.67 11.90
N PRO B 309 8.40 21.62 10.63
CA PRO B 309 9.34 21.63 9.49
C PRO B 309 9.74 23.00 8.94
N THR B 310 10.82 23.04 8.11
CA THR B 310 11.30 24.28 7.48
C THR B 310 10.31 24.68 6.41
N ARG B 311 10.37 25.96 5.94
CA ARG B 311 9.44 26.41 4.91
C ARG B 311 9.67 25.68 3.60
N ALA B 312 10.89 25.14 3.42
CA ALA B 312 11.31 24.35 2.25
C ALA B 312 10.63 22.97 2.17
N GLU B 313 10.60 22.24 3.29
CA GLU B 313 10.02 20.92 3.42
C GLU B 313 8.50 20.90 3.20
N VAL B 314 7.77 21.96 3.70
CA VAL B 314 6.32 22.12 3.50
C VAL B 314 6.05 22.31 2.00
N THR B 315 6.83 23.17 1.29
CA THR B 315 6.64 23.35 -0.15
C THR B 315 7.06 22.11 -0.93
N ASP B 316 7.99 21.30 -0.37
CA ASP B 316 8.44 20.08 -1.01
C ASP B 316 7.32 19.00 -1.03
N VAL B 317 6.64 18.81 0.12
CA VAL B 317 5.54 17.84 0.28
C VAL B 317 4.36 18.26 -0.58
N ALA B 318 4.02 19.57 -0.55
CA ALA B 318 2.91 20.13 -1.33
C ALA B 318 3.13 19.96 -2.82
N ASN B 319 4.33 20.32 -3.32
CA ASN B 319 4.63 20.19 -4.75
C ASN B 319 4.72 18.73 -5.22
N ALA B 320 5.08 17.79 -4.32
CA ALA B 320 5.09 16.37 -4.66
C ALA B 320 3.64 15.96 -4.98
N VAL B 321 2.67 16.48 -4.21
CA VAL B 321 1.23 16.25 -4.39
C VAL B 321 0.80 16.95 -5.68
N PHE B 322 1.16 18.27 -5.84
CA PHE B 322 0.87 19.10 -7.01
C PHE B 322 1.37 18.47 -8.33
N ASN B 323 2.56 17.84 -8.29
CA ASN B 323 3.22 17.14 -9.42
C ASN B 323 2.41 15.93 -9.89
N GLY B 324 1.58 15.39 -8.99
CA GLY B 324 0.71 14.26 -9.25
C GLY B 324 1.07 12.95 -8.56
N ALA B 325 1.89 13.03 -7.48
CA ALA B 325 2.32 11.83 -6.76
C ALA B 325 1.14 11.19 -6.04
N ASP B 326 1.05 9.86 -6.11
CA ASP B 326 0.00 9.08 -5.44
C ASP B 326 0.36 9.10 -3.97
N CYS B 327 1.64 8.75 -3.66
CA CYS B 327 2.23 8.66 -2.32
C CYS B 327 3.39 9.62 -2.09
N VAL B 328 3.65 9.90 -0.80
CA VAL B 328 4.76 10.68 -0.28
C VAL B 328 5.39 9.86 0.87
N MET B 329 6.72 9.84 0.96
CA MET B 329 7.40 8.91 1.89
C MET B 329 8.25 9.58 2.96
N LEU B 330 8.48 8.84 4.04
CA LEU B 330 9.30 9.22 5.22
C LEU B 330 10.24 8.06 5.53
N SER B 331 11.53 8.30 5.31
CA SER B 331 12.60 7.29 5.50
C SER B 331 13.07 7.28 6.96
N GLY B 332 13.83 8.29 7.35
CA GLY B 332 14.35 8.34 8.72
C GLY B 332 13.52 9.23 9.62
N GLU B 333 12.56 9.96 9.08
CA GLU B 333 11.77 10.83 9.97
C GLU B 333 11.03 9.95 10.98
N THR B 334 10.47 8.85 10.50
CA THR B 334 9.70 7.90 11.31
C THR B 334 10.56 6.77 11.91
N ALA B 335 11.68 6.41 11.24
CA ALA B 335 12.56 5.33 11.66
C ALA B 335 13.43 5.68 12.88
N LYS B 336 14.20 6.78 12.81
CA LYS B 336 15.13 7.24 13.86
C LYS B 336 14.75 8.61 14.46
N GLY B 337 13.61 9.15 14.08
CA GLY B 337 13.17 10.46 14.55
C GLY B 337 12.62 10.52 15.95
N LYS B 338 12.71 11.72 16.55
CA LYS B 338 12.22 12.00 17.91
C LYS B 338 10.71 12.41 17.89
N TYR B 339 10.16 12.72 16.71
CA TYR B 339 8.75 13.12 16.54
C TYR B 339 8.11 12.31 15.39
N PRO B 340 7.81 11.00 15.58
CA PRO B 340 7.29 10.20 14.47
C PRO B 340 5.82 10.38 14.17
N ASN B 341 4.96 10.57 15.21
CA ASN B 341 3.51 10.78 14.99
C ASN B 341 3.24 12.21 14.52
N GLU B 342 4.03 13.16 15.04
CA GLU B 342 4.01 14.59 14.76
C GLU B 342 4.36 14.89 13.30
N VAL B 343 5.31 14.10 12.70
CA VAL B 343 5.76 14.25 11.31
C VAL B 343 4.73 13.69 10.32
N VAL B 344 4.06 12.56 10.65
CA VAL B 344 3.03 11.94 9.80
C VAL B 344 1.81 12.87 9.76
N GLN B 345 1.46 13.44 10.92
CA GLN B 345 0.37 14.39 11.09
C GLN B 345 0.59 15.65 10.28
N TYR B 346 1.83 16.19 10.20
CA TYR B 346 2.15 17.41 9.44
C TYR B 346 2.01 17.16 7.97
N MET B 347 2.53 15.98 7.53
CA MET B 347 2.45 15.52 6.15
C MET B 347 0.99 15.44 5.74
N VAL B 348 0.11 14.93 6.63
CA VAL B 348 -1.34 14.83 6.42
C VAL B 348 -1.94 16.24 6.15
N ARG B 349 -1.64 17.23 7.01
CA ARG B 349 -2.12 18.61 6.88
C ARG B 349 -1.74 19.24 5.55
N ILE B 350 -0.46 19.04 5.11
CA ILE B 350 0.07 19.56 3.83
C ILE B 350 -0.62 18.90 2.66
N CYS B 351 -0.71 17.55 2.67
CA CYS B 351 -1.38 16.73 1.62
C CYS B 351 -2.83 17.15 1.40
N ILE B 352 -3.56 17.42 2.50
CA ILE B 352 -4.97 17.86 2.45
C ILE B 352 -5.05 19.27 1.88
N GLU B 353 -4.08 20.16 2.27
CA GLU B 353 -4.04 21.54 1.77
C GLU B 353 -3.80 21.55 0.27
N ALA B 354 -2.70 20.89 -0.18
CA ALA B 354 -2.33 20.77 -1.59
C ALA B 354 -3.48 20.17 -2.41
N GLN B 355 -4.18 19.16 -1.84
CA GLN B 355 -5.34 18.49 -2.44
C GLN B 355 -6.53 19.45 -2.65
N SER B 356 -6.82 20.29 -1.62
CA SER B 356 -7.90 21.27 -1.58
C SER B 356 -7.68 22.37 -2.61
N ALA B 357 -6.39 22.70 -2.89
CA ALA B 357 -6.00 23.69 -3.87
C ALA B 357 -6.09 23.09 -5.26
N THR B 358 -5.94 21.76 -5.37
CA THR B 358 -5.97 21.05 -6.65
C THR B 358 -7.44 20.41 -6.84
N HIS B 359 -8.51 21.20 -6.55
CA HIS B 359 -9.93 20.76 -6.59
C HIS B 359 -10.54 20.46 -8.00
N ASP B 360 -10.27 21.30 -9.02
CA ASP B 360 -10.83 21.13 -10.36
C ASP B 360 -10.28 19.88 -11.13
N SER B 361 -11.01 19.54 -12.25
CA SER B 361 -10.81 18.43 -13.20
C SER B 361 -9.71 18.68 -14.23
N VAL B 362 -8.73 19.49 -13.86
CA VAL B 362 -7.57 19.85 -14.66
C VAL B 362 -6.74 18.59 -14.93
N MET B 363 -6.44 17.84 -13.87
CA MET B 363 -5.64 16.62 -13.97
C MET B 363 -6.37 15.57 -14.76
N PHE B 364 -7.69 15.41 -14.48
CA PHE B 364 -8.52 14.43 -15.16
C PHE B 364 -8.46 14.62 -16.64
N ASN B 365 -8.99 15.73 -17.16
CA ASN B 365 -8.96 16.03 -18.58
C ASN B 365 -7.54 15.87 -19.11
N SER B 366 -6.52 16.42 -18.38
CA SER B 366 -5.09 16.40 -18.70
C SER B 366 -4.62 15.02 -19.14
N ILE B 367 -4.90 13.99 -18.28
CA ILE B 367 -4.60 12.55 -18.38
C ILE B 367 -5.44 11.84 -19.48
N LYS B 368 -6.78 12.07 -19.51
CA LYS B 368 -7.71 11.48 -20.48
C LYS B 368 -7.32 11.83 -21.92
N ASN B 369 -7.03 13.12 -22.20
CA ASN B 369 -6.64 13.62 -23.53
C ASN B 369 -5.29 13.05 -24.01
N LEU B 370 -4.45 12.60 -23.08
CA LEU B 370 -3.15 12.02 -23.41
C LEU B 370 -3.24 10.50 -23.61
N GLN B 371 -4.46 9.91 -23.51
CA GLN B 371 -4.68 8.47 -23.72
C GLN B 371 -5.00 8.20 -25.21
N LYS B 372 -4.42 7.13 -25.76
CA LYS B 372 -4.64 6.76 -27.12
C LYS B 372 -5.94 5.95 -27.28
N ILE B 373 -6.69 6.31 -28.32
CA ILE B 373 -7.98 5.71 -28.67
C ILE B 373 -7.71 4.63 -29.76
N PRO B 374 -8.31 3.43 -29.66
CA PRO B 374 -9.32 3.02 -28.68
C PRO B 374 -8.76 2.59 -27.34
N MET B 375 -9.57 2.83 -26.30
CA MET B 375 -9.31 2.40 -24.94
C MET B 375 -10.01 1.03 -24.82
N SER B 376 -9.64 0.24 -23.84
CA SER B 376 -10.28 -1.06 -23.59
C SER B 376 -11.64 -0.77 -22.97
N PRO B 377 -12.69 -1.62 -23.18
CA PRO B 377 -13.99 -1.34 -22.52
C PRO B 377 -13.84 -1.16 -21.03
N GLU B 378 -12.88 -1.87 -20.42
CA GLU B 378 -12.57 -1.76 -19.01
C GLU B 378 -12.14 -0.34 -18.63
N GLU B 379 -11.11 0.25 -19.34
CA GLU B 379 -10.61 1.62 -19.08
C GLU B 379 -11.61 2.71 -19.51
N ALA B 380 -12.39 2.46 -20.62
CA ALA B 380 -13.42 3.37 -21.07
C ALA B 380 -14.55 3.48 -20.03
N VAL B 381 -14.84 2.39 -19.26
CA VAL B 381 -15.86 2.39 -18.21
C VAL B 381 -15.34 3.17 -17.02
N CYS B 382 -14.07 2.96 -16.63
CA CYS B 382 -13.37 3.62 -15.52
C CYS B 382 -13.25 5.09 -15.72
N SER B 383 -12.74 5.52 -16.91
CA SER B 383 -12.59 6.95 -17.20
C SER B 383 -13.94 7.65 -17.26
N SER B 384 -14.97 7.00 -17.84
CA SER B 384 -16.33 7.56 -17.88
C SER B 384 -16.97 7.62 -16.50
N ALA B 385 -16.61 6.68 -15.62
CA ALA B 385 -17.11 6.64 -14.25
C ALA B 385 -16.60 7.90 -13.52
N VAL B 386 -15.36 8.35 -13.85
CA VAL B 386 -14.77 9.56 -13.29
C VAL B 386 -15.46 10.80 -13.89
N SER B 387 -15.67 10.84 -15.23
CA SER B 387 -16.38 11.99 -15.82
C SER B 387 -17.80 12.11 -15.29
N SER B 388 -18.52 10.96 -15.08
CA SER B 388 -19.89 10.93 -14.52
C SER B 388 -19.88 11.57 -13.16
N ALA B 389 -18.88 11.21 -12.32
CA ALA B 389 -18.71 11.75 -10.98
C ALA B 389 -18.55 13.26 -11.04
N PHE B 390 -17.71 13.77 -11.96
CA PHE B 390 -17.49 15.21 -12.14
C PHE B 390 -18.78 15.96 -12.52
N GLU B 391 -19.58 15.40 -13.47
CA GLU B 391 -20.85 15.93 -13.96
C GLU B 391 -21.91 16.02 -12.86
N VAL B 392 -22.17 14.92 -12.09
CA VAL B 392 -23.19 14.90 -11.02
C VAL B 392 -22.69 15.34 -9.65
N GLN B 393 -21.39 15.70 -9.53
CA GLN B 393 -20.75 16.08 -8.27
C GLN B 393 -20.87 14.94 -7.23
N ALA B 394 -20.62 13.69 -7.67
CA ALA B 394 -20.67 12.46 -6.88
C ALA B 394 -19.86 12.57 -5.58
N LYS B 395 -20.48 12.14 -4.47
CA LYS B 395 -19.84 12.20 -3.17
C LYS B 395 -18.79 11.09 -2.98
N ALA B 396 -18.85 10.02 -3.83
CA ALA B 396 -17.95 8.84 -3.86
C ALA B 396 -18.22 7.93 -5.07
N ILE B 397 -17.16 7.16 -5.49
CA ILE B 397 -17.20 6.17 -6.58
C ILE B 397 -16.97 4.79 -5.95
N LEU B 398 -17.87 3.82 -6.20
CA LEU B 398 -17.72 2.48 -5.65
C LEU B 398 -17.39 1.51 -6.77
N VAL B 399 -16.20 0.86 -6.65
CA VAL B 399 -15.70 -0.12 -7.61
C VAL B 399 -15.60 -1.50 -7.01
N LEU B 400 -16.09 -2.49 -7.74
CA LEU B 400 -15.97 -3.88 -7.30
C LEU B 400 -14.76 -4.45 -8.03
N SER B 401 -13.62 -4.47 -7.32
CA SER B 401 -12.33 -4.91 -7.87
C SER B 401 -11.63 -5.89 -6.94
N ASN B 402 -11.53 -7.18 -7.35
CA ASN B 402 -10.87 -8.21 -6.56
C ASN B 402 -9.36 -8.08 -6.57
N THR B 403 -8.77 -7.78 -7.75
CA THR B 403 -7.33 -7.60 -7.96
C THR B 403 -6.85 -6.19 -7.65
N GLY B 404 -7.75 -5.20 -7.74
CA GLY B 404 -7.43 -3.79 -7.51
C GLY B 404 -7.13 -3.03 -8.78
N ARG B 405 -7.02 -3.76 -9.93
CA ARG B 405 -6.74 -3.22 -11.27
C ARG B 405 -7.67 -2.08 -11.56
N SER B 406 -9.01 -2.35 -11.56
CA SER B 406 -10.11 -1.43 -11.79
C SER B 406 -10.06 -0.18 -10.87
N ALA B 407 -9.70 -0.37 -9.58
CA ALA B 407 -9.58 0.71 -8.62
C ALA B 407 -8.38 1.62 -8.94
N ARG B 408 -7.27 1.02 -9.45
CA ARG B 408 -6.05 1.73 -9.87
C ARG B 408 -6.33 2.49 -11.13
N LEU B 409 -7.21 1.91 -11.97
CA LEU B 409 -7.69 2.43 -13.26
C LEU B 409 -8.64 3.59 -13.09
N ILE B 410 -9.41 3.61 -11.96
CA ILE B 410 -10.34 4.70 -11.65
C ILE B 410 -9.53 5.84 -11.08
N SER B 411 -8.63 5.52 -10.15
CA SER B 411 -7.72 6.48 -9.52
C SER B 411 -6.80 7.17 -10.56
N LYS B 412 -6.53 6.49 -11.72
CA LYS B 412 -5.70 6.96 -12.81
C LYS B 412 -6.23 8.30 -13.37
N TYR B 413 -7.54 8.47 -13.34
CA TYR B 413 -8.25 9.63 -13.87
C TYR B 413 -8.52 10.66 -12.79
N ARG B 414 -7.80 10.58 -11.68
CA ARG B 414 -7.80 11.52 -10.55
C ARG B 414 -9.18 12.21 -10.13
N PRO B 415 -10.24 11.44 -9.75
CA PRO B 415 -11.48 12.09 -9.32
C PRO B 415 -11.33 12.91 -8.02
N ASN B 416 -12.24 13.90 -7.75
CA ASN B 416 -12.15 14.68 -6.51
C ASN B 416 -12.66 13.90 -5.29
N CYS B 417 -13.63 13.02 -5.51
CA CYS B 417 -14.27 12.17 -4.50
C CYS B 417 -13.46 10.90 -4.14
N PRO B 418 -13.75 10.21 -3.00
CA PRO B 418 -13.05 8.96 -2.71
C PRO B 418 -13.54 7.82 -3.60
N ILE B 419 -12.68 6.81 -3.76
CA ILE B 419 -12.97 5.54 -4.44
C ILE B 419 -13.02 4.46 -3.33
N ILE B 420 -14.17 3.80 -3.27
CA ILE B 420 -14.37 2.70 -2.35
C ILE B 420 -14.24 1.43 -3.23
N CYS B 421 -13.36 0.50 -2.79
CA CYS B 421 -13.13 -0.73 -3.50
C CYS B 421 -13.66 -1.93 -2.75
N ALA B 422 -14.72 -2.59 -3.28
CA ALA B 422 -15.31 -3.78 -2.68
C ALA B 422 -14.53 -4.97 -3.19
N THR B 423 -13.43 -5.30 -2.48
CA THR B 423 -12.51 -6.38 -2.83
C THR B 423 -12.72 -7.63 -1.99
N THR B 424 -12.57 -8.80 -2.61
CA THR B 424 -12.69 -10.11 -1.97
C THR B 424 -11.32 -10.61 -1.43
N ARG B 425 -10.23 -9.87 -1.72
CA ARG B 425 -8.85 -10.23 -1.38
C ARG B 425 -8.17 -9.20 -0.45
N LEU B 426 -7.69 -9.67 0.72
CA LEU B 426 -6.99 -8.81 1.70
C LEU B 426 -5.68 -8.29 1.16
N LEU B 427 -5.02 -9.07 0.27
CA LEU B 427 -3.76 -8.67 -0.37
C LEU B 427 -3.98 -7.39 -1.18
N THR B 428 -5.17 -7.23 -1.77
CA THR B 428 -5.47 -6.07 -2.58
C THR B 428 -5.96 -4.93 -1.70
N CYS B 429 -6.36 -5.20 -0.43
CA CYS B 429 -6.77 -4.15 0.54
C CYS B 429 -5.53 -3.43 0.95
N ARG B 430 -4.39 -4.19 1.03
CA ARG B 430 -3.06 -3.76 1.41
C ARG B 430 -2.26 -3.12 0.28
N GLN B 431 -2.38 -3.65 -0.94
CA GLN B 431 -1.68 -3.16 -2.12
C GLN B 431 -2.30 -1.85 -2.65
N LEU B 432 -3.57 -1.55 -2.29
CA LEU B 432 -4.24 -0.32 -2.72
C LEU B 432 -3.92 0.89 -1.80
N ASN B 433 -2.97 0.70 -0.85
CA ASN B 433 -2.55 1.79 0.03
C ASN B 433 -1.57 2.68 -0.74
N VAL B 434 -1.05 2.19 -1.90
CA VAL B 434 -0.16 2.97 -2.78
C VAL B 434 -0.94 3.79 -3.83
N THR B 435 -2.26 3.58 -3.99
CA THR B 435 -3.02 4.35 -5.00
C THR B 435 -3.93 5.41 -4.32
N ARG B 436 -3.74 6.68 -4.77
CA ARG B 436 -4.41 7.90 -4.29
C ARG B 436 -5.93 7.70 -4.35
N SER B 437 -6.69 8.40 -3.49
CA SER B 437 -8.16 8.38 -3.39
C SER B 437 -8.87 7.02 -3.05
N VAL B 438 -8.14 5.91 -2.90
CA VAL B 438 -8.71 4.58 -2.70
C VAL B 438 -8.77 4.23 -1.19
N GLU B 439 -9.98 3.77 -0.80
CA GLU B 439 -10.35 3.27 0.50
C GLU B 439 -11.02 1.90 0.26
N SER B 440 -10.33 0.81 0.59
CA SER B 440 -10.78 -0.57 0.38
C SER B 440 -11.74 -1.09 1.45
N VAL B 441 -12.66 -1.98 1.06
CA VAL B 441 -13.63 -2.65 1.92
C VAL B 441 -13.59 -4.13 1.59
N TYR B 442 -13.17 -4.96 2.56
CA TYR B 442 -13.04 -6.41 2.43
C TYR B 442 -14.33 -7.16 2.69
N TYR B 443 -14.76 -7.91 1.67
CA TYR B 443 -15.94 -8.76 1.73
C TYR B 443 -15.45 -10.18 1.94
N ASP B 444 -15.78 -10.77 3.11
CA ASP B 444 -15.38 -12.14 3.41
C ASP B 444 -16.37 -13.13 2.75
N VAL B 445 -15.96 -13.81 1.64
CA VAL B 445 -16.84 -14.76 0.93
C VAL B 445 -17.20 -15.95 1.82
N ASP B 446 -16.14 -16.57 2.41
CA ASP B 446 -16.18 -17.75 3.30
C ASP B 446 -17.07 -17.55 4.52
N ALA B 447 -17.44 -16.28 4.82
CA ALA B 447 -18.29 -15.92 5.94
C ALA B 447 -19.71 -15.51 5.51
N HIS B 448 -19.83 -14.55 4.55
CA HIS B 448 -21.10 -13.98 4.11
C HIS B 448 -21.79 -14.69 2.95
N GLY B 449 -21.01 -15.33 2.08
CA GLY B 449 -21.54 -16.02 0.90
C GLY B 449 -20.73 -15.76 -0.36
N GLU B 450 -21.14 -16.34 -1.50
CA GLU B 450 -20.37 -16.17 -2.74
C GLU B 450 -20.64 -14.81 -3.44
N ASP B 451 -21.89 -14.29 -3.35
CA ASP B 451 -22.34 -13.01 -3.89
C ASP B 451 -22.18 -12.91 -5.41
N ASN B 452 -22.57 -14.00 -6.08
CA ASN B 452 -22.49 -14.14 -7.56
C ASN B 452 -23.38 -13.10 -8.25
N ASP B 453 -24.28 -12.45 -7.50
CA ASP B 453 -25.14 -11.41 -8.12
C ASP B 453 -24.52 -10.02 -7.86
N ARG B 454 -23.45 -9.99 -7.05
CA ARG B 454 -22.60 -8.82 -6.66
C ARG B 454 -23.32 -7.79 -5.79
N GLU B 455 -24.53 -8.07 -5.33
CA GLU B 455 -25.33 -7.08 -4.57
C GLU B 455 -24.83 -7.00 -3.13
N LYS B 456 -24.28 -8.09 -2.61
CA LYS B 456 -23.85 -8.03 -1.19
C LYS B 456 -22.63 -7.13 -1.11
N ARG B 457 -21.72 -7.23 -2.07
CA ARG B 457 -20.49 -6.41 -2.06
C ARG B 457 -20.82 -4.95 -2.34
N VAL B 458 -21.89 -4.69 -3.09
CA VAL B 458 -22.36 -3.33 -3.45
C VAL B 458 -22.99 -2.66 -2.23
N GLN B 459 -23.86 -3.39 -1.54
CA GLN B 459 -24.53 -2.91 -0.34
C GLN B 459 -23.50 -2.75 0.81
N LEU B 460 -22.44 -3.59 0.81
CA LEU B 460 -21.35 -3.51 1.79
C LEU B 460 -20.57 -2.20 1.57
N GLY B 461 -20.37 -1.81 0.32
CA GLY B 461 -19.65 -0.59 -0.08
C GLY B 461 -20.41 0.69 0.20
N VAL B 462 -21.73 0.70 -0.09
CA VAL B 462 -22.63 1.85 0.15
C VAL B 462 -22.75 2.08 1.68
N ASP B 463 -22.95 0.98 2.44
CA ASP B 463 -23.05 1.00 3.90
C ASP B 463 -21.76 1.49 4.54
N TRP B 464 -20.61 1.03 4.02
CA TRP B 464 -19.29 1.45 4.52
C TRP B 464 -19.07 2.95 4.24
N ALA B 465 -19.54 3.46 3.07
CA ALA B 465 -19.42 4.88 2.71
C ALA B 465 -20.38 5.74 3.51
N LYS B 466 -21.53 5.16 3.92
CA LYS B 466 -22.51 5.87 4.74
C LYS B 466 -21.93 6.10 6.14
N THR B 467 -21.51 4.98 6.82
CA THR B 467 -20.94 4.95 8.19
C THR B 467 -19.60 5.71 8.29
N LYS B 468 -18.73 5.60 7.27
CA LYS B 468 -17.48 6.37 7.30
C LYS B 468 -17.70 7.87 6.90
N GLY B 469 -18.97 8.26 6.77
CA GLY B 469 -19.42 9.62 6.49
C GLY B 469 -19.17 10.21 5.13
N TYR B 470 -18.74 9.39 4.15
CA TYR B 470 -18.46 9.87 2.78
C TYR B 470 -19.76 10.27 2.06
N VAL B 471 -20.81 9.42 2.17
CA VAL B 471 -22.13 9.63 1.57
C VAL B 471 -23.25 9.58 2.65
N SER B 472 -24.47 10.05 2.29
CA SER B 472 -25.67 10.08 3.14
C SER B 472 -26.94 9.95 2.23
N ALA B 473 -28.13 10.29 2.75
CA ALA B 473 -29.37 10.29 1.99
C ALA B 473 -29.33 11.46 0.97
N GLY B 474 -29.84 11.21 -0.24
CA GLY B 474 -29.89 12.21 -1.32
C GLY B 474 -28.66 12.31 -2.22
N ASP B 475 -27.50 11.89 -1.71
CA ASP B 475 -26.23 11.93 -2.43
C ASP B 475 -26.21 10.97 -3.59
N VAL B 476 -25.61 11.39 -4.71
CA VAL B 476 -25.43 10.53 -5.90
C VAL B 476 -24.03 9.88 -5.84
N MET B 477 -23.99 8.58 -6.14
CA MET B 477 -22.84 7.69 -6.05
C MET B 477 -22.71 6.94 -7.36
N VAL B 478 -21.47 6.84 -7.88
CA VAL B 478 -21.17 6.14 -9.15
C VAL B 478 -20.72 4.71 -8.79
N ILE B 479 -21.48 3.69 -9.19
CA ILE B 479 -21.25 2.27 -8.89
C ILE B 479 -20.76 1.43 -10.17
N VAL B 480 -19.45 1.07 -10.16
CA VAL B 480 -18.74 0.37 -11.24
C VAL B 480 -18.47 -1.08 -10.86
N HIS B 481 -18.87 -2.00 -11.75
CA HIS B 481 -18.68 -3.45 -11.60
C HIS B 481 -18.92 -4.18 -12.92
N ALA B 482 -19.06 -5.53 -12.90
CA ALA B 482 -19.31 -6.36 -14.10
C ALA B 482 -20.78 -6.82 -14.12
N ASP B 483 -21.40 -6.89 -15.33
CA ASP B 483 -22.82 -7.21 -15.58
C ASP B 483 -23.17 -8.73 -15.73
N HIS B 484 -24.49 -9.06 -15.91
CA HIS B 484 -25.10 -10.39 -16.08
C HIS B 484 -24.39 -11.52 -16.86
N SER B 485 -23.90 -11.24 -18.09
CA SER B 485 -23.21 -12.22 -18.94
C SER B 485 -21.71 -12.15 -18.66
N VAL B 486 -21.13 -10.92 -18.68
CA VAL B 486 -19.70 -10.60 -18.53
C VAL B 486 -19.05 -11.21 -17.28
N LYS B 487 -17.78 -11.60 -17.45
CA LYS B 487 -16.89 -12.16 -16.44
C LYS B 487 -15.44 -11.85 -16.85
N GLY B 488 -14.65 -11.29 -15.93
CA GLY B 488 -13.24 -10.99 -16.14
C GLY B 488 -12.78 -9.55 -16.06
N TYR B 489 -13.71 -8.58 -16.29
CA TYR B 489 -13.40 -7.14 -16.27
C TYR B 489 -14.68 -6.35 -15.99
N PRO B 490 -14.65 -5.16 -15.30
CA PRO B 490 -15.91 -4.38 -15.19
C PRO B 490 -16.33 -3.75 -16.53
N ASN B 491 -17.64 -3.73 -16.81
CA ASN B 491 -18.18 -3.22 -18.06
C ASN B 491 -19.45 -2.39 -17.84
N GLN B 492 -19.92 -2.31 -16.60
CA GLN B 492 -21.15 -1.65 -16.24
C GLN B 492 -20.96 -0.49 -15.25
N THR B 493 -21.66 0.63 -15.48
CA THR B 493 -21.62 1.82 -14.61
C THR B 493 -23.02 2.24 -14.21
N ARG B 494 -23.19 2.49 -12.90
CA ARG B 494 -24.46 2.95 -12.36
C ARG B 494 -24.36 4.27 -11.59
N LEU B 495 -25.40 5.07 -11.67
CA LEU B 495 -25.51 6.31 -10.92
C LEU B 495 -26.66 6.08 -9.96
N VAL B 496 -26.33 5.94 -8.66
CA VAL B 496 -27.28 5.62 -7.61
C VAL B 496 -27.37 6.75 -6.58
N ARG B 497 -28.62 7.19 -6.26
CA ARG B 497 -28.91 8.17 -5.23
C ARG B 497 -29.18 7.46 -3.91
N VAL B 498 -28.17 7.50 -2.99
CA VAL B 498 -28.14 6.81 -1.69
C VAL B 498 -29.45 7.01 -0.86
N ARG B 499 -30.10 5.86 -0.51
CA ARG B 499 -31.36 5.78 0.20
C ARG B 499 -31.20 5.50 1.70
N SER C 2 -7.49 23.78 -33.61
CA SER C 2 -8.20 24.86 -34.27
C SER C 2 -8.91 24.35 -35.50
N GLN C 3 -9.95 25.06 -35.95
CA GLN C 3 -10.72 24.72 -37.14
C GLN C 3 -9.80 24.72 -38.36
N LEU C 4 -8.86 25.68 -38.40
CA LEU C 4 -7.84 25.83 -39.44
C LEU C 4 -7.01 24.56 -39.54
N GLN C 5 -6.44 24.11 -38.39
CA GLN C 5 -5.63 22.90 -38.26
C GLN C 5 -6.40 21.64 -38.64
N HIS C 6 -7.74 21.68 -38.53
CA HIS C 6 -8.60 20.57 -38.89
C HIS C 6 -8.81 20.52 -40.39
N ASN C 7 -9.22 21.67 -40.94
CA ASN C 7 -9.51 21.85 -42.39
C ASN C 7 -8.27 21.44 -43.19
N ILE C 8 -7.10 21.94 -42.80
CA ILE C 8 -5.81 21.63 -43.46
C ILE C 8 -5.61 20.12 -43.64
N GLY C 9 -5.91 19.31 -42.62
CA GLY C 9 -5.71 17.86 -42.71
C GLY C 9 -6.92 17.08 -43.16
N LEU C 10 -7.89 17.72 -43.80
CA LEU C 10 -9.09 16.98 -44.27
C LEU C 10 -8.68 16.15 -45.49
N SER C 11 -9.22 14.94 -45.66
CA SER C 11 -8.86 14.14 -46.83
C SER C 11 -10.06 14.06 -47.74
N ILE C 12 -10.10 14.95 -48.76
CA ILE C 12 -11.16 15.09 -49.75
C ILE C 12 -11.65 13.74 -50.30
N PHE C 13 -10.72 12.86 -50.69
CA PHE C 13 -11.02 11.57 -51.31
C PHE C 13 -10.88 10.34 -50.38
N GLU C 14 -11.21 10.50 -49.10
CA GLU C 14 -11.25 9.41 -48.12
C GLU C 14 -12.66 8.76 -48.25
N PRO C 15 -12.90 7.49 -47.85
CA PRO C 15 -14.28 6.96 -47.98
C PRO C 15 -15.22 7.60 -46.95
N VAL C 16 -16.44 7.91 -47.36
CA VAL C 16 -17.46 8.54 -46.53
C VAL C 16 -18.02 7.61 -45.44
N ALA C 17 -18.84 8.19 -44.51
CA ALA C 17 -19.50 7.48 -43.42
C ALA C 17 -20.53 6.51 -44.01
N LYS C 18 -20.53 5.27 -43.47
CA LYS C 18 -21.41 4.20 -43.91
C LYS C 18 -22.86 4.38 -43.46
N HIS C 19 -23.11 5.18 -42.40
CA HIS C 19 -24.46 5.42 -41.85
C HIS C 19 -24.80 6.91 -41.68
N ARG C 20 -25.81 7.40 -42.40
CA ARG C 20 -26.29 8.79 -42.40
C ARG C 20 -26.93 9.15 -41.09
N ALA C 21 -26.46 10.26 -40.46
CA ALA C 21 -26.92 10.75 -39.18
C ALA C 21 -27.94 11.86 -39.32
N ASN C 22 -27.77 12.76 -40.31
CA ASN C 22 -28.71 13.87 -40.51
C ASN C 22 -30.02 13.39 -41.17
N ARG C 23 -31.11 14.11 -40.88
CA ARG C 23 -32.43 13.71 -41.34
C ARG C 23 -32.99 14.66 -42.36
N ILE C 24 -33.72 14.11 -43.35
CA ILE C 24 -34.36 14.86 -44.44
C ILE C 24 -35.89 14.94 -44.27
N ILE C 25 -36.44 16.16 -44.33
CA ILE C 25 -37.88 16.47 -44.24
C ILE C 25 -38.33 16.91 -45.63
N CYS C 26 -39.39 16.31 -46.16
CA CYS C 26 -39.89 16.64 -47.50
C CYS C 26 -41.32 17.11 -47.45
N THR C 27 -41.62 18.19 -48.15
CA THR C 27 -42.98 18.71 -48.28
C THR C 27 -43.64 17.84 -49.34
N ILE C 28 -44.92 17.52 -49.18
CA ILE C 28 -45.64 16.67 -50.14
C ILE C 28 -46.63 17.52 -50.95
N GLY C 29 -46.52 17.43 -52.27
CA GLY C 29 -47.37 18.17 -53.19
C GLY C 29 -47.83 17.33 -54.36
N PRO C 30 -48.25 17.99 -55.48
CA PRO C 30 -48.73 17.22 -56.65
C PRO C 30 -47.76 16.17 -57.21
N SER C 31 -46.45 16.48 -57.24
CA SER C 31 -45.39 15.60 -57.73
C SER C 31 -45.22 14.32 -56.89
N THR C 32 -45.46 14.40 -55.55
CA THR C 32 -45.18 13.28 -54.64
C THR C 32 -46.32 12.79 -53.74
N GLN C 33 -47.60 13.08 -54.04
CA GLN C 33 -48.70 12.60 -53.19
C GLN C 33 -48.99 11.07 -53.35
N SER C 34 -48.74 10.52 -54.54
CA SER C 34 -48.95 9.09 -54.84
C SER C 34 -48.08 8.18 -54.00
N VAL C 35 -48.63 7.00 -53.61
CA VAL C 35 -47.96 5.97 -52.81
C VAL C 35 -46.62 5.57 -53.43
N GLU C 36 -46.57 5.42 -54.78
CA GLU C 36 -45.36 5.07 -55.53
C GLU C 36 -44.27 6.16 -55.40
N ALA C 37 -44.68 7.46 -55.44
CA ALA C 37 -43.79 8.62 -55.33
C ALA C 37 -43.26 8.75 -53.92
N LEU C 38 -44.11 8.42 -52.92
CA LEU C 38 -43.74 8.48 -51.50
C LEU C 38 -42.79 7.34 -51.18
N LYS C 39 -43.02 6.15 -51.81
CA LYS C 39 -42.16 4.97 -51.67
C LYS C 39 -40.76 5.30 -52.20
N GLY C 40 -40.73 6.11 -53.26
CA GLY C 40 -39.50 6.58 -53.89
C GLY C 40 -38.77 7.54 -53.00
N LEU C 41 -39.51 8.50 -52.39
CA LEU C 41 -38.93 9.49 -51.48
C LEU C 41 -38.33 8.80 -50.28
N MET C 42 -39.05 7.84 -49.63
CA MET C 42 -38.55 7.09 -48.46
C MET C 42 -37.32 6.33 -48.82
N LYS C 43 -37.45 5.42 -49.78
CA LYS C 43 -36.30 4.63 -50.31
C LYS C 43 -35.17 5.60 -50.63
N SER C 44 -35.50 6.88 -50.76
CA SER C 44 -34.54 7.93 -51.12
C SER C 44 -33.96 8.51 -49.83
N GLY C 45 -34.79 8.59 -48.78
CA GLY C 45 -34.32 9.10 -47.49
C GLY C 45 -35.28 10.09 -46.87
N MET C 46 -36.57 9.97 -47.11
CA MET C 46 -37.50 10.93 -46.47
C MET C 46 -37.76 10.43 -45.05
N SER C 47 -37.38 11.22 -44.05
CA SER C 47 -37.59 10.91 -42.63
C SER C 47 -38.90 11.52 -42.11
N VAL C 48 -39.27 12.72 -42.59
CA VAL C 48 -40.51 13.38 -42.14
C VAL C 48 -41.32 13.89 -43.33
N ALA C 49 -42.55 13.38 -43.52
CA ALA C 49 -43.47 13.87 -44.55
C ALA C 49 -44.09 15.14 -43.97
N ARG C 50 -44.00 16.26 -44.73
CA ARG C 50 -44.51 17.56 -44.32
C ARG C 50 -45.72 17.97 -45.16
N MET C 51 -46.78 18.42 -44.48
CA MET C 51 -48.02 18.84 -45.09
C MET C 51 -48.13 20.36 -44.88
N ASN C 52 -48.03 21.16 -45.96
CA ASN C 52 -48.18 22.60 -45.79
C ASN C 52 -49.67 22.93 -45.80
N PHE C 53 -50.22 23.28 -44.61
CA PHE C 53 -51.62 23.60 -44.41
C PHE C 53 -52.01 25.01 -44.90
N SER C 54 -51.05 25.78 -45.46
CA SER C 54 -51.32 27.09 -46.06
C SER C 54 -52.20 26.88 -47.31
N HIS C 55 -52.09 25.69 -47.94
CA HIS C 55 -52.87 25.31 -49.12
C HIS C 55 -53.39 23.88 -48.97
N GLY C 56 -54.66 23.65 -49.32
CA GLY C 56 -55.26 22.31 -49.32
C GLY C 56 -56.37 22.04 -48.33
N SER C 57 -57.39 21.27 -48.77
CA SER C 57 -58.56 20.86 -47.98
C SER C 57 -58.17 19.71 -47.07
N TYR C 58 -59.00 19.38 -46.05
CA TYR C 58 -58.70 18.26 -45.15
C TYR C 58 -58.73 16.91 -45.87
N GLU C 59 -59.51 16.81 -46.97
CA GLU C 59 -59.62 15.61 -47.81
C GLU C 59 -58.28 15.37 -48.51
N TYR C 60 -57.67 16.45 -49.06
CA TYR C 60 -56.38 16.44 -49.74
C TYR C 60 -55.27 16.04 -48.75
N HIS C 61 -55.32 16.59 -47.52
CA HIS C 61 -54.37 16.31 -46.45
C HIS C 61 -54.59 14.95 -45.80
N GLN C 62 -55.81 14.38 -45.92
CA GLN C 62 -56.12 13.02 -45.45
C GLN C 62 -55.45 12.03 -46.40
N THR C 63 -55.47 12.33 -47.72
CA THR C 63 -54.84 11.53 -48.77
C THR C 63 -53.33 11.43 -48.50
N THR C 64 -52.66 12.58 -48.19
CA THR C 64 -51.23 12.57 -47.86
C THR C 64 -50.96 11.67 -46.64
N ILE C 65 -51.79 11.78 -45.58
CA ILE C 65 -51.66 10.97 -44.38
C ILE C 65 -51.73 9.48 -44.74
N ASN C 66 -52.87 9.04 -45.31
CA ASN C 66 -53.13 7.64 -45.67
C ASN C 66 -52.09 7.05 -46.62
N ASN C 67 -51.61 7.87 -47.58
CA ASN C 67 -50.59 7.44 -48.53
C ASN C 67 -49.23 7.31 -47.89
N VAL C 68 -48.87 8.20 -46.94
CA VAL C 68 -47.56 8.14 -46.25
C VAL C 68 -47.51 6.87 -45.42
N ARG C 69 -48.61 6.56 -44.73
CA ARG C 69 -48.73 5.38 -43.88
C ARG C 69 -48.64 4.11 -44.71
N ALA C 70 -49.29 4.09 -45.90
CA ALA C 70 -49.27 2.97 -46.85
C ALA C 70 -47.83 2.75 -47.39
N ALA C 71 -47.14 3.83 -47.77
CA ALA C 71 -45.80 3.78 -48.33
C ALA C 71 -44.76 3.28 -47.35
N ALA C 72 -44.72 3.86 -46.12
CA ALA C 72 -43.80 3.47 -45.04
C ALA C 72 -44.11 2.05 -44.59
N ALA C 73 -45.38 1.60 -44.76
CA ALA C 73 -45.74 0.23 -44.43
C ALA C 73 -45.07 -0.74 -45.41
N GLU C 74 -44.97 -0.35 -46.71
CA GLU C 74 -44.35 -1.16 -47.77
C GLU C 74 -42.89 -1.47 -47.50
N LEU C 75 -42.15 -0.47 -47.05
CA LEU C 75 -40.73 -0.56 -46.78
C LEU C 75 -40.44 -0.92 -45.32
N GLY C 76 -41.51 -1.08 -44.54
CA GLY C 76 -41.41 -1.41 -43.12
C GLY C 76 -40.73 -0.32 -42.30
N LEU C 77 -41.02 0.94 -42.61
CA LEU C 77 -40.47 2.10 -41.91
C LEU C 77 -41.54 2.81 -41.05
N HIS C 78 -41.06 3.64 -40.08
CA HIS C 78 -41.88 4.48 -39.21
C HIS C 78 -41.53 5.95 -39.57
N ILE C 79 -42.28 6.51 -40.53
CA ILE C 79 -42.09 7.85 -41.07
C ILE C 79 -43.01 8.81 -40.36
N GLY C 80 -42.44 9.87 -39.79
CA GLY C 80 -43.21 10.90 -39.10
C GLY C 80 -43.95 11.80 -40.07
N ILE C 81 -45.15 12.28 -39.67
CA ILE C 81 -45.98 13.21 -40.46
C ILE C 81 -46.02 14.51 -39.68
N ALA C 82 -45.65 15.62 -40.35
CA ALA C 82 -45.61 16.96 -39.77
C ALA C 82 -46.69 17.85 -40.34
N LEU C 83 -47.48 18.48 -39.47
CA LEU C 83 -48.55 19.39 -39.88
C LEU C 83 -47.99 20.83 -39.80
N ASP C 84 -47.75 21.45 -40.95
CA ASP C 84 -47.22 22.81 -40.99
C ASP C 84 -48.37 23.77 -41.13
N THR C 85 -48.70 24.44 -40.01
CA THR C 85 -49.78 25.41 -39.86
C THR C 85 -49.70 26.55 -40.87
N LYS C 86 -50.87 27.15 -41.23
CA LYS C 86 -50.92 28.33 -42.09
C LYS C 86 -50.37 29.49 -41.24
N GLY C 87 -50.95 29.65 -40.04
CA GLY C 87 -50.53 30.61 -39.04
C GLY C 87 -51.10 31.99 -39.19
N PRO C 88 -50.43 32.97 -38.51
CA PRO C 88 -50.89 34.37 -38.53
C PRO C 88 -50.79 35.07 -39.88
N GLU C 89 -49.56 35.34 -40.39
CA GLU C 89 -49.34 36.06 -41.63
C GLU C 89 -50.02 35.41 -42.88
N ILE C 90 -50.51 36.32 -43.73
CA ILE C 90 -51.40 36.22 -44.88
C ILE C 90 -50.74 36.11 -46.28
N ARG C 91 -51.63 35.85 -47.31
CA ARG C 91 -51.39 35.72 -48.77
C ARG C 91 -52.41 36.59 -49.54
N THR C 92 -52.08 37.00 -50.79
CA THR C 92 -52.92 37.82 -51.68
C THR C 92 -54.15 37.05 -52.24
N GLY C 93 -54.98 37.73 -53.06
CA GLY C 93 -56.16 37.13 -53.69
C GLY C 93 -55.79 36.43 -54.97
N LEU C 94 -56.80 36.14 -55.79
CA LEU C 94 -56.67 35.50 -57.09
C LEU C 94 -56.63 36.60 -58.14
N PHE C 95 -56.17 36.27 -59.35
CA PHE C 95 -56.07 37.25 -60.43
C PHE C 95 -56.87 36.88 -61.66
N LYS C 96 -57.45 37.92 -62.32
CA LYS C 96 -58.22 37.77 -63.55
C LYS C 96 -57.23 37.28 -64.60
N ASP C 97 -57.48 36.06 -65.13
CA ASP C 97 -56.66 35.33 -66.11
C ASP C 97 -55.39 34.71 -65.45
N GLY C 98 -55.40 34.60 -64.11
CA GLY C 98 -54.34 33.96 -63.32
C GLY C 98 -53.07 34.75 -63.05
N GLU C 99 -52.82 35.83 -63.82
CA GLU C 99 -51.61 36.65 -63.70
C GLU C 99 -51.88 38.17 -63.77
N ALA C 100 -50.88 38.99 -63.39
CA ALA C 100 -50.92 40.45 -63.40
C ALA C 100 -49.50 41.02 -63.37
N THR C 101 -49.11 41.79 -64.40
CA THR C 101 -47.78 42.38 -64.46
C THR C 101 -47.79 43.82 -63.90
N TYR C 102 -46.75 44.16 -63.14
CA TYR C 102 -46.55 45.46 -62.50
C TYR C 102 -45.24 46.09 -62.94
N ALA C 103 -45.29 47.37 -63.34
CA ALA C 103 -44.14 48.16 -63.78
C ALA C 103 -43.79 49.26 -62.75
N PRO C 104 -42.49 49.61 -62.57
CA PRO C 104 -42.16 50.67 -61.59
C PRO C 104 -42.73 52.04 -61.96
N GLY C 105 -42.91 52.89 -60.95
CA GLY C 105 -43.47 54.23 -61.13
C GLY C 105 -44.97 54.26 -61.22
N ASP C 106 -45.61 53.09 -61.48
CA ASP C 106 -47.06 52.92 -61.59
C ASP C 106 -47.73 53.00 -60.22
N THR C 107 -49.04 52.74 -60.19
CA THR C 107 -49.84 52.78 -58.99
C THR C 107 -50.79 51.59 -58.97
N VAL C 108 -50.93 50.94 -57.80
CA VAL C 108 -51.84 49.81 -57.62
C VAL C 108 -52.64 50.00 -56.34
N LEU C 109 -53.94 49.83 -56.45
CA LEU C 109 -54.84 49.92 -55.32
C LEU C 109 -54.84 48.52 -54.67
N VAL C 110 -54.58 48.47 -53.38
CA VAL C 110 -54.56 47.21 -52.62
C VAL C 110 -55.83 47.19 -51.72
N THR C 111 -56.85 46.45 -52.17
CA THR C 111 -58.13 46.35 -51.48
C THR C 111 -58.23 45.13 -50.54
N THR C 112 -59.15 45.20 -49.56
CA THR C 112 -59.44 44.09 -48.64
C THR C 112 -60.91 43.73 -48.84
N ASP C 113 -61.45 44.12 -50.03
CA ASP C 113 -62.82 43.91 -50.44
C ASP C 113 -62.98 42.55 -51.10
N PRO C 114 -63.85 41.66 -50.53
CA PRO C 114 -64.02 40.31 -51.09
C PRO C 114 -64.57 40.24 -52.53
N ALA C 115 -65.02 41.36 -53.08
CA ALA C 115 -65.53 41.41 -54.45
C ALA C 115 -64.39 41.25 -55.47
N PHE C 116 -63.21 41.71 -55.08
CA PHE C 116 -62.00 41.68 -55.90
C PHE C 116 -61.11 40.49 -55.52
N GLU C 117 -61.65 39.57 -54.68
CA GLU C 117 -60.97 38.37 -54.18
C GLU C 117 -60.49 37.46 -55.31
N LYS C 118 -61.33 37.36 -56.38
CA LYS C 118 -61.11 36.55 -57.57
C LYS C 118 -60.92 37.36 -58.89
N ILE C 119 -61.13 38.70 -58.86
CA ILE C 119 -60.97 39.56 -60.06
C ILE C 119 -59.84 40.62 -59.83
N GLY C 120 -58.65 40.13 -59.52
CA GLY C 120 -57.50 40.98 -59.26
C GLY C 120 -56.77 41.37 -60.53
N THR C 121 -56.71 42.67 -60.82
CA THR C 121 -56.03 43.21 -62.01
C THR C 121 -54.73 43.98 -61.64
N LYS C 122 -54.02 44.53 -62.66
CA LYS C 122 -52.81 45.31 -62.47
C LYS C 122 -53.08 46.69 -61.82
N GLU C 123 -54.37 47.12 -61.85
CA GLU C 123 -54.87 48.39 -61.33
C GLU C 123 -55.39 48.30 -59.88
N LYS C 124 -55.96 47.12 -59.48
CA LYS C 124 -56.50 46.86 -58.13
C LYS C 124 -56.59 45.36 -57.83
N PHE C 125 -56.13 44.92 -56.64
CA PHE C 125 -56.21 43.53 -56.22
C PHE C 125 -56.49 43.37 -54.69
N TYR C 126 -57.00 42.19 -54.29
CA TYR C 126 -57.38 41.83 -52.93
C TYR C 126 -56.21 41.24 -52.13
N VAL C 127 -56.26 41.41 -50.78
CA VAL C 127 -55.33 40.86 -49.79
C VAL C 127 -56.10 40.31 -48.59
N ASP C 128 -55.67 39.17 -48.05
CA ASP C 128 -56.34 38.44 -46.98
C ASP C 128 -56.60 39.26 -45.71
N TYR C 129 -55.58 40.02 -45.21
CA TYR C 129 -55.64 40.87 -44.00
C TYR C 129 -56.72 41.97 -44.11
N PRO C 130 -57.85 41.87 -43.37
CA PRO C 130 -58.89 42.91 -43.44
C PRO C 130 -58.54 44.21 -42.71
N GLN C 131 -57.61 44.14 -41.72
CA GLN C 131 -57.15 45.27 -40.90
C GLN C 131 -55.95 46.02 -41.53
N LEU C 132 -55.52 45.58 -42.73
CA LEU C 132 -54.38 46.12 -43.49
C LEU C 132 -54.39 47.64 -43.74
N PRO C 133 -55.50 48.29 -44.17
CA PRO C 133 -55.43 49.75 -44.44
C PRO C 133 -55.19 50.61 -43.21
N ASN C 134 -55.54 50.09 -42.02
CA ASN C 134 -55.37 50.83 -40.79
C ASN C 134 -54.03 50.52 -40.11
N VAL C 135 -53.41 49.36 -40.47
CA VAL C 135 -52.10 48.93 -39.95
C VAL C 135 -50.98 49.56 -40.78
N VAL C 136 -51.07 49.47 -42.13
CA VAL C 136 -50.07 50.04 -43.04
C VAL C 136 -50.37 51.54 -43.20
N ARG C 137 -49.40 52.36 -42.77
CA ARG C 137 -49.53 53.81 -42.86
C ARG C 137 -48.64 54.35 -44.01
N PRO C 138 -48.99 55.52 -44.65
CA PRO C 138 -48.19 56.03 -45.78
C PRO C 138 -46.67 56.07 -45.59
N GLY C 139 -45.97 55.69 -46.65
CA GLY C 139 -44.51 55.58 -46.67
C GLY C 139 -44.01 54.19 -46.32
N GLY C 140 -44.92 53.40 -45.73
CA GLY C 140 -44.68 52.01 -45.34
C GLY C 140 -44.72 51.14 -46.58
N LEU C 141 -43.87 50.09 -46.60
CA LEU C 141 -43.76 49.16 -47.73
C LEU C 141 -44.50 47.86 -47.51
N ILE C 142 -45.16 47.38 -48.57
CA ILE C 142 -45.85 46.09 -48.63
C ILE C 142 -44.95 45.22 -49.47
N TYR C 143 -44.62 44.00 -48.97
CA TYR C 143 -43.71 43.03 -49.61
C TYR C 143 -44.45 41.82 -50.20
N VAL C 144 -44.60 41.76 -51.55
CA VAL C 144 -45.32 40.68 -52.25
C VAL C 144 -44.41 39.69 -52.99
N ASP C 145 -44.75 38.37 -52.91
CA ASP C 145 -44.10 37.21 -53.55
C ASP C 145 -42.63 36.83 -53.29
N ASP C 146 -42.26 36.46 -52.01
CA ASP C 146 -40.87 36.10 -51.59
C ASP C 146 -40.21 37.49 -51.43
N GLY C 147 -41.00 38.46 -50.97
CA GLY C 147 -40.56 39.82 -50.74
C GLY C 147 -39.87 40.40 -51.95
N VAL C 148 -40.37 40.07 -53.18
CA VAL C 148 -39.79 40.51 -54.46
C VAL C 148 -40.39 41.83 -54.85
N LEU C 149 -41.73 41.86 -54.99
CA LEU C 149 -42.46 43.06 -55.35
C LEU C 149 -42.63 43.95 -54.11
N THR C 150 -42.19 45.21 -54.24
CA THR C 150 -42.27 46.21 -53.18
C THR C 150 -43.31 47.27 -53.59
N LEU C 151 -44.18 47.64 -52.64
CA LEU C 151 -45.20 48.68 -52.86
C LEU C 151 -45.12 49.70 -51.73
N ARG C 152 -44.80 50.96 -52.04
CA ARG C 152 -44.71 52.07 -51.11
C ARG C 152 -46.10 52.70 -50.99
N VAL C 153 -46.67 52.70 -49.78
CA VAL C 153 -48.02 53.22 -49.55
C VAL C 153 -48.08 54.73 -49.75
N LEU C 154 -48.87 55.18 -50.74
CA LEU C 154 -49.06 56.60 -51.01
C LEU C 154 -50.10 57.16 -50.07
N SER C 155 -51.34 56.63 -50.11
CA SER C 155 -52.41 57.07 -49.22
C SER C 155 -53.52 56.05 -48.97
N LYS C 156 -54.32 56.33 -47.91
CA LYS C 156 -55.50 55.61 -47.46
C LYS C 156 -56.75 56.13 -48.18
N GLU C 157 -57.19 55.38 -49.20
CA GLU C 157 -58.32 55.73 -50.05
C GLU C 157 -59.66 55.65 -49.32
N ASP C 158 -59.89 54.56 -48.56
CA ASP C 158 -61.12 54.38 -47.79
C ASP C 158 -61.01 53.33 -46.71
N ASP C 159 -62.18 53.03 -46.08
CA ASP C 159 -62.43 52.07 -45.01
C ASP C 159 -61.67 50.72 -45.18
N CYS C 160 -61.38 50.30 -46.43
CA CYS C 160 -60.64 49.05 -46.68
C CYS C 160 -59.81 49.02 -48.04
N THR C 161 -59.23 50.19 -48.46
CA THR C 161 -58.37 50.32 -49.67
C THR C 161 -57.11 51.22 -49.43
N LEU C 162 -55.96 50.91 -50.12
CA LEU C 162 -54.69 51.67 -50.08
C LEU C 162 -54.14 51.92 -51.49
N LYS C 163 -53.71 53.15 -51.80
CA LYS C 163 -53.09 53.39 -53.12
C LYS C 163 -51.58 53.26 -52.94
N CYS C 164 -50.95 52.39 -53.72
CA CYS C 164 -49.51 52.16 -53.59
C CYS C 164 -48.72 52.41 -54.86
N HIS C 165 -47.53 53.02 -54.71
CA HIS C 165 -46.61 53.30 -55.80
C HIS C 165 -45.68 52.09 -55.97
N VAL C 166 -45.71 51.47 -57.18
CA VAL C 166 -44.92 50.30 -57.55
C VAL C 166 -43.43 50.70 -57.67
N ASN C 167 -42.54 50.04 -56.91
CA ASN C 167 -41.09 50.33 -56.92
C ASN C 167 -40.30 49.54 -57.98
N ASN C 168 -40.67 48.26 -58.23
CA ASN C 168 -39.97 47.38 -59.16
C ASN C 168 -40.89 46.58 -60.11
N HIS C 169 -40.33 46.15 -61.27
CA HIS C 169 -41.06 45.38 -62.28
C HIS C 169 -41.17 43.90 -61.87
N HIS C 170 -42.43 43.39 -61.77
CA HIS C 170 -42.76 42.01 -61.35
C HIS C 170 -44.16 41.59 -61.82
N ARG C 171 -44.33 40.28 -62.11
CA ARG C 171 -45.60 39.68 -62.54
C ARG C 171 -45.93 38.52 -61.61
N LEU C 172 -46.87 38.71 -60.67
CA LEU C 172 -47.20 37.58 -59.80
C LEU C 172 -48.59 37.03 -60.12
N THR C 173 -48.80 35.79 -59.64
CA THR C 173 -49.96 34.93 -59.83
C THR C 173 -50.76 34.73 -58.54
N ASP C 174 -51.87 34.02 -58.68
CA ASP C 174 -52.83 33.66 -57.64
C ASP C 174 -52.25 33.19 -56.28
N ARG C 175 -52.78 33.76 -55.18
CA ARG C 175 -52.52 33.49 -53.75
C ARG C 175 -51.01 33.40 -53.37
N LYS C 176 -50.27 34.51 -53.49
CA LYS C 176 -48.84 34.60 -53.13
C LYS C 176 -48.66 35.62 -52.02
N GLY C 177 -48.01 35.20 -50.96
CA GLY C 177 -47.76 35.96 -49.74
C GLY C 177 -47.22 37.38 -49.81
N ILE C 178 -47.79 38.23 -48.93
CA ILE C 178 -47.46 39.63 -48.63
C ILE C 178 -46.88 39.54 -47.22
N ASN C 179 -45.80 40.29 -46.91
CA ASN C 179 -45.16 40.20 -45.59
C ASN C 179 -45.30 41.42 -44.67
N LEU C 180 -45.28 42.65 -45.25
CA LEU C 180 -45.33 43.97 -44.58
C LEU C 180 -44.45 44.06 -43.26
N PRO C 181 -43.13 43.73 -43.29
CA PRO C 181 -42.31 43.81 -42.06
C PRO C 181 -42.19 45.21 -41.48
N GLY C 182 -42.37 45.31 -40.16
CA GLY C 182 -42.31 46.57 -39.39
C GLY C 182 -43.62 47.15 -38.89
N CYS C 183 -44.70 46.36 -38.97
CA CYS C 183 -46.04 46.79 -38.57
C CYS C 183 -46.61 46.05 -37.39
N GLU C 184 -47.40 46.77 -36.56
CA GLU C 184 -48.07 46.22 -35.38
C GLU C 184 -49.31 45.42 -35.86
N VAL C 185 -49.03 44.21 -36.41
CA VAL C 185 -49.99 43.25 -36.95
C VAL C 185 -50.64 42.43 -35.80
N ASP C 186 -51.97 42.57 -35.70
CA ASP C 186 -52.85 41.98 -34.67
C ASP C 186 -53.38 40.55 -34.99
N LEU C 187 -52.65 39.79 -35.85
CA LEU C 187 -53.00 38.42 -36.25
C LEU C 187 -52.61 37.35 -35.19
N PRO C 188 -53.58 36.51 -34.74
CA PRO C 188 -53.29 35.50 -33.71
C PRO C 188 -52.45 34.29 -34.16
N ALA C 189 -51.79 33.62 -33.19
CA ALA C 189 -50.98 32.42 -33.39
C ALA C 189 -51.87 31.26 -33.83
N VAL C 190 -52.97 31.04 -33.09
CA VAL C 190 -53.93 29.98 -33.40
C VAL C 190 -55.30 30.60 -33.75
N SER C 191 -55.47 30.95 -35.04
CA SER C 191 -56.72 31.50 -35.57
C SER C 191 -57.81 30.38 -35.57
N GLU C 192 -59.10 30.74 -35.73
CA GLU C 192 -60.18 29.75 -35.75
C GLU C 192 -59.96 28.64 -36.79
N LYS C 193 -59.30 28.95 -37.91
CA LYS C 193 -58.94 27.97 -38.93
C LYS C 193 -57.82 27.06 -38.38
N ASP C 194 -56.78 27.63 -37.73
CA ASP C 194 -55.65 26.87 -37.15
C ASP C 194 -56.07 25.96 -35.98
N ARG C 195 -57.21 26.25 -35.29
CA ARG C 195 -57.74 25.37 -34.23
C ARG C 195 -58.40 24.15 -34.91
N LYS C 196 -59.17 24.38 -35.99
CA LYS C 196 -59.77 23.28 -36.73
C LYS C 196 -58.68 22.41 -37.42
N ASP C 197 -57.59 23.05 -37.90
CA ASP C 197 -56.46 22.41 -38.56
C ASP C 197 -55.70 21.52 -37.58
N LEU C 198 -55.38 22.05 -36.37
CA LEU C 198 -54.66 21.32 -35.31
C LEU C 198 -55.50 20.19 -34.71
N GLN C 199 -56.82 20.42 -34.53
CA GLN C 199 -57.76 19.42 -34.05
C GLN C 199 -57.88 18.27 -35.06
N PHE C 200 -57.73 18.57 -36.37
CA PHE C 200 -57.75 17.57 -37.42
C PHE C 200 -56.49 16.70 -37.27
N GLY C 201 -55.34 17.34 -37.12
CA GLY C 201 -54.05 16.68 -36.97
C GLY C 201 -54.04 15.68 -35.84
N VAL C 202 -54.48 16.12 -34.64
CA VAL C 202 -54.58 15.33 -33.42
C VAL C 202 -55.48 14.13 -33.62
N GLU C 203 -56.68 14.36 -34.22
CA GLU C 203 -57.66 13.32 -34.53
C GLU C 203 -57.09 12.32 -35.54
N GLN C 204 -56.18 12.78 -36.43
CA GLN C 204 -55.52 11.92 -37.43
C GLN C 204 -54.30 11.17 -36.90
N GLY C 205 -53.61 11.75 -35.94
CA GLY C 205 -52.43 11.14 -35.36
C GLY C 205 -51.10 11.75 -35.76
N VAL C 206 -51.14 12.94 -36.42
CA VAL C 206 -49.90 13.62 -36.77
C VAL C 206 -48.88 13.60 -35.65
N ASP C 207 -47.62 13.34 -36.00
CA ASP C 207 -46.55 13.18 -35.03
C ASP C 207 -46.01 14.48 -34.45
N MET C 208 -45.91 15.53 -35.28
CA MET C 208 -45.38 16.83 -34.85
C MET C 208 -46.09 17.98 -35.57
N ILE C 209 -45.97 19.18 -35.01
CA ILE C 209 -46.56 20.39 -35.54
C ILE C 209 -45.42 21.34 -35.86
N PHE C 210 -45.54 22.02 -36.98
CA PHE C 210 -44.59 23.04 -37.39
C PHE C 210 -45.36 24.36 -37.33
N ALA C 211 -45.40 24.95 -36.12
CA ALA C 211 -46.14 26.19 -35.82
C ALA C 211 -45.54 27.41 -36.54
N SER C 212 -46.34 28.02 -37.43
CA SER C 212 -45.94 29.17 -38.24
C SER C 212 -46.00 30.48 -37.50
N PHE C 213 -45.02 31.37 -37.77
CA PHE C 213 -44.85 32.71 -37.22
C PHE C 213 -44.96 32.76 -35.71
N ILE C 214 -44.03 32.05 -35.05
CA ILE C 214 -43.96 32.04 -33.60
C ILE C 214 -43.07 33.23 -33.24
N ARG C 215 -43.59 34.10 -32.36
CA ARG C 215 -42.89 35.32 -31.94
C ARG C 215 -42.64 35.21 -30.48
N THR C 216 -43.59 34.66 -29.71
CA THR C 216 -43.47 34.59 -28.26
C THR C 216 -43.64 33.19 -27.71
N ALA C 217 -43.18 32.98 -26.46
CA ALA C 217 -43.30 31.72 -25.74
C ALA C 217 -44.76 31.44 -25.36
N ASP C 218 -45.58 32.52 -25.25
CA ASP C 218 -47.01 32.45 -24.94
C ASP C 218 -47.76 31.88 -26.12
N GLN C 219 -47.29 32.17 -27.35
CA GLN C 219 -47.88 31.66 -28.58
C GLN C 219 -47.74 30.15 -28.66
N VAL C 220 -46.59 29.61 -28.19
CA VAL C 220 -46.28 28.16 -28.17
C VAL C 220 -47.25 27.45 -27.24
N ARG C 221 -47.54 28.05 -26.07
CA ARG C 221 -48.48 27.51 -25.09
C ARG C 221 -49.90 27.59 -25.63
N GLU C 222 -50.21 28.58 -26.52
CA GLU C 222 -51.51 28.76 -27.19
C GLU C 222 -51.71 27.56 -28.11
N VAL C 223 -50.64 27.15 -28.83
CA VAL C 223 -50.65 26.00 -29.74
C VAL C 223 -50.76 24.72 -28.90
N ARG C 224 -50.01 24.64 -27.78
CA ARG C 224 -50.01 23.48 -26.88
C ARG C 224 -51.38 23.22 -26.26
N ALA C 225 -52.16 24.30 -26.06
CA ALA C 225 -53.50 24.26 -25.51
C ALA C 225 -54.50 23.92 -26.61
N ALA C 226 -54.20 24.29 -27.88
CA ALA C 226 -55.05 23.99 -29.05
C ALA C 226 -55.15 22.48 -29.30
N LEU C 227 -54.09 21.72 -28.95
CA LEU C 227 -54.07 20.24 -29.00
C LEU C 227 -54.46 19.84 -27.58
N GLY C 228 -55.57 19.12 -27.44
CA GLY C 228 -56.05 18.75 -26.12
C GLY C 228 -55.34 17.52 -25.62
N GLU C 229 -56.02 16.87 -24.68
CA GLU C 229 -55.60 15.67 -23.98
C GLU C 229 -55.23 14.48 -24.89
N LYS C 230 -55.71 14.54 -26.16
CA LYS C 230 -55.44 13.57 -27.21
C LYS C 230 -54.14 13.94 -27.95
N GLY C 231 -53.76 15.23 -27.88
CA GLY C 231 -52.56 15.75 -28.54
C GLY C 231 -51.49 16.28 -27.59
N LYS C 232 -51.50 15.81 -26.32
CA LYS C 232 -50.55 16.20 -25.26
C LYS C 232 -49.08 15.72 -25.49
N ASP C 233 -48.86 14.64 -26.31
CA ASP C 233 -47.54 14.06 -26.63
C ASP C 233 -47.00 14.49 -27.98
N THR C 234 -47.84 15.09 -28.87
CA THR C 234 -47.40 15.57 -30.19
C THR C 234 -46.43 16.75 -30.05
N LEU C 235 -45.29 16.70 -30.77
CA LEU C 235 -44.22 17.70 -30.71
C LEU C 235 -44.60 19.02 -31.32
N ILE C 236 -44.02 20.12 -30.78
CA ILE C 236 -44.24 21.48 -31.25
C ILE C 236 -42.91 22.08 -31.67
N ILE C 237 -42.71 22.12 -33.00
CA ILE C 237 -41.53 22.69 -33.63
C ILE C 237 -41.92 24.11 -34.08
N SER C 238 -41.41 25.12 -33.37
CA SER C 238 -41.74 26.50 -33.66
C SER C 238 -40.91 27.05 -34.81
N LYS C 239 -41.60 27.72 -35.76
CA LYS C 239 -40.97 28.31 -36.94
C LYS C 239 -40.59 29.75 -36.68
N ILE C 240 -39.29 30.05 -36.73
CA ILE C 240 -38.80 31.41 -36.55
C ILE C 240 -38.67 32.02 -37.96
N GLU C 241 -39.52 33.01 -38.24
CA GLU C 241 -39.55 33.66 -39.55
C GLU C 241 -39.84 35.17 -39.47
N ASN C 242 -39.64 35.78 -38.29
CA ASN C 242 -39.82 37.21 -38.04
C ASN C 242 -38.73 37.75 -37.09
N HIS C 243 -38.62 39.08 -36.99
CA HIS C 243 -37.67 39.77 -36.11
C HIS C 243 -37.93 39.42 -34.62
N GLN C 244 -39.22 39.40 -34.17
CA GLN C 244 -39.63 39.09 -32.79
C GLN C 244 -39.21 37.70 -32.36
N GLY C 245 -39.46 36.70 -33.21
CA GLY C 245 -39.10 35.31 -32.97
C GLY C 245 -37.62 35.09 -32.76
N VAL C 246 -36.76 35.83 -33.48
CA VAL C 246 -35.30 35.79 -33.38
C VAL C 246 -34.89 36.45 -32.06
N GLN C 247 -35.52 37.60 -31.74
CA GLN C 247 -35.30 38.39 -30.53
C GLN C 247 -35.68 37.60 -29.25
N ASN C 248 -36.77 36.80 -29.31
CA ASN C 248 -37.30 35.99 -28.21
C ASN C 248 -36.97 34.50 -28.37
N ILE C 249 -35.88 34.18 -29.08
CA ILE C 249 -35.49 32.79 -29.39
C ILE C 249 -35.36 31.89 -28.14
N ASP C 250 -34.71 32.38 -27.06
CA ASP C 250 -34.50 31.63 -25.80
C ASP C 250 -35.78 31.16 -25.14
N ALA C 251 -36.80 32.05 -25.05
CA ALA C 251 -38.10 31.77 -24.45
C ALA C 251 -38.87 30.75 -25.27
N ILE C 252 -38.86 30.91 -26.59
CA ILE C 252 -39.53 29.99 -27.52
C ILE C 252 -38.85 28.60 -27.42
N ILE C 253 -37.49 28.55 -27.41
CA ILE C 253 -36.74 27.29 -27.29
C ILE C 253 -37.23 26.46 -26.08
N GLU C 254 -37.31 27.09 -24.90
CA GLU C 254 -37.76 26.45 -23.65
C GLU C 254 -39.18 25.91 -23.81
N ALA C 255 -40.08 26.72 -24.42
CA ALA C 255 -41.49 26.40 -24.62
C ALA C 255 -41.74 25.30 -25.67
N SER C 256 -40.87 25.24 -26.70
CA SER C 256 -40.98 24.29 -27.80
C SER C 256 -40.27 22.96 -27.56
N ASP C 257 -40.49 22.01 -28.48
CA ASP C 257 -39.90 20.69 -28.43
C ASP C 257 -38.71 20.67 -29.39
N GLY C 258 -38.66 21.68 -30.27
CA GLY C 258 -37.68 21.88 -31.31
C GLY C 258 -37.98 23.16 -32.06
N ILE C 259 -37.07 23.57 -32.96
CA ILE C 259 -37.17 24.83 -33.72
C ILE C 259 -36.92 24.65 -35.21
N MET C 260 -37.63 25.43 -36.05
CA MET C 260 -37.40 25.44 -37.49
C MET C 260 -36.92 26.83 -37.91
N VAL C 261 -35.77 26.88 -38.61
CA VAL C 261 -35.25 28.12 -39.13
C VAL C 261 -35.95 28.30 -40.50
N ALA C 262 -37.20 28.79 -40.48
CA ALA C 262 -38.00 29.01 -41.68
C ALA C 262 -37.41 30.24 -42.37
N ARG C 263 -36.43 30.00 -43.24
CA ARG C 263 -35.66 31.03 -43.93
C ARG C 263 -36.43 31.80 -45.03
N GLY C 264 -37.56 31.26 -45.47
CA GLY C 264 -38.41 31.89 -46.49
C GLY C 264 -38.89 33.25 -46.05
N ASP C 265 -39.77 33.29 -45.04
CA ASP C 265 -40.32 34.54 -44.51
C ASP C 265 -39.30 35.31 -43.67
N LEU C 266 -38.30 34.62 -43.10
CA LEU C 266 -37.26 35.29 -42.30
C LEU C 266 -36.41 36.20 -43.16
N GLY C 267 -36.05 35.74 -44.36
CA GLY C 267 -35.27 36.49 -45.34
C GLY C 267 -35.94 37.75 -45.87
N VAL C 268 -37.24 37.91 -45.62
CA VAL C 268 -38.04 39.07 -46.06
C VAL C 268 -38.33 39.98 -44.86
N GLU C 269 -38.63 39.37 -43.69
CA GLU C 269 -38.91 40.09 -42.44
C GLU C 269 -37.64 40.78 -41.90
N ILE C 270 -36.44 40.16 -42.12
CA ILE C 270 -35.11 40.67 -41.74
C ILE C 270 -34.22 40.75 -43.01
N PRO C 271 -33.13 41.56 -43.08
CA PRO C 271 -32.29 41.58 -44.31
C PRO C 271 -31.74 40.20 -44.66
N ALA C 272 -31.68 39.88 -45.96
CA ALA C 272 -31.22 38.59 -46.48
C ALA C 272 -29.89 38.12 -45.91
N GLU C 273 -28.91 39.04 -45.77
CA GLU C 273 -27.58 38.74 -45.25
C GLU C 273 -27.59 38.33 -43.78
N LYS C 274 -28.55 38.87 -43.00
CA LYS C 274 -28.69 38.59 -41.56
C LYS C 274 -29.17 37.17 -41.26
N VAL C 275 -29.80 36.49 -42.24
CA VAL C 275 -30.34 35.13 -42.08
C VAL C 275 -29.22 34.13 -41.74
N VAL C 276 -28.01 34.27 -42.35
CA VAL C 276 -26.85 33.38 -42.07
C VAL C 276 -26.51 33.42 -40.57
N VAL C 277 -26.29 34.62 -40.03
CA VAL C 277 -25.99 34.89 -38.62
C VAL C 277 -27.14 34.37 -37.71
N ALA C 278 -28.39 34.62 -38.10
CA ALA C 278 -29.59 34.15 -37.42
C ALA C 278 -29.67 32.62 -37.35
N GLN C 279 -29.33 31.94 -38.46
CA GLN C 279 -29.32 30.48 -38.58
C GLN C 279 -28.27 29.86 -37.64
N MET C 280 -27.02 30.36 -37.69
CA MET C 280 -25.90 29.89 -36.87
C MET C 280 -26.27 29.98 -35.40
N CYS C 281 -26.74 31.16 -34.99
CA CYS C 281 -27.13 31.49 -33.63
C CYS C 281 -28.29 30.64 -33.11
N ILE C 282 -29.34 30.42 -33.93
CA ILE C 282 -30.52 29.60 -33.54
C ILE C 282 -30.14 28.13 -33.38
N ILE C 283 -29.48 27.55 -34.40
CA ILE C 283 -29.04 26.15 -34.43
C ILE C 283 -28.16 25.80 -33.21
N SER C 284 -27.19 26.65 -32.90
CA SER C 284 -26.30 26.43 -31.76
C SER C 284 -27.03 26.53 -30.42
N LYS C 285 -28.00 27.45 -30.30
CA LYS C 285 -28.83 27.61 -29.10
C LYS C 285 -29.67 26.35 -28.85
N CYS C 286 -30.17 25.73 -29.93
CA CYS C 286 -30.95 24.50 -29.91
C CYS C 286 -30.07 23.33 -29.59
N ASN C 287 -28.81 23.35 -30.08
CA ASN C 287 -27.80 22.31 -29.80
C ASN C 287 -27.53 22.20 -28.30
N VAL C 288 -27.21 23.36 -27.63
CA VAL C 288 -26.95 23.49 -26.20
C VAL C 288 -28.17 23.06 -25.39
N ALA C 289 -29.38 23.41 -25.89
CA ALA C 289 -30.65 23.08 -25.27
C ALA C 289 -30.96 21.59 -25.38
N GLY C 290 -30.48 20.97 -26.45
CA GLY C 290 -30.72 19.56 -26.74
C GLY C 290 -32.09 19.33 -27.32
N LYS C 291 -32.49 20.21 -28.28
CA LYS C 291 -33.76 20.15 -28.96
C LYS C 291 -33.56 20.17 -30.50
N PRO C 292 -34.30 19.30 -31.25
CA PRO C 292 -34.12 19.22 -32.72
C PRO C 292 -34.32 20.54 -33.47
N VAL C 293 -33.33 20.91 -34.27
CA VAL C 293 -33.39 22.13 -35.08
C VAL C 293 -33.37 21.76 -36.55
N ILE C 294 -34.25 22.41 -37.35
CA ILE C 294 -34.41 22.18 -38.78
C ILE C 294 -33.96 23.41 -39.53
N CYS C 295 -33.27 23.19 -40.64
CA CYS C 295 -32.87 24.28 -41.57
C CYS C 295 -33.74 24.10 -42.80
N ALA C 296 -34.30 25.19 -43.37
CA ALA C 296 -35.16 25.00 -44.55
C ALA C 296 -35.19 26.26 -45.42
N THR C 297 -35.86 26.16 -46.58
CA THR C 297 -36.12 27.24 -47.58
C THR C 297 -34.94 27.51 -48.52
N GLN C 298 -35.11 27.01 -49.74
CA GLN C 298 -34.28 27.10 -50.96
C GLN C 298 -32.97 26.33 -50.85
N MET C 299 -32.97 25.24 -50.06
CA MET C 299 -31.80 24.38 -49.80
C MET C 299 -31.16 23.83 -51.07
N LEU C 300 -31.99 23.33 -51.98
CA LEU C 300 -31.59 22.80 -53.27
C LEU C 300 -32.63 23.26 -54.32
N GLU C 301 -33.12 24.52 -54.19
CA GLU C 301 -34.15 25.14 -55.04
C GLU C 301 -33.99 24.90 -56.55
N SER C 302 -32.77 25.01 -57.12
CA SER C 302 -32.52 24.78 -58.57
C SER C 302 -32.94 23.39 -59.04
N MET C 303 -32.94 22.40 -58.14
CA MET C 303 -33.30 21.02 -58.47
C MET C 303 -34.82 20.80 -58.67
N THR C 304 -35.64 21.89 -58.59
CA THR C 304 -37.09 21.85 -58.89
C THR C 304 -37.24 21.72 -60.42
N THR C 305 -36.23 22.21 -61.17
CA THR C 305 -36.19 22.21 -62.64
C THR C 305 -34.92 21.54 -63.23
N ASN C 306 -33.82 21.41 -62.47
CA ASN C 306 -32.56 20.83 -62.96
C ASN C 306 -32.16 19.50 -62.28
N PRO C 307 -31.40 18.60 -62.98
CA PRO C 307 -31.04 17.30 -62.37
C PRO C 307 -29.85 17.34 -61.43
N ARG C 308 -29.16 18.50 -61.33
CA ARG C 308 -27.95 18.75 -60.54
C ARG C 308 -28.05 20.16 -59.89
N PRO C 309 -27.64 20.32 -58.60
CA PRO C 309 -27.72 21.64 -57.96
C PRO C 309 -26.52 22.54 -58.23
N THR C 310 -26.64 23.83 -57.88
CA THR C 310 -25.52 24.75 -58.06
C THR C 310 -24.45 24.47 -57.03
N ARG C 311 -23.31 25.15 -57.18
CA ARG C 311 -22.21 25.06 -56.24
C ARG C 311 -22.60 25.71 -54.88
N ALA C 312 -23.54 26.67 -54.90
CA ALA C 312 -24.10 27.37 -53.76
C ALA C 312 -25.02 26.47 -52.95
N GLU C 313 -25.94 25.74 -53.64
CA GLU C 313 -26.90 24.80 -53.02
C GLU C 313 -26.21 23.67 -52.21
N VAL C 314 -25.08 23.15 -52.72
CA VAL C 314 -24.27 22.10 -52.09
C VAL C 314 -23.59 22.65 -50.82
N THR C 315 -23.01 23.87 -50.87
CA THR C 315 -22.38 24.45 -49.69
C THR C 315 -23.44 24.87 -48.68
N ASP C 316 -24.69 25.15 -49.14
CA ASP C 316 -25.78 25.52 -48.22
C ASP C 316 -26.20 24.35 -47.34
N VAL C 317 -26.39 23.15 -47.96
CA VAL C 317 -26.82 21.94 -47.25
C VAL C 317 -25.71 21.47 -46.32
N ALA C 318 -24.44 21.53 -46.78
CA ALA C 318 -23.27 21.13 -45.98
C ALA C 318 -23.11 22.02 -44.77
N ASN C 319 -23.22 23.35 -44.93
CA ASN C 319 -23.07 24.27 -43.80
C ASN C 319 -24.23 24.20 -42.83
N ALA C 320 -25.44 23.81 -43.28
CA ALA C 320 -26.60 23.62 -42.40
C ALA C 320 -26.25 22.48 -41.43
N VAL C 321 -25.59 21.41 -41.95
CA VAL C 321 -25.10 20.24 -41.19
C VAL C 321 -23.96 20.70 -40.28
N PHE C 322 -22.96 21.41 -40.83
CA PHE C 322 -21.81 21.97 -40.09
C PHE C 322 -22.21 22.86 -38.95
N ASN C 323 -23.30 23.67 -39.13
CA ASN C 323 -23.88 24.59 -38.13
C ASN C 323 -24.43 23.85 -36.92
N GLY C 324 -24.82 22.59 -37.13
CA GLY C 324 -25.31 21.67 -36.10
C GLY C 324 -26.76 21.29 -36.25
N ALA C 325 -27.35 21.46 -37.46
CA ALA C 325 -28.77 21.14 -37.72
C ALA C 325 -29.02 19.66 -37.66
N ASP C 326 -30.09 19.26 -36.97
CA ASP C 326 -30.50 17.85 -36.85
C ASP C 326 -31.06 17.45 -38.20
N CYS C 327 -31.97 18.28 -38.73
CA CYS C 327 -32.66 18.10 -40.01
C CYS C 327 -32.40 19.22 -41.03
N VAL C 328 -32.64 18.89 -42.30
CA VAL C 328 -32.58 19.76 -43.47
C VAL C 328 -33.87 19.49 -44.28
N MET C 329 -34.58 20.55 -44.70
CA MET C 329 -35.93 20.39 -45.31
C MET C 329 -35.97 20.69 -46.81
N LEU C 330 -36.91 20.03 -47.49
CA LEU C 330 -37.15 20.17 -48.95
C LEU C 330 -38.59 20.65 -49.14
N SER C 331 -38.76 21.91 -49.51
CA SER C 331 -40.09 22.54 -49.67
C SER C 331 -40.92 22.42 -50.95
N GLY C 332 -40.42 22.95 -52.07
CA GLY C 332 -41.16 22.90 -53.35
C GLY C 332 -40.35 21.91 -54.16
N GLU C 333 -39.11 21.66 -53.80
CA GLU C 333 -38.25 20.73 -54.57
C GLU C 333 -38.94 19.36 -54.70
N THR C 334 -39.52 18.87 -53.62
CA THR C 334 -40.23 17.58 -53.55
C THR C 334 -41.75 17.73 -53.82
N ALA C 335 -42.34 18.88 -53.46
CA ALA C 335 -43.77 19.15 -53.64
C ALA C 335 -44.18 19.41 -55.11
N LYS C 336 -43.54 20.40 -55.77
CA LYS C 336 -43.80 20.83 -57.16
C LYS C 336 -42.63 20.54 -58.14
N GLY C 337 -41.57 19.89 -57.69
CA GLY C 337 -40.40 19.63 -58.52
C GLY C 337 -40.52 18.54 -59.55
N LYS C 338 -39.66 18.62 -60.60
CA LYS C 338 -39.54 17.66 -61.68
C LYS C 338 -38.55 16.53 -61.35
N TYR C 339 -37.73 16.71 -60.30
CA TYR C 339 -36.76 15.71 -59.86
C TYR C 339 -36.90 15.50 -58.33
N PRO C 340 -37.97 14.81 -57.84
CA PRO C 340 -38.13 14.68 -56.37
C PRO C 340 -37.26 13.63 -55.70
N ASN C 341 -37.02 12.48 -56.36
CA ASN C 341 -36.18 11.44 -55.78
C ASN C 341 -34.70 11.80 -55.95
N GLU C 342 -34.37 12.48 -57.04
CA GLU C 342 -33.03 12.94 -57.38
C GLU C 342 -32.53 14.02 -56.43
N VAL C 343 -33.45 14.89 -55.96
CA VAL C 343 -33.11 15.96 -55.02
C VAL C 343 -32.84 15.40 -53.59
N VAL C 344 -33.62 14.38 -53.13
CA VAL C 344 -33.46 13.75 -51.82
C VAL C 344 -32.13 12.99 -51.81
N GLN C 345 -31.81 12.31 -52.94
CA GLN C 345 -30.58 11.55 -53.15
C GLN C 345 -29.35 12.45 -53.10
N TYR C 346 -29.44 13.65 -53.73
CA TYR C 346 -28.35 14.64 -53.71
C TYR C 346 -28.10 15.18 -52.30
N MET C 347 -29.18 15.51 -51.58
CA MET C 347 -29.15 15.98 -50.21
C MET C 347 -28.48 14.95 -49.33
N VAL C 348 -28.80 13.65 -49.54
CA VAL C 348 -28.21 12.52 -48.81
C VAL C 348 -26.67 12.51 -48.89
N ARG C 349 -26.12 12.56 -50.12
CA ARG C 349 -24.66 12.56 -50.35
C ARG C 349 -23.92 13.76 -49.74
N ILE C 350 -24.57 14.95 -49.74
CA ILE C 350 -24.02 16.19 -49.16
C ILE C 350 -23.98 16.02 -47.63
N CYS C 351 -25.12 15.62 -47.01
CA CYS C 351 -25.24 15.35 -45.58
C CYS C 351 -24.19 14.33 -45.08
N ILE C 352 -23.95 13.26 -45.87
CA ILE C 352 -22.97 12.22 -45.54
C ILE C 352 -21.55 12.79 -45.67
N GLU C 353 -21.31 13.64 -46.67
CA GLU C 353 -19.99 14.27 -46.87
C GLU C 353 -19.67 15.18 -45.70
N ALA C 354 -20.59 16.11 -45.39
CA ALA C 354 -20.44 17.07 -44.29
C ALA C 354 -20.25 16.34 -42.99
N GLN C 355 -21.00 15.23 -42.77
CA GLN C 355 -20.94 14.35 -41.60
C GLN C 355 -19.57 13.69 -41.45
N SER C 356 -19.00 13.19 -42.55
CA SER C 356 -17.70 12.52 -42.60
C SER C 356 -16.57 13.49 -42.30
N ALA C 357 -16.72 14.76 -42.67
CA ALA C 357 -15.75 15.82 -42.40
C ALA C 357 -15.75 16.29 -40.93
N THR C 358 -16.94 16.24 -40.29
CA THR C 358 -17.11 16.65 -38.90
C THR C 358 -17.20 15.34 -37.99
N HIS C 359 -16.41 14.28 -38.31
CA HIS C 359 -16.37 13.00 -37.58
C HIS C 359 -15.46 13.18 -36.30
N ASP C 360 -15.82 14.20 -35.45
CA ASP C 360 -15.00 14.58 -34.28
C ASP C 360 -15.79 14.76 -32.97
N SER C 361 -15.02 14.79 -31.85
CA SER C 361 -15.53 14.98 -30.50
C SER C 361 -15.66 16.49 -30.12
N VAL C 362 -15.39 17.41 -31.10
CA VAL C 362 -15.45 18.88 -30.97
C VAL C 362 -16.84 19.35 -30.56
N MET C 363 -17.88 18.89 -31.27
CA MET C 363 -19.23 19.29 -30.96
C MET C 363 -19.64 18.86 -29.56
N PHE C 364 -19.45 17.58 -29.21
CA PHE C 364 -19.74 17.00 -27.90
C PHE C 364 -19.00 17.78 -26.83
N ASN C 365 -17.70 18.08 -27.06
CA ASN C 365 -16.91 18.86 -26.10
C ASN C 365 -17.53 20.22 -25.88
N SER C 366 -17.81 20.98 -26.98
CA SER C 366 -18.43 22.32 -27.03
C SER C 366 -19.74 22.37 -26.25
N ILE C 367 -20.66 21.41 -26.52
CA ILE C 367 -21.99 21.27 -25.91
C ILE C 367 -21.90 20.91 -24.43
N LYS C 368 -21.09 19.88 -24.08
CA LYS C 368 -20.90 19.41 -22.71
C LYS C 368 -20.39 20.52 -21.79
N ASN C 369 -19.35 21.28 -22.23
CA ASN C 369 -18.75 22.37 -21.46
C ASN C 369 -19.71 23.54 -21.21
N LEU C 370 -20.74 23.66 -22.05
CA LEU C 370 -21.74 24.72 -21.91
C LEU C 370 -22.93 24.28 -21.05
N GLN C 371 -22.87 23.06 -20.47
CA GLN C 371 -23.92 22.53 -19.58
C GLN C 371 -23.43 22.93 -18.20
N LYS C 372 -24.35 23.38 -17.33
CA LYS C 372 -24.00 23.74 -15.95
C LYS C 372 -23.94 22.50 -15.06
N ILE C 373 -22.97 22.44 -14.13
CA ILE C 373 -22.81 21.31 -13.21
C ILE C 373 -23.39 21.69 -11.83
N PRO C 374 -24.13 20.78 -11.14
CA PRO C 374 -24.33 19.37 -11.44
C PRO C 374 -25.40 19.06 -12.45
N MET C 375 -25.16 17.97 -13.20
CA MET C 375 -26.09 17.42 -14.18
C MET C 375 -27.02 16.44 -13.42
N SER C 376 -28.17 16.12 -14.01
CA SER C 376 -29.09 15.12 -13.44
C SER C 376 -28.44 13.74 -13.69
N PRO C 377 -28.63 12.69 -12.83
CA PRO C 377 -28.06 11.36 -13.17
C PRO C 377 -28.47 10.89 -14.58
N GLU C 378 -29.67 11.26 -15.09
CA GLU C 378 -30.16 10.93 -16.45
C GLU C 378 -29.26 11.55 -17.53
N GLU C 379 -28.90 12.82 -17.38
CA GLU C 379 -28.08 13.49 -18.38
C GLU C 379 -26.61 13.11 -18.22
N ALA C 380 -26.12 12.90 -16.95
CA ALA C 380 -24.76 12.47 -16.68
C ALA C 380 -24.49 11.06 -17.22
N VAL C 381 -25.52 10.19 -17.25
CA VAL C 381 -25.40 8.84 -17.82
C VAL C 381 -25.39 8.94 -19.35
N CYS C 382 -26.25 9.79 -19.88
CA CYS C 382 -26.36 9.98 -21.31
C CYS C 382 -25.11 10.59 -21.92
N SER C 383 -24.60 11.70 -21.35
CA SER C 383 -23.37 12.37 -21.83
C SER C 383 -22.17 11.44 -21.69
N SER C 384 -22.07 10.67 -20.57
CA SER C 384 -20.95 9.75 -20.38
CA SER C 384 -20.95 9.75 -20.38
C SER C 384 -21.04 8.55 -21.32
N ALA C 385 -22.28 8.21 -21.77
CA ALA C 385 -22.49 7.11 -22.71
C ALA C 385 -21.86 7.51 -24.03
N VAL C 386 -21.94 8.83 -24.38
CA VAL C 386 -21.34 9.41 -25.59
C VAL C 386 -19.81 9.45 -25.43
N SER C 387 -19.29 9.92 -24.28
CA SER C 387 -17.84 9.93 -24.11
C SER C 387 -17.24 8.52 -24.11
N SER C 388 -17.95 7.52 -23.53
CA SER C 388 -17.52 6.12 -23.53
C SER C 388 -17.39 5.66 -24.96
N ALA C 389 -18.41 5.93 -25.80
CA ALA C 389 -18.44 5.59 -27.23
C ALA C 389 -17.21 6.15 -27.94
N PHE C 390 -16.89 7.44 -27.71
CA PHE C 390 -15.73 8.10 -28.30
C PHE C 390 -14.41 7.41 -27.92
N GLU C 391 -14.25 7.06 -26.61
CA GLU C 391 -13.07 6.40 -26.05
C GLU C 391 -12.81 5.01 -26.62
N VAL C 392 -13.84 4.12 -26.64
CA VAL C 392 -13.72 2.75 -27.17
C VAL C 392 -13.96 2.63 -28.67
N GLN C 393 -14.27 3.73 -29.36
CA GLN C 393 -14.63 3.70 -30.80
C GLN C 393 -15.85 2.76 -31.06
N ALA C 394 -16.90 2.92 -30.23
CA ALA C 394 -18.15 2.15 -30.31
C ALA C 394 -18.76 2.39 -31.68
N LYS C 395 -19.18 1.31 -32.35
CA LYS C 395 -19.79 1.40 -33.66
C LYS C 395 -21.31 1.70 -33.61
N ALA C 396 -21.89 1.73 -32.37
CA ALA C 396 -23.30 2.05 -32.06
C ALA C 396 -23.63 2.17 -30.56
N ILE C 397 -24.57 3.05 -30.20
CA ILE C 397 -25.09 3.25 -28.83
C ILE C 397 -26.54 2.74 -28.82
N LEU C 398 -26.89 1.86 -27.87
CA LEU C 398 -28.24 1.33 -27.77
C LEU C 398 -28.93 1.89 -26.52
N VAL C 399 -30.01 2.63 -26.71
CA VAL C 399 -30.76 3.27 -25.63
C VAL C 399 -32.16 2.69 -25.54
N LEU C 400 -32.61 2.39 -24.33
CA LEU C 400 -33.95 1.90 -24.13
C LEU C 400 -34.74 3.10 -23.66
N SER C 401 -35.48 3.74 -24.60
CA SER C 401 -36.26 4.95 -24.35
C SER C 401 -37.66 4.85 -24.91
N ASN C 402 -38.69 4.80 -24.04
CA ASN C 402 -40.08 4.68 -24.47
C ASN C 402 -40.66 5.98 -25.03
N THR C 403 -40.35 7.11 -24.40
CA THR C 403 -40.79 8.44 -24.82
C THR C 403 -39.85 9.06 -25.87
N GLY C 404 -38.58 8.68 -25.86
CA GLY C 404 -37.57 9.20 -26.76
C GLY C 404 -36.72 10.29 -26.13
N ARG C 405 -37.04 10.66 -24.84
CA ARG C 405 -36.36 11.66 -24.01
C ARG C 405 -34.85 11.40 -23.93
N SER C 406 -34.47 10.16 -23.53
CA SER C 406 -33.12 9.60 -23.40
C SER C 406 -32.39 9.57 -24.75
N ALA C 407 -33.08 9.20 -25.85
CA ALA C 407 -32.51 9.16 -27.20
C ALA C 407 -32.19 10.57 -27.73
N ARG C 408 -33.02 11.58 -27.38
CA ARG C 408 -32.91 12.99 -27.73
C ARG C 408 -31.78 13.59 -26.92
N LEU C 409 -31.58 13.06 -25.67
CA LEU C 409 -30.57 13.42 -24.68
C LEU C 409 -29.20 12.86 -25.06
N ILE C 410 -29.17 11.68 -25.73
CA ILE C 410 -27.92 11.06 -26.17
C ILE C 410 -27.48 11.78 -27.42
N SER C 411 -28.42 12.01 -28.36
CA SER C 411 -28.18 12.73 -29.61
C SER C 411 -27.72 14.18 -29.37
N LYS C 412 -28.08 14.76 -28.19
CA LYS C 412 -27.72 16.10 -27.74
C LYS C 412 -26.20 16.27 -27.70
N TYR C 413 -25.49 15.19 -27.34
CA TYR C 413 -24.04 15.17 -27.21
C TYR C 413 -23.33 14.70 -28.48
N ARG C 414 -24.03 14.75 -29.61
CA ARG C 414 -23.56 14.48 -30.97
C ARG C 414 -22.50 13.33 -31.18
N PRO C 415 -22.80 12.05 -30.83
CA PRO C 415 -21.82 10.99 -31.08
C PRO C 415 -21.57 10.72 -32.56
N ASN C 416 -20.42 10.14 -32.94
CA ASN C 416 -20.20 9.89 -34.38
C ASN C 416 -20.92 8.62 -34.86
N CYS C 417 -21.18 7.66 -33.95
CA CYS C 417 -21.87 6.38 -34.19
C CYS C 417 -23.40 6.51 -34.18
N PRO C 418 -24.17 5.53 -34.72
CA PRO C 418 -25.63 5.64 -34.65
C PRO C 418 -26.16 5.36 -33.25
N ILE C 419 -27.36 5.83 -32.96
CA ILE C 419 -28.07 5.60 -31.71
C ILE C 419 -29.28 4.72 -32.05
N ILE C 420 -29.32 3.51 -31.50
CA ILE C 420 -30.45 2.61 -31.69
C ILE C 420 -31.36 2.80 -30.46
N CYS C 421 -32.66 3.04 -30.70
CA CYS C 421 -33.59 3.27 -29.62
C CYS C 421 -34.61 2.15 -29.51
N ALA C 422 -34.54 1.34 -28.46
CA ALA C 422 -35.50 0.26 -28.21
C ALA C 422 -36.72 0.86 -27.50
N THR C 423 -37.66 1.36 -28.31
CA THR C 423 -38.89 2.00 -27.82
C THR C 423 -40.11 1.09 -27.90
N THR C 424 -41.03 1.21 -26.92
CA THR C 424 -42.27 0.43 -26.82
C THR C 424 -43.40 1.17 -27.56
N ARG C 425 -43.09 2.37 -28.04
CA ARG C 425 -44.03 3.28 -28.71
C ARG C 425 -43.78 3.47 -30.21
N LEU C 426 -44.88 3.55 -31.00
CA LEU C 426 -44.72 3.80 -32.43
C LEU C 426 -44.60 5.29 -32.66
N LEU C 427 -45.31 6.10 -31.83
CA LEU C 427 -45.31 7.56 -31.90
C LEU C 427 -43.90 8.08 -31.71
N THR C 428 -43.13 7.40 -30.81
CA THR C 428 -41.71 7.67 -30.51
C THR C 428 -40.80 7.34 -31.71
N CYS C 429 -41.12 6.24 -32.47
CA CYS C 429 -40.37 5.81 -33.65
C CYS C 429 -40.48 6.87 -34.74
N ARG C 430 -41.66 7.50 -34.83
CA ARG C 430 -41.95 8.54 -35.82
C ARG C 430 -41.43 9.92 -35.43
N GLN C 431 -41.51 10.26 -34.12
CA GLN C 431 -41.06 11.56 -33.60
C GLN C 431 -39.54 11.64 -33.54
N LEU C 432 -38.83 10.50 -33.52
CA LEU C 432 -37.36 10.46 -33.47
C LEU C 432 -36.72 10.57 -34.88
N ASN C 433 -37.54 10.83 -35.92
CA ASN C 433 -37.05 11.06 -37.28
C ASN C 433 -36.51 12.50 -37.38
N VAL C 434 -36.81 13.35 -36.38
CA VAL C 434 -36.31 14.73 -36.31
C VAL C 434 -34.98 14.84 -35.53
N THR C 435 -34.52 13.75 -34.88
CA THR C 435 -33.27 13.83 -34.12
C THR C 435 -32.13 13.05 -34.81
N ARG C 436 -30.99 13.71 -34.92
CA ARG C 436 -29.77 13.20 -35.61
C ARG C 436 -29.26 11.91 -34.98
N SER C 437 -28.73 11.01 -35.81
CA SER C 437 -28.10 9.69 -35.51
C SER C 437 -29.08 8.57 -35.15
N VAL C 438 -30.19 8.87 -34.49
CA VAL C 438 -31.18 7.88 -33.97
C VAL C 438 -31.75 6.97 -35.05
N GLU C 439 -31.97 5.70 -34.70
CA GLU C 439 -32.54 4.65 -35.60
C GLU C 439 -33.42 3.75 -34.74
N SER C 440 -34.70 4.10 -34.60
CA SER C 440 -35.65 3.44 -33.68
C SER C 440 -36.00 2.03 -34.02
N VAL C 441 -36.24 1.20 -32.98
CA VAL C 441 -36.63 -0.22 -33.07
C VAL C 441 -37.80 -0.44 -32.13
N TYR C 442 -38.95 -0.81 -32.68
CA TYR C 442 -40.15 -1.00 -31.89
C TYR C 442 -40.35 -2.45 -31.40
N TYR C 443 -40.40 -2.63 -30.06
CA TYR C 443 -40.68 -3.91 -29.40
C TYR C 443 -42.16 -3.93 -29.18
N ASP C 444 -42.82 -4.97 -29.71
CA ASP C 444 -44.29 -5.11 -29.70
C ASP C 444 -44.93 -4.78 -28.35
N VAL C 445 -44.66 -5.61 -27.32
CA VAL C 445 -45.18 -5.58 -25.91
C VAL C 445 -46.49 -6.36 -25.80
N ASP C 446 -47.32 -6.33 -26.85
CA ASP C 446 -48.58 -7.10 -26.93
C ASP C 446 -48.22 -8.38 -27.67
N ALA C 447 -47.78 -8.26 -28.91
CA ALA C 447 -47.43 -9.49 -29.65
C ALA C 447 -46.03 -10.03 -29.25
N HIS C 448 -45.66 -9.73 -27.98
CA HIS C 448 -44.45 -10.14 -27.27
C HIS C 448 -44.86 -10.21 -25.79
N GLY C 449 -43.89 -10.05 -24.88
CA GLY C 449 -44.15 -10.07 -23.45
C GLY C 449 -44.07 -8.76 -22.71
N GLU C 450 -44.10 -8.81 -21.37
CA GLU C 450 -44.01 -7.62 -20.54
C GLU C 450 -42.58 -7.08 -20.57
N ASP C 451 -41.57 -7.98 -20.64
CA ASP C 451 -40.12 -7.68 -20.67
C ASP C 451 -39.71 -6.73 -19.51
N ASN C 452 -40.35 -6.92 -18.33
CA ASN C 452 -40.13 -6.12 -17.13
C ASN C 452 -38.62 -5.99 -16.79
N ASP C 453 -37.84 -7.05 -17.09
CA ASP C 453 -36.41 -7.14 -16.86
C ASP C 453 -35.55 -6.39 -17.90
N ARG C 454 -36.19 -5.81 -18.94
CA ARG C 454 -35.54 -5.03 -20.02
C ARG C 454 -34.55 -5.82 -20.88
N GLU C 455 -34.52 -7.16 -20.79
CA GLU C 455 -33.55 -7.96 -21.53
C GLU C 455 -33.91 -8.19 -22.98
N LYS C 456 -35.19 -8.52 -23.27
CA LYS C 456 -35.70 -8.78 -24.64
C LYS C 456 -35.49 -7.58 -25.59
N ARG C 457 -35.79 -6.35 -25.12
CA ARG C 457 -35.61 -5.09 -25.86
C ARG C 457 -34.14 -4.84 -26.23
N VAL C 458 -33.21 -5.20 -25.30
CA VAL C 458 -31.74 -5.09 -25.49
C VAL C 458 -31.33 -6.06 -26.60
N GLN C 459 -31.80 -7.32 -26.51
CA GLN C 459 -31.53 -8.38 -27.47
C GLN C 459 -32.14 -8.07 -28.84
N LEU C 460 -33.25 -7.30 -28.85
CA LEU C 460 -33.94 -6.85 -30.06
C LEU C 460 -33.09 -5.75 -30.71
N GLY C 461 -32.47 -4.92 -29.86
CA GLY C 461 -31.61 -3.81 -30.23
C GLY C 461 -30.37 -4.27 -30.97
N VAL C 462 -29.48 -5.02 -30.27
CA VAL C 462 -28.22 -5.58 -30.76
C VAL C 462 -28.41 -6.45 -32.03
N ASP C 463 -29.55 -7.15 -32.12
CA ASP C 463 -29.89 -7.99 -33.28
C ASP C 463 -30.28 -7.09 -34.48
N TRP C 464 -30.97 -5.98 -34.20
CA TRP C 464 -31.35 -5.04 -35.26
C TRP C 464 -30.13 -4.35 -35.85
N ALA C 465 -29.11 -4.03 -35.03
CA ALA C 465 -27.89 -3.37 -35.50
C ALA C 465 -27.01 -4.34 -36.28
N LYS C 466 -26.76 -5.56 -35.73
CA LYS C 466 -25.96 -6.63 -36.37
C LYS C 466 -26.55 -7.04 -37.72
N THR C 467 -27.91 -6.91 -37.90
CA THR C 467 -28.65 -7.20 -39.14
C THR C 467 -28.53 -6.00 -40.08
N LYS C 468 -28.92 -4.79 -39.63
CA LYS C 468 -28.84 -3.55 -40.42
C LYS C 468 -27.36 -3.13 -40.70
N GLY C 469 -26.42 -4.05 -40.38
CA GLY C 469 -24.99 -3.95 -40.62
C GLY C 469 -24.19 -2.90 -39.88
N TYR C 470 -24.77 -2.25 -38.84
CA TYR C 470 -24.11 -1.21 -38.04
C TYR C 470 -22.93 -1.75 -37.25
N VAL C 471 -23.15 -2.94 -36.61
CA VAL C 471 -22.19 -3.65 -35.77
C VAL C 471 -21.84 -5.02 -36.37
N SER C 472 -20.56 -5.39 -36.23
CA SER C 472 -20.00 -6.65 -36.72
C SER C 472 -19.33 -7.31 -35.52
N ALA C 473 -19.51 -8.64 -35.40
CA ALA C 473 -18.98 -9.47 -34.33
C ALA C 473 -17.51 -9.16 -33.96
N GLY C 474 -17.34 -8.69 -32.74
CA GLY C 474 -16.04 -8.35 -32.20
C GLY C 474 -15.67 -6.92 -31.86
N ASP C 475 -16.67 -6.03 -31.99
CA ASP C 475 -16.51 -4.59 -31.70
C ASP C 475 -17.58 -4.17 -30.69
N VAL C 476 -17.18 -3.33 -29.73
CA VAL C 476 -18.06 -2.87 -28.67
C VAL C 476 -19.33 -2.08 -29.07
N MET C 477 -20.26 -2.01 -28.14
CA MET C 477 -21.54 -1.34 -28.19
C MET C 477 -21.83 -0.79 -26.78
N VAL C 478 -22.25 0.48 -26.69
CA VAL C 478 -22.60 1.14 -25.42
C VAL C 478 -24.12 0.97 -25.21
N ILE C 479 -24.53 0.24 -24.16
CA ILE C 479 -25.95 0.02 -23.88
C ILE C 479 -26.40 0.83 -22.67
N VAL C 480 -27.35 1.74 -22.89
CA VAL C 480 -27.93 2.69 -21.93
C VAL C 480 -29.42 2.31 -21.62
N HIS C 481 -29.77 2.14 -20.32
CA HIS C 481 -31.12 1.81 -19.83
C HIS C 481 -31.23 2.05 -18.34
N ALA C 482 -32.32 1.56 -17.70
CA ALA C 482 -32.54 1.69 -16.26
C ALA C 482 -32.31 0.36 -15.52
N ASP C 483 -31.87 0.48 -14.27
CA ASP C 483 -31.60 -0.69 -13.39
C ASP C 483 -32.55 -0.65 -12.18
N HIS C 484 -33.67 -1.37 -12.29
CA HIS C 484 -34.68 -1.70 -11.27
C HIS C 484 -34.53 -0.88 -9.94
N SER C 485 -34.86 0.42 -10.01
CA SER C 485 -34.83 1.33 -8.84
C SER C 485 -35.83 2.51 -8.94
N VAL C 486 -35.45 3.71 -8.44
CA VAL C 486 -36.29 4.94 -8.35
C VAL C 486 -36.68 5.43 -9.77
N LYS C 487 -37.98 5.27 -10.09
CA LYS C 487 -38.60 5.63 -11.37
C LYS C 487 -38.35 7.05 -11.87
N GLY C 488 -38.16 7.21 -13.18
CA GLY C 488 -37.94 8.50 -13.81
C GLY C 488 -36.79 8.77 -14.75
N TYR C 489 -35.84 7.80 -14.92
CA TYR C 489 -34.65 8.02 -15.74
C TYR C 489 -33.77 6.80 -16.00
N PRO C 490 -33.06 6.64 -17.19
CA PRO C 490 -32.01 5.61 -17.27
C PRO C 490 -30.86 6.02 -16.30
N ASN C 491 -30.22 5.04 -15.64
CA ASN C 491 -29.18 5.29 -14.63
C ASN C 491 -28.01 4.30 -14.78
N GLN C 492 -28.11 3.39 -15.74
CA GLN C 492 -27.12 2.35 -15.97
C GLN C 492 -26.54 2.37 -17.40
N THR C 493 -25.21 2.18 -17.50
CA THR C 493 -24.51 2.15 -18.79
C THR C 493 -23.58 0.95 -18.84
N ARG C 494 -23.72 0.12 -19.87
CA ARG C 494 -22.89 -1.07 -20.08
C ARG C 494 -22.08 -0.90 -21.36
N LEU C 495 -20.90 -1.52 -21.44
CA LEU C 495 -20.04 -1.57 -22.63
C LEU C 495 -19.94 -3.04 -23.00
N VAL C 496 -20.59 -3.46 -24.10
CA VAL C 496 -20.71 -4.87 -24.50
C VAL C 496 -20.12 -5.19 -25.89
N ARG C 497 -19.25 -6.23 -25.99
CA ARG C 497 -18.68 -6.66 -27.28
C ARG C 497 -19.71 -7.48 -28.02
N VAL C 498 -20.02 -7.08 -29.26
CA VAL C 498 -21.02 -7.79 -30.03
C VAL C 498 -20.55 -9.21 -30.41
N ARG C 499 -21.35 -10.16 -29.92
CA ARG C 499 -21.34 -11.61 -30.04
C ARG C 499 -21.69 -12.02 -31.49
N GLU C 500 -21.88 -13.35 -31.74
CA GLU C 500 -22.28 -13.94 -33.02
C GLU C 500 -23.11 -15.20 -32.84
N SER D 2 -15.14 28.51 -27.80
CA SER D 2 -15.50 27.57 -28.85
C SER D 2 -16.41 28.23 -29.86
N GLN D 3 -16.52 27.66 -31.08
CA GLN D 3 -17.38 28.18 -32.16
C GLN D 3 -18.80 28.18 -31.70
N LEU D 4 -19.22 27.12 -30.99
CA LEU D 4 -20.56 26.97 -30.42
C LEU D 4 -20.88 28.14 -29.50
N GLN D 5 -19.99 28.39 -28.51
CA GLN D 5 -20.10 29.46 -27.52
C GLN D 5 -20.14 30.85 -28.19
N HIS D 6 -19.54 30.98 -29.39
CA HIS D 6 -19.51 32.22 -30.14
C HIS D 6 -20.82 32.44 -30.84
N ASN D 7 -21.36 31.38 -31.49
CA ASN D 7 -22.64 31.38 -32.23
C ASN D 7 -23.81 31.66 -31.33
N ILE D 8 -23.89 31.01 -30.16
CA ILE D 8 -24.98 31.28 -29.23
C ILE D 8 -25.04 32.76 -28.76
N GLY D 9 -23.92 33.49 -28.82
CA GLY D 9 -23.87 34.89 -28.42
C GLY D 9 -23.85 35.90 -29.55
N LEU D 10 -24.12 35.45 -30.79
CA LEU D 10 -24.16 36.33 -31.95
C LEU D 10 -25.32 37.29 -31.74
N SER D 11 -25.08 38.60 -31.99
CA SER D 11 -26.12 39.63 -31.91
C SER D 11 -26.49 39.98 -33.35
N ILE D 12 -27.52 39.31 -33.87
CA ILE D 12 -28.01 39.45 -35.26
C ILE D 12 -28.18 40.92 -35.68
N PHE D 13 -28.74 41.76 -34.78
CA PHE D 13 -29.06 43.18 -35.05
C PHE D 13 -28.06 44.20 -34.46
N GLU D 14 -26.76 43.83 -34.39
CA GLU D 14 -25.63 44.67 -33.96
C GLU D 14 -25.24 45.53 -35.18
N PRO D 15 -24.61 46.72 -35.02
CA PRO D 15 -24.19 47.48 -36.22
C PRO D 15 -23.06 46.77 -36.94
N VAL D 16 -23.14 46.70 -38.29
CA VAL D 16 -22.14 46.05 -39.14
C VAL D 16 -20.83 46.85 -39.23
N ALA D 17 -19.78 46.23 -39.80
CA ALA D 17 -18.47 46.85 -40.00
C ALA D 17 -18.60 47.98 -41.04
N LYS D 18 -18.04 49.15 -40.75
CA LYS D 18 -18.13 50.29 -41.68
C LYS D 18 -17.19 50.15 -42.89
N HIS D 19 -16.17 49.28 -42.79
CA HIS D 19 -15.16 49.09 -43.84
C HIS D 19 -15.01 47.64 -44.29
N ARG D 20 -15.42 47.37 -45.55
CA ARG D 20 -15.38 46.05 -46.19
C ARG D 20 -13.94 45.61 -46.41
N ALA D 21 -13.60 44.40 -45.89
CA ALA D 21 -12.28 43.77 -45.97
C ALA D 21 -12.18 42.78 -47.11
N ASN D 22 -13.28 42.05 -47.42
CA ASN D 22 -13.27 41.08 -48.53
C ASN D 22 -13.36 41.76 -49.89
N ARG D 23 -12.77 41.13 -50.91
CA ARG D 23 -12.70 41.70 -52.25
C ARG D 23 -13.56 40.96 -53.28
N ILE D 24 -14.18 41.72 -54.24
CA ILE D 24 -15.05 41.15 -55.28
C ILE D 24 -14.38 41.19 -56.67
N ILE D 25 -14.37 40.03 -57.36
CA ILE D 25 -13.82 39.85 -58.70
C ILE D 25 -15.01 39.60 -59.65
N CYS D 26 -15.06 40.35 -60.74
CA CYS D 26 -16.15 40.26 -61.71
C CYS D 26 -15.60 39.94 -63.08
N THR D 27 -16.21 38.96 -63.75
CA THR D 27 -15.84 38.63 -65.11
C THR D 27 -16.60 39.64 -66.00
N ILE D 28 -15.96 40.13 -67.08
CA ILE D 28 -16.56 41.14 -67.97
C ILE D 28 -17.05 40.53 -69.28
N GLY D 29 -18.32 40.73 -69.60
CA GLY D 29 -18.93 40.21 -70.81
C GLY D 29 -19.81 41.23 -71.52
N PRO D 30 -20.78 40.78 -72.37
CA PRO D 30 -21.65 41.73 -73.09
C PRO D 30 -22.40 42.76 -72.25
N SER D 31 -22.92 42.34 -71.07
CA SER D 31 -23.64 43.21 -70.11
C SER D 31 -22.77 44.30 -69.47
N THR D 32 -21.46 44.05 -69.29
CA THR D 32 -20.60 44.99 -68.57
C THR D 32 -19.31 45.47 -69.29
N GLN D 33 -19.20 45.34 -70.63
CA GLN D 33 -17.98 45.80 -71.34
C GLN D 33 -17.91 47.33 -71.46
N SER D 34 -19.07 48.03 -71.54
CA SER D 34 -19.14 49.50 -71.68
C SER D 34 -18.60 50.22 -70.46
N VAL D 35 -17.93 51.39 -70.69
CA VAL D 35 -17.32 52.23 -69.65
C VAL D 35 -18.34 52.59 -68.56
N GLU D 36 -19.61 52.91 -68.96
CA GLU D 36 -20.70 53.24 -68.03
C GLU D 36 -21.06 52.05 -67.12
N ALA D 37 -21.08 50.82 -67.68
CA ALA D 37 -21.38 49.58 -66.96
C ALA D 37 -20.26 49.22 -66.01
N LEU D 38 -19.00 49.47 -66.40
CA LEU D 38 -17.82 49.20 -65.59
C LEU D 38 -17.75 50.20 -64.44
N LYS D 39 -18.08 51.49 -64.71
CA LYS D 39 -18.13 52.54 -63.69
C LYS D 39 -19.18 52.14 -62.63
N GLY D 40 -20.26 51.51 -63.08
CA GLY D 40 -21.32 51.02 -62.22
C GLY D 40 -20.83 49.89 -61.35
N LEU D 41 -20.10 48.92 -61.95
CA LEU D 41 -19.55 47.77 -61.24
C LEU D 41 -18.59 48.23 -60.18
N MET D 42 -17.62 49.10 -60.55
CA MET D 42 -16.66 49.66 -59.61
C MET D 42 -17.37 50.32 -58.44
N LYS D 43 -18.18 51.33 -58.75
CA LYS D 43 -18.97 52.09 -57.77
C LYS D 43 -19.80 51.10 -56.93
N SER D 44 -19.92 49.86 -57.38
CA SER D 44 -20.78 48.89 -56.66
C SER D 44 -19.95 48.03 -55.71
N GLY D 45 -18.70 47.73 -56.09
CA GLY D 45 -17.81 46.92 -55.26
C GLY D 45 -16.89 46.03 -56.06
N MET D 46 -16.51 46.45 -57.26
CA MET D 46 -15.60 45.58 -58.07
C MET D 46 -14.15 45.96 -57.80
N SER D 47 -13.34 44.96 -57.45
CA SER D 47 -11.91 45.12 -57.15
C SER D 47 -11.00 44.54 -58.26
N VAL D 48 -11.42 43.47 -58.97
CA VAL D 48 -10.62 42.90 -60.07
C VAL D 48 -11.53 42.54 -61.23
N ALA D 49 -11.23 43.05 -62.42
CA ALA D 49 -11.98 42.77 -63.63
C ALA D 49 -11.33 41.59 -64.37
N ARG D 50 -12.10 40.51 -64.53
CA ARG D 50 -11.68 39.26 -65.18
C ARG D 50 -12.02 39.21 -66.67
N MET D 51 -11.09 38.65 -67.47
CA MET D 51 -11.23 38.46 -68.92
C MET D 51 -11.13 36.97 -69.20
N ASN D 52 -12.25 36.31 -69.61
CA ASN D 52 -12.18 34.87 -69.89
C ASN D 52 -11.65 34.68 -71.29
N PHE D 53 -10.39 34.21 -71.40
CA PHE D 53 -9.71 34.03 -72.68
C PHE D 53 -10.12 32.75 -73.42
N SER D 54 -11.07 31.95 -72.85
CA SER D 54 -11.64 30.76 -73.48
C SER D 54 -12.38 31.20 -74.75
N HIS D 55 -12.94 32.42 -74.72
CA HIS D 55 -13.68 33.00 -75.82
C HIS D 55 -13.29 34.48 -75.98
N GLY D 56 -13.10 34.89 -77.24
CA GLY D 56 -12.81 36.28 -77.57
C GLY D 56 -11.49 36.54 -78.25
N SER D 57 -11.49 37.48 -79.22
CA SER D 57 -10.31 37.90 -79.96
C SER D 57 -9.50 38.87 -79.11
N TYR D 58 -8.23 39.15 -79.50
CA TYR D 58 -7.39 40.11 -78.76
C TYR D 58 -7.95 41.55 -78.82
N GLU D 59 -8.71 41.87 -79.91
CA GLU D 59 -9.39 43.15 -80.14
C GLU D 59 -10.50 43.33 -79.07
N TYR D 60 -11.30 42.24 -78.82
CA TYR D 60 -12.38 42.20 -77.83
C TYR D 60 -11.81 42.37 -76.43
N HIS D 61 -10.68 41.70 -76.16
CA HIS D 61 -10.02 41.77 -74.87
C HIS D 61 -9.23 43.09 -74.67
N GLN D 62 -8.89 43.76 -75.79
CA GLN D 62 -8.23 45.08 -75.74
C GLN D 62 -9.27 46.11 -75.30
N THR D 63 -10.51 45.97 -75.80
CA THR D 63 -11.66 46.81 -75.45
C THR D 63 -11.90 46.75 -73.93
N THR D 64 -11.91 45.52 -73.33
CA THR D 64 -12.10 45.35 -71.88
C THR D 64 -10.99 46.08 -71.12
N ILE D 65 -9.72 45.89 -71.55
CA ILE D 65 -8.57 46.56 -70.93
C ILE D 65 -8.76 48.08 -70.93
N ASN D 66 -8.87 48.69 -72.12
CA ASN D 66 -9.00 50.13 -72.31
C ASN D 66 -10.20 50.72 -71.57
N ASN D 67 -11.34 49.99 -71.55
CA ASN D 67 -12.55 50.43 -70.86
C ASN D 67 -12.40 50.38 -69.34
N VAL D 68 -11.71 49.37 -68.81
CA VAL D 68 -11.51 49.26 -67.35
C VAL D 68 -10.62 50.39 -66.87
N ARG D 69 -9.58 50.73 -67.66
CA ARG D 69 -8.63 51.80 -67.38
C ARG D 69 -9.33 53.16 -67.45
N ALA D 70 -10.24 53.33 -68.42
CA ALA D 70 -11.02 54.56 -68.60
C ALA D 70 -11.97 54.78 -67.41
N ALA D 71 -12.82 53.76 -67.11
CA ALA D 71 -13.79 53.78 -66.02
C ALA D 71 -13.13 54.02 -64.65
N ALA D 72 -12.04 53.29 -64.33
CA ALA D 72 -11.26 53.44 -63.11
C ALA D 72 -10.64 54.83 -63.02
N ALA D 73 -10.17 55.39 -64.16
CA ALA D 73 -9.57 56.73 -64.23
C ALA D 73 -10.56 57.82 -63.85
N GLU D 74 -11.81 57.73 -64.35
CA GLU D 74 -12.89 58.69 -64.07
C GLU D 74 -13.23 58.71 -62.58
N LEU D 75 -13.29 57.52 -61.97
CA LEU D 75 -13.61 57.33 -60.55
C LEU D 75 -12.38 57.45 -59.62
N GLY D 76 -11.20 57.62 -60.23
CA GLY D 76 -9.92 57.74 -59.53
C GLY D 76 -9.54 56.50 -58.74
N LEU D 77 -9.82 55.31 -59.30
CA LEU D 77 -9.54 54.01 -58.66
C LEU D 77 -8.43 53.24 -59.39
N HIS D 78 -7.82 52.26 -58.69
CA HIS D 78 -6.80 51.37 -59.24
C HIS D 78 -7.37 49.95 -59.22
N ILE D 79 -8.01 49.57 -60.34
CA ILE D 79 -8.67 48.28 -60.50
C ILE D 79 -7.75 47.29 -61.24
N GLY D 80 -7.58 46.11 -60.69
CA GLY D 80 -6.75 45.08 -61.31
C GLY D 80 -7.44 44.44 -62.48
N ILE D 81 -6.65 43.96 -63.47
CA ILE D 81 -7.13 43.25 -64.66
C ILE D 81 -6.50 41.85 -64.63
N ALA D 82 -7.36 40.83 -64.65
CA ALA D 82 -6.94 39.43 -64.59
C ALA D 82 -7.20 38.72 -65.90
N LEU D 83 -6.17 38.04 -66.44
CA LEU D 83 -6.25 37.28 -67.68
C LEU D 83 -6.51 35.83 -67.33
N ASP D 84 -7.73 35.35 -67.57
CA ASP D 84 -8.10 33.96 -67.28
C ASP D 84 -7.90 33.13 -68.53
N THR D 85 -6.78 32.40 -68.58
CA THR D 85 -6.37 31.53 -69.69
C THR D 85 -7.44 30.49 -70.05
N LYS D 86 -7.40 30.01 -71.31
CA LYS D 86 -8.30 28.99 -71.82
C LYS D 86 -7.85 27.65 -71.16
N GLY D 87 -6.55 27.33 -71.28
CA GLY D 87 -5.91 26.17 -70.70
C GLY D 87 -6.12 24.86 -71.45
N PRO D 88 -5.73 23.72 -70.82
CA PRO D 88 -5.91 22.41 -71.49
C PRO D 88 -7.36 21.95 -71.34
N GLU D 89 -8.24 22.64 -72.08
CA GLU D 89 -9.68 22.47 -72.13
C GLU D 89 -10.05 21.78 -73.42
N ILE D 90 -11.13 20.98 -73.40
CA ILE D 90 -11.63 20.23 -74.56
C ILE D 90 -13.15 20.24 -74.62
N ARG D 91 -13.71 20.61 -75.78
CA ARG D 91 -15.16 20.65 -76.02
C ARG D 91 -15.53 19.68 -77.16
N THR D 92 -16.82 19.63 -77.50
CA THR D 92 -17.28 18.81 -78.62
C THR D 92 -17.20 19.64 -79.88
N GLY D 93 -17.57 19.01 -80.98
CA GLY D 93 -17.61 19.67 -82.26
C GLY D 93 -18.92 20.41 -82.41
N LEU D 94 -19.27 20.70 -83.67
CA LEU D 94 -20.51 21.37 -84.06
C LEU D 94 -21.50 20.29 -84.45
N PHE D 95 -22.78 20.62 -84.47
CA PHE D 95 -23.81 19.64 -84.81
C PHE D 95 -24.59 20.03 -86.04
N LYS D 96 -24.87 19.04 -86.91
CA LYS D 96 -25.69 19.16 -88.11
C LYS D 96 -27.06 19.61 -87.59
N ASP D 97 -27.49 20.81 -88.01
CA ASP D 97 -28.74 21.48 -87.62
C ASP D 97 -28.71 21.97 -86.17
N GLY D 98 -27.50 22.24 -85.66
CA GLY D 98 -27.23 22.83 -84.35
C GLY D 98 -27.56 22.12 -83.05
N GLU D 99 -28.33 21.02 -83.12
CA GLU D 99 -28.75 20.24 -81.95
C GLU D 99 -28.43 18.75 -82.18
N ALA D 100 -28.64 17.93 -81.12
CA ALA D 100 -28.56 16.47 -81.12
C ALA D 100 -29.16 15.96 -79.83
N THR D 101 -30.29 15.23 -79.92
CA THR D 101 -30.94 14.66 -78.74
C THR D 101 -30.46 13.21 -78.52
N TYR D 102 -30.16 12.89 -77.24
CA TYR D 102 -29.68 11.61 -76.77
C TYR D 102 -30.62 11.00 -75.76
N ALA D 103 -30.92 9.71 -75.94
CA ALA D 103 -31.80 8.94 -75.07
C ALA D 103 -30.99 7.86 -74.31
N PRO D 104 -31.33 7.52 -73.03
CA PRO D 104 -30.54 6.49 -72.33
C PRO D 104 -30.65 5.12 -72.98
N GLY D 105 -29.65 4.27 -72.75
CA GLY D 105 -29.61 2.94 -73.33
C GLY D 105 -29.08 2.91 -74.75
N ASP D 106 -29.05 4.07 -75.43
CA ASP D 106 -28.56 4.21 -76.79
C ASP D 106 -27.03 4.11 -76.86
N THR D 107 -26.49 4.25 -78.07
CA THR D 107 -25.06 4.18 -78.34
C THR D 107 -24.66 5.33 -79.25
N VAL D 108 -23.55 6.01 -78.90
CA VAL D 108 -23.00 7.11 -79.68
C VAL D 108 -21.51 6.92 -79.89
N LEU D 109 -21.05 7.04 -81.14
CA LEU D 109 -19.64 6.94 -81.46
C LEU D 109 -19.06 8.32 -81.20
N VAL D 110 -17.99 8.39 -80.41
CA VAL D 110 -17.33 9.65 -80.08
C VAL D 110 -16.00 9.65 -80.84
N THR D 111 -15.98 10.36 -81.98
CA THR D 111 -14.81 10.43 -82.87
C THR D 111 -13.90 11.63 -82.57
N THR D 112 -12.64 11.56 -83.00
CA THR D 112 -11.68 12.67 -82.91
C THR D 112 -11.23 12.98 -84.35
N ASP D 113 -12.11 12.61 -85.32
CA ASP D 113 -11.92 12.77 -86.75
C ASP D 113 -12.45 14.14 -87.18
N PRO D 114 -11.58 14.99 -87.78
CA PRO D 114 -12.03 16.35 -88.20
C PRO D 114 -13.11 16.41 -89.28
N ALA D 115 -13.44 15.27 -89.89
CA ALA D 115 -14.47 15.19 -90.92
C ALA D 115 -15.86 15.37 -90.30
N PHE D 116 -16.01 14.94 -89.04
CA PHE D 116 -17.25 15.01 -88.29
C PHE D 116 -17.26 16.22 -87.34
N GLU D 117 -16.26 17.13 -87.49
CA GLU D 117 -16.08 18.34 -86.68
C GLU D 117 -17.29 19.26 -86.74
N LYS D 118 -17.90 19.40 -87.93
CA LYS D 118 -19.07 20.25 -88.14
C LYS D 118 -20.34 19.45 -88.45
N ILE D 119 -20.20 18.14 -88.76
CA ILE D 119 -21.31 17.24 -89.09
C ILE D 119 -21.57 16.22 -87.95
N GLY D 120 -21.87 16.72 -86.77
CA GLY D 120 -22.12 15.86 -85.61
C GLY D 120 -23.57 15.49 -85.45
N THR D 121 -23.89 14.20 -85.48
CA THR D 121 -25.27 13.69 -85.34
C THR D 121 -25.46 12.93 -84.00
N LYS D 122 -26.68 12.38 -83.75
CA LYS D 122 -27.01 11.61 -82.55
C LYS D 122 -26.33 10.23 -82.55
N GLU D 123 -25.81 9.80 -83.73
CA GLU D 123 -25.14 8.51 -83.99
C GLU D 123 -23.60 8.57 -83.85
N LYS D 124 -22.99 9.72 -84.22
CA LYS D 124 -21.55 9.97 -84.17
C LYS D 124 -21.23 11.44 -84.14
N PHE D 125 -20.32 11.88 -83.23
CA PHE D 125 -19.89 13.26 -83.14
C PHE D 125 -18.41 13.41 -82.77
N TYR D 126 -17.82 14.59 -83.08
CA TYR D 126 -16.40 14.93 -82.85
C TYR D 126 -16.16 15.54 -81.47
N VAL D 127 -14.91 15.40 -80.96
CA VAL D 127 -14.41 15.98 -79.71
C VAL D 127 -12.99 16.45 -79.99
N ASP D 128 -12.66 17.57 -79.36
CA ASP D 128 -11.34 18.25 -79.48
C ASP D 128 -10.19 17.27 -79.26
N TYR D 129 -10.01 16.80 -78.03
CA TYR D 129 -8.88 15.91 -77.65
C TYR D 129 -8.59 14.80 -78.66
N PRO D 130 -7.44 14.85 -79.36
CA PRO D 130 -7.07 13.83 -80.34
C PRO D 130 -6.46 12.61 -79.65
N GLN D 131 -6.11 12.75 -78.38
CA GLN D 131 -5.57 11.67 -77.56
C GLN D 131 -6.63 10.95 -76.71
N LEU D 132 -7.91 11.36 -76.83
CA LEU D 132 -9.08 10.85 -76.10
C LEU D 132 -9.30 9.32 -76.16
N PRO D 133 -9.24 8.63 -77.33
CA PRO D 133 -9.46 7.17 -77.32
C PRO D 133 -8.38 6.37 -76.61
N ASN D 134 -7.17 6.96 -76.48
CA ASN D 134 -6.04 6.34 -75.83
C ASN D 134 -6.05 6.61 -74.32
N VAL D 135 -6.66 7.74 -73.89
CA VAL D 135 -6.76 8.15 -72.48
C VAL D 135 -7.97 7.46 -71.80
N VAL D 136 -9.17 7.56 -72.42
CA VAL D 136 -10.42 6.93 -71.92
C VAL D 136 -10.45 5.43 -72.27
N ARG D 137 -10.56 4.58 -71.27
CA ARG D 137 -10.58 3.13 -71.46
C ARG D 137 -11.99 2.59 -71.12
N PRO D 138 -12.41 1.40 -71.66
CA PRO D 138 -13.78 0.90 -71.38
C PRO D 138 -14.20 0.88 -69.92
N GLY D 139 -15.45 1.26 -69.69
CA GLY D 139 -16.04 1.39 -68.37
C GLY D 139 -15.99 2.83 -67.92
N GLY D 140 -14.91 3.53 -68.31
CA GLY D 140 -14.69 4.95 -68.03
C GLY D 140 -15.80 5.84 -68.55
N LEU D 141 -16.13 6.92 -67.80
CA LEU D 141 -17.21 7.85 -68.16
C LEU D 141 -16.70 9.13 -68.76
N ILE D 142 -17.40 9.61 -69.77
CA ILE D 142 -17.14 10.89 -70.42
C ILE D 142 -18.28 11.82 -69.95
N TYR D 143 -17.92 13.01 -69.41
CA TYR D 143 -18.86 13.98 -68.85
C TYR D 143 -19.06 15.17 -69.78
N VAL D 144 -19.89 14.98 -70.81
CA VAL D 144 -20.24 16.01 -71.80
C VAL D 144 -21.14 17.04 -71.17
N ASP D 145 -20.86 18.34 -71.40
CA ASP D 145 -21.63 19.49 -70.93
C ASP D 145 -21.93 19.75 -69.44
N ASP D 146 -20.87 20.00 -68.61
CA ASP D 146 -20.96 20.29 -67.17
C ASP D 146 -21.68 19.09 -66.47
N GLY D 147 -21.19 17.89 -66.79
CA GLY D 147 -21.67 16.62 -66.27
C GLY D 147 -23.14 16.27 -66.37
N VAL D 148 -23.95 17.04 -67.12
CA VAL D 148 -25.39 16.75 -67.23
C VAL D 148 -25.63 15.57 -68.20
N LEU D 149 -24.64 15.28 -69.05
CA LEU D 149 -24.69 14.13 -69.93
C LEU D 149 -23.48 13.28 -69.58
N THR D 150 -23.72 12.03 -69.25
CA THR D 150 -22.67 11.09 -68.90
C THR D 150 -22.69 9.92 -69.94
N LEU D 151 -21.50 9.53 -70.50
CA LEU D 151 -21.35 8.46 -71.51
C LEU D 151 -20.39 7.38 -71.01
N ARG D 152 -20.86 6.15 -70.88
CA ARG D 152 -19.94 5.08 -70.42
C ARG D 152 -19.27 4.50 -71.67
N VAL D 153 -17.95 4.30 -71.62
CA VAL D 153 -17.20 3.78 -72.75
C VAL D 153 -17.41 2.28 -72.88
N LEU D 154 -17.98 1.83 -74.01
CA LEU D 154 -18.20 0.42 -74.28
C LEU D 154 -16.94 -0.21 -74.85
N SER D 155 -16.44 0.32 -75.99
CA SER D 155 -15.24 -0.19 -76.66
C SER D 155 -14.55 0.86 -77.54
N LYS D 156 -13.26 0.66 -77.84
CA LYS D 156 -12.51 1.53 -78.74
C LYS D 156 -12.70 0.87 -80.08
N GLU D 157 -13.72 1.26 -80.84
CA GLU D 157 -13.94 0.63 -82.14
C GLU D 157 -12.74 0.83 -83.09
N ASP D 158 -12.32 2.10 -83.25
CA ASP D 158 -11.28 2.55 -84.16
C ASP D 158 -10.08 3.16 -83.49
N ASP D 159 -9.19 3.66 -84.35
CA ASP D 159 -7.93 4.35 -84.12
C ASP D 159 -8.16 5.59 -83.27
N CYS D 160 -9.19 6.36 -83.62
CA CYS D 160 -9.56 7.62 -82.99
C CYS D 160 -11.09 7.74 -82.73
N THR D 161 -11.79 6.61 -82.47
CA THR D 161 -13.23 6.57 -82.14
C THR D 161 -13.53 5.63 -81.01
N LEU D 162 -14.52 5.99 -80.17
CA LEU D 162 -14.98 5.21 -79.03
C LEU D 162 -16.50 4.99 -79.13
N LYS D 163 -16.99 3.77 -78.90
CA LYS D 163 -18.45 3.53 -78.89
C LYS D 163 -18.90 3.68 -77.44
N CYS D 164 -19.84 4.60 -77.18
CA CYS D 164 -20.29 4.86 -75.82
C CYS D 164 -21.77 4.64 -75.61
N HIS D 165 -22.12 4.08 -74.45
CA HIS D 165 -23.50 3.85 -74.04
C HIS D 165 -24.00 5.08 -73.29
N VAL D 166 -25.08 5.70 -73.80
CA VAL D 166 -25.73 6.89 -73.24
C VAL D 166 -26.47 6.51 -71.93
N ASN D 167 -26.13 7.17 -70.80
CA ASN D 167 -26.73 6.89 -69.47
C ASN D 167 -28.02 7.68 -69.17
N ASN D 168 -28.11 8.94 -69.62
CA ASN D 168 -29.26 9.82 -69.36
C ASN D 168 -29.75 10.59 -70.59
N HIS D 169 -31.03 10.99 -70.58
CA HIS D 169 -31.64 11.74 -71.67
C HIS D 169 -31.20 13.21 -71.65
N HIS D 170 -30.47 13.61 -72.69
CA HIS D 170 -30.02 14.99 -72.85
C HIS D 170 -29.87 15.41 -74.31
N ARG D 171 -30.23 16.67 -74.62
CA ARG D 171 -30.05 17.27 -75.94
C ARG D 171 -28.90 18.27 -75.80
N LEU D 172 -27.84 17.97 -76.55
CA LEU D 172 -26.63 18.77 -76.60
C LEU D 172 -26.70 19.71 -77.79
N THR D 173 -25.86 20.75 -77.76
CA THR D 173 -25.72 21.73 -78.83
C THR D 173 -24.23 21.98 -79.11
N ASP D 174 -23.97 22.71 -80.20
CA ASP D 174 -22.67 23.13 -80.76
C ASP D 174 -21.62 23.52 -79.70
N ARG D 175 -20.40 22.96 -79.84
CA ARG D 175 -19.23 23.30 -79.04
C ARG D 175 -19.46 23.34 -77.49
N LYS D 176 -19.58 22.16 -76.83
CA LYS D 176 -19.81 22.02 -75.38
C LYS D 176 -18.72 21.20 -74.70
N GLY D 177 -18.22 21.69 -73.57
CA GLY D 177 -17.13 21.09 -72.78
C GLY D 177 -17.20 19.61 -72.40
N ILE D 178 -16.01 18.96 -72.36
CA ILE D 178 -15.75 17.54 -72.05
C ILE D 178 -14.86 17.44 -70.82
N ASN D 179 -15.28 16.57 -69.86
CA ASN D 179 -14.59 16.31 -68.58
C ASN D 179 -14.26 14.83 -68.48
N LEU D 180 -13.08 14.51 -67.93
CA LEU D 180 -12.64 13.12 -67.84
C LEU D 180 -12.20 12.85 -66.40
N PRO D 181 -13.14 12.37 -65.56
CA PRO D 181 -12.87 12.25 -64.11
C PRO D 181 -11.72 11.33 -63.68
N GLY D 182 -11.85 10.02 -63.92
CA GLY D 182 -10.83 9.05 -63.55
C GLY D 182 -9.71 8.90 -64.57
N CYS D 183 -9.65 9.85 -65.55
CA CYS D 183 -8.66 9.91 -66.64
C CYS D 183 -7.49 10.91 -66.55
N GLU D 184 -6.25 10.41 -66.53
CA GLU D 184 -5.08 11.32 -66.49
C GLU D 184 -4.82 11.81 -67.92
N VAL D 185 -5.22 13.06 -68.20
CA VAL D 185 -5.22 13.74 -69.54
C VAL D 185 -3.88 13.77 -70.28
N ASP D 186 -2.86 14.39 -69.70
CA ASP D 186 -1.53 14.59 -70.33
C ASP D 186 -1.68 15.54 -71.53
N LEU D 187 -1.76 16.83 -71.24
CA LEU D 187 -1.89 17.91 -72.25
C LEU D 187 -1.05 19.09 -71.77
N PRO D 188 -0.59 20.00 -72.64
CA PRO D 188 0.27 21.09 -72.19
C PRO D 188 -0.55 22.13 -71.42
N ALA D 189 0.06 22.73 -70.41
CA ALA D 189 -0.67 23.79 -69.69
C ALA D 189 -0.60 25.04 -70.56
N VAL D 190 0.59 25.36 -71.07
CA VAL D 190 0.70 26.52 -71.96
C VAL D 190 0.68 26.09 -73.42
N SER D 191 -0.54 25.87 -73.98
CA SER D 191 -0.74 25.49 -75.38
C SER D 191 -0.36 26.66 -76.29
N GLU D 192 -0.06 26.42 -77.58
CA GLU D 192 0.34 27.46 -78.54
C GLU D 192 -0.58 28.71 -78.51
N LYS D 193 -1.91 28.52 -78.27
CA LYS D 193 -2.89 29.59 -78.12
C LYS D 193 -2.67 30.29 -76.77
N ASP D 194 -2.56 29.51 -75.65
CA ASP D 194 -2.32 29.99 -74.28
C ASP D 194 -1.06 30.86 -74.22
N ARG D 195 0.01 30.44 -74.93
CA ARG D 195 1.31 31.10 -75.01
C ARG D 195 1.18 32.52 -75.54
N LYS D 196 0.48 32.68 -76.69
CA LYS D 196 0.26 33.95 -77.37
C LYS D 196 -0.70 34.82 -76.58
N ASP D 197 -1.68 34.19 -75.92
CA ASP D 197 -2.66 34.86 -75.08
C ASP D 197 -1.91 35.56 -73.94
N LEU D 198 -0.83 34.88 -73.41
CA LEU D 198 0.08 35.30 -72.33
C LEU D 198 1.08 36.39 -72.73
N GLN D 199 1.47 36.44 -74.01
CA GLN D 199 2.39 37.47 -74.53
C GLN D 199 1.63 38.78 -74.77
N PHE D 200 0.31 38.70 -75.13
CA PHE D 200 -0.59 39.84 -75.35
C PHE D 200 -0.82 40.61 -74.03
N GLY D 201 -1.15 39.87 -72.97
CA GLY D 201 -1.42 40.42 -71.65
C GLY D 201 -0.23 41.09 -71.01
N VAL D 202 0.94 40.44 -71.12
CA VAL D 202 2.21 40.96 -70.62
C VAL D 202 2.50 42.30 -71.33
N GLU D 203 2.27 42.34 -72.65
CA GLU D 203 2.48 43.51 -73.50
C GLU D 203 1.57 44.66 -73.09
N GLN D 204 0.26 44.39 -72.99
CA GLN D 204 -0.73 45.43 -72.69
C GLN D 204 -0.88 45.71 -71.20
N GLY D 205 -0.14 44.98 -70.36
CA GLY D 205 -0.05 45.20 -68.92
C GLY D 205 -1.01 44.63 -67.90
N VAL D 206 -1.51 43.42 -68.15
CA VAL D 206 -2.38 42.75 -67.18
C VAL D 206 -1.70 42.53 -65.83
N ASP D 207 -2.44 42.70 -64.74
CA ASP D 207 -1.87 42.62 -63.39
C ASP D 207 -1.62 41.21 -62.88
N MET D 208 -2.51 40.25 -63.20
CA MET D 208 -2.42 38.87 -62.74
C MET D 208 -2.94 37.89 -63.77
N ILE D 209 -2.54 36.62 -63.66
CA ILE D 209 -2.97 35.54 -64.55
C ILE D 209 -3.74 34.52 -63.75
N PHE D 210 -4.88 34.07 -64.26
CA PHE D 210 -5.71 33.04 -63.65
C PHE D 210 -5.52 31.77 -64.49
N ALA D 211 -4.43 31.03 -64.21
CA ALA D 211 -4.01 29.82 -64.93
C ALA D 211 -4.99 28.66 -64.79
N SER D 212 -5.61 28.27 -65.91
CA SER D 212 -6.62 27.20 -65.97
C SER D 212 -6.03 25.81 -65.97
N PHE D 213 -6.71 24.89 -65.26
CA PHE D 213 -6.40 23.47 -65.10
C PHE D 213 -4.95 23.22 -64.70
N ILE D 214 -4.58 23.74 -63.52
CA ILE D 214 -3.26 23.53 -62.96
C ILE D 214 -3.37 22.20 -62.20
N ARG D 215 -2.55 21.20 -62.58
CA ARG D 215 -2.52 19.85 -62.01
C ARG D 215 -1.30 19.62 -61.13
N THR D 216 -0.12 20.08 -61.59
CA THR D 216 1.16 19.94 -60.91
C THR D 216 1.79 21.26 -60.54
N ALA D 217 2.92 21.19 -59.80
CA ALA D 217 3.74 22.33 -59.40
C ALA D 217 4.57 22.81 -60.59
N ASP D 218 4.92 21.86 -61.50
CA ASP D 218 5.68 22.19 -62.69
C ASP D 218 4.81 22.93 -63.68
N GLN D 219 3.48 22.67 -63.67
CA GLN D 219 2.54 23.37 -64.54
C GLN D 219 2.49 24.88 -64.24
N VAL D 220 2.54 25.25 -62.95
CA VAL D 220 2.54 26.67 -62.56
C VAL D 220 3.90 27.28 -62.95
N ARG D 221 4.98 26.47 -62.98
CA ARG D 221 6.31 26.91 -63.41
C ARG D 221 6.35 27.12 -64.95
N GLU D 222 5.64 26.25 -65.72
CA GLU D 222 5.53 26.34 -67.19
C GLU D 222 4.94 27.69 -67.63
N VAL D 223 3.96 28.20 -66.88
CA VAL D 223 3.27 29.48 -67.07
C VAL D 223 4.23 30.63 -66.72
N ARG D 224 5.03 30.45 -65.63
CA ARG D 224 6.01 31.43 -65.16
C ARG D 224 7.02 31.77 -66.26
N ALA D 225 7.40 30.76 -67.07
CA ALA D 225 8.35 30.86 -68.17
C ALA D 225 7.70 31.47 -69.41
N ALA D 226 6.37 31.27 -69.58
CA ALA D 226 5.61 31.81 -70.72
C ALA D 226 5.56 33.36 -70.69
N LEU D 227 5.61 33.96 -69.48
CA LEU D 227 5.71 35.41 -69.27
C LEU D 227 7.22 35.64 -69.07
N GLY D 228 7.85 36.43 -69.93
CA GLY D 228 9.28 36.68 -69.87
C GLY D 228 9.66 37.65 -68.76
N GLU D 229 10.90 38.16 -68.81
CA GLU D 229 11.38 39.17 -67.87
C GLU D 229 10.46 40.37 -67.75
N LYS D 230 9.69 40.64 -68.84
CA LYS D 230 8.70 41.70 -68.95
C LYS D 230 7.51 41.38 -68.02
N GLY D 231 7.07 40.12 -68.02
CA GLY D 231 5.98 39.63 -67.17
C GLY D 231 6.43 38.90 -65.91
N LYS D 232 7.64 39.21 -65.43
CA LYS D 232 8.26 38.62 -64.24
C LYS D 232 7.50 38.97 -62.95
N ASP D 233 6.99 40.23 -62.83
CA ASP D 233 6.27 40.73 -61.65
C ASP D 233 4.76 40.41 -61.64
N THR D 234 4.18 39.98 -62.79
CA THR D 234 2.75 39.65 -62.85
C THR D 234 2.46 38.38 -62.02
N LEU D 235 1.39 38.43 -61.20
CA LEU D 235 0.96 37.35 -60.32
C LEU D 235 0.39 36.14 -61.07
N ILE D 236 0.56 34.96 -60.48
CA ILE D 236 0.05 33.69 -61.02
C ILE D 236 -0.91 33.05 -60.02
N ILE D 237 -2.21 33.17 -60.29
CA ILE D 237 -3.27 32.58 -59.46
C ILE D 237 -3.68 31.28 -60.15
N SER D 238 -3.30 30.15 -59.56
CA SER D 238 -3.61 28.85 -60.14
C SER D 238 -5.03 28.39 -59.86
N LYS D 239 -5.72 27.94 -60.90
CA LYS D 239 -7.10 27.45 -60.79
C LYS D 239 -7.13 25.94 -60.55
N ILE D 240 -7.67 25.54 -59.39
CA ILE D 240 -7.83 24.15 -59.03
C ILE D 240 -9.23 23.73 -59.48
N GLU D 241 -9.30 22.86 -60.51
CA GLU D 241 -10.58 22.42 -61.07
C GLU D 241 -10.57 20.94 -61.51
N ASN D 242 -9.62 20.15 -61.00
CA ASN D 242 -9.48 18.72 -61.28
C ASN D 242 -9.01 17.96 -60.04
N HIS D 243 -9.08 16.63 -60.09
CA HIS D 243 -8.65 15.75 -59.01
C HIS D 243 -7.13 15.89 -58.73
N GLN D 244 -6.27 15.99 -59.79
CA GLN D 244 -4.80 16.13 -59.70
C GLN D 244 -4.39 17.38 -58.95
N GLY D 245 -5.06 18.49 -59.23
CA GLY D 245 -4.83 19.79 -58.61
C GLY D 245 -5.00 19.78 -57.11
N VAL D 246 -6.16 19.27 -56.62
CA VAL D 246 -6.48 19.14 -55.19
C VAL D 246 -5.44 18.19 -54.56
N GLN D 247 -5.07 17.09 -55.27
CA GLN D 247 -4.11 16.11 -54.80
C GLN D 247 -2.72 16.74 -54.59
N ASN D 248 -2.29 17.64 -55.51
CA ASN D 248 -0.99 18.31 -55.48
C ASN D 248 -1.09 19.75 -54.97
N ILE D 249 -2.14 20.08 -54.18
CA ILE D 249 -2.43 21.46 -53.71
C ILE D 249 -1.23 22.15 -53.02
N ASP D 250 -0.51 21.45 -52.14
CA ASP D 250 0.62 22.03 -51.40
C ASP D 250 1.75 22.53 -52.29
N ALA D 251 2.10 21.74 -53.34
CA ALA D 251 3.15 22.05 -54.32
C ALA D 251 2.76 23.25 -55.18
N ILE D 252 1.47 23.26 -55.63
CA ILE D 252 0.80 24.31 -56.43
C ILE D 252 0.76 25.63 -55.65
N ILE D 253 0.52 25.56 -54.32
CA ILE D 253 0.45 26.74 -53.45
C ILE D 253 1.81 27.44 -53.36
N GLU D 254 2.89 26.66 -53.10
CA GLU D 254 4.26 27.17 -52.98
C GLU D 254 4.73 27.84 -54.26
N ALA D 255 4.39 27.23 -55.41
CA ALA D 255 4.76 27.71 -56.75
C ALA D 255 3.98 28.94 -57.23
N SER D 256 2.70 29.05 -56.81
CA SER D 256 1.79 30.15 -57.18
C SER D 256 1.87 31.36 -56.28
N ASP D 257 1.18 32.45 -56.69
CA ASP D 257 1.11 33.71 -55.95
C ASP D 257 -0.21 33.77 -55.19
N GLY D 258 -1.10 32.88 -55.56
CA GLY D 258 -2.44 32.74 -55.02
C GLY D 258 -3.16 31.59 -55.69
N ILE D 259 -4.35 31.23 -55.19
CA ILE D 259 -5.13 30.10 -55.70
C ILE D 259 -6.59 30.46 -55.95
N MET D 260 -7.20 29.86 -56.97
CA MET D 260 -8.62 30.04 -57.25
C MET D 260 -9.29 28.70 -57.14
N VAL D 261 -10.35 28.61 -56.32
CA VAL D 261 -11.12 27.39 -56.18
C VAL D 261 -12.16 27.48 -57.29
N ALA D 262 -11.74 27.15 -58.54
CA ALA D 262 -12.60 27.18 -59.73
C ALA D 262 -13.60 26.02 -59.58
N ARG D 263 -14.72 26.29 -58.92
CA ARG D 263 -15.72 25.28 -58.58
C ARG D 263 -16.55 24.78 -59.76
N GLY D 264 -16.49 25.47 -60.91
CA GLY D 264 -17.20 25.11 -62.13
C GLY D 264 -16.78 23.74 -62.62
N ASP D 265 -15.54 23.64 -63.10
CA ASP D 265 -15.01 22.36 -63.59
C ASP D 265 -14.68 21.38 -62.45
N LEU D 266 -14.42 21.90 -61.22
CA LEU D 266 -14.12 21.04 -60.07
C LEU D 266 -15.34 20.19 -59.69
N GLY D 267 -16.52 20.78 -59.69
CA GLY D 267 -17.76 20.11 -59.37
C GLY D 267 -18.17 19.00 -60.33
N VAL D 268 -17.50 18.92 -61.50
CA VAL D 268 -17.76 17.90 -62.50
C VAL D 268 -16.62 16.87 -62.52
N GLU D 269 -15.37 17.33 -62.33
CA GLU D 269 -14.19 16.47 -62.28
C GLU D 269 -14.17 15.62 -60.99
N ILE D 270 -14.72 16.16 -59.87
CA ILE D 270 -14.87 15.49 -58.56
C ILE D 270 -16.38 15.51 -58.16
N PRO D 271 -16.91 14.59 -57.29
CA PRO D 271 -18.34 14.66 -56.94
C PRO D 271 -18.73 16.00 -56.34
N ALA D 272 -19.94 16.47 -56.67
CA ALA D 272 -20.49 17.76 -56.23
C ALA D 272 -20.37 18.02 -54.72
N GLU D 273 -20.65 16.99 -53.89
CA GLU D 273 -20.60 17.05 -52.43
C GLU D 273 -19.17 17.27 -51.89
N LYS D 274 -18.16 16.75 -52.62
CA LYS D 274 -16.77 16.83 -52.21
C LYS D 274 -16.19 18.24 -52.34
N VAL D 275 -16.82 19.11 -53.20
CA VAL D 275 -16.35 20.48 -53.46
C VAL D 275 -16.33 21.33 -52.17
N VAL D 276 -17.34 21.17 -51.27
CA VAL D 276 -17.41 21.91 -50.00
C VAL D 276 -16.15 21.66 -49.19
N VAL D 277 -15.83 20.37 -48.91
CA VAL D 277 -14.66 19.91 -48.15
C VAL D 277 -13.36 20.38 -48.84
N ALA D 278 -13.30 20.27 -50.19
CA ALA D 278 -12.18 20.72 -51.02
C ALA D 278 -11.95 22.23 -50.88
N GLN D 279 -13.02 23.04 -50.87
CA GLN D 279 -12.98 24.48 -50.74
C GLN D 279 -12.41 24.89 -49.37
N MET D 280 -12.93 24.30 -48.28
CA MET D 280 -12.54 24.57 -46.90
C MET D 280 -11.06 24.31 -46.74
N CYS D 281 -10.63 23.13 -47.18
CA CYS D 281 -9.26 22.64 -47.11
C CYS D 281 -8.29 23.49 -47.92
N ILE D 282 -8.67 23.92 -49.15
CA ILE D 282 -7.81 24.75 -50.01
C ILE D 282 -7.63 26.16 -49.41
N ILE D 283 -8.74 26.81 -49.07
CA ILE D 283 -8.77 28.15 -48.49
C ILE D 283 -7.93 28.24 -47.20
N SER D 284 -8.06 27.27 -46.30
CA SER D 284 -7.29 27.24 -45.04
C SER D 284 -5.80 27.02 -45.30
N LYS D 285 -5.45 26.20 -46.31
CA LYS D 285 -4.05 25.92 -46.69
C LYS D 285 -3.40 27.21 -47.24
N CYS D 286 -4.17 28.02 -48.00
CA CYS D 286 -3.77 29.32 -48.55
C CYS D 286 -3.64 30.34 -47.44
N ASN D 287 -4.53 30.28 -46.42
CA ASN D 287 -4.52 31.17 -45.23
C ASN D 287 -3.19 31.01 -44.48
N VAL D 288 -2.80 29.75 -44.14
CA VAL D 288 -1.55 29.36 -43.45
C VAL D 288 -0.35 29.78 -44.30
N ALA D 289 -0.46 29.62 -45.64
CA ALA D 289 0.59 29.97 -46.59
C ALA D 289 0.75 31.46 -46.73
N GLY D 290 -0.34 32.20 -46.55
CA GLY D 290 -0.37 33.66 -46.68
C GLY D 290 -0.41 34.10 -48.12
N LYS D 291 -1.28 33.42 -48.90
CA LYS D 291 -1.48 33.66 -50.34
C LYS D 291 -2.97 33.87 -50.66
N PRO D 292 -3.32 34.90 -51.47
CA PRO D 292 -4.74 35.17 -51.76
C PRO D 292 -5.50 34.02 -52.38
N VAL D 293 -6.64 33.67 -51.77
CA VAL D 293 -7.49 32.59 -52.26
C VAL D 293 -8.81 33.17 -52.67
N ILE D 294 -9.30 32.74 -53.84
CA ILE D 294 -10.54 33.19 -54.45
C ILE D 294 -11.54 32.04 -54.53
N CYS D 295 -12.82 32.35 -54.30
CA CYS D 295 -13.95 31.44 -54.49
C CYS D 295 -14.50 31.78 -55.89
N ALA D 296 -15.15 30.84 -56.63
CA ALA D 296 -15.43 31.22 -58.01
C ALA D 296 -16.74 30.79 -58.71
N THR D 297 -17.44 29.69 -58.39
CA THR D 297 -18.56 29.49 -59.34
C THR D 297 -19.96 29.32 -58.70
N GLN D 298 -20.97 29.91 -59.39
CA GLN D 298 -22.40 29.87 -59.07
C GLN D 298 -22.74 30.44 -57.67
N MET D 299 -21.88 31.35 -57.17
CA MET D 299 -21.98 31.99 -55.85
C MET D 299 -23.29 32.78 -55.63
N LEU D 300 -23.76 33.46 -56.70
CA LEU D 300 -25.02 34.21 -56.75
C LEU D 300 -25.66 34.00 -58.14
N GLU D 301 -25.50 32.79 -58.74
CA GLU D 301 -25.99 32.40 -60.07
C GLU D 301 -27.42 32.82 -60.38
N SER D 302 -28.39 32.68 -59.44
CA SER D 302 -29.79 33.07 -59.65
C SER D 302 -29.96 34.54 -60.03
N MET D 303 -29.04 35.41 -59.59
CA MET D 303 -29.10 36.84 -59.84
C MET D 303 -28.72 37.24 -61.31
N THR D 304 -28.45 36.24 -62.19
CA THR D 304 -28.21 36.45 -63.62
C THR D 304 -29.57 36.80 -64.26
N THR D 305 -30.67 36.29 -63.67
CA THR D 305 -32.06 36.49 -64.13
C THR D 305 -33.01 37.10 -63.07
N ASN D 306 -32.66 37.03 -61.77
CA ASN D 306 -33.51 37.54 -60.68
C ASN D 306 -32.91 38.75 -59.92
N PRO D 307 -33.74 39.64 -59.33
CA PRO D 307 -33.17 40.80 -58.62
C PRO D 307 -32.72 40.51 -57.18
N ARG D 308 -32.98 39.28 -56.70
CA ARG D 308 -32.66 38.81 -55.35
C ARG D 308 -32.12 37.36 -55.42
N PRO D 309 -31.14 36.98 -54.55
CA PRO D 309 -30.63 35.59 -54.59
C PRO D 309 -31.41 34.61 -53.72
N THR D 310 -31.18 33.30 -53.93
CA THR D 310 -31.82 32.24 -53.15
C THR D 310 -31.17 32.24 -51.75
N ARG D 311 -31.83 31.59 -50.76
CA ARG D 311 -31.27 31.49 -49.41
C ARG D 311 -29.95 30.71 -49.40
N ALA D 312 -29.75 29.86 -50.44
CA ALA D 312 -28.54 29.05 -50.61
C ALA D 312 -27.32 29.89 -51.03
N GLU D 313 -27.52 30.82 -52.00
CA GLU D 313 -26.48 31.74 -52.50
C GLU D 313 -25.90 32.63 -51.39
N VAL D 314 -26.80 33.19 -50.56
CA VAL D 314 -26.44 34.06 -49.45
C VAL D 314 -25.54 33.29 -48.44
N THR D 315 -25.92 32.05 -48.09
CA THR D 315 -25.11 31.26 -47.14
C THR D 315 -23.81 30.81 -47.81
N ASP D 316 -23.76 30.76 -49.16
CA ASP D 316 -22.57 30.39 -49.93
C ASP D 316 -21.50 31.46 -49.84
N VAL D 317 -21.84 32.71 -50.22
CA VAL D 317 -20.96 33.89 -50.20
C VAL D 317 -20.54 34.17 -48.78
N ALA D 318 -21.44 33.93 -47.81
CA ALA D 318 -21.16 34.12 -46.39
C ALA D 318 -20.09 33.12 -45.90
N ASN D 319 -20.28 31.81 -46.16
CA ASN D 319 -19.36 30.75 -45.76
C ASN D 319 -18.05 30.80 -46.49
N ALA D 320 -18.02 31.36 -47.71
CA ALA D 320 -16.77 31.54 -48.44
C ALA D 320 -15.87 32.45 -47.59
N VAL D 321 -16.48 33.50 -46.94
CA VAL D 321 -15.84 34.49 -46.04
C VAL D 321 -15.41 33.84 -44.75
N PHE D 322 -16.26 32.96 -44.16
CA PHE D 322 -15.94 32.28 -42.91
C PHE D 322 -14.79 31.29 -43.07
N ASN D 323 -14.80 30.50 -44.16
CA ASN D 323 -13.77 29.50 -44.51
C ASN D 323 -12.38 30.10 -44.72
N GLY D 324 -12.33 31.45 -44.80
CA GLY D 324 -11.14 32.28 -44.94
C GLY D 324 -10.78 32.87 -46.30
N ALA D 325 -11.74 33.02 -47.25
CA ALA D 325 -11.42 33.52 -48.60
C ALA D 325 -11.09 35.01 -48.60
N ASP D 326 -10.04 35.39 -49.34
CA ASP D 326 -9.63 36.79 -49.51
C ASP D 326 -10.68 37.43 -50.41
N CYS D 327 -10.95 36.79 -51.56
CA CYS D 327 -11.88 37.21 -52.60
C CYS D 327 -13.01 36.23 -52.84
N VAL D 328 -14.07 36.74 -53.47
CA VAL D 328 -15.26 36.03 -53.92
C VAL D 328 -15.52 36.51 -55.36
N MET D 329 -15.84 35.62 -56.27
CA MET D 329 -15.98 35.99 -57.68
C MET D 329 -17.38 35.69 -58.22
N LEU D 330 -17.72 36.28 -59.38
CA LEU D 330 -18.98 36.13 -60.13
C LEU D 330 -18.65 35.85 -61.60
N SER D 331 -19.43 35.00 -62.27
CA SER D 331 -19.13 34.69 -63.65
C SER D 331 -20.28 35.03 -64.60
N GLY D 332 -21.35 34.25 -64.60
CA GLY D 332 -22.49 34.53 -65.46
C GLY D 332 -23.12 35.86 -65.11
N GLU D 333 -23.28 36.09 -63.80
CA GLU D 333 -23.85 37.26 -63.11
C GLU D 333 -23.50 38.65 -63.64
N THR D 334 -22.19 38.96 -63.73
CA THR D 334 -21.70 40.27 -64.21
C THR D 334 -21.62 40.23 -65.74
N ALA D 335 -21.01 39.16 -66.30
CA ALA D 335 -20.73 39.01 -67.72
C ALA D 335 -21.98 38.97 -68.62
N LYS D 336 -22.94 38.08 -68.35
CA LYS D 336 -24.17 37.89 -69.13
C LYS D 336 -25.46 38.19 -68.35
N GLY D 337 -25.35 38.67 -67.12
CA GLY D 337 -26.53 38.91 -66.29
C GLY D 337 -27.34 40.15 -66.60
N LYS D 338 -28.62 40.10 -66.18
CA LYS D 338 -29.59 41.19 -66.32
C LYS D 338 -29.52 42.17 -65.12
N TYR D 339 -28.84 41.78 -64.03
CA TYR D 339 -28.67 42.60 -62.83
C TYR D 339 -27.19 42.62 -62.41
N PRO D 340 -26.29 43.33 -63.13
CA PRO D 340 -24.86 43.28 -62.78
C PRO D 340 -24.44 44.13 -61.61
N ASN D 341 -25.03 45.34 -61.45
CA ASN D 341 -24.70 46.23 -60.33
C ASN D 341 -25.38 45.73 -59.04
N GLU D 342 -26.59 45.19 -59.20
CA GLU D 342 -27.41 44.66 -58.12
C GLU D 342 -26.78 43.42 -57.49
N VAL D 343 -26.10 42.58 -58.30
CA VAL D 343 -25.45 41.35 -57.81
C VAL D 343 -24.16 41.68 -57.04
N VAL D 344 -23.36 42.68 -57.48
CA VAL D 344 -22.13 43.09 -56.80
C VAL D 344 -22.50 43.72 -55.45
N GLN D 345 -23.57 44.53 -55.43
CA GLN D 345 -24.12 45.19 -54.24
C GLN D 345 -24.61 44.19 -53.21
N TYR D 346 -25.26 43.09 -53.66
CA TYR D 346 -25.76 42.04 -52.78
C TYR D 346 -24.58 41.29 -52.13
N MET D 347 -23.56 40.97 -52.95
CA MET D 347 -22.33 40.31 -52.50
C MET D 347 -21.64 41.15 -51.43
N VAL D 348 -21.60 42.49 -51.64
CA VAL D 348 -21.03 43.46 -50.69
C VAL D 348 -21.74 43.36 -49.31
N ARG D 349 -23.07 43.39 -49.30
CA ARG D 349 -23.88 43.30 -48.08
C ARG D 349 -23.60 42.03 -47.28
N ILE D 350 -23.51 40.88 -47.98
CA ILE D 350 -23.23 39.55 -47.38
C ILE D 350 -21.81 39.51 -46.79
N CYS D 351 -20.79 39.92 -47.59
CA CYS D 351 -19.38 40.02 -47.18
C CYS D 351 -19.21 40.87 -45.91
N ILE D 352 -19.91 42.00 -45.82
CA ILE D 352 -19.84 42.88 -44.65
C ILE D 352 -20.53 42.21 -43.45
N GLU D 353 -21.67 41.51 -43.68
CA GLU D 353 -22.37 40.79 -42.60
C GLU D 353 -21.50 39.68 -42.05
N ALA D 354 -20.96 38.84 -42.96
CA ALA D 354 -20.06 37.74 -42.63
C ALA D 354 -18.86 38.24 -41.86
N GLN D 355 -18.15 39.28 -42.38
CA GLN D 355 -16.97 39.82 -41.67
C GLN D 355 -17.29 40.49 -40.32
N SER D 356 -18.54 40.96 -40.11
CA SER D 356 -18.94 41.57 -38.84
C SER D 356 -19.15 40.47 -37.79
N ALA D 357 -19.62 39.29 -38.22
CA ALA D 357 -19.85 38.12 -37.35
C ALA D 357 -18.50 37.48 -36.99
N THR D 358 -17.52 37.60 -37.92
CA THR D 358 -16.20 37.02 -37.82
C THR D 358 -15.10 38.12 -37.50
N HIS D 359 -15.44 39.02 -36.54
CA HIS D 359 -14.55 40.08 -35.98
C HIS D 359 -13.83 39.36 -34.82
N ASP D 360 -12.70 38.73 -35.16
CA ASP D 360 -12.09 37.80 -34.23
C ASP D 360 -10.58 37.96 -34.29
N SER D 361 -10.01 37.54 -33.18
CA SER D 361 -8.61 37.41 -32.89
C SER D 361 -8.31 35.91 -33.08
N VAL D 362 -9.37 35.12 -33.32
CA VAL D 362 -9.38 33.66 -33.48
C VAL D 362 -8.61 33.24 -34.72
N MET D 363 -8.90 33.84 -35.89
CA MET D 363 -8.21 33.50 -37.13
C MET D 363 -6.74 33.81 -37.02
N PHE D 364 -6.39 34.98 -36.44
CA PHE D 364 -5.01 35.41 -36.23
C PHE D 364 -4.24 34.40 -35.38
N ASN D 365 -4.80 34.01 -34.24
CA ASN D 365 -4.15 33.04 -33.37
C ASN D 365 -4.03 31.68 -34.04
N SER D 366 -5.07 31.23 -34.80
CA SER D 366 -5.08 29.95 -35.52
C SER D 366 -3.95 29.87 -36.54
N ILE D 367 -3.78 30.94 -37.36
CA ILE D 367 -2.75 31.08 -38.40
C ILE D 367 -1.35 31.19 -37.81
N LYS D 368 -1.17 32.08 -36.80
CA LYS D 368 0.11 32.31 -36.11
C LYS D 368 0.65 31.02 -35.49
N ASN D 369 -0.19 30.24 -34.78
CA ASN D 369 0.18 28.98 -34.13
C ASN D 369 0.58 27.88 -35.10
N LEU D 370 0.15 27.99 -36.35
CA LEU D 370 0.48 27.02 -37.38
C LEU D 370 1.75 27.41 -38.17
N GLN D 371 2.41 28.53 -37.78
CA GLN D 371 3.66 28.99 -38.41
C GLN D 371 4.87 28.42 -37.68
N LYS D 372 5.93 28.07 -38.43
CA LYS D 372 7.15 27.51 -37.87
C LYS D 372 8.06 28.57 -37.27
N ILE D 373 8.62 28.27 -36.10
CA ILE D 373 9.54 29.15 -35.39
C ILE D 373 10.98 28.60 -35.58
N PRO D 374 11.97 29.42 -35.92
CA PRO D 374 11.93 30.88 -36.07
C PRO D 374 11.32 31.39 -37.36
N MET D 375 10.68 32.55 -37.22
CA MET D 375 10.11 33.34 -38.27
C MET D 375 11.25 34.23 -38.81
N SER D 376 10.99 34.96 -39.89
CA SER D 376 11.94 35.88 -40.47
C SER D 376 11.68 37.24 -39.80
N PRO D 377 12.69 38.15 -39.65
CA PRO D 377 12.40 39.46 -39.04
C PRO D 377 11.26 40.19 -39.74
N GLU D 378 11.16 40.02 -41.08
CA GLU D 378 10.06 40.58 -41.84
C GLU D 378 8.73 40.07 -41.27
N GLU D 379 8.47 38.74 -41.34
CA GLU D 379 7.20 38.15 -40.89
C GLU D 379 6.89 38.36 -39.42
N ALA D 380 7.94 38.31 -38.56
CA ALA D 380 7.86 38.55 -37.12
C ALA D 380 7.40 39.98 -36.82
N VAL D 381 7.74 40.96 -37.69
CA VAL D 381 7.32 42.36 -37.57
C VAL D 381 5.86 42.49 -38.01
N CYS D 382 5.49 41.82 -39.14
CA CYS D 382 4.15 41.81 -39.73
C CYS D 382 3.10 41.13 -38.84
N SER D 383 3.45 39.98 -38.22
CA SER D 383 2.54 39.28 -37.31
C SER D 383 2.35 40.06 -36.01
N SER D 384 3.45 40.66 -35.47
CA SER D 384 3.39 41.44 -34.24
CA SER D 384 3.39 41.44 -34.24
C SER D 384 2.65 42.76 -34.47
N ALA D 385 2.67 43.27 -35.70
CA ALA D 385 1.95 44.50 -36.06
C ALA D 385 0.45 44.23 -35.92
N VAL D 386 0.03 43.00 -36.26
CA VAL D 386 -1.36 42.55 -36.14
C VAL D 386 -1.71 42.34 -34.65
N SER D 387 -0.85 41.66 -33.88
CA SER D 387 -1.13 41.50 -32.45
C SER D 387 -1.18 42.83 -31.72
N SER D 388 -0.31 43.80 -32.07
CA SER D 388 -0.29 45.15 -31.49
C SER D 388 -1.64 45.80 -31.73
N ALA D 389 -2.15 45.71 -32.99
CA ALA D 389 -3.44 46.25 -33.39
C ALA D 389 -4.55 45.69 -32.51
N PHE D 390 -4.55 44.36 -32.29
CA PHE D 390 -5.55 43.69 -31.46
C PHE D 390 -5.52 44.20 -30.01
N GLU D 391 -4.31 44.35 -29.43
CA GLU D 391 -4.06 44.83 -28.05
C GLU D 391 -4.54 46.26 -27.82
N VAL D 392 -4.17 47.22 -28.70
CA VAL D 392 -4.57 48.65 -28.57
C VAL D 392 -5.90 49.00 -29.24
N GLN D 393 -6.56 48.02 -29.88
CA GLN D 393 -7.82 48.24 -30.62
C GLN D 393 -7.63 49.28 -31.75
N ALA D 394 -6.50 49.14 -32.51
CA ALA D 394 -6.11 50.02 -33.62
C ALA D 394 -7.20 50.15 -34.66
N LYS D 395 -7.49 51.39 -35.07
CA LYS D 395 -8.53 51.68 -36.05
C LYS D 395 -8.07 51.39 -37.49
N ALA D 396 -6.74 51.20 -37.71
CA ALA D 396 -6.07 50.88 -38.99
C ALA D 396 -4.57 50.58 -38.84
N ILE D 397 -4.02 49.77 -39.77
CA ILE D 397 -2.58 49.42 -39.86
C ILE D 397 -2.05 50.07 -41.13
N LEU D 398 -0.94 50.84 -41.03
CA LEU D 398 -0.33 51.47 -42.20
C LEU D 398 1.02 50.80 -42.51
N VAL D 399 1.13 50.20 -43.71
CA VAL D 399 2.33 49.51 -44.18
C VAL D 399 2.94 50.22 -45.37
N LEU D 400 4.26 50.38 -45.36
CA LEU D 400 4.96 50.99 -46.47
C LEU D 400 5.54 49.83 -47.26
N SER D 401 4.84 49.43 -48.35
CA SER D 401 5.23 48.29 -49.18
C SER D 401 5.17 48.62 -50.67
N ASN D 402 6.32 48.67 -51.35
CA ASN D 402 6.38 48.98 -52.78
C ASN D 402 5.95 47.79 -53.64
N THR D 403 6.40 46.57 -53.28
CA THR D 403 6.08 45.31 -53.97
C THR D 403 4.75 44.69 -53.52
N GLY D 404 4.36 44.97 -52.27
CA GLY D 404 3.12 44.47 -51.69
C GLY D 404 3.29 43.24 -50.82
N ARG D 405 4.52 42.69 -50.76
CA ARG D 405 4.90 41.53 -49.95
C ARG D 405 4.44 41.73 -48.50
N SER D 406 4.91 42.84 -47.89
CA SER D 406 4.62 43.25 -46.52
C SER D 406 3.11 43.39 -46.25
N ALA D 407 2.36 43.96 -47.21
CA ALA D 407 0.92 44.14 -47.10
C ALA D 407 0.17 42.79 -47.15
N ARG D 408 0.68 41.83 -47.96
CA ARG D 408 0.14 40.47 -48.10
C ARG D 408 0.47 39.70 -46.84
N LEU D 409 1.64 40.02 -46.24
CA LEU D 409 2.19 39.42 -45.02
C LEU D 409 1.44 39.90 -43.78
N ILE D 410 0.92 41.14 -43.81
CA ILE D 410 0.15 41.68 -42.68
C ILE D 410 -1.26 41.10 -42.77
N SER D 411 -1.84 41.12 -43.97
CA SER D 411 -3.17 40.57 -44.26
C SER D 411 -3.26 39.06 -43.93
N LYS D 412 -2.07 38.36 -43.97
CA LYS D 412 -1.91 36.93 -43.69
C LYS D 412 -2.41 36.59 -42.29
N TYR D 413 -2.22 37.52 -41.35
CA TYR D 413 -2.58 37.37 -39.96
C TYR D 413 -3.97 37.94 -39.64
N ARG D 414 -4.79 38.13 -40.67
CA ARG D 414 -6.20 38.55 -40.62
C ARG D 414 -6.57 39.57 -39.47
N PRO D 415 -6.16 40.86 -39.58
CA PRO D 415 -6.58 41.83 -38.54
C PRO D 415 -8.04 42.27 -38.78
N ASN D 416 -8.75 42.78 -37.74
CA ASN D 416 -10.13 43.24 -37.94
C ASN D 416 -10.20 44.62 -38.60
N CYS D 417 -9.19 45.46 -38.40
CA CYS D 417 -9.06 46.82 -38.95
C CYS D 417 -8.55 46.83 -40.42
N PRO D 418 -8.69 47.96 -41.18
CA PRO D 418 -8.13 47.99 -42.56
C PRO D 418 -6.61 48.11 -42.56
N ILE D 419 -5.99 47.73 -43.69
CA ILE D 419 -4.53 47.82 -43.88
C ILE D 419 -4.31 48.82 -45.01
N ILE D 420 -3.69 49.95 -44.71
CA ILE D 420 -3.38 50.97 -45.71
C ILE D 420 -1.95 50.71 -46.18
N CYS D 421 -1.75 50.62 -47.50
CA CYS D 421 -0.44 50.35 -48.07
C CYS D 421 0.09 51.54 -48.85
N ALA D 422 1.15 52.20 -48.33
CA ALA D 422 1.79 53.33 -49.00
C ALA D 422 2.82 52.79 -49.99
N THR D 423 2.35 52.51 -51.22
CA THR D 423 3.14 51.93 -52.31
C THR D 423 3.58 53.02 -53.31
N THR D 424 4.69 52.76 -54.02
CA THR D 424 5.26 53.66 -55.04
C THR D 424 4.96 53.15 -56.47
N ARG D 425 4.58 51.88 -56.57
CA ARG D 425 4.31 51.15 -57.78
C ARG D 425 2.80 51.05 -57.97
N LEU D 426 2.27 51.46 -59.14
CA LEU D 426 0.84 51.39 -59.41
C LEU D 426 0.40 49.98 -59.70
N LEU D 427 1.35 49.14 -60.14
CA LEU D 427 1.13 47.72 -60.45
C LEU D 427 0.66 46.97 -59.18
N THR D 428 1.31 47.26 -58.02
CA THR D 428 1.08 46.80 -56.66
C THR D 428 -0.27 47.30 -56.12
N CYS D 429 -0.66 48.56 -56.37
CA CYS D 429 -1.96 49.07 -55.94
C CYS D 429 -3.08 48.22 -56.57
N ARG D 430 -2.85 47.81 -57.83
CA ARG D 430 -3.73 46.96 -58.63
C ARG D 430 -3.71 45.49 -58.20
N GLN D 431 -2.50 44.92 -57.98
CA GLN D 431 -2.28 43.53 -57.55
C GLN D 431 -2.77 43.26 -56.12
N LEU D 432 -2.89 44.32 -55.29
CA LEU D 432 -3.36 44.18 -53.90
C LEU D 432 -4.90 44.20 -53.79
N ASN D 433 -5.61 44.20 -54.93
CA ASN D 433 -7.07 44.14 -54.96
C ASN D 433 -7.49 42.69 -54.66
N VAL D 434 -6.55 41.75 -54.70
CA VAL D 434 -6.91 40.33 -54.47
C VAL D 434 -6.63 39.95 -53.01
N THR D 435 -6.08 40.86 -52.22
CA THR D 435 -5.73 40.57 -50.81
C THR D 435 -6.70 41.25 -49.84
N ARG D 436 -7.28 40.46 -48.94
CA ARG D 436 -8.29 40.88 -47.93
C ARG D 436 -7.79 42.02 -47.06
N SER D 437 -8.67 42.97 -46.75
CA SER D 437 -8.47 44.15 -45.85
C SER D 437 -7.52 45.26 -46.32
N VAL D 438 -6.76 45.08 -47.39
CA VAL D 438 -5.76 46.09 -47.88
C VAL D 438 -6.53 47.19 -48.59
N GLU D 439 -6.01 48.42 -48.50
CA GLU D 439 -6.52 49.66 -49.14
C GLU D 439 -5.29 50.46 -49.55
N SER D 440 -4.84 50.29 -50.79
CA SER D 440 -3.60 50.91 -51.28
C SER D 440 -3.69 52.42 -51.49
N VAL D 441 -2.56 53.11 -51.28
CA VAL D 441 -2.41 54.55 -51.50
C VAL D 441 -1.13 54.77 -52.31
N TYR D 442 -1.28 55.33 -53.52
CA TYR D 442 -0.18 55.58 -54.45
C TYR D 442 0.56 56.88 -54.19
N TYR D 443 1.87 56.76 -53.92
CA TYR D 443 2.78 57.89 -53.69
C TYR D 443 3.53 58.14 -55.00
N ASP D 444 3.33 59.34 -55.59
CA ASP D 444 3.96 59.75 -56.84
C ASP D 444 5.34 60.38 -56.58
N VAL D 445 6.39 59.52 -56.58
CA VAL D 445 7.79 59.85 -56.29
C VAL D 445 8.41 60.82 -57.33
N ASP D 446 8.04 60.68 -58.62
CA ASP D 446 8.53 61.48 -59.74
C ASP D 446 8.21 62.98 -59.62
N ALA D 447 6.90 63.31 -59.51
CA ALA D 447 6.35 64.66 -59.39
C ALA D 447 6.90 65.49 -58.22
N HIS D 448 7.17 64.84 -57.09
CA HIS D 448 7.68 65.48 -55.87
C HIS D 448 9.20 65.33 -55.71
N GLY D 449 9.63 64.53 -54.73
CA GLY D 449 11.04 64.27 -54.46
C GLY D 449 11.35 62.80 -54.29
N GLU D 450 12.65 62.48 -54.18
CA GLU D 450 13.18 61.13 -53.99
C GLU D 450 12.67 60.45 -52.70
N ASP D 451 12.57 61.24 -51.58
CA ASP D 451 12.10 60.81 -50.26
C ASP D 451 12.93 59.76 -49.46
N ASN D 452 14.21 60.08 -49.17
CA ASN D 452 15.13 59.22 -48.39
C ASN D 452 14.50 58.70 -47.09
N ASP D 453 14.07 59.64 -46.23
CA ASP D 453 13.36 59.34 -44.99
C ASP D 453 11.90 59.20 -45.42
N ARG D 454 11.35 57.96 -45.32
CA ARG D 454 10.00 57.63 -45.77
C ARG D 454 8.88 58.21 -44.87
N GLU D 455 9.03 59.50 -44.51
CA GLU D 455 8.09 60.27 -43.68
C GLU D 455 6.91 60.79 -44.48
N LYS D 456 7.14 61.19 -45.76
CA LYS D 456 6.12 61.72 -46.67
C LYS D 456 5.06 60.66 -46.95
N ARG D 457 5.52 59.42 -47.24
CA ARG D 457 4.73 58.22 -47.52
C ARG D 457 3.78 57.89 -46.36
N VAL D 458 4.29 58.00 -45.11
CA VAL D 458 3.58 57.78 -43.83
C VAL D 458 2.50 58.84 -43.68
N GLN D 459 2.86 60.13 -43.89
CA GLN D 459 1.93 61.25 -43.80
C GLN D 459 0.86 61.15 -44.87
N LEU D 460 1.20 60.60 -46.05
CA LEU D 460 0.27 60.37 -47.16
C LEU D 460 -0.78 59.32 -46.75
N GLY D 461 -0.31 58.28 -46.05
CA GLY D 461 -1.13 57.18 -45.56
C GLY D 461 -2.09 57.59 -44.46
N VAL D 462 -1.56 58.26 -43.42
CA VAL D 462 -2.30 58.77 -42.27
C VAL D 462 -3.40 59.73 -42.75
N ASP D 463 -3.04 60.68 -43.65
CA ASP D 463 -3.96 61.65 -44.22
C ASP D 463 -5.06 60.97 -45.03
N TRP D 464 -4.71 59.94 -45.81
CA TRP D 464 -5.67 59.18 -46.61
C TRP D 464 -6.64 58.43 -45.69
N ALA D 465 -6.10 57.87 -44.60
CA ALA D 465 -6.85 57.13 -43.58
C ALA D 465 -7.79 58.05 -42.81
N LYS D 466 -7.35 59.29 -42.52
CA LYS D 466 -8.13 60.29 -41.81
C LYS D 466 -9.34 60.70 -42.66
N THR D 467 -9.09 61.18 -43.91
CA THR D 467 -10.09 61.66 -44.87
C THR D 467 -11.07 60.58 -45.29
N LYS D 468 -10.59 59.33 -45.51
CA LYS D 468 -11.45 58.20 -45.86
C LYS D 468 -12.26 57.69 -44.64
N GLY D 469 -12.18 58.43 -43.52
CA GLY D 469 -12.92 58.19 -42.29
C GLY D 469 -12.58 56.97 -41.46
N TYR D 470 -11.46 56.28 -41.78
CA TYR D 470 -11.01 55.08 -41.05
C TYR D 470 -10.54 55.48 -39.65
N VAL D 471 -9.73 56.55 -39.60
CA VAL D 471 -9.13 57.10 -38.38
C VAL D 471 -9.71 58.51 -38.15
N SER D 472 -9.75 58.94 -36.88
CA SER D 472 -10.23 60.24 -36.42
C SER D 472 -9.34 60.66 -35.25
N ALA D 473 -9.06 61.97 -35.12
CA ALA D 473 -8.21 62.56 -34.08
C ALA D 473 -8.24 61.81 -32.74
N GLY D 474 -7.08 61.33 -32.31
CA GLY D 474 -6.93 60.58 -31.06
C GLY D 474 -6.77 59.08 -31.19
N ASP D 475 -7.24 58.49 -32.30
CA ASP D 475 -7.16 57.04 -32.55
C ASP D 475 -5.71 56.55 -32.68
N VAL D 476 -5.44 55.32 -32.22
CA VAL D 476 -4.12 54.70 -32.32
C VAL D 476 -4.05 53.89 -33.63
N MET D 477 -2.91 54.03 -34.32
CA MET D 477 -2.59 53.47 -35.63
C MET D 477 -1.25 52.75 -35.58
N VAL D 478 -1.17 51.55 -36.14
CA VAL D 478 0.06 50.76 -36.18
C VAL D 478 0.76 51.03 -37.51
N ILE D 479 1.94 51.67 -37.49
CA ILE D 479 2.72 51.94 -38.69
C ILE D 479 3.84 50.91 -38.79
N VAL D 480 4.04 50.33 -39.98
CA VAL D 480 5.06 49.32 -40.31
C VAL D 480 5.84 49.78 -41.52
N HIS D 481 7.18 49.77 -41.43
CA HIS D 481 8.11 50.17 -42.50
C HIS D 481 9.53 49.72 -42.18
N ALA D 482 10.55 50.22 -42.92
CA ALA D 482 11.97 49.90 -42.72
C ALA D 482 12.74 51.07 -42.12
N ASP D 483 13.87 50.76 -41.42
CA ASP D 483 14.74 51.81 -40.89
C ASP D 483 15.64 52.31 -42.03
N HIS D 484 16.22 53.52 -41.93
CA HIS D 484 17.02 54.17 -42.99
C HIS D 484 18.46 53.59 -43.17
N SER D 485 18.84 52.57 -42.35
CA SER D 485 20.13 51.88 -42.43
C SER D 485 20.03 50.64 -43.35
N VAL D 486 18.79 50.13 -43.56
CA VAL D 486 18.47 48.96 -44.38
C VAL D 486 17.35 49.27 -45.41
N LYS D 487 17.04 48.31 -46.28
CA LYS D 487 15.99 48.36 -47.30
C LYS D 487 15.52 46.92 -47.55
N GLY D 488 14.87 46.69 -48.70
CA GLY D 488 14.39 45.37 -49.12
C GLY D 488 13.18 44.86 -48.36
N TYR D 489 13.25 44.85 -47.01
CA TYR D 489 12.13 44.39 -46.18
C TYR D 489 11.96 45.22 -44.89
N PRO D 490 10.68 45.42 -44.44
CA PRO D 490 10.40 46.17 -43.19
C PRO D 490 10.92 45.46 -41.93
N ASN D 491 11.40 46.22 -40.94
CA ASN D 491 11.97 45.72 -39.69
C ASN D 491 11.53 46.55 -38.47
N GLN D 492 10.79 47.62 -38.70
CA GLN D 492 10.35 48.55 -37.68
C GLN D 492 8.81 48.67 -37.58
N THR D 493 8.29 48.74 -36.35
CA THR D 493 6.87 48.92 -36.07
C THR D 493 6.65 50.04 -35.07
N ARG D 494 5.73 50.96 -35.40
CA ARG D 494 5.42 52.12 -34.57
C ARG D 494 3.93 52.17 -34.24
N LEU D 495 3.59 52.59 -33.02
CA LEU D 495 2.21 52.77 -32.56
C LEU D 495 2.02 54.26 -32.39
N VAL D 496 1.20 54.88 -33.27
CA VAL D 496 1.02 56.32 -33.32
C VAL D 496 -0.44 56.78 -33.12
N ARG D 497 -0.64 57.81 -32.26
CA ARG D 497 -1.94 58.46 -32.07
C ARG D 497 -2.02 59.56 -33.14
N VAL D 498 -3.12 59.63 -33.91
CA VAL D 498 -3.28 60.53 -35.07
C VAL D 498 -3.32 62.03 -34.74
N ARG D 499 -3.08 62.85 -35.79
CA ARG D 499 -2.99 64.30 -35.72
C ARG D 499 -3.80 65.03 -36.79
N SER E 2 12.66 -27.55 32.40
CA SER E 2 13.59 -26.95 31.44
C SER E 2 14.78 -27.85 31.22
N GLN E 3 15.48 -27.68 30.06
CA GLN E 3 16.68 -28.45 29.72
C GLN E 3 17.75 -28.21 30.76
N LEU E 4 17.87 -26.97 31.25
CA LEU E 4 18.81 -26.53 32.28
C LEU E 4 18.55 -27.33 33.55
N GLN E 5 17.29 -27.35 34.04
CA GLN E 5 16.85 -28.09 35.23
C GLN E 5 17.10 -29.59 35.10
N HIS E 6 17.10 -30.12 33.85
CA HIS E 6 17.35 -31.52 33.57
C HIS E 6 18.84 -31.82 33.65
N ASN E 7 19.68 -30.97 33.03
CA ASN E 7 21.15 -31.07 33.02
C ASN E 7 21.75 -30.99 34.42
N ILE E 8 21.29 -30.03 35.25
CA ILE E 8 21.81 -29.89 36.60
C ILE E 8 21.56 -31.16 37.46
N GLY E 9 20.54 -31.97 37.12
CA GLY E 9 20.23 -33.20 37.85
C GLY E 9 20.65 -34.49 37.19
N LEU E 10 21.52 -34.39 36.21
CA LEU E 10 21.99 -35.59 35.49
C LEU E 10 22.85 -36.41 36.46
N SER E 11 22.53 -37.69 36.65
CA SER E 11 23.38 -38.56 37.50
C SER E 11 24.49 -39.01 36.55
N ILE E 12 25.72 -38.59 36.77
CA ILE E 12 26.74 -38.92 35.74
C ILE E 12 27.25 -40.36 35.88
N PHE E 13 26.99 -41.02 37.01
CA PHE E 13 27.47 -42.42 37.15
C PHE E 13 26.31 -43.37 37.41
N GLU E 14 25.18 -43.10 36.77
CA GLU E 14 24.00 -43.97 36.86
C GLU E 14 24.22 -45.15 35.93
N PRO E 15 23.59 -46.32 36.15
CA PRO E 15 23.73 -47.42 35.23
C PRO E 15 23.11 -47.01 33.88
N VAL E 16 23.73 -47.41 32.77
CA VAL E 16 23.27 -47.06 31.39
C VAL E 16 22.07 -47.90 30.99
N ALA E 17 21.41 -47.51 29.89
CA ALA E 17 20.26 -48.24 29.34
C ALA E 17 20.70 -49.65 28.92
N LYS E 18 19.89 -50.64 29.31
CA LYS E 18 20.18 -52.03 29.04
C LYS E 18 19.99 -52.43 27.57
N HIS E 19 19.17 -51.66 26.80
CA HIS E 19 18.91 -52.01 25.41
C HIS E 19 19.07 -50.81 24.49
N ARG E 20 20.06 -50.89 23.55
CA ARG E 20 20.43 -49.88 22.55
C ARG E 20 19.31 -49.68 21.54
N ALA E 21 18.88 -48.42 21.39
CA ALA E 21 17.78 -48.02 20.51
C ALA E 21 18.29 -47.46 19.19
N ASN E 22 19.40 -46.67 19.21
CA ASN E 22 19.97 -46.08 17.98
C ASN E 22 20.61 -47.15 17.07
N ARG E 23 20.76 -46.82 15.79
CA ARG E 23 21.29 -47.78 14.84
C ARG E 23 22.57 -47.32 14.20
N ILE E 24 23.46 -48.27 13.82
CA ILE E 24 24.75 -47.97 13.19
C ILE E 24 24.81 -48.50 11.74
N ILE E 25 25.17 -47.61 10.81
CA ILE E 25 25.37 -47.86 9.38
C ILE E 25 26.89 -47.80 9.10
N CYS E 26 27.44 -48.82 8.44
CA CYS E 26 28.87 -48.89 8.13
C CYS E 26 29.08 -49.02 6.64
N THR E 27 30.04 -48.26 6.08
CA THR E 27 30.43 -48.31 4.69
C THR E 27 31.52 -49.40 4.57
N ILE E 28 31.33 -50.36 3.65
CA ILE E 28 32.18 -51.52 3.45
C ILE E 28 33.26 -51.26 2.40
N GLY E 29 34.51 -51.50 2.78
CA GLY E 29 35.67 -51.32 1.91
C GLY E 29 36.68 -52.43 2.06
N PRO E 30 37.98 -52.17 1.69
CA PRO E 30 39.01 -53.22 1.79
C PRO E 30 39.20 -53.87 3.17
N SER E 31 39.09 -53.07 4.25
CA SER E 31 39.22 -53.54 5.62
C SER E 31 38.08 -54.49 6.06
N THR E 32 36.86 -54.32 5.51
CA THR E 32 35.70 -55.09 5.97
C THR E 32 34.87 -55.85 4.92
N GLN E 33 35.40 -56.13 3.72
CA GLN E 33 34.63 -56.87 2.71
C GLN E 33 34.49 -58.38 3.03
N SER E 34 35.52 -58.99 3.71
CA SER E 34 35.53 -60.42 4.08
C SER E 34 34.42 -60.80 5.05
N VAL E 35 33.87 -62.01 4.90
CA VAL E 35 32.78 -62.58 5.72
C VAL E 35 33.13 -62.50 7.22
N GLU E 36 34.38 -62.82 7.58
CA GLU E 36 34.88 -62.78 8.95
C GLU E 36 34.89 -61.34 9.52
N ALA E 37 35.25 -60.33 8.68
CA ALA E 37 35.28 -58.92 9.06
C ALA E 37 33.89 -58.37 9.22
N LEU E 38 32.94 -58.83 8.38
CA LEU E 38 31.54 -58.42 8.43
C LEU E 38 30.87 -59.06 9.65
N LYS E 39 31.22 -60.32 9.98
CA LYS E 39 30.71 -61.01 11.17
C LYS E 39 31.16 -60.24 12.43
N GLY E 40 32.36 -59.65 12.36
CA GLY E 40 32.92 -58.83 13.42
C GLY E 40 32.16 -57.54 13.56
N LEU E 41 31.86 -56.87 12.42
CA LEU E 41 31.09 -55.62 12.39
C LEU E 41 29.70 -55.86 12.93
N MET E 42 29.03 -56.95 12.49
CA MET E 42 27.70 -57.36 12.93
C MET E 42 27.65 -57.56 14.47
N LYS E 43 28.66 -58.22 15.01
CA LYS E 43 28.72 -58.49 16.47
C LYS E 43 29.00 -57.22 17.24
N SER E 44 29.65 -56.25 16.59
CA SER E 44 30.04 -54.96 17.22
C SER E 44 28.87 -53.97 17.26
N GLY E 45 27.95 -54.04 16.30
CA GLY E 45 26.80 -53.12 16.33
C GLY E 45 26.13 -52.84 14.99
N MET E 46 26.72 -53.28 13.87
CA MET E 46 26.15 -52.99 12.52
C MET E 46 24.74 -53.56 12.35
N SER E 47 23.92 -52.79 11.63
CA SER E 47 22.53 -53.05 11.24
C SER E 47 22.34 -52.77 9.75
N VAL E 48 23.08 -51.80 9.19
CA VAL E 48 23.02 -51.48 7.76
C VAL E 48 24.45 -51.47 7.17
N ALA E 49 24.69 -52.25 6.10
CA ALA E 49 25.96 -52.28 5.39
C ALA E 49 25.83 -51.41 4.15
N ARG E 50 26.62 -50.33 4.08
CA ARG E 50 26.61 -49.34 2.99
C ARG E 50 27.61 -49.70 1.91
N MET E 51 27.26 -49.40 0.66
CA MET E 51 28.08 -49.65 -0.52
C MET E 51 28.20 -48.33 -1.23
N ASN E 52 29.39 -47.68 -1.21
CA ASN E 52 29.54 -46.41 -1.96
C ASN E 52 29.81 -46.74 -3.42
N PHE E 53 28.81 -46.51 -4.28
CA PHE E 53 28.85 -46.80 -5.71
C PHE E 53 29.63 -45.76 -6.53
N SER E 54 30.23 -44.74 -5.85
CA SER E 54 31.08 -43.74 -6.51
C SER E 54 32.32 -44.48 -7.03
N HIS E 55 32.71 -45.56 -6.34
CA HIS E 55 33.86 -46.41 -6.68
C HIS E 55 33.49 -47.89 -6.57
N GLY E 56 33.86 -48.68 -7.59
CA GLY E 56 33.63 -50.11 -7.59
C GLY E 56 33.10 -50.54 -8.94
N SER E 57 33.05 -51.88 -9.14
CA SER E 57 32.54 -52.53 -10.34
C SER E 57 31.37 -53.30 -9.74
N TYR E 58 30.42 -53.78 -10.56
CA TYR E 58 29.28 -54.56 -10.05
C TYR E 58 29.72 -55.90 -9.45
N GLU E 59 30.88 -56.43 -9.90
CA GLU E 59 31.48 -57.68 -9.41
C GLU E 59 31.96 -57.47 -7.96
N TYR E 60 32.61 -56.32 -7.69
CA TYR E 60 33.11 -55.92 -6.38
C TYR E 60 31.95 -55.73 -5.45
N HIS E 61 30.90 -55.12 -5.98
CA HIS E 61 29.68 -54.81 -5.27
C HIS E 61 28.84 -56.06 -5.01
N GLN E 62 28.94 -57.07 -5.89
CA GLN E 62 28.25 -58.35 -5.74
C GLN E 62 28.90 -59.14 -4.58
N THR E 63 30.25 -59.04 -4.46
CA THR E 63 31.03 -59.65 -3.38
C THR E 63 30.54 -59.10 -2.03
N THR E 64 30.37 -57.76 -1.90
CA THR E 64 29.85 -57.15 -0.67
C THR E 64 28.49 -57.71 -0.35
N ILE E 65 27.61 -57.82 -1.37
CA ILE E 65 26.21 -58.28 -1.22
C ILE E 65 26.16 -59.72 -0.68
N ASN E 66 26.90 -60.63 -1.34
CA ASN E 66 26.98 -62.05 -1.01
C ASN E 66 27.63 -62.29 0.35
N ASN E 67 28.66 -61.50 0.68
CA ASN E 67 29.36 -61.64 1.94
C ASN E 67 28.52 -61.16 3.12
N VAL E 68 27.73 -60.07 2.94
CA VAL E 68 26.86 -59.51 3.98
C VAL E 68 25.77 -60.53 4.30
N ARG E 69 25.17 -61.12 3.22
CA ARG E 69 24.11 -62.14 3.27
C ARG E 69 24.61 -63.47 3.88
N ALA E 70 25.93 -63.80 3.72
CA ALA E 70 26.57 -64.99 4.29
C ALA E 70 26.84 -64.78 5.77
N ALA E 71 27.55 -63.67 6.14
CA ALA E 71 27.90 -63.29 7.52
C ALA E 71 26.65 -63.19 8.43
N ALA E 72 25.60 -62.48 7.96
CA ALA E 72 24.33 -62.32 8.66
C ALA E 72 23.62 -63.66 8.86
N ALA E 73 23.70 -64.55 7.84
CA ALA E 73 23.08 -65.87 7.90
C ALA E 73 23.69 -66.75 9.01
N GLU E 74 25.03 -66.72 9.14
CA GLU E 74 25.80 -67.47 10.15
C GLU E 74 25.41 -67.03 11.56
N LEU E 75 25.29 -65.69 11.76
CA LEU E 75 24.95 -65.06 13.03
C LEU E 75 23.42 -64.99 13.29
N GLY E 76 22.64 -65.41 12.29
CA GLY E 76 21.18 -65.41 12.34
C GLY E 76 20.59 -64.02 12.45
N LEU E 77 21.18 -63.04 11.74
CA LEU E 77 20.74 -61.64 11.76
C LEU E 77 20.14 -61.22 10.42
N HIS E 78 19.36 -60.13 10.41
CA HIS E 78 18.75 -59.54 9.21
C HIS E 78 19.38 -58.16 9.02
N ILE E 79 20.49 -58.13 8.25
CA ILE E 79 21.25 -56.90 8.02
C ILE E 79 20.85 -56.32 6.68
N GLY E 80 20.41 -55.06 6.70
CA GLY E 80 20.07 -54.32 5.50
C GLY E 80 21.29 -53.96 4.68
N ILE E 81 21.09 -53.78 3.38
CA ILE E 81 22.13 -53.37 2.45
C ILE E 81 21.65 -52.09 1.78
N ALA E 82 22.48 -51.04 1.85
CA ALA E 82 22.17 -49.73 1.28
C ALA E 82 23.09 -49.42 0.09
N LEU E 83 22.49 -49.05 -1.05
CA LEU E 83 23.20 -48.71 -2.26
C LEU E 83 23.33 -47.19 -2.31
N ASP E 84 24.54 -46.67 -2.09
CA ASP E 84 24.79 -45.23 -2.12
C ASP E 84 25.28 -44.85 -3.51
N THR E 85 24.39 -44.32 -4.35
CA THR E 85 24.73 -43.94 -5.73
C THR E 85 25.85 -42.88 -5.83
N LYS E 86 26.44 -42.74 -7.04
CA LYS E 86 27.46 -41.74 -7.33
C LYS E 86 26.80 -40.36 -7.46
N GLY E 87 25.69 -40.30 -8.19
CA GLY E 87 24.94 -39.06 -8.40
C GLY E 87 25.66 -38.11 -9.35
N PRO E 88 25.29 -36.79 -9.34
CA PRO E 88 25.97 -35.84 -10.24
C PRO E 88 27.33 -35.30 -9.71
N GLU E 89 28.30 -36.22 -9.44
CA GLU E 89 29.62 -35.91 -8.88
C GLU E 89 30.59 -35.33 -9.88
N ILE E 90 31.21 -34.18 -9.55
CA ILE E 90 32.22 -33.51 -10.40
C ILE E 90 33.60 -33.81 -9.81
N ARG E 91 34.51 -34.34 -10.63
CA ARG E 91 35.87 -34.70 -10.23
C ARG E 91 36.84 -34.19 -11.23
N THR E 92 38.08 -33.91 -10.78
CA THR E 92 39.13 -33.47 -11.71
C THR E 92 39.56 -34.66 -12.52
N GLY E 93 40.45 -34.41 -13.46
CA GLY E 93 41.01 -35.45 -14.30
C GLY E 93 42.20 -36.06 -13.60
N LEU E 94 43.03 -36.73 -14.38
CA LEU E 94 44.25 -37.39 -13.94
C LEU E 94 45.41 -36.42 -14.12
N PHE E 95 46.54 -36.70 -13.46
CA PHE E 95 47.73 -35.84 -13.54
C PHE E 95 48.93 -36.59 -14.13
N LYS E 96 49.72 -35.88 -14.97
CA LYS E 96 50.89 -36.37 -15.73
C LYS E 96 51.83 -37.30 -14.95
N ASP E 97 52.25 -36.88 -13.75
CA ASP E 97 53.12 -37.67 -12.89
C ASP E 97 52.33 -38.17 -11.66
N GLY E 98 51.01 -38.13 -11.73
CA GLY E 98 50.10 -38.56 -10.66
C GLY E 98 49.78 -37.49 -9.62
N GLU E 99 50.64 -36.47 -9.54
CA GLU E 99 50.52 -35.36 -8.58
C GLU E 99 50.82 -34.03 -9.29
N ALA E 100 50.41 -32.90 -8.67
CA ALA E 100 50.62 -31.52 -9.13
C ALA E 100 50.53 -30.61 -7.92
N THR E 101 51.61 -29.86 -7.62
CA THR E 101 51.61 -28.95 -6.46
C THR E 101 51.21 -27.54 -6.89
N TYR E 102 50.37 -26.91 -6.05
CA TYR E 102 49.84 -25.58 -6.27
C TYR E 102 50.19 -24.65 -5.13
N ALA E 103 50.73 -23.47 -5.47
CA ALA E 103 51.14 -22.44 -4.52
C ALA E 103 50.19 -21.21 -4.62
N PRO E 104 49.89 -20.50 -3.50
CA PRO E 104 49.00 -19.32 -3.60
C PRO E 104 49.58 -18.19 -4.46
N GLY E 105 48.69 -17.36 -5.00
CA GLY E 105 49.08 -16.26 -5.87
C GLY E 105 49.30 -16.68 -7.31
N ASP E 106 49.48 -18.00 -7.55
CA ASP E 106 49.69 -18.57 -8.89
C ASP E 106 48.40 -18.59 -9.72
N THR E 107 48.48 -19.12 -10.94
CA THR E 107 47.35 -19.21 -11.87
C THR E 107 47.31 -20.58 -12.53
N VAL E 108 46.10 -21.17 -12.61
CA VAL E 108 45.87 -22.46 -13.23
C VAL E 108 44.67 -22.39 -14.19
N LEU E 109 44.87 -22.89 -15.41
CA LEU E 109 43.80 -22.98 -16.39
C LEU E 109 43.02 -24.25 -16.09
N VAL E 110 41.71 -24.12 -15.91
CA VAL E 110 40.84 -25.23 -15.62
C VAL E 110 40.05 -25.53 -16.91
N THR E 111 40.49 -26.57 -17.65
CA THR E 111 39.86 -26.97 -18.91
C THR E 111 38.81 -28.08 -18.73
N THR E 112 37.91 -28.21 -19.70
CA THR E 112 36.91 -29.27 -19.76
C THR E 112 37.17 -30.05 -21.05
N ASP E 113 38.43 -29.94 -21.56
CA ASP E 113 38.92 -30.56 -22.78
C ASP E 113 39.45 -31.97 -22.48
N PRO E 114 38.86 -33.01 -23.11
CA PRO E 114 39.29 -34.39 -22.85
C PRO E 114 40.74 -34.75 -23.21
N ALA E 115 41.46 -33.84 -23.91
CA ALA E 115 42.86 -34.06 -24.29
C ALA E 115 43.77 -33.97 -23.07
N PHE E 116 43.37 -33.18 -22.08
CA PHE E 116 44.11 -32.94 -20.85
C PHE E 116 43.51 -33.79 -19.70
N GLU E 117 42.63 -34.76 -20.03
CA GLU E 117 41.93 -35.66 -19.10
C GLU E 117 42.87 -36.50 -18.29
N LYS E 118 43.91 -37.09 -18.93
CA LYS E 118 44.86 -37.95 -18.21
C LYS E 118 46.19 -37.25 -17.89
N ILE E 119 46.60 -36.25 -18.73
CA ILE E 119 47.84 -35.49 -18.55
C ILE E 119 47.54 -34.01 -18.16
N GLY E 120 47.30 -33.82 -16.86
CA GLY E 120 47.04 -32.55 -16.21
C GLY E 120 48.26 -32.07 -15.44
N THR E 121 48.70 -30.82 -15.69
CA THR E 121 49.90 -30.23 -15.05
C THR E 121 49.52 -29.11 -14.06
N LYS E 122 50.52 -28.46 -13.42
CA LYS E 122 50.30 -27.36 -12.47
C LYS E 122 49.80 -26.08 -13.18
N GLU E 123 49.96 -26.03 -14.54
CA GLU E 123 49.60 -24.91 -15.42
C GLU E 123 48.20 -25.03 -16.03
N LYS E 124 47.74 -26.27 -16.32
CA LYS E 124 46.41 -26.57 -16.90
C LYS E 124 45.98 -27.99 -16.60
N PHE E 125 44.70 -28.18 -16.17
CA PHE E 125 44.15 -29.51 -15.88
C PHE E 125 42.66 -29.61 -16.22
N TYR E 126 42.16 -30.85 -16.40
CA TYR E 126 40.78 -31.19 -16.78
C TYR E 126 39.84 -31.35 -15.59
N VAL E 127 38.54 -31.11 -15.80
CA VAL E 127 37.43 -31.29 -14.84
C VAL E 127 36.23 -31.93 -15.53
N ASP E 128 35.54 -32.87 -14.82
CA ASP E 128 34.37 -33.66 -15.24
C ASP E 128 33.29 -32.87 -15.97
N TYR E 129 32.79 -31.82 -15.31
CA TYR E 129 31.70 -30.96 -15.73
C TYR E 129 32.01 -30.20 -17.02
N PRO E 130 31.33 -30.54 -18.16
CA PRO E 130 31.59 -29.81 -19.41
C PRO E 130 30.92 -28.42 -19.46
N GLN E 131 29.89 -28.22 -18.64
CA GLN E 131 29.15 -26.97 -18.53
C GLN E 131 29.77 -25.96 -17.57
N LEU E 132 30.90 -26.34 -16.91
CA LEU E 132 31.65 -25.57 -15.90
C LEU E 132 32.02 -24.12 -16.31
N PRO E 133 32.60 -23.82 -17.52
CA PRO E 133 32.95 -22.42 -17.84
C PRO E 133 31.74 -21.51 -18.01
N ASN E 134 30.58 -22.09 -18.29
CA ASN E 134 29.33 -21.34 -18.49
C ASN E 134 28.57 -21.11 -17.17
N VAL E 135 28.78 -22.02 -16.17
CA VAL E 135 28.15 -21.98 -14.85
C VAL E 135 28.96 -21.06 -13.90
N VAL E 136 30.30 -21.28 -13.81
CA VAL E 136 31.23 -20.50 -12.98
C VAL E 136 31.59 -19.16 -13.67
N ARG E 137 31.33 -18.04 -12.97
CA ARG E 137 31.57 -16.68 -13.46
C ARG E 137 32.71 -16.03 -12.71
N PRO E 138 33.48 -15.05 -13.31
CA PRO E 138 34.59 -14.43 -12.57
C PRO E 138 34.31 -13.90 -11.15
N GLY E 139 35.22 -14.22 -10.24
CA GLY E 139 35.10 -13.89 -8.83
C GLY E 139 34.55 -15.05 -8.02
N GLY E 140 33.95 -16.02 -8.73
CA GLY E 140 33.38 -17.24 -8.18
C GLY E 140 34.50 -18.20 -7.84
N LEU E 141 34.33 -18.98 -6.75
CA LEU E 141 35.33 -19.94 -6.28
C LEU E 141 35.01 -21.36 -6.67
N ILE E 142 36.05 -22.08 -7.06
CA ILE E 142 35.97 -23.51 -7.37
C ILE E 142 36.67 -24.21 -6.21
N TYR E 143 36.06 -25.23 -5.62
CA TYR E 143 36.65 -25.99 -4.54
C TYR E 143 37.18 -27.32 -5.08
N VAL E 144 38.25 -27.84 -4.46
CA VAL E 144 38.87 -29.13 -4.89
C VAL E 144 39.36 -29.84 -3.63
N ASP E 145 39.20 -31.17 -3.57
CA ASP E 145 39.70 -32.03 -2.46
C ASP E 145 39.08 -31.62 -1.13
N ASP E 146 37.88 -32.13 -0.85
CA ASP E 146 37.15 -31.82 0.42
C ASP E 146 37.14 -30.31 0.65
N GLY E 147 37.34 -29.53 -0.42
CA GLY E 147 37.34 -28.07 -0.40
C GLY E 147 38.62 -27.48 0.16
N VAL E 148 39.68 -28.32 0.32
CA VAL E 148 41.00 -27.96 0.85
C VAL E 148 41.77 -26.97 -0.09
N LEU E 149 41.34 -26.88 -1.37
CA LEU E 149 41.92 -25.97 -2.33
C LEU E 149 40.81 -25.16 -2.99
N THR E 150 40.87 -23.81 -2.85
CA THR E 150 39.91 -22.88 -3.46
C THR E 150 40.60 -22.09 -4.63
N LEU E 151 39.95 -22.05 -5.80
CA LEU E 151 40.42 -21.37 -6.99
C LEU E 151 39.45 -20.22 -7.32
N ARG E 152 39.94 -18.96 -7.31
CA ARG E 152 39.13 -17.78 -7.62
C ARG E 152 39.17 -17.60 -9.13
N VAL E 153 38.00 -17.55 -9.80
CA VAL E 153 37.92 -17.41 -11.26
C VAL E 153 38.33 -16.00 -11.70
N LEU E 154 39.41 -15.91 -12.49
CA LEU E 154 39.89 -14.64 -13.02
C LEU E 154 39.09 -14.28 -14.26
N SER E 155 39.14 -15.15 -15.31
CA SER E 155 38.42 -14.92 -16.56
C SER E 155 38.05 -16.22 -17.31
N LYS E 156 36.97 -16.18 -18.14
CA LYS E 156 36.52 -17.31 -18.97
C LYS E 156 37.37 -17.23 -20.21
N GLU E 157 38.56 -17.81 -20.12
CA GLU E 157 39.60 -17.79 -21.14
C GLU E 157 39.06 -18.09 -22.56
N ASP E 158 38.28 -19.19 -22.73
CA ASP E 158 37.70 -19.59 -24.02
C ASP E 158 36.46 -20.49 -23.86
N ASP E 159 36.02 -21.12 -24.99
CA ASP E 159 34.85 -22.00 -25.17
C ASP E 159 34.64 -23.05 -24.04
N CYS E 160 35.74 -23.59 -23.46
CA CYS E 160 35.69 -24.61 -22.39
C CYS E 160 36.90 -24.57 -21.38
N THR E 161 37.52 -23.38 -21.17
CA THR E 161 38.65 -23.16 -20.25
C THR E 161 38.47 -21.86 -19.41
N LEU E 162 38.84 -21.91 -18.13
CA LEU E 162 38.78 -20.79 -17.19
C LEU E 162 40.17 -20.54 -16.59
N LYS E 163 40.61 -19.28 -16.50
CA LYS E 163 41.88 -18.99 -15.84
C LYS E 163 41.58 -18.68 -14.37
N CYS E 164 42.19 -19.43 -13.44
CA CYS E 164 41.91 -19.26 -12.01
C CYS E 164 43.14 -18.96 -11.16
N HIS E 165 42.97 -18.04 -10.21
CA HIS E 165 43.99 -17.64 -9.26
C HIS E 165 43.94 -18.56 -8.05
N VAL E 166 45.07 -19.25 -7.76
CA VAL E 166 45.25 -20.18 -6.64
C VAL E 166 45.28 -19.41 -5.30
N ASN E 167 44.36 -19.75 -4.36
CA ASN E 167 44.25 -19.07 -3.07
C ASN E 167 45.12 -19.67 -1.96
N ASN E 168 45.28 -21.02 -1.96
CA ASN E 168 46.03 -21.71 -0.92
C ASN E 168 46.96 -22.81 -1.48
N HIS E 169 48.01 -23.15 -0.70
CA HIS E 169 48.99 -24.17 -1.06
C HIS E 169 48.43 -25.57 -0.83
N HIS E 170 48.36 -26.38 -1.89
CA HIS E 170 47.84 -27.75 -1.80
C HIS E 170 48.26 -28.63 -2.99
N ARG E 171 48.94 -29.77 -2.73
CA ARG E 171 49.33 -30.70 -3.79
C ARG E 171 48.16 -31.61 -4.10
N LEU E 172 47.68 -31.51 -5.34
CA LEU E 172 46.55 -32.25 -5.92
C LEU E 172 47.04 -33.58 -6.51
N THR E 173 46.15 -34.59 -6.51
CA THR E 173 46.39 -35.92 -7.07
C THR E 173 45.20 -36.33 -7.95
N ASP E 174 45.34 -37.40 -8.74
CA ASP E 174 44.37 -37.94 -9.68
C ASP E 174 42.94 -38.03 -9.17
N ARG E 175 42.00 -37.53 -9.99
CA ARG E 175 40.55 -37.53 -9.81
C ARG E 175 40.08 -37.15 -8.39
N LYS E 176 40.14 -35.87 -8.05
CA LYS E 176 39.68 -35.35 -6.76
C LYS E 176 38.48 -34.45 -6.98
N GLY E 177 37.44 -34.65 -6.19
CA GLY E 177 36.16 -33.92 -6.29
C GLY E 177 36.17 -32.41 -6.36
N ILE E 178 35.28 -31.86 -7.18
CA ILE E 178 35.01 -30.44 -7.40
C ILE E 178 33.63 -30.07 -6.84
N ASN E 179 33.58 -28.93 -6.12
CA ASN E 179 32.39 -28.35 -5.52
C ASN E 179 32.21 -26.96 -6.06
N LEU E 180 30.96 -26.56 -6.36
CA LEU E 180 30.69 -25.22 -6.85
C LEU E 180 29.61 -24.57 -6.00
N PRO E 181 30.00 -23.90 -4.87
CA PRO E 181 28.99 -23.28 -4.00
C PRO E 181 28.33 -22.05 -4.59
N GLY E 182 27.00 -22.09 -4.67
CA GLY E 182 26.19 -21.01 -5.21
C GLY E 182 26.17 -20.90 -6.72
N CYS E 183 26.62 -21.95 -7.41
CA CYS E 183 26.65 -21.99 -8.86
C CYS E 183 25.65 -23.01 -9.34
N GLU E 184 24.55 -22.52 -9.98
CA GLU E 184 23.42 -23.28 -10.49
C GLU E 184 24.14 -24.33 -11.34
N VAL E 185 24.05 -25.60 -10.92
CA VAL E 185 24.67 -26.72 -11.63
C VAL E 185 23.42 -27.54 -11.91
N ASP E 186 23.17 -27.86 -13.20
CA ASP E 186 22.02 -28.63 -13.65
C ASP E 186 22.51 -29.98 -14.18
N LEU E 187 22.98 -30.81 -13.23
CA LEU E 187 23.45 -32.17 -13.50
C LEU E 187 22.29 -33.14 -13.18
N PRO E 188 21.98 -34.19 -14.01
CA PRO E 188 20.85 -35.06 -13.66
C PRO E 188 21.03 -35.86 -12.37
N ALA E 189 19.91 -36.10 -11.71
CA ALA E 189 19.82 -36.87 -10.49
C ALA E 189 20.16 -38.33 -10.80
N VAL E 190 19.54 -38.90 -11.86
CA VAL E 190 19.78 -40.29 -12.29
C VAL E 190 20.48 -40.29 -13.65
N SER E 191 21.82 -40.19 -13.65
CA SER E 191 22.63 -40.24 -14.86
C SER E 191 22.59 -41.68 -15.45
N GLU E 192 23.03 -41.87 -16.71
CA GLU E 192 23.03 -43.19 -17.36
C GLU E 192 23.69 -44.29 -16.51
N LYS E 193 24.78 -43.91 -15.76
CA LYS E 193 25.50 -44.82 -14.86
C LYS E 193 24.60 -45.15 -13.68
N ASP E 194 24.03 -44.12 -13.03
CA ASP E 194 23.12 -44.23 -11.89
C ASP E 194 21.91 -45.12 -12.20
N ARG E 195 21.43 -45.09 -13.47
CA ARG E 195 20.32 -45.90 -14.00
C ARG E 195 20.72 -47.38 -13.97
N LYS E 196 21.91 -47.72 -14.50
CA LYS E 196 22.40 -49.10 -14.52
C LYS E 196 22.73 -49.62 -13.10
N ASP E 197 23.20 -48.71 -12.21
CA ASP E 197 23.56 -48.99 -10.83
C ASP E 197 22.31 -49.34 -10.03
N LEU E 198 21.21 -48.57 -10.19
CA LEU E 198 19.93 -48.80 -9.49
C LEU E 198 19.23 -50.07 -9.96
N GLN E 199 19.30 -50.34 -11.28
CA GLN E 199 18.75 -51.56 -11.90
C GLN E 199 19.48 -52.80 -11.36
N PHE E 200 20.79 -52.65 -11.05
CA PHE E 200 21.60 -53.72 -10.47
C PHE E 200 21.11 -53.97 -9.04
N GLY E 201 20.95 -52.89 -8.25
CA GLY E 201 20.49 -52.95 -6.88
C GLY E 201 19.18 -53.69 -6.72
N VAL E 202 18.19 -53.29 -7.52
CA VAL E 202 16.84 -53.88 -7.56
C VAL E 202 16.94 -55.37 -7.88
N GLU E 203 17.70 -55.73 -8.94
CA GLU E 203 17.92 -57.11 -9.38
C GLU E 203 18.61 -57.93 -8.29
N GLN E 204 19.42 -57.26 -7.42
CA GLN E 204 20.14 -57.91 -6.33
C GLN E 204 19.33 -58.04 -5.07
N GLY E 205 18.41 -57.10 -4.86
CA GLY E 205 17.55 -57.08 -3.68
C GLY E 205 18.07 -56.17 -2.59
N VAL E 206 18.68 -55.03 -2.96
CA VAL E 206 19.16 -54.05 -1.99
C VAL E 206 17.94 -53.51 -1.24
N ASP E 207 18.06 -53.32 0.06
CA ASP E 207 16.95 -52.92 0.90
C ASP E 207 16.59 -51.43 0.80
N MET E 208 17.61 -50.55 0.63
CA MET E 208 17.42 -49.11 0.56
C MET E 208 18.43 -48.42 -0.34
N ILE E 209 18.07 -47.25 -0.87
CA ILE E 209 18.91 -46.46 -1.75
C ILE E 209 19.26 -45.15 -1.03
N PHE E 210 20.54 -44.76 -1.07
CA PHE E 210 21.03 -43.51 -0.50
C PHE E 210 21.33 -42.60 -1.69
N ALA E 211 20.28 -41.90 -2.19
CA ALA E 211 20.35 -41.01 -3.36
C ALA E 211 21.21 -39.78 -3.13
N SER E 212 22.32 -39.67 -3.89
CA SER E 212 23.29 -38.58 -3.79
C SER E 212 22.85 -37.29 -4.46
N PHE E 213 23.17 -36.15 -3.83
CA PHE E 213 22.90 -34.77 -4.25
C PHE E 213 21.46 -34.57 -4.68
N ILE E 214 20.55 -34.76 -3.72
CA ILE E 214 19.12 -34.53 -3.93
C ILE E 214 18.92 -33.04 -3.66
N ARG E 215 18.38 -32.32 -4.69
CA ARG E 215 18.14 -30.87 -4.71
C ARG E 215 16.63 -30.55 -4.76
N THR E 216 15.80 -31.45 -5.32
CA THR E 216 14.34 -31.27 -5.44
C THR E 216 13.56 -32.57 -5.13
N ALA E 217 12.25 -32.44 -4.88
CA ALA E 217 11.33 -33.57 -4.62
C ALA E 217 11.08 -34.34 -5.92
N ASP E 218 11.26 -33.66 -7.07
CA ASP E 218 11.10 -34.27 -8.39
C ASP E 218 12.25 -35.21 -8.66
N GLN E 219 13.44 -34.93 -8.12
CA GLN E 219 14.63 -35.77 -8.25
C GLN E 219 14.40 -37.13 -7.57
N VAL E 220 13.73 -37.14 -6.39
CA VAL E 220 13.38 -38.34 -5.60
C VAL E 220 12.49 -39.22 -6.46
N ARG E 221 11.48 -38.62 -7.13
CA ARG E 221 10.53 -39.33 -8.02
C ARG E 221 11.22 -39.86 -9.28
N GLU E 222 12.33 -39.20 -9.73
CA GLU E 222 13.17 -39.61 -10.86
C GLU E 222 13.86 -40.92 -10.47
N VAL E 223 14.35 -40.98 -9.20
CA VAL E 223 15.01 -42.14 -8.62
C VAL E 223 13.94 -43.24 -8.41
N ARG E 224 12.75 -42.86 -7.90
CA ARG E 224 11.63 -43.80 -7.66
C ARG E 224 11.18 -44.50 -8.93
N ALA E 225 11.26 -43.78 -10.07
CA ALA E 225 10.91 -44.25 -11.39
C ALA E 225 12.02 -45.12 -11.97
N ALA E 226 13.30 -44.84 -11.62
CA ALA E 226 14.45 -45.62 -12.08
C ALA E 226 14.40 -47.06 -11.57
N LEU E 227 13.88 -47.23 -10.33
CA LEU E 227 13.68 -48.46 -9.57
C LEU E 227 12.67 -49.36 -10.27
N GLY E 228 11.62 -48.75 -10.80
CA GLY E 228 10.55 -49.45 -11.49
C GLY E 228 9.57 -50.04 -10.50
N GLU E 229 8.83 -51.07 -10.96
CA GLU E 229 7.83 -51.79 -10.18
C GLU E 229 8.52 -52.94 -9.43
N LYS E 230 9.62 -53.46 -9.99
CA LYS E 230 10.39 -54.53 -9.38
C LYS E 230 11.07 -54.06 -8.05
N GLY E 231 11.35 -52.77 -7.93
CA GLY E 231 11.91 -52.16 -6.72
C GLY E 231 10.98 -51.12 -6.12
N LYS E 232 9.65 -51.39 -6.16
CA LYS E 232 8.61 -50.48 -5.63
C LYS E 232 8.65 -50.32 -4.11
N ASP E 233 9.04 -51.40 -3.40
CA ASP E 233 9.11 -51.48 -1.93
C ASP E 233 10.43 -51.00 -1.35
N THR E 234 11.50 -50.86 -2.17
CA THR E 234 12.82 -50.41 -1.69
C THR E 234 12.76 -48.94 -1.28
N LEU E 235 13.24 -48.62 -0.06
CA LEU E 235 13.26 -47.26 0.50
C LEU E 235 14.21 -46.34 -0.28
N ILE E 236 13.90 -45.03 -0.25
CA ILE E 236 14.68 -43.94 -0.84
C ILE E 236 15.05 -42.94 0.25
N ILE E 237 16.33 -43.00 0.68
CA ILE E 237 16.89 -42.11 1.68
C ILE E 237 17.66 -41.04 0.89
N SER E 238 17.13 -39.84 0.88
CA SER E 238 17.75 -38.74 0.14
C SER E 238 18.92 -38.10 0.92
N LYS E 239 20.06 -37.90 0.24
CA LYS E 239 21.24 -37.27 0.83
C LYS E 239 21.25 -35.76 0.59
N ILE E 240 21.21 -35.00 1.67
CA ILE E 240 21.25 -33.54 1.59
C ILE E 240 22.70 -33.13 1.76
N GLU E 241 23.31 -32.60 0.67
CA GLU E 241 24.72 -32.22 0.68
C GLU E 241 25.01 -30.93 -0.14
N ASN E 242 23.97 -30.13 -0.40
CA ASN E 242 24.04 -28.86 -1.12
C ASN E 242 23.08 -27.83 -0.50
N HIS E 243 23.26 -26.56 -0.90
CA HIS E 243 22.44 -25.43 -0.48
C HIS E 243 20.97 -25.62 -0.88
N GLN E 244 20.69 -26.10 -2.12
CA GLN E 244 19.34 -26.34 -2.68
C GLN E 244 18.56 -27.33 -1.85
N GLY E 245 19.19 -28.46 -1.53
CA GLY E 245 18.58 -29.52 -0.76
C GLY E 245 18.08 -29.02 0.57
N VAL E 246 18.92 -28.27 1.29
CA VAL E 246 18.60 -27.68 2.59
C VAL E 246 17.40 -26.70 2.45
N GLN E 247 17.43 -25.87 1.38
CA GLN E 247 16.42 -24.85 1.05
C GLN E 247 15.07 -25.49 0.70
N ASN E 248 15.08 -26.64 0.00
CA ASN E 248 13.85 -27.37 -0.40
C ASN E 248 13.65 -28.63 0.47
N ILE E 249 14.14 -28.65 1.74
CA ILE E 249 14.11 -29.85 2.59
C ILE E 249 12.68 -30.34 2.84
N ASP E 250 11.68 -29.45 3.04
CA ASP E 250 10.32 -29.91 3.30
C ASP E 250 9.76 -30.82 2.21
N ALA E 251 10.01 -30.46 0.94
CA ALA E 251 9.59 -31.21 -0.24
C ALA E 251 10.29 -32.56 -0.32
N ILE E 252 11.60 -32.58 -0.04
CA ILE E 252 12.45 -33.75 -0.06
C ILE E 252 12.06 -34.78 1.07
N ILE E 253 11.54 -34.31 2.25
CA ILE E 253 11.18 -35.28 3.29
C ILE E 253 9.78 -35.83 3.00
N GLU E 254 8.91 -35.09 2.29
CA GLU E 254 7.57 -35.59 1.95
C GLU E 254 7.64 -36.64 0.83
N ALA E 255 8.65 -36.52 -0.07
CA ALA E 255 8.87 -37.39 -1.22
C ALA E 255 9.69 -38.66 -0.91
N SER E 256 10.63 -38.55 0.06
CA SER E 256 11.52 -39.63 0.47
C SER E 256 10.93 -40.52 1.56
N ASP E 257 11.65 -41.61 1.85
CA ASP E 257 11.27 -42.59 2.87
C ASP E 257 12.06 -42.31 4.15
N GLY E 258 13.10 -41.48 4.01
CA GLY E 258 14.05 -41.05 5.03
C GLY E 258 15.06 -40.09 4.46
N ILE E 259 15.92 -39.51 5.30
CA ILE E 259 16.93 -38.52 4.89
C ILE E 259 18.32 -38.80 5.49
N MET E 260 19.38 -38.46 4.75
CA MET E 260 20.75 -38.57 5.23
C MET E 260 21.37 -37.18 5.25
N VAL E 261 21.91 -36.74 6.39
CA VAL E 261 22.59 -35.46 6.48
C VAL E 261 24.03 -35.76 6.08
N ALA E 262 24.28 -35.86 4.76
CA ALA E 262 25.60 -36.15 4.18
C ALA E 262 26.48 -34.90 4.41
N ARG E 263 27.14 -34.87 5.57
CA ARG E 263 27.92 -33.71 6.03
C ARG E 263 29.23 -33.49 5.30
N GLY E 264 29.69 -34.48 4.54
CA GLY E 264 30.93 -34.38 3.76
C GLY E 264 30.85 -33.27 2.72
N ASP E 265 29.98 -33.45 1.70
CA ASP E 265 29.81 -32.44 0.66
C ASP E 265 29.04 -31.21 1.16
N LEU E 266 28.20 -31.37 2.20
CA LEU E 266 27.44 -30.24 2.74
C LEU E 266 28.36 -29.20 3.36
N GLY E 267 29.38 -29.65 4.10
CA GLY E 267 30.38 -28.80 4.72
C GLY E 267 31.25 -27.99 3.77
N VAL E 268 31.20 -28.32 2.46
CA VAL E 268 31.96 -27.63 1.42
C VAL E 268 31.02 -26.75 0.59
N GLU E 269 29.81 -27.25 0.31
CA GLU E 269 28.79 -26.53 -0.46
C GLU E 269 28.23 -25.34 0.34
N ILE E 270 28.15 -25.48 1.69
CA ILE E 270 27.71 -24.45 2.66
C ILE E 270 28.84 -24.21 3.69
N PRO E 271 28.96 -23.04 4.38
CA PRO E 271 30.05 -22.88 5.37
C PRO E 271 30.03 -23.95 6.47
N ALA E 272 31.21 -24.41 6.89
CA ALA E 272 31.39 -25.46 7.89
C ALA E 272 30.55 -25.27 9.16
N GLU E 273 30.47 -24.01 9.67
CA GLU E 273 29.74 -23.67 10.89
C GLU E 273 28.23 -23.84 10.75
N LYS E 274 27.70 -23.63 9.52
CA LYS E 274 26.28 -23.72 9.20
C LYS E 274 25.74 -25.15 9.23
N VAL E 275 26.62 -26.15 9.09
CA VAL E 275 26.25 -27.57 9.06
C VAL E 275 25.55 -28.00 10.39
N VAL E 276 26.02 -27.49 11.55
CA VAL E 276 25.41 -27.80 12.85
C VAL E 276 23.91 -27.42 12.86
N VAL E 277 23.60 -26.15 12.51
CA VAL E 277 22.26 -25.60 12.40
C VAL E 277 21.42 -26.39 11.38
N ALA E 278 22.02 -26.71 10.21
CA ALA E 278 21.41 -27.51 9.14
C ALA E 278 21.05 -28.92 9.61
N GLN E 279 21.92 -29.55 10.39
CA GLN E 279 21.74 -30.90 10.95
C GLN E 279 20.57 -30.94 11.92
N MET E 280 20.54 -29.99 12.88
CA MET E 280 19.50 -29.87 13.89
C MET E 280 18.16 -29.74 13.23
N CYS E 281 18.06 -28.80 12.29
CA CYS E 281 16.85 -28.47 11.58
C CYS E 281 16.32 -29.63 10.74
N ILE E 282 17.22 -30.36 10.02
CA ILE E 282 16.83 -31.49 9.17
C ILE E 282 16.31 -32.66 10.01
N ILE E 283 17.09 -33.07 11.03
CA ILE E 283 16.78 -34.18 11.95
C ILE E 283 15.43 -33.96 12.64
N SER E 284 15.16 -32.75 13.14
CA SER E 284 13.91 -32.43 13.81
C SER E 284 12.71 -32.45 12.84
N LYS E 285 12.92 -32.02 11.57
CA LYS E 285 11.90 -32.02 10.51
C LYS E 285 11.51 -33.46 10.18
N CYS E 286 12.51 -34.36 10.17
CA CYS E 286 12.33 -35.79 9.92
C CYS E 286 11.65 -36.45 11.11
N ASN E 287 11.95 -35.98 12.36
CA ASN E 287 11.34 -36.49 13.59
C ASN E 287 9.83 -36.25 13.56
N VAL E 288 9.40 -34.98 13.27
CA VAL E 288 8.00 -34.57 13.18
C VAL E 288 7.29 -35.32 12.06
N ALA E 289 8.01 -35.55 10.93
CA ALA E 289 7.52 -36.28 9.75
C ALA E 289 7.36 -37.78 10.04
N GLY E 290 8.21 -38.30 10.92
CA GLY E 290 8.21 -39.71 11.30
C GLY E 290 8.90 -40.55 10.26
N LYS E 291 10.06 -40.04 9.76
CA LYS E 291 10.90 -40.68 8.74
C LYS E 291 12.34 -40.82 9.23
N PRO E 292 12.98 -42.01 9.05
CA PRO E 292 14.35 -42.20 9.54
C PRO E 292 15.39 -41.20 9.02
N VAL E 293 16.13 -40.57 9.94
CA VAL E 293 17.18 -39.62 9.58
C VAL E 293 18.53 -40.16 10.05
N ILE E 294 19.59 -39.97 9.24
CA ILE E 294 20.97 -40.44 9.52
C ILE E 294 22.00 -39.29 9.55
N CYS E 295 22.95 -39.25 10.54
CA CYS E 295 24.06 -38.29 10.51
C CYS E 295 25.23 -39.03 9.82
N ALA E 296 26.03 -38.35 8.95
CA ALA E 296 26.94 -39.12 8.11
C ALA E 296 28.46 -38.82 7.97
N THR E 297 29.04 -37.66 8.29
CA THR E 297 30.49 -37.66 7.97
C THR E 297 31.41 -37.20 9.12
N GLN E 298 32.58 -37.85 9.20
CA GLN E 298 33.66 -37.59 10.17
C GLN E 298 33.16 -37.82 11.59
N MET E 299 32.12 -38.69 11.75
CA MET E 299 31.51 -39.02 13.06
C MET E 299 32.59 -39.37 14.10
N LEU E 300 33.45 -40.36 13.77
CA LEU E 300 34.58 -40.83 14.57
C LEU E 300 35.82 -40.98 13.65
N GLU E 301 36.04 -40.01 12.75
CA GLU E 301 37.12 -39.98 11.75
C GLU E 301 38.52 -40.36 12.28
N SER E 302 38.92 -39.87 13.47
CA SER E 302 40.24 -40.17 14.05
C SER E 302 40.46 -41.67 14.24
N MET E 303 39.38 -42.45 14.44
CA MET E 303 39.46 -43.89 14.69
C MET E 303 39.78 -44.74 13.42
N THR E 304 40.03 -44.06 12.27
CA THR E 304 40.49 -44.70 11.03
C THR E 304 41.99 -45.12 11.25
N THR E 305 42.70 -44.37 12.11
CA THR E 305 44.11 -44.55 12.44
C THR E 305 44.41 -44.73 13.95
N ASN E 306 43.48 -44.29 14.85
CA ASN E 306 43.68 -44.37 16.31
C ASN E 306 42.71 -45.33 17.05
N PRO E 307 43.10 -45.92 18.22
CA PRO E 307 42.20 -46.87 18.90
C PRO E 307 41.13 -46.23 19.79
N ARG E 308 41.20 -44.90 19.98
CA ARG E 308 40.24 -44.12 20.76
C ARG E 308 39.96 -42.77 20.08
N PRO E 309 38.70 -42.28 20.11
CA PRO E 309 38.39 -41.03 19.41
C PRO E 309 38.73 -39.76 20.19
N THR E 310 38.76 -38.60 19.52
CA THR E 310 39.01 -37.30 20.14
C THR E 310 37.76 -36.93 20.97
N ARG E 311 37.90 -35.95 21.88
CA ARG E 311 36.77 -35.50 22.71
C ARG E 311 35.65 -34.93 21.85
N ALA E 312 36.00 -34.44 20.65
CA ALA E 312 35.08 -33.85 19.67
C ALA E 312 34.17 -34.90 19.02
N GLU E 313 34.77 -36.02 18.62
CA GLU E 313 34.12 -37.14 17.95
C GLU E 313 33.07 -37.84 18.80
N VAL E 314 33.32 -37.91 20.16
CA VAL E 314 32.41 -38.46 21.19
C VAL E 314 31.19 -37.50 21.37
N THR E 315 31.43 -36.16 21.43
CA THR E 315 30.33 -35.20 21.55
C THR E 315 29.56 -35.11 20.24
N ASP E 316 30.21 -35.44 19.10
CA ASP E 316 29.56 -35.44 17.78
C ASP E 316 28.54 -36.55 17.60
N VAL E 317 28.88 -37.77 18.06
CA VAL E 317 28.01 -38.95 18.00
C VAL E 317 26.84 -38.77 18.99
N ALA E 318 27.15 -38.28 20.20
CA ALA E 318 26.15 -38.04 21.24
C ALA E 318 25.14 -36.99 20.80
N ASN E 319 25.60 -35.83 20.26
CA ASN E 319 24.66 -34.79 19.84
C ASN E 319 23.81 -35.20 18.65
N ALA E 320 24.33 -36.10 17.78
CA ALA E 320 23.56 -36.62 16.65
C ALA E 320 22.36 -37.36 17.23
N VAL E 321 22.57 -38.12 18.34
CA VAL E 321 21.53 -38.86 19.08
C VAL E 321 20.60 -37.86 19.75
N PHE E 322 21.16 -36.88 20.49
CA PHE E 322 20.44 -35.82 21.19
C PHE E 322 19.51 -35.01 20.25
N ASN E 323 19.99 -34.74 19.00
CA ASN E 323 19.28 -34.00 17.95
C ASN E 323 18.04 -34.74 17.48
N GLY E 324 18.03 -36.06 17.67
CA GLY E 324 16.94 -36.96 17.33
C GLY E 324 17.21 -37.90 16.16
N ALA E 325 18.50 -38.14 15.81
CA ALA E 325 18.86 -39.04 14.70
C ALA E 325 18.50 -40.48 15.00
N ASP E 326 17.90 -41.17 14.02
CA ASP E 326 17.53 -42.59 14.13
C ASP E 326 18.81 -43.39 14.06
N CYS E 327 19.65 -43.10 13.05
CA CYS E 327 20.92 -43.74 12.76
C CYS E 327 22.08 -42.77 12.81
N VAL E 328 23.28 -43.34 12.94
CA VAL E 328 24.57 -42.67 12.88
C VAL E 328 25.46 -43.48 11.95
N MET E 329 26.27 -42.79 11.14
CA MET E 329 27.06 -43.52 10.18
C MET E 329 28.60 -43.30 10.22
N LEU E 330 29.29 -44.40 9.93
CA LEU E 330 30.72 -44.46 9.75
C LEU E 330 30.94 -44.68 8.27
N SER E 331 32.01 -44.11 7.75
CA SER E 331 32.38 -44.18 6.36
C SER E 331 33.79 -44.76 6.23
N GLY E 332 34.82 -43.89 6.22
CA GLY E 332 36.22 -44.27 6.10
C GLY E 332 36.69 -45.15 7.23
N GLU E 333 36.15 -44.90 8.44
CA GLU E 333 36.41 -45.63 9.68
C GLU E 333 36.31 -47.16 9.50
N THR E 334 35.20 -47.65 8.91
CA THR E 334 34.95 -49.09 8.69
C THR E 334 35.43 -49.58 7.32
N ALA E 335 35.43 -48.72 6.29
CA ALA E 335 35.85 -49.06 4.93
C ALA E 335 37.37 -49.22 4.78
N LYS E 336 38.17 -48.18 5.15
CA LYS E 336 39.63 -48.15 5.04
C LYS E 336 40.38 -48.09 6.39
N GLY E 337 39.63 -48.13 7.49
CA GLY E 337 40.17 -48.01 8.84
C GLY E 337 40.96 -49.20 9.35
N LYS E 338 41.91 -48.92 10.29
CA LYS E 338 42.77 -49.91 10.96
C LYS E 338 42.08 -50.50 12.21
N TYR E 339 40.97 -49.85 12.67
CA TYR E 339 40.19 -50.29 13.83
C TYR E 339 38.68 -50.33 13.45
N PRO E 340 38.19 -51.30 12.65
CA PRO E 340 36.78 -51.30 12.24
C PRO E 340 35.79 -51.80 13.28
N ASN E 341 36.15 -52.83 14.05
CA ASN E 341 35.28 -53.37 15.10
C ASN E 341 35.31 -52.47 16.33
N GLU E 342 36.47 -51.88 16.61
CA GLU E 342 36.71 -50.98 17.74
C GLU E 342 35.93 -49.66 17.56
N VAL E 343 35.77 -49.17 16.32
CA VAL E 343 35.05 -47.93 16.04
C VAL E 343 33.53 -48.12 16.19
N VAL E 344 32.98 -49.28 15.76
CA VAL E 344 31.55 -49.59 15.86
C VAL E 344 31.20 -49.76 17.36
N GLN E 345 32.09 -50.41 18.12
CA GLN E 345 32.00 -50.66 19.56
C GLN E 345 31.97 -49.32 20.33
N TYR E 346 32.82 -48.35 19.91
CA TYR E 346 32.90 -47.03 20.54
C TYR E 346 31.62 -46.25 20.31
N MET E 347 31.11 -46.29 19.06
CA MET E 347 29.85 -45.65 18.65
C MET E 347 28.69 -46.22 19.48
N VAL E 348 28.67 -47.55 19.70
CA VAL E 348 27.67 -48.24 20.53
C VAL E 348 27.66 -47.65 21.97
N ARG E 349 28.84 -47.56 22.62
CA ARG E 349 28.99 -47.01 23.97
C ARG E 349 28.46 -45.59 24.10
N ILE E 350 28.75 -44.72 23.08
CA ILE E 350 28.30 -43.32 23.05
C ILE E 350 26.78 -43.22 22.87
N CYS E 351 26.21 -43.95 21.88
CA CYS E 351 24.78 -44.05 21.59
C CYS E 351 23.99 -44.45 22.84
N ILE E 352 24.50 -45.45 23.61
CA ILE E 352 23.86 -45.93 24.83
C ILE E 352 23.95 -44.85 25.92
N GLU E 353 25.11 -44.15 26.03
CA GLU E 353 25.30 -43.10 27.04
C GLU E 353 24.34 -41.95 26.79
N ALA E 354 24.28 -41.48 25.54
CA ALA E 354 23.40 -40.41 25.10
C ALA E 354 22.00 -41.01 25.32
N GLN E 355 21.77 -42.29 24.88
CA GLN E 355 20.46 -42.95 25.07
C GLN E 355 19.89 -42.87 26.54
N SER E 356 20.79 -43.10 27.53
CA SER E 356 20.52 -42.97 28.96
C SER E 356 20.22 -41.58 29.50
N ALA E 357 20.96 -40.56 29.00
CA ALA E 357 20.78 -39.17 29.40
C ALA E 357 19.43 -38.61 28.92
N THR E 358 18.97 -39.11 27.77
CA THR E 358 17.72 -38.75 27.12
C THR E 358 16.57 -39.73 27.52
N HIS E 359 16.54 -40.21 28.78
CA HIS E 359 15.48 -41.15 29.19
C HIS E 359 14.17 -40.38 29.51
N ASP E 360 13.62 -39.71 28.48
CA ASP E 360 12.48 -38.81 28.60
C ASP E 360 11.28 -39.04 27.69
N SER E 361 10.17 -38.38 28.13
CA SER E 361 8.87 -38.23 27.50
C SER E 361 8.83 -36.84 26.87
N VAL E 362 9.95 -36.10 26.98
CA VAL E 362 10.17 -34.76 26.47
C VAL E 362 10.02 -34.73 24.95
N MET E 363 10.69 -35.69 24.25
CA MET E 363 10.65 -35.80 22.80
C MET E 363 9.25 -36.22 22.32
N PHE E 364 8.64 -37.19 23.01
CA PHE E 364 7.32 -37.68 22.70
C PHE E 364 6.30 -36.55 22.72
N ASN E 365 6.27 -35.76 23.80
CA ASN E 365 5.32 -34.65 23.90
C ASN E 365 5.60 -33.58 22.87
N SER E 366 6.90 -33.29 22.59
CA SER E 366 7.32 -32.29 21.58
C SER E 366 6.78 -32.64 20.18
N ILE E 367 6.99 -33.91 19.76
CA ILE E 367 6.56 -34.45 18.46
C ILE E 367 5.03 -34.52 18.36
N LYS E 368 4.35 -35.08 19.39
CA LYS E 368 2.90 -35.24 19.47
C LYS E 368 2.16 -33.90 19.31
N ASN E 369 2.61 -32.85 20.04
CA ASN E 369 2.03 -31.50 20.01
C ASN E 369 2.20 -30.81 18.64
N LEU E 370 3.18 -31.25 17.85
CA LEU E 370 3.42 -30.68 16.52
C LEU E 370 2.62 -31.42 15.42
N GLN E 371 1.80 -32.44 15.81
CA GLN E 371 0.96 -33.21 14.88
C GLN E 371 -0.44 -32.64 14.71
N LYS E 372 -0.99 -32.79 13.51
CA LYS E 372 -2.32 -32.28 13.15
C LYS E 372 -3.47 -33.10 13.71
N ILE E 373 -4.43 -32.42 14.35
CA ILE E 373 -5.63 -33.04 14.92
C ILE E 373 -6.80 -32.72 13.96
N PRO E 374 -7.58 -33.74 13.50
CA PRO E 374 -7.56 -35.17 13.90
C PRO E 374 -6.46 -36.01 13.25
N MET E 375 -5.97 -37.01 14.01
CA MET E 375 -4.97 -37.97 13.57
C MET E 375 -5.75 -39.13 12.93
N SER E 376 -5.06 -39.98 12.16
CA SER E 376 -5.67 -41.17 11.58
C SER E 376 -5.84 -42.19 12.72
N PRO E 377 -6.87 -43.08 12.73
CA PRO E 377 -6.97 -44.07 13.83
C PRO E 377 -5.67 -44.85 14.01
N GLU E 378 -4.95 -45.07 12.89
CA GLU E 378 -3.66 -45.73 12.79
C GLU E 378 -2.65 -45.02 13.66
N GLU E 379 -2.44 -43.72 13.43
CA GLU E 379 -1.45 -42.93 14.17
C GLU E 379 -1.87 -42.65 15.60
N ALA E 380 -3.20 -42.46 15.84
CA ALA E 380 -3.75 -42.23 17.18
C ALA E 380 -3.54 -43.46 18.07
N VAL E 381 -3.58 -44.68 17.48
CA VAL E 381 -3.35 -45.90 18.25
C VAL E 381 -1.85 -46.03 18.54
N CYS E 382 -1.01 -45.69 17.54
CA CYS E 382 0.45 -45.73 17.62
C CYS E 382 1.01 -44.78 18.67
N SER E 383 0.57 -43.50 18.64
CA SER E 383 1.01 -42.48 19.59
C SER E 383 0.52 -42.81 21.01
N SER E 384 -0.74 -43.30 21.15
CA SER E 384 -1.32 -43.67 22.45
C SER E 384 -0.63 -44.91 23.02
N ALA E 385 -0.11 -45.79 22.15
CA ALA E 385 0.63 -46.98 22.58
C ALA E 385 1.89 -46.52 23.29
N VAL E 386 2.50 -45.41 22.82
CA VAL E 386 3.70 -44.81 23.39
C VAL E 386 3.34 -44.12 24.71
N SER E 387 2.24 -43.33 24.75
CA SER E 387 1.83 -42.70 26.02
C SER E 387 1.48 -43.74 27.08
N SER E 388 0.80 -44.87 26.69
CA SER E 388 0.48 -45.98 27.60
C SER E 388 1.77 -46.53 28.20
N ALA E 389 2.80 -46.75 27.36
CA ALA E 389 4.09 -47.27 27.76
C ALA E 389 4.71 -46.35 28.81
N PHE E 390 4.67 -45.02 28.58
CA PHE E 390 5.19 -44.03 29.50
C PHE E 390 4.48 -44.06 30.86
N GLU E 391 3.13 -44.17 30.86
CA GLU E 391 2.28 -44.23 32.05
C GLU E 391 2.55 -45.47 32.91
N VAL E 392 2.57 -46.70 32.32
CA VAL E 392 2.81 -47.96 33.05
C VAL E 392 4.28 -48.34 33.18
N GLN E 393 5.22 -47.55 32.63
CA GLN E 393 6.65 -47.84 32.63
C GLN E 393 6.92 -49.21 31.94
N ALA E 394 6.25 -49.45 30.78
CA ALA E 394 6.36 -50.67 29.97
C ALA E 394 7.81 -50.99 29.64
N LYS E 395 8.20 -52.25 29.82
CA LYS E 395 9.56 -52.70 29.56
C LYS E 395 9.82 -52.95 28.06
N ALA E 396 8.73 -52.98 27.23
CA ALA E 396 8.75 -53.15 25.75
C ALA E 396 7.35 -52.95 25.10
N ILE E 397 7.32 -52.53 23.82
CA ILE E 397 6.12 -52.36 22.98
C ILE E 397 6.20 -53.40 21.86
N LEU E 398 5.16 -54.23 21.68
CA LEU E 398 5.14 -55.24 20.63
C LEU E 398 4.14 -54.83 19.55
N VAL E 399 4.62 -54.65 18.30
CA VAL E 399 3.82 -54.24 17.15
C VAL E 399 3.82 -55.32 16.07
N LEU E 400 2.66 -55.61 15.51
CA LEU E 400 2.56 -56.56 14.42
C LEU E 400 2.45 -55.74 13.16
N SER E 401 3.57 -55.61 12.45
CA SER E 401 3.61 -54.79 11.23
C SER E 401 4.29 -55.52 10.10
N ASN E 402 3.55 -55.86 9.03
CA ASN E 402 4.10 -56.59 7.87
C ASN E 402 4.96 -55.69 6.99
N THR E 403 4.51 -54.46 6.71
CA THR E 403 5.23 -53.45 5.92
C THR E 403 6.25 -52.65 6.73
N GLY E 404 5.98 -52.47 8.02
CA GLY E 404 6.83 -51.70 8.91
C GLY E 404 6.32 -50.30 9.18
N ARG E 405 5.18 -49.90 8.51
CA ARG E 405 4.53 -48.59 8.68
C ARG E 405 4.30 -48.31 10.16
N SER E 406 3.55 -49.23 10.84
CA SER E 406 3.14 -49.22 12.25
C SER E 406 4.35 -49.12 13.19
N ALA E 407 5.43 -49.87 12.88
CA ALA E 407 6.67 -49.86 13.65
C ALA E 407 7.39 -48.51 13.56
N ARG E 408 7.38 -47.90 12.36
CA ARG E 408 7.99 -46.60 12.09
C ARG E 408 7.16 -45.51 12.74
N LEU E 409 5.84 -45.74 12.80
CA LEU E 409 4.82 -44.88 13.38
C LEU E 409 4.87 -44.89 14.89
N ILE E 410 5.26 -46.03 15.50
CA ILE E 410 5.41 -46.13 16.96
C ILE E 410 6.73 -45.45 17.35
N SER E 411 7.82 -45.78 16.61
CA SER E 411 9.15 -45.22 16.81
C SER E 411 9.17 -43.71 16.65
N LYS E 412 8.22 -43.15 15.84
CA LYS E 412 8.04 -41.73 15.56
C LYS E 412 7.85 -40.92 16.86
N TYR E 413 7.19 -41.55 17.84
CA TYR E 413 6.85 -40.94 19.11
C TYR E 413 7.89 -41.23 20.20
N ARG E 414 9.08 -41.65 19.78
CA ARG E 414 10.29 -41.89 20.60
C ARG E 414 10.04 -42.48 22.03
N PRO E 415 9.64 -43.78 22.15
CA PRO E 415 9.47 -44.36 23.50
C PRO E 415 10.84 -44.70 24.11
N ASN E 416 10.93 -44.81 25.47
CA ASN E 416 12.21 -45.16 26.10
C ASN E 416 12.54 -46.65 25.96
N CYS E 417 11.50 -47.50 25.91
CA CYS E 417 11.54 -48.96 25.82
C CYS E 417 11.78 -49.46 24.38
N PRO E 418 12.19 -50.73 24.16
CA PRO E 418 12.33 -51.22 22.78
C PRO E 418 10.98 -51.50 22.14
N ILE E 419 10.96 -51.54 20.80
CA ILE E 419 9.76 -51.86 20.05
C ILE E 419 10.00 -53.13 19.23
N ILE E 420 9.36 -54.24 19.62
CA ILE E 420 9.48 -55.53 18.94
C ILE E 420 8.45 -55.59 17.80
N CYS E 421 8.92 -55.88 16.55
CA CYS E 421 8.03 -55.91 15.38
C CYS E 421 7.88 -57.30 14.80
N ALA E 422 6.69 -57.90 14.98
CA ALA E 422 6.36 -59.22 14.46
C ALA E 422 5.93 -59.07 12.98
N THR E 423 6.91 -59.16 12.06
CA THR E 423 6.76 -58.98 10.61
C THR E 423 6.77 -60.31 9.84
N THR E 424 5.87 -60.44 8.82
CA THR E 424 5.77 -61.63 7.94
C THR E 424 6.65 -61.64 6.65
N ARG E 425 7.12 -60.44 6.24
CA ARG E 425 7.98 -60.18 5.07
C ARG E 425 9.39 -60.00 5.59
N LEU E 426 10.37 -60.63 4.95
CA LEU E 426 11.73 -60.54 5.47
C LEU E 426 12.52 -59.25 5.09
N LEU E 427 12.06 -58.54 4.02
CA LEU E 427 12.63 -57.28 3.52
C LEU E 427 12.44 -56.19 4.58
N THR E 428 11.27 -56.15 5.24
CA THR E 428 10.97 -55.12 6.24
C THR E 428 11.78 -55.37 7.53
N CYS E 429 12.43 -56.55 7.69
CA CYS E 429 13.32 -56.84 8.84
C CYS E 429 14.63 -56.09 8.62
N ARG E 430 15.07 -56.04 7.35
CA ARG E 430 16.29 -55.38 6.89
C ARG E 430 16.11 -53.85 6.74
N GLN E 431 14.89 -53.44 6.37
CA GLN E 431 14.49 -52.06 6.18
C GLN E 431 14.32 -51.42 7.54
N LEU E 432 13.81 -52.15 8.54
CA LEU E 432 13.60 -51.62 9.88
C LEU E 432 14.92 -51.44 10.65
N ASN E 433 16.06 -51.60 9.95
CA ASN E 433 17.36 -51.37 10.54
C ASN E 433 17.65 -49.85 10.61
N VAL E 434 16.92 -49.04 9.82
CA VAL E 434 17.12 -47.59 9.86
C VAL E 434 16.21 -46.89 10.90
N THR E 435 15.44 -47.63 11.72
CA THR E 435 14.61 -46.96 12.73
C THR E 435 15.02 -47.26 14.14
N ARG E 436 15.06 -46.20 14.94
CA ARG E 436 15.49 -46.25 16.35
C ARG E 436 14.42 -46.97 17.15
N SER E 437 14.85 -47.77 18.13
CA SER E 437 14.08 -48.58 19.12
C SER E 437 13.55 -49.90 18.55
N VAL E 438 13.52 -50.06 17.24
CA VAL E 438 12.85 -51.24 16.63
C VAL E 438 13.71 -52.49 16.63
N GLU E 439 13.09 -53.56 17.12
CA GLU E 439 13.59 -54.94 17.19
C GLU E 439 12.67 -55.94 16.42
N SER E 440 13.01 -56.22 15.13
CA SER E 440 12.23 -57.05 14.20
C SER E 440 12.41 -58.57 14.44
N VAL E 441 11.27 -59.30 14.50
CA VAL E 441 11.18 -60.75 14.68
C VAL E 441 10.36 -61.29 13.48
N TYR E 442 11.00 -62.06 12.59
CA TYR E 442 10.39 -62.61 11.39
C TYR E 442 9.59 -63.89 11.65
N TYR E 443 8.31 -63.86 11.28
CA TYR E 443 7.42 -65.01 11.39
C TYR E 443 7.32 -65.66 10.02
N ASP E 444 7.84 -66.90 9.89
CA ASP E 444 7.80 -67.61 8.62
C ASP E 444 6.41 -68.18 8.36
N VAL E 445 5.71 -67.51 7.41
CA VAL E 445 4.37 -67.78 6.90
C VAL E 445 4.25 -69.18 6.31
N ASP E 446 5.35 -69.69 5.69
CA ASP E 446 5.38 -71.01 5.03
C ASP E 446 5.47 -72.20 6.01
N ALA E 447 6.56 -72.28 6.80
CA ALA E 447 6.80 -73.36 7.76
C ALA E 447 5.74 -73.46 8.85
N HIS E 448 5.25 -72.30 9.32
CA HIS E 448 4.22 -72.19 10.34
C HIS E 448 2.85 -71.93 9.67
N GLY E 449 1.82 -71.70 10.47
CA GLY E 449 0.47 -71.46 9.97
C GLY E 449 0.23 -70.10 9.38
N GLU E 450 -1.03 -69.83 8.98
CA GLU E 450 -1.44 -68.55 8.40
C GLU E 450 -1.52 -67.46 9.47
N ASP E 451 -1.90 -67.86 10.70
CA ASP E 451 -2.01 -67.04 11.92
C ASP E 451 -2.93 -65.80 11.75
N ASN E 452 -4.23 -66.05 11.51
CA ASN E 452 -5.24 -65.01 11.32
C ASN E 452 -5.64 -64.35 12.66
N ASP E 453 -5.74 -65.13 13.77
CA ASP E 453 -6.05 -64.61 15.12
C ASP E 453 -4.86 -63.82 15.74
N ARG E 454 -3.68 -63.82 15.03
CA ARG E 454 -2.42 -63.13 15.34
C ARG E 454 -1.70 -63.66 16.59
N GLU E 455 -2.17 -64.80 17.14
CA GLU E 455 -1.63 -65.42 18.37
C GLU E 455 -0.25 -66.06 18.21
N LYS E 456 0.08 -66.54 16.99
CA LYS E 456 1.37 -67.15 16.70
C LYS E 456 2.46 -66.09 16.56
N ARG E 457 2.10 -64.86 16.10
CA ARG E 457 3.02 -63.72 15.94
C ARG E 457 3.21 -62.95 17.26
N VAL E 458 2.13 -62.79 18.06
CA VAL E 458 2.13 -62.12 19.37
C VAL E 458 2.98 -62.97 20.32
N GLN E 459 2.70 -64.30 20.40
CA GLN E 459 3.45 -65.21 21.25
C GLN E 459 4.89 -65.34 20.80
N LEU E 460 5.17 -65.20 19.48
CA LEU E 460 6.53 -65.21 18.92
C LEU E 460 7.31 -63.99 19.42
N GLY E 461 6.64 -62.84 19.49
CA GLY E 461 7.22 -61.58 19.93
C GLY E 461 7.50 -61.54 21.42
N VAL E 462 6.49 -61.94 22.24
CA VAL E 462 6.58 -62.01 23.71
C VAL E 462 7.72 -62.94 24.10
N ASP E 463 7.81 -64.13 23.47
CA ASP E 463 8.86 -65.12 23.69
C ASP E 463 10.23 -64.57 23.31
N TRP E 464 10.32 -63.84 22.18
CA TRP E 464 11.57 -63.24 21.73
C TRP E 464 12.03 -62.15 22.71
N ALA E 465 11.06 -61.37 23.24
CA ALA E 465 11.29 -60.32 24.24
C ALA E 465 11.73 -60.94 25.57
N LYS E 466 11.07 -62.07 25.98
CA LYS E 466 11.32 -62.85 27.20
C LYS E 466 12.77 -63.40 27.23
N THR E 467 13.21 -64.00 26.12
CA THR E 467 14.54 -64.61 25.99
C THR E 467 15.67 -63.58 25.84
N LYS E 468 15.43 -62.42 25.18
CA LYS E 468 16.48 -61.41 24.98
C LYS E 468 16.70 -60.45 26.20
N GLY E 469 16.10 -60.77 27.34
CA GLY E 469 16.27 -59.99 28.56
C GLY E 469 15.66 -58.60 28.62
N TYR E 470 14.65 -58.33 27.76
CA TYR E 470 13.97 -57.03 27.75
C TYR E 470 12.92 -57.11 28.84
N VAL E 471 11.90 -57.97 28.60
CA VAL E 471 10.80 -58.18 29.53
C VAL E 471 11.07 -59.36 30.44
N SER E 472 10.89 -59.14 31.76
CA SER E 472 11.02 -60.16 32.82
C SER E 472 9.61 -60.48 33.27
N ALA E 473 9.41 -61.60 33.98
CA ALA E 473 8.08 -61.99 34.48
C ALA E 473 7.52 -60.89 35.38
N GLY E 474 6.23 -60.69 35.28
CA GLY E 474 5.52 -59.66 36.02
C GLY E 474 5.43 -58.30 35.40
N ASP E 475 6.38 -57.98 34.46
CA ASP E 475 6.53 -56.71 33.72
C ASP E 475 5.38 -56.52 32.74
N VAL E 476 4.95 -55.25 32.57
CA VAL E 476 3.85 -54.89 31.69
C VAL E 476 4.42 -54.56 30.28
N MET E 477 3.70 -55.03 29.25
CA MET E 477 4.04 -54.92 27.84
C MET E 477 2.83 -54.36 27.06
N VAL E 478 3.08 -53.41 26.15
CA VAL E 478 2.03 -52.79 25.33
C VAL E 478 2.01 -53.53 23.99
N ILE E 479 0.89 -54.22 23.66
CA ILE E 479 0.78 -54.96 22.40
C ILE E 479 -0.19 -54.25 21.42
N VAL E 480 0.34 -53.85 20.24
CA VAL E 480 -0.36 -53.13 19.18
C VAL E 480 -0.50 -54.00 17.96
N HIS E 481 -1.74 -54.11 17.44
CA HIS E 481 -2.09 -54.88 16.24
C HIS E 481 -3.49 -54.50 15.77
N ALA E 482 -4.09 -55.30 14.84
CA ALA E 482 -5.43 -55.08 14.30
C ALA E 482 -6.42 -56.08 14.93
N ASP E 483 -7.65 -55.64 15.23
CA ASP E 483 -8.66 -56.50 15.86
C ASP E 483 -9.08 -57.71 14.97
N HIS E 484 -9.95 -58.63 15.50
CA HIS E 484 -10.42 -59.85 14.85
C HIS E 484 -11.20 -59.63 13.53
N SER E 485 -11.79 -58.44 13.35
CA SER E 485 -12.55 -58.06 12.16
C SER E 485 -11.65 -57.89 10.93
N GLY E 488 -6.90 -54.30 8.18
CA GLY E 488 -5.60 -54.10 7.57
C GLY E 488 -4.61 -53.37 8.46
N TYR E 489 -4.92 -52.09 8.78
CA TYR E 489 -4.14 -51.18 9.63
C TYR E 489 -4.33 -51.54 11.12
N PRO E 490 -3.40 -51.20 12.07
CA PRO E 490 -3.69 -51.50 13.48
C PRO E 490 -4.70 -50.50 14.11
N ASN E 491 -5.60 -51.01 14.97
CA ASN E 491 -6.65 -50.22 15.62
C ASN E 491 -6.85 -50.64 17.09
N GLN E 492 -6.10 -51.63 17.53
CA GLN E 492 -6.22 -52.18 18.88
C GLN E 492 -4.92 -52.11 19.67
N THR E 493 -5.01 -51.75 20.96
CA THR E 493 -3.88 -51.68 21.90
C THR E 493 -4.21 -52.43 23.19
N ARG E 494 -3.35 -53.39 23.58
CA ARG E 494 -3.51 -54.18 24.80
C ARG E 494 -2.36 -53.91 25.73
N LEU E 495 -2.60 -54.01 27.03
CA LEU E 495 -1.59 -53.86 28.06
C LEU E 495 -1.55 -55.19 28.79
N VAL E 496 -0.45 -55.93 28.61
CA VAL E 496 -0.33 -57.29 29.16
C VAL E 496 0.84 -57.44 30.15
N ARG E 497 0.59 -57.95 31.37
CA ARG E 497 1.67 -58.22 32.32
C ARG E 497 2.23 -59.59 31.91
N VAL E 498 3.37 -60.02 32.48
CA VAL E 498 3.93 -61.33 32.11
C VAL E 498 4.32 -62.17 33.32
N SER F 2 8.80 -25.89 22.36
CA SER F 2 9.76 -26.97 22.53
C SER F 2 11.02 -26.74 21.68
N GLN F 3 12.15 -27.38 22.04
CA GLN F 3 13.40 -27.29 21.30
C GLN F 3 13.19 -27.80 19.88
N LEU F 4 12.38 -28.86 19.72
CA LEU F 4 12.00 -29.45 18.43
C LEU F 4 11.34 -28.40 17.54
N GLN F 5 10.30 -27.71 18.07
CA GLN F 5 9.56 -26.65 17.40
C GLN F 5 10.45 -25.46 17.03
N HIS F 6 11.54 -25.31 17.76
CA HIS F 6 12.47 -24.19 17.52
C HIS F 6 13.49 -24.58 16.47
N ASN F 7 13.80 -25.88 16.40
CA ASN F 7 14.80 -26.42 15.45
C ASN F 7 14.23 -26.38 14.04
N ILE F 8 12.94 -26.63 13.87
CA ILE F 8 12.30 -26.62 12.53
C ILE F 8 12.19 -25.18 12.03
N GLY F 9 12.11 -24.20 12.92
CA GLY F 9 11.99 -22.80 12.48
C GLY F 9 13.35 -22.16 12.24
N LEU F 10 14.42 -22.90 12.47
CA LEU F 10 15.78 -22.35 12.26
C LEU F 10 15.93 -21.91 10.81
N SER F 11 16.45 -20.71 10.58
CA SER F 11 16.68 -20.26 9.20
C SER F 11 18.19 -20.30 9.00
N ILE F 12 18.69 -21.43 8.45
CA ILE F 12 20.12 -21.73 8.23
C ILE F 12 20.88 -20.53 7.65
N PHE F 13 20.31 -19.90 6.60
CA PHE F 13 20.94 -18.82 5.86
C PHE F 13 20.40 -17.42 6.19
N GLU F 14 20.09 -17.17 7.47
CA GLU F 14 19.67 -15.86 7.97
C GLU F 14 20.98 -15.11 8.30
N PRO F 15 21.04 -13.76 8.36
CA PRO F 15 22.33 -13.12 8.71
C PRO F 15 22.70 -13.37 10.18
N VAL F 16 23.99 -13.70 10.44
CA VAL F 16 24.52 -14.00 11.78
C VAL F 16 24.61 -12.75 12.68
N ALA F 17 24.91 -12.96 13.99
CA ALA F 17 25.09 -11.90 15.00
C ALA F 17 26.34 -11.07 14.67
N LYS F 18 26.24 -9.75 14.74
CA LYS F 18 27.42 -8.93 14.36
C LYS F 18 28.44 -8.85 15.51
N HIS F 19 28.01 -9.13 16.74
CA HIS F 19 28.88 -9.07 17.91
C HIS F 19 28.93 -10.36 18.72
N ARG F 20 30.10 -11.03 18.70
CA ARG F 20 30.42 -12.30 19.34
C ARG F 20 30.35 -12.16 20.86
N ALA F 21 29.58 -13.07 21.49
CA ALA F 21 29.38 -13.13 22.94
C ALA F 21 30.35 -14.12 23.64
N ASN F 22 30.61 -15.27 23.01
CA ASN F 22 31.51 -16.29 23.56
C ASN F 22 33.01 -15.90 23.44
N ARG F 23 33.88 -16.58 24.19
CA ARG F 23 35.30 -16.25 24.22
C ARG F 23 36.21 -17.40 23.83
N ILE F 24 37.35 -17.03 23.27
CA ILE F 24 38.38 -17.97 22.83
C ILE F 24 39.63 -17.83 23.72
N ILE F 25 39.95 -18.88 24.49
CA ILE F 25 41.16 -18.96 25.32
C ILE F 25 42.18 -19.80 24.49
N CYS F 26 43.42 -19.31 24.35
CA CYS F 26 44.45 -20.01 23.57
C CYS F 26 45.69 -20.27 24.40
N THR F 27 46.26 -21.48 24.33
CA THR F 27 47.53 -21.81 24.99
C THR F 27 48.60 -21.28 24.06
N ILE F 28 49.73 -20.86 24.62
CA ILE F 28 50.84 -20.28 23.86
C ILE F 28 52.06 -21.22 23.88
N GLY F 29 52.58 -21.53 22.70
CA GLY F 29 53.73 -22.41 22.52
C GLY F 29 54.72 -21.91 21.48
N PRO F 30 55.56 -22.82 20.90
CA PRO F 30 56.55 -22.39 19.89
C PRO F 30 55.99 -21.63 18.68
N SER F 31 54.80 -22.04 18.18
CA SER F 31 54.12 -21.43 17.03
C SER F 31 53.63 -19.99 17.29
N THR F 32 53.26 -19.67 18.55
CA THR F 32 52.66 -18.37 18.86
C THR F 32 53.29 -17.53 19.99
N GLN F 33 54.56 -17.80 20.37
CA GLN F 33 55.17 -17.01 21.46
C GLN F 33 55.56 -15.58 21.01
N SER F 34 55.92 -15.40 19.72
CA SER F 34 56.33 -14.09 19.16
C SER F 34 55.22 -13.06 19.19
N VAL F 35 55.58 -11.78 19.44
CA VAL F 35 54.67 -10.63 19.52
C VAL F 35 53.77 -10.54 18.25
N GLU F 36 54.37 -10.78 17.07
CA GLU F 36 53.66 -10.75 15.79
C GLU F 36 52.60 -11.87 15.69
N ALA F 37 52.93 -13.08 16.21
CA ALA F 37 52.02 -14.24 16.24
C ALA F 37 50.89 -14.02 17.24
N LEU F 38 51.19 -13.36 18.38
CA LEU F 38 50.19 -13.05 19.40
C LEU F 38 49.25 -11.98 18.87
N LYS F 39 49.79 -10.94 18.19
CA LYS F 39 49.01 -9.86 17.57
C LYS F 39 48.03 -10.48 16.55
N GLY F 40 48.46 -11.55 15.89
CA GLY F 40 47.64 -12.30 14.94
C GLY F 40 46.53 -13.04 15.66
N LEU F 41 46.88 -13.71 16.79
CA LEU F 41 45.91 -14.44 17.60
C LEU F 41 44.87 -13.51 18.15
N MET F 42 45.28 -12.37 18.72
CA MET F 42 44.38 -11.39 19.31
C MET F 42 43.44 -10.86 18.25
N LYS F 43 43.99 -10.48 17.08
CA LYS F 43 43.18 -10.02 15.95
C LYS F 43 42.15 -11.10 15.53
N SER F 44 42.53 -12.39 15.62
CA SER F 44 41.71 -13.54 15.23
C SER F 44 40.57 -13.87 16.19
N GLY F 45 40.58 -13.29 17.38
CA GLY F 45 39.56 -13.52 18.40
C GLY F 45 40.03 -14.02 19.77
N MET F 46 41.35 -14.08 19.99
CA MET F 46 41.89 -14.49 21.28
C MET F 46 41.65 -13.44 22.37
N SER F 47 41.01 -13.85 23.50
CA SER F 47 40.69 -13.01 24.68
C SER F 47 41.59 -13.31 25.91
N VAL F 48 41.99 -14.59 26.11
CA VAL F 48 42.83 -15.06 27.22
C VAL F 48 43.99 -15.88 26.63
N ALA F 49 45.21 -15.55 27.06
CA ALA F 49 46.41 -16.26 26.67
C ALA F 49 46.78 -17.16 27.85
N ARG F 50 46.76 -18.47 27.62
CA ARG F 50 47.06 -19.49 28.62
C ARG F 50 48.52 -19.89 28.55
N MET F 51 49.08 -20.23 29.71
CA MET F 51 50.45 -20.69 29.88
C MET F 51 50.33 -22.04 30.56
N ASN F 52 50.65 -23.14 29.86
CA ASN F 52 50.62 -24.46 30.50
C ASN F 52 51.93 -24.63 31.24
N PHE F 53 51.87 -24.59 32.59
CA PHE F 53 53.03 -24.70 33.47
C PHE F 53 53.54 -26.14 33.66
N SER F 54 52.88 -27.12 33.00
CA SER F 54 53.30 -28.53 33.01
C SER F 54 54.65 -28.62 32.26
N HIS F 55 54.88 -27.69 31.32
CA HIS F 55 56.12 -27.61 30.55
C HIS F 55 56.60 -26.15 30.46
N GLY F 56 57.89 -25.95 30.66
CA GLY F 56 58.49 -24.63 30.56
C GLY F 56 59.17 -24.09 31.81
N SER F 57 60.21 -23.29 31.57
CA SER F 57 61.03 -22.61 32.56
C SER F 57 60.35 -21.30 32.96
N TYR F 58 60.66 -20.77 34.18
CA TYR F 58 60.11 -19.50 34.69
C TYR F 58 60.52 -18.31 33.81
N GLU F 59 61.55 -18.48 32.94
CA GLU F 59 62.08 -17.52 31.97
C GLU F 59 61.26 -17.54 30.66
N TYR F 60 60.88 -18.76 30.24
CA TYR F 60 60.05 -19.04 29.06
C TYR F 60 58.66 -18.46 29.27
N HIS F 61 58.13 -18.56 30.49
CA HIS F 61 56.83 -18.00 30.87
C HIS F 61 56.87 -16.50 30.99
N GLN F 62 58.03 -15.96 31.35
CA GLN F 62 58.21 -14.52 31.45
C GLN F 62 58.09 -13.93 30.05
N THR F 63 58.67 -14.62 29.05
CA THR F 63 58.62 -14.25 27.63
C THR F 63 57.19 -14.18 27.17
N THR F 64 56.36 -15.22 27.48
CA THR F 64 54.93 -15.24 27.12
C THR F 64 54.21 -14.04 27.74
N ILE F 65 54.46 -13.77 29.04
CA ILE F 65 53.88 -12.66 29.76
C ILE F 65 54.19 -11.32 29.05
N ASN F 66 55.48 -10.97 28.97
CA ASN F 66 55.95 -9.73 28.35
C ASN F 66 55.48 -9.55 26.92
N ASN F 67 55.44 -10.66 26.13
CA ASN F 67 55.00 -10.61 24.74
C ASN F 67 53.52 -10.39 24.62
N VAL F 68 52.70 -10.97 25.55
CA VAL F 68 51.22 -10.80 25.54
C VAL F 68 50.91 -9.35 25.86
N ARG F 69 51.61 -8.76 26.84
CA ARG F 69 51.45 -7.37 27.25
C ARG F 69 51.86 -6.40 26.15
N ALA F 70 52.95 -6.72 25.42
CA ALA F 70 53.44 -5.94 24.29
C ALA F 70 52.43 -5.97 23.13
N ALA F 71 52.03 -7.17 22.66
CA ALA F 71 51.07 -7.38 21.57
C ALA F 71 49.72 -6.69 21.84
N ALA F 72 49.15 -6.89 23.07
CA ALA F 72 47.89 -6.27 23.51
C ALA F 72 48.02 -4.74 23.56
N ALA F 73 49.19 -4.22 23.98
CA ALA F 73 49.45 -2.78 24.06
C ALA F 73 49.42 -2.11 22.67
N GLU F 74 50.01 -2.77 21.65
CA GLU F 74 50.06 -2.30 20.25
C GLU F 74 48.66 -2.20 19.68
N LEU F 75 47.83 -3.22 19.95
CA LEU F 75 46.46 -3.34 19.48
C LEU F 75 45.44 -2.59 20.39
N GLY F 76 45.92 -2.08 21.52
CA GLY F 76 45.14 -1.36 22.50
C GLY F 76 44.07 -2.22 23.15
N LEU F 77 44.40 -3.49 23.42
CA LEU F 77 43.48 -4.45 24.03
C LEU F 77 43.90 -4.79 25.47
N HIS F 78 42.95 -5.36 26.26
CA HIS F 78 43.18 -5.84 27.62
C HIS F 78 42.95 -7.36 27.61
N ILE F 79 44.04 -8.10 27.34
CA ILE F 79 44.06 -9.56 27.22
C ILE F 79 44.47 -10.17 28.54
N GLY F 80 43.62 -11.06 29.08
CA GLY F 80 43.89 -11.77 30.32
C GLY F 80 44.94 -12.85 30.13
N ILE F 81 45.81 -13.06 31.14
CA ILE F 81 46.85 -14.09 31.15
C ILE F 81 46.44 -15.10 32.22
N ALA F 82 46.34 -16.38 31.83
CA ALA F 82 45.96 -17.48 32.70
C ALA F 82 47.15 -18.41 32.97
N LEU F 83 47.42 -18.70 34.24
CA LEU F 83 48.49 -19.60 34.63
C LEU F 83 47.87 -20.97 34.91
N ASP F 84 48.14 -21.93 34.03
CA ASP F 84 47.61 -23.28 34.17
C ASP F 84 48.66 -24.14 34.85
N THR F 85 48.46 -24.36 36.16
CA THR F 85 49.33 -25.16 37.04
C THR F 85 49.58 -26.58 36.50
N LYS F 86 50.73 -27.19 36.90
CA LYS F 86 51.07 -28.56 36.53
C LYS F 86 50.14 -29.48 37.36
N GLY F 87 50.28 -29.39 38.70
CA GLY F 87 49.48 -30.13 39.69
C GLY F 87 49.86 -31.58 39.93
N PRO F 88 48.89 -32.39 40.46
CA PRO F 88 49.15 -33.83 40.72
C PRO F 88 49.30 -34.70 39.45
N GLU F 89 50.10 -34.17 38.51
CA GLU F 89 50.43 -34.72 37.22
C GLU F 89 51.51 -35.78 37.36
N ILE F 90 51.25 -36.92 36.72
CA ILE F 90 52.19 -38.02 36.67
C ILE F 90 52.53 -38.15 35.22
N ARG F 91 53.78 -37.98 34.88
CA ARG F 91 54.25 -38.09 33.50
C ARG F 91 55.43 -39.05 33.47
N THR F 92 55.57 -39.79 32.36
CA THR F 92 56.68 -40.74 32.18
C THR F 92 58.01 -40.01 32.09
N GLY F 93 59.07 -40.78 32.00
CA GLY F 93 60.40 -40.22 31.86
C GLY F 93 60.66 -39.99 30.40
N LEU F 94 61.94 -39.88 30.07
CA LEU F 94 62.45 -39.66 28.73
C LEU F 94 62.80 -41.04 28.13
N PHE F 95 62.95 -41.08 26.80
CA PHE F 95 63.25 -42.32 26.11
C PHE F 95 64.54 -42.27 25.32
N LYS F 96 65.23 -43.44 25.26
CA LYS F 96 66.48 -43.68 24.53
C LYS F 96 66.13 -43.60 23.06
N ASP F 97 66.59 -42.51 22.41
CA ASP F 97 66.36 -42.10 21.01
C ASP F 97 64.94 -41.50 20.82
N GLY F 98 64.46 -40.80 21.87
CA GLY F 98 63.20 -40.06 21.91
C GLY F 98 61.90 -40.83 21.86
N GLU F 99 61.94 -42.11 21.47
CA GLU F 99 60.75 -42.94 21.35
C GLU F 99 60.99 -44.41 21.72
N ALA F 100 59.87 -45.16 21.83
CA ALA F 100 59.83 -46.58 22.21
C ALA F 100 58.53 -47.20 21.73
N THR F 101 58.63 -48.25 20.92
CA THR F 101 57.42 -48.92 20.40
C THR F 101 57.08 -50.13 21.27
N TYR F 102 55.78 -50.33 21.53
CA TYR F 102 55.25 -51.41 22.35
C TYR F 102 54.30 -52.29 21.55
N ALA F 103 54.46 -53.63 21.67
CA ALA F 103 53.59 -54.61 20.99
C ALA F 103 52.69 -55.35 22.00
N PRO F 104 51.42 -55.70 21.67
CA PRO F 104 50.56 -56.41 22.65
C PRO F 104 51.12 -57.78 23.01
N GLY F 105 50.72 -58.26 24.18
CA GLY F 105 51.16 -59.56 24.69
C GLY F 105 52.53 -59.53 25.32
N ASP F 106 53.32 -58.47 25.05
CA ASP F 106 54.66 -58.26 25.59
C ASP F 106 54.61 -57.85 27.07
N THR F 107 55.78 -57.51 27.61
CA THR F 107 55.92 -57.10 28.99
C THR F 107 56.87 -55.91 29.09
N VAL F 108 56.54 -54.94 29.95
CA VAL F 108 57.35 -53.74 30.20
C VAL F 108 57.46 -53.51 31.69
N LEU F 109 58.69 -53.29 32.16
CA LEU F 109 58.94 -52.96 33.55
C LEU F 109 58.73 -51.45 33.68
N VAL F 110 57.90 -51.04 34.64
CA VAL F 110 57.63 -49.64 34.89
C VAL F 110 58.35 -49.28 36.22
N THR F 111 59.52 -48.62 36.09
CA THR F 111 60.37 -48.25 37.21
C THR F 111 60.10 -46.82 37.71
N THR F 112 60.48 -46.54 38.97
CA THR F 112 60.40 -45.21 39.58
C THR F 112 61.85 -44.86 40.00
N ASP F 113 62.82 -45.53 39.34
CA ASP F 113 64.26 -45.39 39.55
C ASP F 113 64.80 -44.25 38.69
N PRO F 114 65.42 -43.21 39.32
CA PRO F 114 65.94 -42.06 38.55
C PRO F 114 67.07 -42.37 37.54
N ALA F 115 67.65 -43.57 37.60
CA ALA F 115 68.71 -43.98 36.66
C ALA F 115 68.15 -44.16 35.24
N PHE F 116 66.88 -44.56 35.15
CA PHE F 116 66.16 -44.81 33.90
C PHE F 116 65.27 -43.62 33.53
N GLU F 117 65.48 -42.47 34.19
CA GLU F 117 64.73 -41.22 33.98
C GLU F 117 64.84 -40.72 32.54
N LYS F 118 66.02 -40.89 31.94
CA LYS F 118 66.32 -40.67 30.53
C LYS F 118 66.60 -42.12 30.05
N ILE F 119 67.18 -42.34 28.86
CA ILE F 119 67.55 -43.66 28.31
C ILE F 119 66.43 -44.77 28.42
N GLY F 120 65.17 -44.39 28.61
CA GLY F 120 64.00 -45.29 28.69
C GLY F 120 63.80 -46.15 27.44
N THR F 121 63.58 -47.47 27.61
CA THR F 121 63.44 -48.39 26.47
C THR F 121 62.09 -49.14 26.46
N LYS F 122 61.89 -50.01 25.45
CA LYS F 122 60.68 -50.81 25.29
C LYS F 122 60.56 -51.91 26.34
N GLU F 123 61.69 -52.21 27.03
CA GLU F 123 61.84 -53.24 28.06
C GLU F 123 61.61 -52.70 29.49
N LYS F 124 62.02 -51.42 29.75
CA LYS F 124 61.91 -50.74 31.04
C LYS F 124 61.96 -49.20 30.90
N PHE F 125 61.04 -48.48 31.57
CA PHE F 125 61.01 -47.01 31.56
C PHE F 125 60.59 -46.42 32.91
N TYR F 126 60.93 -45.14 33.15
CA TYR F 126 60.67 -44.39 34.39
C TYR F 126 59.32 -43.68 34.37
N VAL F 127 58.76 -43.44 35.58
CA VAL F 127 57.52 -42.68 35.84
C VAL F 127 57.72 -41.78 37.06
N ASP F 128 57.19 -40.55 37.04
CA ASP F 128 57.41 -39.57 38.10
C ASP F 128 56.82 -39.91 39.48
N TYR F 129 55.70 -40.68 39.56
CA TYR F 129 55.09 -41.13 40.81
C TYR F 129 56.00 -42.14 41.55
N PRO F 130 56.64 -41.77 42.66
CA PRO F 130 57.51 -42.72 43.36
C PRO F 130 56.77 -43.78 44.18
N GLN F 131 55.50 -43.53 44.59
CA GLN F 131 54.67 -44.44 45.39
C GLN F 131 53.92 -45.45 44.51
N LEU F 132 54.04 -45.29 43.17
CA LEU F 132 53.38 -46.10 42.14
C LEU F 132 53.39 -47.61 42.40
N PRO F 133 54.52 -48.29 42.75
CA PRO F 133 54.46 -49.75 42.96
C PRO F 133 53.63 -50.19 44.16
N ASN F 134 53.44 -49.29 45.13
CA ASN F 134 52.69 -49.61 46.33
C ASN F 134 51.23 -49.23 46.20
N VAL F 135 50.91 -48.31 45.27
CA VAL F 135 49.54 -47.85 44.99
C VAL F 135 48.80 -48.79 44.01
N VAL F 136 49.33 -49.00 42.80
CA VAL F 136 48.65 -49.89 41.86
C VAL F 136 48.95 -51.38 42.21
N ARG F 137 47.86 -52.16 42.49
CA ARG F 137 47.90 -53.58 42.89
C ARG F 137 47.66 -54.47 41.66
N PRO F 138 48.37 -55.63 41.50
CA PRO F 138 48.18 -56.49 40.31
C PRO F 138 46.75 -56.61 39.77
N GLY F 139 46.66 -56.61 38.45
CA GLY F 139 45.40 -56.62 37.71
C GLY F 139 45.07 -55.20 37.26
N GLY F 140 45.40 -54.23 38.12
CA GLY F 140 45.23 -52.80 37.89
C GLY F 140 45.86 -52.34 36.60
N LEU F 141 45.20 -51.39 35.93
CA LEU F 141 45.61 -50.87 34.64
C LEU F 141 46.30 -49.51 34.77
N ILE F 142 47.40 -49.29 34.03
CA ILE F 142 48.13 -48.02 33.96
C ILE F 142 47.82 -47.41 32.56
N TYR F 143 47.27 -46.17 32.55
CA TYR F 143 46.86 -45.44 31.34
C TYR F 143 47.86 -44.36 30.91
N VAL F 144 48.59 -44.64 29.81
CA VAL F 144 49.66 -43.80 29.24
C VAL F 144 49.27 -43.11 27.89
N ASP F 145 49.73 -41.84 27.72
CA ASP F 145 49.58 -40.95 26.55
C ASP F 145 48.13 -40.65 26.28
N ASP F 146 47.36 -40.41 27.35
CA ASP F 146 45.91 -40.15 27.29
C ASP F 146 45.14 -41.35 26.73
N GLY F 147 45.23 -42.48 27.41
CA GLY F 147 44.55 -43.70 27.03
C GLY F 147 45.04 -44.58 25.89
N VAL F 148 45.90 -44.05 24.96
CA VAL F 148 46.39 -44.74 23.74
C VAL F 148 47.22 -45.98 24.20
N LEU F 149 48.01 -45.84 25.29
CA LEU F 149 48.78 -46.96 25.81
C LEU F 149 48.19 -47.44 27.12
N THR F 150 47.95 -48.76 27.23
CA THR F 150 47.41 -49.38 28.44
C THR F 150 48.34 -50.49 28.88
N LEU F 151 48.50 -50.64 30.21
CA LEU F 151 49.39 -51.64 30.80
C LEU F 151 48.72 -52.33 31.98
N ARG F 152 48.59 -53.66 31.93
CA ARG F 152 47.98 -54.43 33.01
C ARG F 152 49.07 -54.90 33.98
N VAL F 153 48.94 -54.55 35.27
CA VAL F 153 49.99 -54.91 36.24
C VAL F 153 50.00 -56.40 36.53
N LEU F 154 51.12 -57.06 36.17
CA LEU F 154 51.31 -58.47 36.43
C LEU F 154 51.79 -58.68 37.87
N SER F 155 52.94 -58.08 38.23
CA SER F 155 53.53 -58.24 39.58
C SER F 155 54.48 -57.11 39.96
N LYS F 156 54.74 -56.96 41.29
CA LYS F 156 55.70 -55.99 41.86
C LYS F 156 57.11 -56.64 42.04
N GLU F 157 58.04 -56.34 41.11
CA GLU F 157 59.40 -56.88 41.13
C GLU F 157 60.18 -56.43 42.39
N ASP F 158 60.54 -55.12 42.46
CA ASP F 158 61.26 -54.51 43.60
C ASP F 158 60.30 -53.52 44.31
N ASP F 159 60.86 -52.58 45.09
CA ASP F 159 60.08 -51.52 45.75
C ASP F 159 59.91 -50.27 44.85
N CYS F 160 60.53 -50.31 43.66
CA CYS F 160 60.58 -49.24 42.64
C CYS F 160 60.07 -49.70 41.29
N THR F 161 59.75 -51.00 41.09
CA THR F 161 59.41 -51.48 39.75
C THR F 161 58.20 -52.43 39.72
N LEU F 162 57.37 -52.31 38.65
CA LEU F 162 56.20 -53.14 38.34
C LEU F 162 56.37 -53.82 36.99
N LYS F 163 56.05 -55.12 36.86
CA LYS F 163 56.09 -55.76 35.53
C LYS F 163 54.70 -55.69 34.96
N CYS F 164 54.54 -55.11 33.78
CA CYS F 164 53.22 -54.95 33.17
C CYS F 164 53.08 -55.61 31.82
N HIS F 165 51.91 -56.20 31.57
CA HIS F 165 51.56 -56.84 30.30
C HIS F 165 50.95 -55.78 29.37
N VAL F 166 51.59 -55.56 28.20
CA VAL F 166 51.17 -54.58 27.18
C VAL F 166 49.89 -55.10 26.48
N ASN F 167 48.81 -54.29 26.49
CA ASN F 167 47.52 -54.65 25.88
C ASN F 167 47.37 -54.27 24.39
N ASN F 168 47.94 -53.13 23.98
CA ASN F 168 47.81 -52.62 22.61
C ASN F 168 49.14 -52.14 22.00
N HIS F 169 49.23 -52.15 20.65
CA HIS F 169 50.42 -51.72 19.91
C HIS F 169 50.44 -50.21 19.75
N HIS F 170 51.35 -49.49 20.46
CA HIS F 170 51.53 -48.02 20.38
C HIS F 170 52.92 -47.55 20.78
N ARG F 171 53.45 -46.57 20.01
CA ARG F 171 54.79 -45.99 20.21
C ARG F 171 54.66 -44.68 20.98
N LEU F 172 55.27 -44.63 22.17
CA LEU F 172 55.26 -43.42 23.00
C LEU F 172 56.56 -42.66 22.92
N THR F 173 56.51 -41.35 23.25
CA THR F 173 57.66 -40.44 23.26
C THR F 173 57.83 -39.80 24.63
N ASP F 174 58.93 -39.06 24.81
CA ASP F 174 59.34 -38.35 26.03
C ASP F 174 58.27 -37.57 26.79
N ARG F 175 58.27 -37.74 28.13
CA ARG F 175 57.44 -37.09 29.16
C ARG F 175 55.94 -36.99 28.83
N LYS F 176 55.27 -38.14 28.74
CA LYS F 176 53.84 -38.25 28.46
C LYS F 176 53.09 -38.59 29.73
N GLY F 177 51.96 -37.94 29.91
CA GLY F 177 51.08 -38.12 31.06
C GLY F 177 50.57 -39.53 31.33
N ILE F 178 50.34 -39.77 32.61
CA ILE F 178 49.83 -40.99 33.20
C ILE F 178 48.64 -40.62 34.06
N ASN F 179 47.72 -41.58 34.16
CA ASN F 179 46.46 -41.53 34.91
C ASN F 179 46.31 -42.94 35.48
N LEU F 180 45.82 -43.09 36.73
CA LEU F 180 45.60 -44.41 37.31
C LEU F 180 44.18 -44.45 37.93
N PRO F 181 43.12 -44.52 37.06
CA PRO F 181 41.74 -44.53 37.57
C PRO F 181 41.42 -45.70 38.52
N GLY F 182 40.77 -45.39 39.64
CA GLY F 182 40.42 -46.39 40.65
C GLY F 182 41.38 -46.42 41.81
N CYS F 183 42.68 -46.20 41.52
CA CYS F 183 43.79 -46.17 42.48
C CYS F 183 43.93 -44.80 43.11
N GLU F 184 43.94 -44.79 44.45
CA GLU F 184 44.02 -43.57 45.24
C GLU F 184 45.43 -43.06 45.33
N VAL F 185 45.65 -41.93 44.66
CA VAL F 185 46.92 -41.21 44.62
C VAL F 185 46.86 -40.12 45.70
N ASP F 186 47.81 -40.20 46.62
CA ASP F 186 47.85 -39.24 47.75
C ASP F 186 48.86 -38.13 47.46
N LEU F 187 48.67 -37.46 46.31
CA LEU F 187 49.46 -36.26 45.95
C LEU F 187 48.58 -35.04 46.29
N PRO F 188 49.16 -33.91 46.71
CA PRO F 188 48.37 -32.76 47.11
C PRO F 188 48.10 -31.86 45.93
N ALA F 189 47.21 -30.88 46.10
CA ALA F 189 46.88 -29.94 45.01
C ALA F 189 48.04 -28.98 44.76
N VAL F 190 48.53 -28.32 45.81
CA VAL F 190 49.59 -27.34 45.65
C VAL F 190 50.93 -27.93 46.09
N SER F 191 51.59 -28.64 45.17
CA SER F 191 52.91 -29.23 45.40
C SER F 191 53.96 -28.11 45.50
N GLU F 192 55.13 -28.38 46.11
CA GLU F 192 56.20 -27.38 46.29
C GLU F 192 56.54 -26.61 44.98
N LYS F 193 56.43 -27.28 43.79
CA LYS F 193 56.65 -26.66 42.49
C LYS F 193 55.49 -25.72 42.22
N ASP F 194 54.23 -26.19 42.41
CA ASP F 194 52.99 -25.42 42.22
C ASP F 194 52.98 -24.18 43.10
N ARG F 195 53.59 -24.24 44.30
CA ARG F 195 53.70 -23.08 45.17
C ARG F 195 54.62 -22.03 44.51
N LYS F 196 55.82 -22.44 44.03
CA LYS F 196 56.77 -21.54 43.35
C LYS F 196 56.21 -20.98 42.03
N ASP F 197 55.42 -21.80 41.29
CA ASP F 197 54.75 -21.38 40.05
C ASP F 197 53.68 -20.31 40.34
N LEU F 198 52.81 -20.54 41.37
CA LEU F 198 51.74 -19.61 41.76
C LEU F 198 52.30 -18.30 42.28
N GLN F 199 53.39 -18.39 43.09
CA GLN F 199 54.09 -17.22 43.62
C GLN F 199 54.70 -16.41 42.49
N PHE F 200 55.14 -17.08 41.41
CA PHE F 200 55.70 -16.41 40.24
C PHE F 200 54.58 -15.63 39.54
N GLY F 201 53.44 -16.29 39.32
CA GLY F 201 52.27 -15.71 38.68
C GLY F 201 51.81 -14.44 39.34
N VAL F 202 51.63 -14.49 40.67
CA VAL F 202 51.20 -13.39 41.53
C VAL F 202 52.19 -12.22 41.40
N GLU F 203 53.50 -12.51 41.53
CA GLU F 203 54.58 -11.52 41.39
C GLU F 203 54.60 -10.89 39.99
N GLN F 204 54.13 -11.64 38.97
CA GLN F 204 54.06 -11.19 37.58
C GLN F 204 52.78 -10.42 37.24
N GLY F 205 51.71 -10.74 37.94
CA GLY F 205 50.43 -10.08 37.72
C GLY F 205 49.50 -10.86 36.81
N VAL F 206 49.56 -12.23 36.90
CA VAL F 206 48.63 -13.07 36.13
C VAL F 206 47.22 -12.80 36.61
N ASP F 207 46.28 -12.74 35.67
CA ASP F 207 44.90 -12.38 35.96
C ASP F 207 44.07 -13.50 36.60
N MET F 208 44.29 -14.76 36.20
CA MET F 208 43.57 -15.92 36.71
C MET F 208 44.45 -17.16 36.78
N ILE F 209 44.04 -18.12 37.63
CA ILE F 209 44.74 -19.39 37.82
C ILE F 209 43.82 -20.52 37.37
N PHE F 210 44.36 -21.45 36.57
CA PHE F 210 43.64 -22.64 36.11
C PHE F 210 44.20 -23.83 36.90
N ALA F 211 43.65 -24.03 38.12
CA ALA F 211 44.07 -25.05 39.08
C ALA F 211 43.80 -26.47 38.57
N SER F 212 44.88 -27.25 38.35
CA SER F 212 44.82 -28.62 37.85
C SER F 212 44.48 -29.65 38.91
N PHE F 213 43.67 -30.65 38.51
CA PHE F 213 43.19 -31.78 39.30
C PHE F 213 42.57 -31.36 40.62
N ILE F 214 41.50 -30.56 40.55
CA ILE F 214 40.77 -30.14 41.74
C ILE F 214 39.75 -31.24 42.00
N ARG F 215 39.77 -31.77 43.22
CA ARG F 215 38.92 -32.89 43.65
C ARG F 215 37.95 -32.37 44.68
N THR F 216 38.49 -31.62 45.66
CA THR F 216 37.72 -31.11 46.79
C THR F 216 37.73 -29.59 46.89
N ALA F 217 36.75 -29.06 47.64
CA ALA F 217 36.60 -27.62 47.87
C ALA F 217 37.75 -27.13 48.79
N ASP F 218 38.37 -28.05 49.59
CA ASP F 218 39.49 -27.73 50.48
C ASP F 218 40.72 -27.46 49.65
N GLN F 219 40.87 -28.14 48.50
CA GLN F 219 41.98 -27.97 47.57
C GLN F 219 41.98 -26.56 46.98
N VAL F 220 40.77 -26.00 46.70
CA VAL F 220 40.56 -24.65 46.15
C VAL F 220 41.04 -23.62 47.14
N ARG F 221 40.71 -23.81 48.43
CA ARG F 221 41.14 -22.92 49.50
C ARG F 221 42.66 -23.04 49.73
N GLU F 222 43.28 -24.22 49.43
CA GLU F 222 44.72 -24.48 49.51
C GLU F 222 45.41 -23.60 48.45
N VAL F 223 44.81 -23.51 47.25
CA VAL F 223 45.30 -22.69 46.15
C VAL F 223 45.11 -21.22 46.51
N ARG F 224 43.94 -20.86 47.10
CA ARG F 224 43.61 -19.49 47.50
C ARG F 224 44.56 -18.94 48.55
N ALA F 225 45.09 -19.84 49.40
CA ALA F 225 46.06 -19.55 50.45
C ALA F 225 47.45 -19.44 49.86
N ALA F 226 47.75 -20.21 48.76
CA ALA F 226 49.04 -20.20 48.06
C ALA F 226 49.31 -18.84 47.43
N LEU F 227 48.24 -18.12 47.02
CA LEU F 227 48.30 -16.74 46.56
C LEU F 227 48.14 -15.97 47.90
N GLY F 228 49.01 -14.99 48.16
CA GLY F 228 48.92 -14.19 49.38
C GLY F 228 47.89 -13.09 49.29
N GLU F 229 48.10 -11.96 50.01
CA GLU F 229 47.19 -10.80 49.94
C GLU F 229 47.49 -10.05 48.62
N LYS F 230 48.70 -10.27 48.07
CA LYS F 230 49.16 -9.74 46.78
C LYS F 230 48.28 -10.36 45.67
N GLY F 231 47.98 -11.67 45.78
CA GLY F 231 47.13 -12.40 44.84
C GLY F 231 45.71 -12.61 45.32
N LYS F 232 45.21 -11.68 46.16
CA LYS F 232 43.87 -11.75 46.75
C LYS F 232 42.73 -11.60 45.72
N ASP F 233 42.93 -10.75 44.68
CA ASP F 233 41.95 -10.50 43.62
C ASP F 233 42.06 -11.42 42.40
N THR F 234 43.14 -12.22 42.29
CA THR F 234 43.30 -13.13 41.14
C THR F 234 42.29 -14.29 41.21
N LEU F 235 41.60 -14.56 40.06
CA LEU F 235 40.58 -15.59 39.93
C LEU F 235 41.12 -17.01 40.01
N ILE F 236 40.29 -17.94 40.53
CA ILE F 236 40.60 -19.37 40.66
C ILE F 236 39.57 -20.19 39.85
N ILE F 237 40.01 -20.66 38.67
CA ILE F 237 39.21 -21.49 37.78
C ILE F 237 39.67 -22.93 38.01
N SER F 238 38.82 -23.73 38.69
CA SER F 238 39.15 -25.11 39.00
C SER F 238 38.92 -26.04 37.83
N LYS F 239 39.93 -26.89 37.54
CA LYS F 239 39.86 -27.85 36.45
C LYS F 239 39.31 -29.19 36.92
N ILE F 240 38.18 -29.60 36.39
CA ILE F 240 37.56 -30.88 36.72
C ILE F 240 38.07 -31.91 35.69
N GLU F 241 38.90 -32.87 36.14
CA GLU F 241 39.49 -33.87 35.24
C GLU F 241 39.62 -35.28 35.87
N ASN F 242 38.88 -35.52 36.95
CA ASN F 242 38.85 -36.80 37.67
C ASN F 242 37.41 -37.10 38.16
N HIS F 243 37.18 -38.34 38.61
CA HIS F 243 35.91 -38.81 39.13
C HIS F 243 35.47 -38.01 40.37
N GLN F 244 36.39 -37.74 41.33
CA GLN F 244 36.13 -36.98 42.57
C GLN F 244 35.63 -35.56 42.30
N GLY F 245 36.31 -34.85 41.39
CA GLY F 245 35.97 -33.48 41.00
C GLY F 245 34.58 -33.34 40.44
N VAL F 246 34.13 -34.34 39.66
CA VAL F 246 32.79 -34.42 39.07
C VAL F 246 31.77 -34.67 40.21
N GLN F 247 32.11 -35.60 41.11
CA GLN F 247 31.30 -36.02 42.26
C GLN F 247 31.09 -34.86 43.26
N ASN F 248 32.14 -34.02 43.47
CA ASN F 248 32.14 -32.88 44.39
C ASN F 248 31.98 -31.51 43.66
N ILE F 249 31.34 -31.52 42.47
CA ILE F 249 31.21 -30.34 41.61
C ILE F 249 30.56 -29.14 42.34
N ASP F 250 29.47 -29.35 43.10
CA ASP F 250 28.76 -28.25 43.79
C ASP F 250 29.61 -27.48 44.82
N ALA F 251 30.40 -28.22 45.64
CA ALA F 251 31.29 -27.68 46.66
C ALA F 251 32.41 -26.87 46.02
N ILE F 252 33.00 -27.45 44.95
CA ILE F 252 34.08 -26.88 44.16
C ILE F 252 33.62 -25.57 43.47
N ILE F 253 32.37 -25.55 42.92
CA ILE F 253 31.75 -24.38 42.26
C ILE F 253 31.69 -23.19 43.23
N GLU F 254 31.12 -23.41 44.45
CA GLU F 254 30.98 -22.39 45.50
C GLU F 254 32.37 -21.81 45.88
N ALA F 255 33.39 -22.69 46.03
CA ALA F 255 34.77 -22.37 46.41
C ALA F 255 35.54 -21.59 45.33
N SER F 256 35.27 -21.90 44.04
CA SER F 256 35.95 -21.30 42.89
C SER F 256 35.30 -20.02 42.37
N ASP F 257 35.99 -19.37 41.42
CA ASP F 257 35.53 -18.16 40.75
C ASP F 257 34.92 -18.52 39.41
N GLY F 258 35.23 -19.75 38.96
CA GLY F 258 34.81 -20.35 37.70
C GLY F 258 35.32 -21.77 37.60
N ILE F 259 34.91 -22.51 36.56
CA ILE F 259 35.26 -23.93 36.37
C ILE F 259 35.73 -24.22 34.96
N MET F 260 36.65 -25.18 34.81
CA MET F 260 37.10 -25.63 33.50
C MET F 260 36.78 -27.11 33.36
N VAL F 261 36.06 -27.49 32.28
CA VAL F 261 35.76 -28.89 32.02
C VAL F 261 36.99 -29.39 31.22
N ALA F 262 38.10 -29.71 31.93
CA ALA F 262 39.35 -30.20 31.36
C ALA F 262 39.08 -31.62 30.87
N ARG F 263 38.62 -31.72 29.62
CA ARG F 263 38.21 -32.98 29.01
C ARG F 263 39.35 -33.96 28.66
N GLY F 264 40.60 -33.48 28.64
CA GLY F 264 41.76 -34.30 28.34
C GLY F 264 41.92 -35.43 29.35
N ASP F 265 42.22 -35.09 30.62
CA ASP F 265 42.38 -36.08 31.68
C ASP F 265 41.03 -36.67 32.12
N LEU F 266 39.93 -35.92 31.95
CA LEU F 266 38.61 -36.40 32.35
C LEU F 266 38.19 -37.59 31.50
N GLY F 267 38.44 -37.53 30.19
CA GLY F 267 38.14 -38.60 29.24
C GLY F 267 38.89 -39.89 29.47
N VAL F 268 39.93 -39.87 30.32
CA VAL F 268 40.74 -41.05 30.66
C VAL F 268 40.37 -41.53 32.07
N GLU F 269 40.13 -40.59 33.00
CA GLU F 269 39.76 -40.89 34.39
C GLU F 269 38.32 -41.47 34.49
N ILE F 270 37.43 -41.06 33.56
CA ILE F 270 36.03 -41.53 33.41
C ILE F 270 35.85 -42.04 31.96
N PRO F 271 34.87 -42.94 31.63
CA PRO F 271 34.74 -43.40 30.23
C PRO F 271 34.48 -42.24 29.27
N ALA F 272 35.04 -42.33 28.06
CA ALA F 272 34.95 -41.29 27.03
C ALA F 272 33.53 -40.79 26.76
N GLU F 273 32.54 -41.71 26.70
CA GLU F 273 31.14 -41.40 26.45
C GLU F 273 30.49 -40.58 27.57
N LYS F 274 30.96 -40.77 28.82
CA LYS F 274 30.42 -40.08 30.00
C LYS F 274 30.77 -38.61 30.05
N VAL F 275 31.84 -38.19 29.35
CA VAL F 275 32.33 -36.81 29.33
C VAL F 275 31.24 -35.84 28.79
N VAL F 276 30.46 -36.23 27.75
CA VAL F 276 29.38 -35.39 27.20
C VAL F 276 28.37 -35.04 28.31
N VAL F 277 27.83 -36.06 29.01
CA VAL F 277 26.88 -35.90 30.12
C VAL F 277 27.50 -35.07 31.26
N ALA F 278 28.77 -35.34 31.61
CA ALA F 278 29.53 -34.60 32.62
C ALA F 278 29.66 -33.10 32.26
N GLN F 279 29.93 -32.81 30.98
CA GLN F 279 30.08 -31.45 30.44
C GLN F 279 28.78 -30.66 30.55
N MET F 280 27.66 -31.26 30.09
CA MET F 280 26.32 -30.65 30.12
C MET F 280 25.96 -30.26 31.53
N CYS F 281 26.09 -31.22 32.45
CA CYS F 281 25.80 -31.09 33.86
C CYS F 281 26.64 -30.02 34.56
N ILE F 282 27.96 -30.00 34.33
CA ILE F 282 28.88 -29.01 34.94
C ILE F 282 28.57 -27.57 34.44
N ILE F 283 28.49 -27.38 33.10
CA ILE F 283 28.22 -26.09 32.46
C ILE F 283 26.90 -25.48 32.94
N SER F 284 25.84 -26.29 33.03
CA SER F 284 24.54 -25.81 33.51
C SER F 284 24.56 -25.41 35.00
N LYS F 285 25.34 -26.16 35.81
CA LYS F 285 25.50 -25.89 37.25
C LYS F 285 26.23 -24.54 37.45
N CYS F 286 27.22 -24.25 36.57
CA CYS F 286 27.99 -23.00 36.56
C CYS F 286 27.13 -21.87 36.10
N ASN F 287 26.20 -22.14 35.13
CA ASN F 287 25.27 -21.15 34.57
C ASN F 287 24.36 -20.62 35.69
N VAL F 288 23.73 -21.55 36.47
CA VAL F 288 22.81 -21.27 37.59
C VAL F 288 23.56 -20.50 38.67
N ALA F 289 24.82 -20.89 38.90
CA ALA F 289 25.71 -20.27 39.89
C ALA F 289 26.12 -18.87 39.48
N GLY F 290 26.21 -18.63 38.19
CA GLY F 290 26.64 -17.36 37.64
C GLY F 290 28.15 -17.22 37.71
N LYS F 291 28.88 -18.30 37.35
CA LYS F 291 30.35 -18.37 37.36
C LYS F 291 30.88 -18.87 36.02
N PRO F 292 31.92 -18.21 35.46
CA PRO F 292 32.45 -18.60 34.13
C PRO F 292 32.88 -20.06 33.98
N VAL F 293 32.35 -20.75 32.97
CA VAL F 293 32.68 -22.13 32.68
C VAL F 293 33.35 -22.23 31.33
N ILE F 294 34.45 -22.99 31.26
CA ILE F 294 35.26 -23.20 30.05
C ILE F 294 35.16 -24.67 29.60
N CYS F 295 35.01 -24.95 28.28
CA CYS F 295 35.13 -26.30 27.71
C CYS F 295 36.59 -26.35 27.19
N ALA F 296 37.34 -27.52 27.17
CA ALA F 296 38.75 -27.33 26.84
C ALA F 296 39.58 -28.39 26.04
N THR F 297 39.16 -29.64 25.79
CA THR F 297 40.20 -30.40 25.05
C THR F 297 39.74 -31.01 23.72
N GLN F 298 40.68 -30.97 22.72
CA GLN F 298 40.52 -31.51 21.35
C GLN F 298 39.33 -30.92 20.57
N MET F 299 38.93 -29.67 20.89
CA MET F 299 37.82 -28.91 20.32
C MET F 299 37.94 -28.78 18.80
N LEU F 300 39.16 -28.45 18.32
CA LEU F 300 39.50 -28.32 16.90
C LEU F 300 40.88 -28.96 16.65
N GLU F 301 41.18 -30.09 17.36
CA GLU F 301 42.44 -30.84 17.30
C GLU F 301 43.00 -31.07 15.89
N SER F 302 42.17 -31.44 14.89
CA SER F 302 42.64 -31.69 13.51
C SER F 302 43.34 -30.48 12.89
N MET F 303 42.98 -29.26 13.33
CA MET F 303 43.51 -28.02 12.81
C MET F 303 44.96 -27.71 13.28
N THR F 304 45.59 -28.64 14.03
CA THR F 304 46.99 -28.56 14.43
C THR F 304 47.84 -28.84 13.15
N THR F 305 47.30 -29.66 12.23
CA THR F 305 47.92 -30.08 10.97
C THR F 305 47.12 -29.76 9.70
N ASN F 306 45.79 -29.52 9.81
CA ASN F 306 44.93 -29.24 8.66
C ASN F 306 44.35 -27.80 8.62
N PRO F 307 44.06 -27.22 7.43
CA PRO F 307 43.54 -25.84 7.41
C PRO F 307 42.05 -25.64 7.71
N ARG F 308 41.34 -26.75 7.98
CA ARG F 308 39.92 -26.76 8.28
C ARG F 308 39.60 -27.95 9.17
N PRO F 309 38.57 -27.85 10.04
CA PRO F 309 38.27 -28.97 10.95
C PRO F 309 37.28 -30.02 10.45
N THR F 310 37.16 -31.13 11.21
CA THR F 310 36.22 -32.21 10.96
C THR F 310 34.77 -31.69 11.21
N ARG F 311 33.76 -32.40 10.69
CA ARG F 311 32.38 -32.00 10.92
C ARG F 311 32.01 -32.40 12.35
N ALA F 312 32.85 -33.21 12.99
CA ALA F 312 32.72 -33.63 14.37
C ALA F 312 33.25 -32.50 15.25
N GLU F 313 34.29 -31.79 14.76
CA GLU F 313 34.92 -30.66 15.42
C GLU F 313 34.01 -29.42 15.40
N VAL F 314 33.25 -29.23 14.29
CA VAL F 314 32.32 -28.12 14.18
C VAL F 314 31.09 -28.33 15.07
N THR F 315 30.65 -29.59 15.29
CA THR F 315 29.53 -29.86 16.20
C THR F 315 29.99 -29.81 17.68
N ASP F 316 31.29 -30.09 17.97
CA ASP F 316 31.82 -30.04 19.33
C ASP F 316 31.84 -28.60 19.95
N VAL F 317 32.25 -27.58 19.12
CA VAL F 317 32.35 -26.16 19.47
C VAL F 317 30.96 -25.48 19.47
N ALA F 318 30.02 -25.95 18.63
CA ALA F 318 28.69 -25.33 18.62
C ALA F 318 27.93 -25.78 19.85
N ASN F 319 28.11 -27.08 20.22
CA ASN F 319 27.44 -27.65 21.37
C ASN F 319 28.04 -27.19 22.69
N ALA F 320 29.33 -26.83 22.73
CA ALA F 320 29.94 -26.27 23.93
C ALA F 320 29.24 -24.93 24.23
N VAL F 321 28.97 -24.14 23.16
CA VAL F 321 28.25 -22.85 23.21
C VAL F 321 26.77 -23.12 23.60
N PHE F 322 26.10 -24.06 22.88
CA PHE F 322 24.74 -24.47 23.15
C PHE F 322 24.49 -24.96 24.60
N ASN F 323 25.51 -25.64 25.19
CA ASN F 323 25.47 -26.17 26.56
C ASN F 323 25.45 -25.06 27.59
N GLY F 324 25.93 -23.88 27.19
CA GLY F 324 25.98 -22.66 27.99
C GLY F 324 27.36 -22.23 28.43
N ALA F 325 28.42 -22.70 27.73
CA ALA F 325 29.78 -22.34 28.09
C ALA F 325 30.07 -20.88 27.82
N ASP F 326 30.76 -20.22 28.77
CA ASP F 326 31.16 -18.82 28.66
C ASP F 326 32.29 -18.78 27.64
N CYS F 327 33.31 -19.65 27.85
CA CYS F 327 34.50 -19.79 27.03
C CYS F 327 34.64 -21.15 26.40
N VAL F 328 35.48 -21.20 25.35
CA VAL F 328 35.93 -22.39 24.63
C VAL F 328 37.44 -22.26 24.48
N MET F 329 38.19 -23.36 24.65
CA MET F 329 39.65 -23.32 24.66
C MET F 329 40.38 -24.08 23.57
N LEU F 330 41.58 -23.57 23.24
CA LEU F 330 42.57 -24.09 22.30
C LEU F 330 43.89 -24.32 23.04
N SER F 331 44.43 -25.53 22.88
CA SER F 331 45.64 -25.99 23.53
C SER F 331 46.67 -26.24 22.45
N GLY F 332 46.77 -27.50 21.99
CA GLY F 332 47.72 -27.93 20.96
C GLY F 332 47.59 -27.20 19.64
N GLU F 333 46.37 -26.72 19.32
CA GLU F 333 46.02 -26.03 18.08
C GLU F 333 46.76 -24.69 17.88
N THR F 334 46.86 -23.88 18.95
CA THR F 334 47.56 -22.60 18.93
C THR F 334 49.03 -22.69 19.39
N ALA F 335 49.33 -23.64 20.28
CA ALA F 335 50.67 -23.82 20.83
C ALA F 335 51.70 -24.43 19.86
N LYS F 336 51.41 -25.64 19.32
CA LYS F 336 52.27 -26.42 18.40
C LYS F 336 51.69 -26.53 16.97
N GLY F 337 50.55 -25.88 16.72
CA GLY F 337 49.86 -25.97 15.45
C GLY F 337 50.50 -25.24 14.29
N LYS F 338 50.21 -25.72 13.07
CA LYS F 338 50.70 -25.14 11.82
C LYS F 338 49.73 -24.05 11.32
N TYR F 339 48.51 -23.98 11.90
CA TYR F 339 47.47 -23.00 11.53
C TYR F 339 46.90 -22.35 12.80
N PRO F 340 47.64 -21.43 13.47
CA PRO F 340 47.13 -20.88 14.73
C PRO F 340 46.10 -19.76 14.59
N ASN F 341 46.25 -18.87 13.58
CA ASN F 341 45.29 -17.78 13.36
C ASN F 341 44.03 -18.34 12.68
N GLU F 342 44.22 -19.34 11.81
CA GLU F 342 43.15 -20.01 11.07
C GLU F 342 42.22 -20.78 12.01
N VAL F 343 42.77 -21.40 13.07
CA VAL F 343 42.00 -22.16 14.06
C VAL F 343 41.13 -21.23 14.95
N VAL F 344 41.68 -20.05 15.36
CA VAL F 344 40.97 -19.10 16.22
C VAL F 344 39.82 -18.51 15.42
N GLN F 345 40.09 -18.21 14.12
CA GLN F 345 39.13 -17.67 13.16
C GLN F 345 37.97 -18.62 12.94
N TYR F 346 38.26 -19.94 12.83
CA TYR F 346 37.25 -20.98 12.63
C TYR F 346 36.34 -21.09 13.86
N MET F 347 36.95 -21.09 15.05
CA MET F 347 36.26 -21.12 16.34
C MET F 347 35.32 -19.94 16.47
N VAL F 348 35.78 -18.73 16.04
CA VAL F 348 34.99 -17.49 16.03
C VAL F 348 33.72 -17.68 15.18
N ARG F 349 33.86 -18.19 13.94
CA ARG F 349 32.73 -18.44 13.01
C ARG F 349 31.68 -19.39 13.60
N ILE F 350 32.14 -20.47 14.29
CA ILE F 350 31.26 -21.47 14.90
C ILE F 350 30.50 -20.86 16.10
N CYS F 351 31.24 -20.16 16.99
CA CYS F 351 30.70 -19.48 18.16
C CYS F 351 29.60 -18.47 17.76
N ILE F 352 29.81 -17.72 16.66
CA ILE F 352 28.86 -16.73 16.15
C ILE F 352 27.64 -17.44 15.57
N GLU F 353 27.84 -18.58 14.87
CA GLU F 353 26.74 -19.36 14.30
C GLU F 353 25.84 -19.93 15.41
N ALA F 354 26.44 -20.61 16.41
CA ALA F 354 25.74 -21.26 17.51
C ALA F 354 25.01 -20.24 18.35
N GLN F 355 25.61 -19.01 18.45
CA GLN F 355 25.07 -17.83 19.15
C GLN F 355 23.82 -17.32 18.46
N SER F 356 23.89 -17.18 17.14
CA SER F 356 22.82 -16.69 16.30
C SER F 356 21.62 -17.60 16.33
N ALA F 357 21.86 -18.92 16.49
CA ALA F 357 20.80 -19.93 16.60
C ALA F 357 20.07 -19.91 17.97
N THR F 358 20.79 -19.59 19.08
CA THR F 358 20.23 -19.50 20.44
C THR F 358 19.98 -18.05 20.86
N HIS F 359 19.51 -17.22 19.91
CA HIS F 359 19.15 -15.82 20.12
C HIS F 359 17.73 -15.85 20.71
N ASP F 360 17.64 -16.15 22.03
CA ASP F 360 16.40 -16.39 22.79
C ASP F 360 16.50 -16.18 24.33
N SER F 361 15.37 -15.79 24.92
CA SER F 361 15.15 -15.62 26.34
C SER F 361 14.99 -17.00 27.04
N VAL F 362 15.15 -18.13 26.32
CA VAL F 362 15.02 -19.48 26.91
C VAL F 362 15.99 -19.65 28.03
N MET F 363 17.28 -19.34 27.77
CA MET F 363 18.36 -19.47 28.76
C MET F 363 18.10 -18.56 29.94
N PHE F 364 17.78 -17.28 29.68
CA PHE F 364 17.48 -16.29 30.70
C PHE F 364 16.34 -16.76 31.60
N ASN F 365 15.20 -17.20 31.00
CA ASN F 365 14.08 -17.67 31.79
C ASN F 365 14.42 -18.95 32.56
N SER F 366 15.20 -19.87 31.96
CA SER F 366 15.65 -21.12 32.62
C SER F 366 16.46 -20.86 33.88
N ILE F 367 17.48 -19.99 33.77
CA ILE F 367 18.39 -19.58 34.85
C ILE F 367 17.63 -18.77 35.94
N LYS F 368 16.82 -17.76 35.55
CA LYS F 368 16.03 -16.91 36.45
C LYS F 368 15.10 -17.74 37.34
N ASN F 369 14.34 -18.68 36.73
CA ASN F 369 13.40 -19.55 37.45
C ASN F 369 14.09 -20.51 38.44
N LEU F 370 15.36 -20.77 38.24
CA LEU F 370 16.12 -21.65 39.12
C LEU F 370 16.79 -20.88 40.25
N GLN F 371 16.54 -19.55 40.34
CA GLN F 371 17.10 -18.70 41.41
C GLN F 371 16.23 -18.58 42.65
N LYS F 372 16.85 -18.39 43.82
CA LYS F 372 16.13 -18.23 45.07
C LYS F 372 15.37 -16.91 45.27
N ILE F 373 14.06 -16.98 45.58
CA ILE F 373 13.22 -15.82 45.84
C ILE F 373 13.06 -15.72 47.37
N PRO F 374 13.39 -14.58 48.02
CA PRO F 374 13.77 -13.29 47.44
C PRO F 374 15.20 -13.15 46.98
N MET F 375 15.39 -12.36 45.92
CA MET F 375 16.70 -12.03 45.36
C MET F 375 17.23 -10.80 46.11
N SER F 376 18.54 -10.55 46.04
CA SER F 376 19.15 -9.36 46.60
C SER F 376 18.76 -8.18 45.67
N PRO F 377 18.63 -6.92 46.17
CA PRO F 377 18.32 -5.82 45.25
C PRO F 377 19.32 -5.74 44.10
N GLU F 378 20.57 -6.15 44.37
CA GLU F 378 21.69 -6.19 43.44
C GLU F 378 21.40 -7.10 42.30
N GLU F 379 20.97 -8.34 42.59
CA GLU F 379 20.64 -9.35 41.57
C GLU F 379 19.30 -9.10 40.89
N ALA F 380 18.30 -8.59 41.65
CA ALA F 380 16.99 -8.22 41.11
C ALA F 380 17.09 -7.08 40.07
N VAL F 381 18.04 -6.12 40.26
CA VAL F 381 18.33 -5.02 39.32
C VAL F 381 19.02 -5.61 38.09
N CYS F 382 19.97 -6.54 38.30
CA CYS F 382 20.74 -7.17 37.25
C CYS F 382 19.93 -8.04 36.35
N SER F 383 19.07 -8.91 36.92
CA SER F 383 18.19 -9.80 36.16
C SER F 383 17.15 -9.00 35.42
N SER F 384 16.55 -7.95 36.06
CA SER F 384 15.53 -7.11 35.42
CA SER F 384 15.53 -7.11 35.42
C SER F 384 16.13 -6.26 34.31
N ALA F 385 17.44 -5.94 34.40
CA ALA F 385 18.12 -5.16 33.38
C ALA F 385 18.15 -6.00 32.12
N VAL F 386 18.31 -7.34 32.27
CA VAL F 386 18.31 -8.32 31.18
C VAL F 386 16.90 -8.45 30.61
N SER F 387 15.87 -8.56 31.51
CA SER F 387 14.47 -8.60 31.12
C SER F 387 14.13 -7.40 30.25
N SER F 388 14.41 -6.17 30.76
CA SER F 388 14.17 -4.89 30.09
C SER F 388 14.77 -4.92 28.69
N ALA F 389 16.04 -5.37 28.60
CA ALA F 389 16.83 -5.52 27.38
C ALA F 389 16.26 -6.52 26.39
N PHE F 390 15.43 -7.46 26.83
CA PHE F 390 14.74 -8.38 25.95
C PHE F 390 13.45 -7.73 25.43
N GLU F 391 12.67 -7.07 26.34
CA GLU F 391 11.39 -6.36 26.04
C GLU F 391 11.60 -5.27 25.02
N VAL F 392 12.43 -4.28 25.37
CA VAL F 392 12.92 -3.30 24.40
C VAL F 392 14.02 -4.13 23.76
N GLN F 393 14.13 -4.17 22.47
CA GLN F 393 15.19 -4.99 21.89
C GLN F 393 16.51 -4.19 21.94
N ALA F 394 16.99 -3.93 23.20
CA ALA F 394 18.19 -3.16 23.51
C ALA F 394 19.41 -3.62 22.72
N LYS F 395 20.09 -2.66 22.06
CA LYS F 395 21.26 -2.93 21.25
C LYS F 395 22.52 -3.24 22.08
N ALA F 396 22.49 -2.90 23.41
CA ALA F 396 23.57 -3.08 24.40
C ALA F 396 23.14 -2.71 25.83
N ILE F 397 23.77 -3.34 26.84
CA ILE F 397 23.57 -3.08 28.28
C ILE F 397 24.88 -2.45 28.79
N LEU F 398 24.79 -1.30 29.49
CA LEU F 398 25.98 -0.64 30.04
C LEU F 398 25.97 -0.72 31.57
N VAL F 399 26.99 -1.40 32.13
CA VAL F 399 27.13 -1.63 33.55
C VAL F 399 28.35 -0.95 34.10
N LEU F 400 28.19 -0.27 35.23
CA LEU F 400 29.30 0.40 35.87
C LEU F 400 29.73 -0.51 36.98
N SER F 401 30.78 -1.31 36.72
CA SER F 401 31.31 -2.29 37.68
C SER F 401 32.83 -2.21 37.80
N ASN F 402 33.36 -1.79 38.98
CA ASN F 402 34.81 -1.67 39.22
C ASN F 402 35.50 -3.03 39.37
N THR F 403 34.79 -3.94 40.01
CA THR F 403 35.14 -5.36 39.92
C THR F 403 34.21 -5.95 38.85
N GLY F 404 34.19 -7.26 38.67
CA GLY F 404 33.27 -7.77 37.65
C GLY F 404 31.99 -8.17 38.34
N ARG F 405 31.85 -7.81 39.62
CA ARG F 405 30.69 -8.12 40.50
C ARG F 405 29.28 -8.14 39.90
N SER F 406 28.97 -7.14 39.07
CA SER F 406 27.66 -6.96 38.41
C SER F 406 27.72 -7.51 36.99
N ALA F 407 28.73 -7.10 36.21
CA ALA F 407 28.92 -7.57 34.82
C ALA F 407 28.79 -9.09 34.77
N ARG F 408 29.39 -9.78 35.72
CA ARG F 408 29.30 -11.23 35.77
C ARG F 408 27.87 -11.63 36.13
N LEU F 409 27.21 -10.79 36.97
CA LEU F 409 25.83 -10.92 37.44
C LEU F 409 24.83 -10.63 36.32
N ILE F 410 25.16 -9.70 35.38
CA ILE F 410 24.28 -9.37 34.25
C ILE F 410 24.43 -10.47 33.22
N SER F 411 25.70 -10.88 32.93
CA SER F 411 26.06 -11.95 32.00
C SER F 411 25.44 -13.29 32.42
N LYS F 412 25.20 -13.48 33.76
CA LYS F 412 24.60 -14.67 34.38
C LYS F 412 23.23 -14.98 33.75
N TYR F 413 22.48 -13.93 33.39
CA TYR F 413 21.15 -14.00 32.84
C TYR F 413 21.14 -14.01 31.30
N ARG F 414 22.29 -14.32 30.70
CA ARG F 414 22.52 -14.51 29.28
C ARG F 414 21.68 -13.57 28.32
N PRO F 415 22.01 -12.25 28.24
CA PRO F 415 21.28 -11.40 27.29
C PRO F 415 21.80 -11.61 25.87
N ASN F 416 21.00 -11.28 24.80
CA ASN F 416 21.44 -11.46 23.41
C ASN F 416 22.42 -10.37 22.98
N CYS F 417 22.28 -9.16 23.56
CA CYS F 417 23.09 -7.96 23.28
C CYS F 417 24.43 -7.95 24.02
N PRO F 418 25.44 -7.10 23.62
CA PRO F 418 26.68 -7.03 24.39
C PRO F 418 26.48 -6.29 25.72
N ILE F 419 27.40 -6.54 26.67
CA ILE F 419 27.43 -5.89 27.99
C ILE F 419 28.68 -5.06 28.02
N ILE F 420 28.54 -3.74 28.08
CA ILE F 420 29.69 -2.86 28.16
C ILE F 420 29.89 -2.59 29.65
N CYS F 421 31.13 -2.80 30.14
CA CYS F 421 31.46 -2.59 31.54
C CYS F 421 32.40 -1.40 31.74
N ALA F 422 31.87 -0.32 32.34
CA ALA F 422 32.64 0.88 32.64
C ALA F 422 33.37 0.65 33.97
N THR F 423 34.56 0.06 33.88
CA THR F 423 35.40 -0.27 35.02
C THR F 423 36.56 0.70 35.20
N THR F 424 36.91 0.97 36.47
CA THR F 424 38.02 1.84 36.86
C THR F 424 39.33 1.03 37.06
N ARG F 425 39.27 -0.32 36.91
CA ARG F 425 40.39 -1.24 37.10
C ARG F 425 40.78 -2.03 35.81
N LEU F 426 42.09 -2.11 35.49
CA LEU F 426 42.58 -2.83 34.29
C LEU F 426 42.52 -4.32 34.53
N LEU F 427 42.74 -4.75 35.80
CA LEU F 427 42.69 -6.16 36.21
C LEU F 427 41.30 -6.73 35.91
N THR F 428 40.24 -5.91 36.09
CA THR F 428 38.83 -6.21 35.79
C THR F 428 38.61 -6.35 34.28
N CYS F 429 39.26 -5.50 33.45
CA CYS F 429 39.17 -5.56 31.99
C CYS F 429 39.73 -6.89 31.46
N ARG F 430 40.79 -7.40 32.10
CA ARG F 430 41.45 -8.65 31.76
C ARG F 430 40.73 -9.90 32.29
N GLN F 431 40.18 -9.82 33.51
CA GLN F 431 39.47 -10.92 34.16
C GLN F 431 38.09 -11.14 33.57
N LEU F 432 37.50 -10.11 32.93
CA LEU F 432 36.18 -10.20 32.30
C LEU F 432 36.24 -10.80 30.87
N ASN F 433 37.42 -11.34 30.47
CA ASN F 433 37.64 -11.99 29.17
C ASN F 433 37.17 -13.42 29.28
N VAL F 434 36.80 -13.87 30.49
CA VAL F 434 36.24 -15.20 30.77
C VAL F 434 34.69 -15.17 30.84
N THR F 435 34.04 -13.98 30.91
CA THR F 435 32.59 -13.94 31.01
C THR F 435 31.92 -13.48 29.71
N ARG F 436 30.92 -14.27 29.30
CA ARG F 436 30.13 -14.17 28.04
C ARG F 436 29.44 -12.82 27.95
N SER F 437 29.52 -12.22 26.75
CA SER F 437 28.91 -10.94 26.27
C SER F 437 29.62 -9.68 26.75
N VAL F 438 30.49 -9.77 27.73
CA VAL F 438 31.14 -8.55 28.31
C VAL F 438 32.25 -8.03 27.40
N GLU F 439 32.22 -6.72 27.19
CA GLU F 439 33.20 -5.89 26.49
C GLU F 439 33.53 -4.72 27.45
N SER F 440 34.71 -4.76 28.11
CA SER F 440 35.12 -3.76 29.10
C SER F 440 35.66 -2.45 28.51
N VAL F 441 35.42 -1.34 29.23
CA VAL F 441 35.89 0.01 28.89
C VAL F 441 36.54 0.63 30.13
N TYR F 442 37.86 0.83 30.07
CA TYR F 442 38.67 1.35 31.17
C TYR F 442 38.65 2.88 31.27
N TYR F 443 38.20 3.38 32.43
CA TYR F 443 38.18 4.82 32.73
C TYR F 443 39.39 5.11 33.61
N ASP F 444 40.35 5.90 33.11
CA ASP F 444 41.54 6.25 33.89
C ASP F 444 41.17 7.42 34.83
N VAL F 445 40.98 7.12 36.14
CA VAL F 445 40.55 8.08 37.16
C VAL F 445 41.64 9.14 37.47
N ASP F 446 42.91 8.73 37.49
CA ASP F 446 44.02 9.66 37.82
C ASP F 446 44.20 10.70 36.71
N ALA F 447 43.82 10.35 35.49
CA ALA F 447 44.01 11.26 34.33
C ALA F 447 42.82 12.19 34.12
N HIS F 448 41.63 11.84 34.64
CA HIS F 448 40.45 12.72 34.43
C HIS F 448 39.87 13.18 35.77
N GLY F 449 38.54 13.12 35.93
CA GLY F 449 37.91 13.55 37.19
C GLY F 449 37.78 12.45 38.21
N GLU F 450 36.62 12.33 38.86
CA GLU F 450 36.48 11.27 39.89
C GLU F 450 35.09 10.64 39.81
N ASP F 451 34.10 11.40 39.34
CA ASP F 451 32.69 10.96 39.20
C ASP F 451 32.08 10.52 40.54
N ASN F 452 31.61 11.47 41.34
CA ASN F 452 30.88 11.17 42.61
C ASN F 452 29.37 11.30 42.36
N ASP F 453 29.01 11.29 41.07
CA ASP F 453 27.66 11.39 40.48
C ASP F 453 27.56 10.22 39.51
N ARG F 454 28.72 9.63 39.19
CA ARG F 454 28.83 8.49 38.27
C ARG F 454 28.25 8.77 36.86
N GLU F 455 28.99 9.53 36.01
CA GLU F 455 28.47 9.89 34.67
C GLU F 455 29.62 9.83 33.65
N LYS F 456 30.68 10.64 33.82
CA LYS F 456 31.84 10.60 32.90
C LYS F 456 32.07 9.22 32.32
N ARG F 457 32.05 8.18 33.19
CA ARG F 457 32.17 6.78 32.83
C ARG F 457 30.88 6.29 32.08
N VAL F 458 29.68 6.87 32.37
CA VAL F 458 28.45 6.48 31.65
C VAL F 458 28.63 6.95 30.20
N GLN F 459 28.95 8.27 30.02
CA GLN F 459 29.18 8.94 28.74
C GLN F 459 30.44 8.36 28.04
N LEU F 460 31.28 7.61 28.77
CA LEU F 460 32.45 6.91 28.19
C LEU F 460 31.97 5.60 27.54
N GLY F 461 31.04 4.92 28.23
CA GLY F 461 30.47 3.65 27.81
C GLY F 461 29.71 3.78 26.51
N VAL F 462 28.70 4.66 26.48
CA VAL F 462 27.83 4.94 25.33
C VAL F 462 28.63 5.37 24.10
N ASP F 463 29.63 6.30 24.29
CA ASP F 463 30.53 6.76 23.22
C ASP F 463 31.37 5.61 22.66
N TRP F 464 31.85 4.71 23.54
CA TRP F 464 32.61 3.53 23.14
C TRP F 464 31.69 2.59 22.34
N ALA F 465 30.40 2.50 22.72
CA ALA F 465 29.38 1.68 22.07
C ALA F 465 29.03 2.23 20.71
N LYS F 466 28.99 3.58 20.58
CA LYS F 466 28.71 4.28 19.32
C LYS F 466 29.84 4.02 18.30
N THR F 467 31.10 4.34 18.67
CA THR F 467 32.30 4.18 17.84
C THR F 467 32.58 2.73 17.49
N LYS F 468 32.37 1.78 18.44
CA LYS F 468 32.56 0.36 18.15
C LYS F 468 31.35 -0.25 17.38
N GLY F 469 30.45 0.63 16.95
CA GLY F 469 29.28 0.30 16.14
C GLY F 469 28.16 -0.50 16.75
N TYR F 470 28.18 -0.71 18.09
CA TYR F 470 27.16 -1.49 18.80
C TYR F 470 25.80 -0.78 18.77
N VAL F 471 25.81 0.54 19.04
CA VAL F 471 24.63 1.42 19.07
C VAL F 471 24.81 2.62 18.13
N SER F 472 23.68 3.23 17.73
CA SER F 472 23.59 4.41 16.87
C SER F 472 22.33 5.17 17.28
N ALA F 473 22.12 6.39 16.75
CA ALA F 473 20.94 7.22 17.01
C ALA F 473 19.63 6.40 16.89
N GLY F 474 18.68 6.66 17.79
CA GLY F 474 17.40 5.95 17.84
C GLY F 474 17.36 4.68 18.71
N ASP F 475 18.49 3.95 18.82
CA ASP F 475 18.62 2.71 19.59
C ASP F 475 18.43 2.93 21.08
N VAL F 476 17.75 1.97 21.73
CA VAL F 476 17.56 2.02 23.18
C VAL F 476 18.65 1.16 23.86
N MET F 477 19.22 1.68 24.97
CA MET F 477 20.34 1.12 25.74
C MET F 477 19.95 1.04 27.19
N VAL F 478 20.24 -0.08 27.87
CA VAL F 478 19.91 -0.30 29.28
C VAL F 478 21.14 0.08 30.11
N ILE F 479 21.04 1.13 30.94
CA ILE F 479 22.16 1.59 31.76
C ILE F 479 21.94 1.23 33.23
N VAL F 480 22.80 0.35 33.72
CA VAL F 480 22.80 -0.16 35.08
C VAL F 480 24.06 0.39 35.75
N HIS F 481 23.88 1.06 36.91
CA HIS F 481 24.91 1.69 37.72
C HIS F 481 24.44 2.02 39.14
N ALA F 482 25.40 2.34 40.03
CA ALA F 482 25.16 2.68 41.42
C ALA F 482 24.56 4.09 41.51
N ASP F 483 23.39 4.20 42.15
CA ASP F 483 22.70 5.49 42.34
C ASP F 483 23.42 6.14 43.54
N HIS F 484 23.25 7.49 43.69
CA HIS F 484 23.83 8.37 44.71
C HIS F 484 23.71 7.81 46.16
N SER F 485 22.59 7.15 46.47
CA SER F 485 22.40 6.57 47.82
C SER F 485 22.36 5.04 47.74
N VAL F 486 23.53 4.39 47.82
CA VAL F 486 23.63 2.91 47.73
C VAL F 486 24.47 2.38 48.90
N LYS F 487 24.41 1.07 49.18
CA LYS F 487 25.15 0.51 50.35
C LYS F 487 26.11 -0.62 49.94
N GLY F 488 26.55 -0.68 48.68
CA GLY F 488 27.53 -1.72 48.30
C GLY F 488 27.12 -2.57 47.12
N TYR F 489 26.44 -1.98 46.14
CA TYR F 489 25.96 -2.68 44.91
C TYR F 489 25.38 -1.67 43.91
N PRO F 490 24.81 -2.14 42.78
CA PRO F 490 24.15 -1.28 41.81
C PRO F 490 22.67 -1.36 42.21
N ASN F 491 21.95 -0.23 42.20
CA ASN F 491 20.54 -0.24 42.66
C ASN F 491 19.65 0.55 41.70
N GLN F 492 20.13 0.88 40.52
CA GLN F 492 19.28 1.68 39.60
C GLN F 492 19.44 1.17 38.17
N THR F 493 18.36 1.23 37.40
CA THR F 493 18.38 0.84 36.00
C THR F 493 17.64 1.87 35.13
N ARG F 494 18.32 2.40 34.09
CA ARG F 494 17.75 3.39 33.18
C ARG F 494 17.65 2.78 31.78
N LEU F 495 16.69 3.28 30.99
CA LEU F 495 16.51 2.90 29.59
C LEU F 495 16.72 4.20 28.81
N VAL F 496 17.83 4.30 28.07
CA VAL F 496 18.22 5.52 27.36
C VAL F 496 18.33 5.37 25.83
N ARG F 497 17.78 6.36 25.11
CA ARG F 497 17.88 6.43 23.66
C ARG F 497 19.10 7.24 23.23
N VAL F 498 20.06 6.51 22.62
CA VAL F 498 21.30 6.97 21.99
C VAL F 498 21.00 8.18 21.04
N ARG F 499 21.98 9.12 20.92
CA ARG F 499 21.89 10.35 20.13
C ARG F 499 23.13 10.56 19.28
N SER G 2 -0.36 -25.86 36.76
CA SER G 2 -1.75 -25.82 36.31
C SER G 2 -2.68 -25.19 37.36
N GLN G 3 -3.85 -24.70 36.93
CA GLN G 3 -4.88 -24.13 37.80
C GLN G 3 -5.35 -25.17 38.80
N LEU G 4 -5.47 -26.44 38.36
CA LEU G 4 -5.83 -27.59 39.17
C LEU G 4 -4.85 -27.75 40.32
N GLN G 5 -3.55 -27.80 39.98
CA GLN G 5 -2.43 -27.93 40.94
C GLN G 5 -2.37 -26.78 41.93
N HIS G 6 -2.89 -25.62 41.55
CA HIS G 6 -2.94 -24.43 42.38
C HIS G 6 -4.09 -24.53 43.36
N ASN G 7 -5.29 -24.94 42.87
CA ASN G 7 -6.51 -25.11 43.66
C ASN G 7 -6.35 -26.18 44.76
N ILE G 8 -5.77 -27.35 44.43
CA ILE G 8 -5.49 -28.39 45.42
C ILE G 8 -4.62 -27.88 46.61
N GLY G 9 -3.78 -26.87 46.39
CA GLY G 9 -2.92 -26.31 47.44
C GLY G 9 -3.39 -25.01 48.07
N LEU G 10 -4.62 -24.58 47.78
CA LEU G 10 -5.19 -23.38 48.38
C LEU G 10 -5.35 -23.67 49.87
N SER G 11 -4.96 -22.74 50.74
CA SER G 11 -5.17 -22.90 52.18
C SER G 11 -6.35 -21.99 52.55
N ILE G 12 -7.54 -22.59 52.59
CA ILE G 12 -8.82 -21.90 52.83
C ILE G 12 -8.73 -20.91 54.03
N PHE G 13 -8.14 -21.33 55.15
CA PHE G 13 -8.08 -20.55 56.39
C PHE G 13 -6.71 -19.89 56.67
N GLU G 14 -6.03 -19.45 55.60
CA GLU G 14 -4.75 -18.74 55.68
C GLU G 14 -5.08 -17.26 55.93
N PRO G 15 -4.15 -16.42 56.48
CA PRO G 15 -4.48 -14.99 56.63
C PRO G 15 -4.59 -14.28 55.27
N VAL G 16 -5.61 -13.42 55.12
CA VAL G 16 -5.89 -12.65 53.90
C VAL G 16 -4.89 -11.52 53.66
N ALA G 17 -4.96 -10.88 52.48
CA ALA G 17 -4.12 -9.75 52.07
C ALA G 17 -4.45 -8.53 52.93
N LYS G 18 -3.41 -7.85 53.44
CA LYS G 18 -3.59 -6.68 54.30
C LYS G 18 -4.01 -5.43 53.51
N HIS G 19 -3.76 -5.38 52.17
CA HIS G 19 -4.12 -4.24 51.35
C HIS G 19 -4.90 -4.63 50.08
N ARG G 20 -6.21 -4.22 50.00
CA ARG G 20 -7.16 -4.47 48.92
C ARG G 20 -6.72 -3.79 47.64
N ALA G 21 -6.64 -4.58 46.55
CA ALA G 21 -6.23 -4.15 45.20
C ALA G 21 -7.40 -3.84 44.30
N ASN G 22 -8.53 -4.60 44.40
CA ASN G 22 -9.71 -4.37 43.56
C ASN G 22 -10.53 -3.15 44.02
N ARG G 23 -11.21 -2.52 43.09
CA ARG G 23 -11.98 -1.30 43.33
C ARG G 23 -13.50 -1.46 43.18
N ILE G 24 -14.27 -0.76 44.05
CA ILE G 24 -15.73 -0.79 44.07
C ILE G 24 -16.37 0.51 43.56
N ILE G 25 -17.29 0.37 42.58
CA ILE G 25 -18.05 1.44 41.95
C ILE G 25 -19.49 1.32 42.43
N CYS G 26 -20.06 2.42 42.95
CA CYS G 26 -21.40 2.46 43.52
C CYS G 26 -22.28 3.41 42.79
N THR G 27 -23.47 2.95 42.31
CA THR G 27 -24.40 3.89 41.72
C THR G 27 -25.09 4.62 42.89
N ILE G 28 -25.44 5.90 42.72
CA ILE G 28 -26.06 6.68 43.80
C ILE G 28 -27.56 6.77 43.57
N GLY G 29 -28.33 6.64 44.66
CA GLY G 29 -29.78 6.72 44.66
C GLY G 29 -30.38 7.51 45.82
N PRO G 30 -31.74 7.40 46.00
CA PRO G 30 -32.41 8.19 47.07
C PRO G 30 -31.94 7.91 48.49
N SER G 31 -31.50 6.67 48.73
CA SER G 31 -30.98 6.28 50.02
C SER G 31 -29.59 6.92 50.29
N THR G 32 -28.64 6.78 49.33
CA THR G 32 -27.25 7.21 49.46
C THR G 32 -26.84 8.57 48.85
N GLN G 33 -27.79 9.50 48.65
CA GLN G 33 -27.42 10.82 48.12
C GLN G 33 -26.87 11.78 49.20
N SER G 34 -27.35 11.67 50.46
CA SER G 34 -26.89 12.51 51.60
C SER G 34 -25.40 12.33 51.89
N VAL G 35 -24.74 13.43 52.27
CA VAL G 35 -23.29 13.50 52.62
C VAL G 35 -22.93 12.43 53.65
N GLU G 36 -23.78 12.21 54.67
CA GLU G 36 -23.59 11.22 55.72
C GLU G 36 -23.60 9.79 55.14
N ALA G 37 -24.51 9.51 54.18
CA ALA G 37 -24.64 8.21 53.55
C ALA G 37 -23.45 7.92 52.62
N LEU G 38 -22.94 8.98 51.94
CA LEU G 38 -21.80 8.89 51.04
C LEU G 38 -20.53 8.70 51.85
N LYS G 39 -20.39 9.37 53.01
CA LYS G 39 -19.27 9.22 53.95
C LYS G 39 -19.24 7.76 54.45
N GLY G 40 -20.43 7.17 54.65
CA GLY G 40 -20.61 5.78 55.05
C GLY G 40 -20.14 4.84 53.97
N LEU G 41 -20.55 5.12 52.70
CA LEU G 41 -20.16 4.32 51.55
C LEU G 41 -18.65 4.36 51.36
N MET G 42 -18.02 5.57 51.39
CA MET G 42 -16.55 5.76 51.23
C MET G 42 -15.77 5.03 52.31
N LYS G 43 -16.24 5.11 53.55
CA LYS G 43 -15.58 4.41 54.68
C LYS G 43 -15.79 2.91 54.50
N SER G 44 -16.81 2.54 53.74
CA SER G 44 -17.13 1.11 53.50
C SER G 44 -16.24 0.55 52.39
N GLY G 45 -15.77 1.39 51.46
CA GLY G 45 -14.88 0.89 50.40
C GLY G 45 -15.18 1.43 49.01
N MET G 46 -15.97 2.50 48.90
CA MET G 46 -16.35 3.11 47.60
C MET G 46 -15.20 3.94 47.04
N SER G 47 -14.91 3.76 45.75
CA SER G 47 -13.81 4.45 45.05
C SER G 47 -14.31 5.37 43.96
N VAL G 48 -15.36 4.94 43.22
CA VAL G 48 -15.98 5.69 42.12
C VAL G 48 -17.49 5.78 42.38
N ALA G 49 -18.04 7.01 42.42
CA ALA G 49 -19.47 7.26 42.61
C ALA G 49 -20.10 7.48 41.23
N ARG G 50 -21.09 6.65 40.89
CA ARG G 50 -21.78 6.71 39.60
C ARG G 50 -23.10 7.45 39.64
N MET G 51 -23.41 8.09 38.52
CA MET G 51 -24.63 8.85 38.35
C MET G 51 -25.33 8.25 37.15
N ASN G 52 -26.48 7.56 37.35
CA ASN G 52 -27.19 7.00 36.18
C ASN G 52 -28.05 8.12 35.60
N PHE G 53 -27.66 8.62 34.41
CA PHE G 53 -28.34 9.74 33.76
C PHE G 53 -29.63 9.31 33.04
N SER G 54 -30.00 8.01 33.10
CA SER G 54 -31.25 7.49 32.54
C SER G 54 -32.41 8.09 33.33
N HIS G 55 -32.17 8.41 34.61
CA HIS G 55 -33.15 9.01 35.52
C HIS G 55 -32.51 10.16 36.32
N GLY G 56 -33.23 11.29 36.41
CA GLY G 56 -32.81 12.45 37.19
C GLY G 56 -32.51 13.71 36.42
N SER G 57 -32.87 14.85 37.03
CA SER G 57 -32.65 16.21 36.48
C SER G 57 -31.20 16.62 36.74
N TYR G 58 -30.71 17.70 36.08
CA TYR G 58 -29.34 18.19 36.30
C TYR G 58 -29.14 18.72 37.73
N GLU G 59 -30.24 19.16 38.39
CA GLU G 59 -30.24 19.66 39.76
C GLU G 59 -29.97 18.49 40.70
N TYR G 60 -30.64 17.33 40.45
CA TYR G 60 -30.48 16.08 41.21
C TYR G 60 -29.05 15.56 41.06
N HIS G 61 -28.50 15.61 39.83
CA HIS G 61 -27.14 15.15 39.55
C HIS G 61 -26.08 16.14 40.04
N GLN G 62 -26.45 17.42 40.23
CA GLN G 62 -25.56 18.44 40.79
C GLN G 62 -25.40 18.14 42.27
N THR G 63 -26.50 17.73 42.93
CA THR G 63 -26.54 17.36 44.35
C THR G 63 -25.58 16.20 44.60
N THR G 64 -25.63 15.13 43.74
CA THR G 64 -24.72 13.99 43.87
C THR G 64 -23.28 14.45 43.75
N ILE G 65 -22.95 15.30 42.74
CA ILE G 65 -21.61 15.86 42.54
C ILE G 65 -21.13 16.58 43.81
N ASN G 66 -21.83 17.64 44.23
CA ASN G 66 -21.49 18.45 45.38
C ASN G 66 -21.37 17.64 46.67
N ASN G 67 -22.27 16.64 46.87
CA ASN G 67 -22.25 15.81 48.06
C ASN G 67 -21.07 14.84 48.07
N VAL G 68 -20.69 14.29 46.89
CA VAL G 68 -19.55 13.36 46.79
C VAL G 68 -18.27 14.12 47.12
N ARG G 69 -18.13 15.35 46.59
CA ARG G 69 -16.97 16.22 46.80
C ARG G 69 -16.89 16.63 48.27
N ALA G 70 -18.05 16.92 48.93
CA ALA G 70 -18.12 17.28 50.34
C ALA G 70 -17.70 16.12 51.21
N ALA G 71 -18.35 14.94 51.05
CA ALA G 71 -18.07 13.70 51.80
C ALA G 71 -16.60 13.27 51.69
N ALA G 72 -16.03 13.26 50.45
CA ALA G 72 -14.62 12.93 50.18
C ALA G 72 -13.68 13.95 50.85
N ALA G 73 -14.07 15.25 50.86
CA ALA G 73 -13.29 16.32 51.49
C ALA G 73 -13.17 16.13 53.00
N GLU G 74 -14.27 15.71 53.67
CA GLU G 74 -14.32 15.44 55.12
C GLU G 74 -13.38 14.29 55.50
N LEU G 75 -13.40 13.22 54.69
CA LEU G 75 -12.59 12.02 54.87
C LEU G 75 -11.15 12.16 54.28
N GLY G 76 -10.89 13.27 53.60
CA GLY G 76 -9.62 13.57 52.94
C GLY G 76 -9.29 12.60 51.83
N LEU G 77 -10.30 12.18 51.04
CA LEU G 77 -10.13 11.21 49.94
C LEU G 77 -10.36 11.85 48.57
N HIS G 78 -9.90 11.21 47.48
CA HIS G 78 -10.10 11.67 46.09
C HIS G 78 -10.95 10.61 45.38
N ILE G 79 -12.27 10.78 45.42
CA ILE G 79 -13.24 9.85 44.85
C ILE G 79 -13.73 10.32 43.47
N GLY G 80 -13.65 9.42 42.48
CA GLY G 80 -14.02 9.68 41.10
C GLY G 80 -15.51 9.71 40.87
N ILE G 81 -15.99 10.63 40.03
CA ILE G 81 -17.42 10.75 39.70
C ILE G 81 -17.57 10.30 38.24
N ALA G 82 -18.45 9.32 38.00
CA ALA G 82 -18.70 8.76 36.69
C ALA G 82 -20.09 9.11 36.20
N LEU G 83 -20.19 9.67 34.98
CA LEU G 83 -21.45 10.06 34.37
C LEU G 83 -21.88 8.91 33.44
N ASP G 84 -22.92 8.16 33.84
CA ASP G 84 -23.42 7.05 33.06
C ASP G 84 -24.57 7.53 32.22
N THR G 85 -24.27 7.79 30.93
CA THR G 85 -25.22 8.27 29.93
C THR G 85 -26.48 7.40 29.81
N LYS G 86 -27.59 8.01 29.35
CA LYS G 86 -28.84 7.30 29.11
C LYS G 86 -28.59 6.40 27.86
N GLY G 87 -28.11 7.02 26.77
CA GLY G 87 -27.76 6.31 25.53
C GLY G 87 -28.95 6.03 24.63
N PRO G 88 -28.72 5.31 23.50
CA PRO G 88 -29.81 5.05 22.55
C PRO G 88 -30.71 3.84 22.90
N GLU G 89 -31.90 4.13 23.46
CA GLU G 89 -32.87 3.10 23.88
C GLU G 89 -34.28 3.36 23.36
N ILE G 90 -35.02 2.27 23.08
CA ILE G 90 -36.40 2.25 22.61
C ILE G 90 -37.25 1.48 23.66
N ARG G 91 -37.77 2.22 24.66
CA ARG G 91 -38.56 1.74 25.80
C ARG G 91 -40.02 2.21 25.79
N THR G 92 -40.80 1.81 26.83
CA THR G 92 -42.21 2.12 27.03
C THR G 92 -42.41 3.41 27.84
N ASN G 179 -36.37 -3.97 23.41
CA ASN G 179 -34.93 -3.57 23.40
C ASN G 179 -34.32 -3.91 22.04
N LEU G 180 -35.07 -4.62 21.18
CA LEU G 180 -34.70 -5.09 19.82
C LEU G 180 -33.53 -6.08 19.91
N PRO G 181 -33.78 -7.34 20.36
CA PRO G 181 -32.73 -8.35 20.49
C PRO G 181 -32.06 -8.80 19.19
N GLY G 182 -30.74 -8.58 19.10
CA GLY G 182 -29.90 -9.05 17.98
C GLY G 182 -30.10 -8.27 16.70
N CYS G 183 -29.25 -7.28 16.45
CA CYS G 183 -29.37 -6.43 15.24
C CYS G 183 -28.13 -5.55 15.11
N GLU G 184 -27.98 -4.93 13.95
CA GLU G 184 -26.91 -3.98 13.62
C GLU G 184 -27.58 -2.58 13.61
N VAL G 185 -27.99 -2.10 14.81
CA VAL G 185 -28.73 -0.85 15.09
C VAL G 185 -28.11 0.44 14.52
N ASP G 186 -28.76 0.99 13.45
CA ASP G 186 -28.39 2.23 12.76
C ASP G 186 -29.06 3.40 13.51
N LEU G 187 -28.51 3.69 14.71
CA LEU G 187 -28.93 4.72 15.69
C LEU G 187 -27.71 5.62 16.03
N PRO G 188 -27.91 6.89 16.50
CA PRO G 188 -26.75 7.76 16.76
C PRO G 188 -25.88 7.30 17.92
N ALA G 189 -24.58 7.64 17.91
CA ALA G 189 -23.66 7.30 19.01
C ALA G 189 -24.12 7.96 20.31
N VAL G 190 -24.47 9.25 20.19
CA VAL G 190 -24.97 10.09 21.26
C VAL G 190 -26.33 10.63 20.87
N SER G 191 -27.26 10.67 21.84
CA SER G 191 -28.58 11.25 21.67
C SER G 191 -28.34 12.77 21.77
N GLU G 192 -29.32 13.62 21.32
CA GLU G 192 -29.19 15.07 21.54
C GLU G 192 -29.31 15.37 23.07
N LYS G 193 -29.86 14.40 23.85
CA LYS G 193 -29.92 14.48 25.31
C LYS G 193 -28.52 14.22 25.80
N ASP G 194 -27.90 13.12 25.31
CA ASP G 194 -26.53 12.72 25.64
C ASP G 194 -25.56 13.87 25.30
N ARG G 195 -25.86 14.65 24.21
CA ARG G 195 -25.06 15.81 23.75
C ARG G 195 -24.92 16.81 24.89
N LYS G 196 -26.07 17.36 25.37
CA LYS G 196 -26.19 18.29 26.48
C LYS G 196 -25.83 17.67 27.86
N ASP G 197 -25.99 16.32 28.04
CA ASP G 197 -25.66 15.55 29.26
C ASP G 197 -24.16 15.50 29.48
N LEU G 198 -23.41 15.21 28.42
CA LEU G 198 -21.96 15.18 28.43
C LEU G 198 -21.42 16.60 28.62
N GLN G 199 -22.09 17.61 28.02
CA GLN G 199 -21.72 19.03 28.13
C GLN G 199 -21.87 19.49 29.58
N PHE G 200 -22.88 18.93 30.30
CA PHE G 200 -23.10 19.23 31.73
C PHE G 200 -21.96 18.63 32.53
N GLY G 201 -21.65 17.36 32.27
CA GLY G 201 -20.58 16.64 32.94
C GLY G 201 -19.25 17.35 32.88
N VAL G 202 -18.84 17.72 31.65
CA VAL G 202 -17.59 18.43 31.36
C VAL G 202 -17.55 19.76 32.11
N GLU G 203 -18.65 20.55 32.04
CA GLU G 203 -18.80 21.82 32.74
C GLU G 203 -18.73 21.64 34.27
N GLN G 204 -19.13 20.45 34.78
CA GLN G 204 -19.10 20.12 36.20
C GLN G 204 -17.75 19.61 36.68
N GLY G 205 -17.05 18.91 35.79
CA GLY G 205 -15.75 18.32 36.10
C GLY G 205 -15.74 16.83 36.33
N VAL G 206 -16.81 16.13 35.89
CA VAL G 206 -16.86 14.67 36.02
C VAL G 206 -15.57 14.02 35.54
N ASP G 207 -15.09 13.01 36.27
CA ASP G 207 -13.82 12.37 35.99
C ASP G 207 -13.81 11.38 34.83
N MET G 208 -14.91 10.64 34.62
CA MET G 208 -15.03 9.64 33.57
C MET G 208 -16.46 9.54 33.05
N ILE G 209 -16.63 9.03 31.83
CA ILE G 209 -17.93 8.83 31.18
C ILE G 209 -18.16 7.35 30.95
N PHE G 210 -19.33 6.84 31.32
CA PHE G 210 -19.72 5.45 31.12
C PHE G 210 -20.72 5.44 29.96
N ALA G 211 -20.17 5.42 28.72
CA ALA G 211 -20.93 5.48 27.46
C ALA G 211 -21.79 4.26 27.23
N SER G 212 -23.13 4.45 27.24
CA SER G 212 -24.14 3.41 27.05
C SER G 212 -24.31 3.00 25.60
N PHE G 213 -24.53 1.69 25.40
CA PHE G 213 -24.75 1.01 24.12
C PHE G 213 -23.72 1.37 23.07
N ILE G 214 -22.46 1.04 23.33
CA ILE G 214 -21.38 1.26 22.39
C ILE G 214 -21.37 0.01 21.52
N ARG G 215 -21.46 0.21 20.17
CA ARG G 215 -21.49 -0.80 19.13
C ARG G 215 -20.21 -0.82 18.26
N THR G 216 -19.55 0.35 18.06
CA THR G 216 -18.31 0.41 17.26
C THR G 216 -17.26 1.41 17.79
N ALA G 217 -16.02 1.34 17.26
CA ALA G 217 -14.87 2.18 17.60
C ALA G 217 -14.96 3.61 17.12
N ASP G 218 -15.88 3.92 16.15
CA ASP G 218 -16.17 5.24 15.58
C ASP G 218 -17.15 5.99 16.49
N GLN G 219 -18.08 5.26 17.14
CA GLN G 219 -19.05 5.83 18.06
C GLN G 219 -18.33 6.38 19.27
N VAL G 220 -17.27 5.66 19.77
CA VAL G 220 -16.42 6.07 20.92
C VAL G 220 -15.77 7.43 20.61
N ARG G 221 -15.26 7.59 19.38
CA ARG G 221 -14.64 8.84 18.93
C ARG G 221 -15.72 9.95 18.81
N GLU G 222 -17.01 9.57 18.54
CA GLU G 222 -18.16 10.48 18.47
C GLU G 222 -18.42 11.02 19.86
N VAL G 223 -18.26 10.17 20.90
CA VAL G 223 -18.40 10.56 22.31
C VAL G 223 -17.20 11.45 22.69
N ARG G 224 -15.98 11.07 22.24
CA ARG G 224 -14.74 11.81 22.50
C ARG G 224 -14.76 13.21 21.94
N ALA G 225 -15.50 13.40 20.81
CA ALA G 225 -15.69 14.67 20.14
C ALA G 225 -16.79 15.47 20.83
N ALA G 226 -17.78 14.80 21.45
CA ALA G 226 -18.87 15.46 22.19
C ALA G 226 -18.35 16.23 23.41
N LEU G 227 -17.22 15.76 24.02
CA LEU G 227 -16.50 16.44 25.10
C LEU G 227 -15.41 17.24 24.35
N GLY G 228 -15.42 18.56 24.44
CA GLY G 228 -14.46 19.40 23.73
C GLY G 228 -13.07 19.33 24.35
N GLU G 229 -12.19 20.26 23.98
CA GLU G 229 -10.85 20.31 24.60
C GLU G 229 -10.92 20.49 26.12
N LYS G 230 -12.07 21.03 26.64
CA LYS G 230 -12.31 21.16 28.09
C LYS G 230 -12.43 19.75 28.69
N GLY G 231 -13.11 18.84 27.98
CA GLY G 231 -13.27 17.45 28.39
C GLY G 231 -12.33 16.48 27.68
N LYS G 232 -11.16 16.97 27.20
CA LYS G 232 -10.21 16.14 26.48
C LYS G 232 -9.50 15.10 27.38
N ASP G 233 -9.32 15.41 28.68
CA ASP G 233 -8.66 14.53 29.65
C ASP G 233 -9.62 13.56 30.37
N THR G 234 -10.96 13.78 30.28
CA THR G 234 -11.94 12.89 30.92
C THR G 234 -11.97 11.52 30.21
N LEU G 235 -11.92 10.43 30.99
CA LEU G 235 -11.93 9.04 30.51
C LEU G 235 -13.25 8.60 29.88
N ILE G 236 -13.17 7.67 28.91
CA ILE G 236 -14.33 7.09 28.22
C ILE G 236 -14.35 5.56 28.43
N ILE G 237 -15.23 5.11 29.32
CA ILE G 237 -15.43 3.70 29.62
C ILE G 237 -16.65 3.24 28.83
N SER G 238 -16.41 2.45 27.78
CA SER G 238 -17.48 1.98 26.92
C SER G 238 -18.23 0.80 27.50
N LYS G 239 -19.58 0.89 27.50
CA LYS G 239 -20.45 -0.16 28.02
C LYS G 239 -20.84 -1.14 26.92
N ILE G 240 -20.43 -2.39 27.07
CA ILE G 240 -20.76 -3.45 26.12
C ILE G 240 -22.04 -4.12 26.63
N GLU G 241 -23.16 -3.93 25.89
CA GLU G 241 -24.47 -4.46 26.31
C GLU G 241 -25.31 -4.94 25.13
N ASN G 242 -24.67 -5.17 23.95
CA ASN G 242 -25.32 -5.65 22.73
C ASN G 242 -24.41 -6.61 21.97
N HIS G 243 -24.97 -7.32 20.98
CA HIS G 243 -24.25 -8.27 20.13
C HIS G 243 -23.10 -7.61 19.33
N GLN G 244 -23.36 -6.41 18.74
CA GLN G 244 -22.38 -5.63 17.95
C GLN G 244 -21.13 -5.26 18.77
N GLY G 245 -21.36 -4.75 20.00
CA GLY G 245 -20.33 -4.33 20.94
C GLY G 245 -19.39 -5.45 21.30
N VAL G 246 -19.92 -6.67 21.44
CA VAL G 246 -19.15 -7.89 21.75
C VAL G 246 -18.32 -8.26 20.52
N GLN G 247 -18.94 -8.20 19.32
CA GLN G 247 -18.36 -8.50 18.01
C GLN G 247 -17.22 -7.54 17.64
N ASN G 248 -17.38 -6.23 17.97
CA ASN G 248 -16.40 -5.17 17.71
C ASN G 248 -15.58 -4.80 19.00
N ILE G 249 -15.44 -5.75 19.92
CA ILE G 249 -14.76 -5.55 21.18
C ILE G 249 -13.29 -5.06 21.02
N ASP G 250 -12.50 -5.58 20.09
CA ASP G 250 -11.12 -5.13 19.94
C ASP G 250 -10.97 -3.65 19.56
N ALA G 251 -11.80 -3.21 18.61
CA ALA G 251 -11.80 -1.86 18.05
C ALA G 251 -12.23 -0.87 19.12
N ILE G 252 -13.27 -1.23 19.89
CA ILE G 252 -13.83 -0.45 20.98
C ILE G 252 -12.75 -0.29 22.07
N ILE G 253 -11.95 -1.36 22.37
CA ILE G 253 -10.90 -1.28 23.41
C ILE G 253 -9.84 -0.25 22.98
N GLU G 254 -9.26 -0.36 21.74
CA GLU G 254 -8.24 0.62 21.28
C GLU G 254 -8.74 2.09 21.36
N ALA G 255 -10.07 2.32 21.10
CA ALA G 255 -10.76 3.61 21.10
C ALA G 255 -11.11 4.15 22.49
N SER G 256 -11.40 3.25 23.45
CA SER G 256 -11.79 3.60 24.81
C SER G 256 -10.61 3.69 25.78
N ASP G 257 -10.90 4.17 26.98
CA ASP G 257 -9.92 4.28 28.07
C ASP G 257 -10.06 3.11 29.05
N GLY G 258 -11.18 2.43 28.94
CA GLY G 258 -11.58 1.28 29.72
C GLY G 258 -12.91 0.74 29.21
N ILE G 259 -13.35 -0.41 29.73
CA ILE G 259 -14.59 -1.09 29.31
C ILE G 259 -15.45 -1.50 30.49
N MET G 260 -16.78 -1.48 30.32
CA MET G 260 -17.71 -1.96 31.33
C MET G 260 -18.51 -3.12 30.72
N VAL G 261 -18.53 -4.26 31.42
CA VAL G 261 -19.31 -5.43 30.99
C VAL G 261 -20.71 -5.20 31.58
N ALA G 262 -21.52 -4.33 30.93
CA ALA G 262 -22.88 -3.99 31.36
C ALA G 262 -23.75 -5.20 31.15
N ARG G 263 -23.80 -6.10 32.14
CA ARG G 263 -24.48 -7.39 32.04
C ARG G 263 -26.02 -7.32 32.07
N GLY G 264 -26.57 -6.19 32.46
CA GLY G 264 -28.03 -5.97 32.50
C GLY G 264 -28.65 -6.10 31.12
N ASP G 265 -28.33 -5.16 30.22
CA ASP G 265 -28.84 -5.18 28.85
C ASP G 265 -28.16 -6.27 27.98
N LEU G 266 -26.93 -6.68 28.33
CA LEU G 266 -26.24 -7.73 27.58
C LEU G 266 -26.95 -9.07 27.72
N GLY G 267 -27.43 -9.39 28.91
CA GLY G 267 -28.17 -10.62 29.19
C GLY G 267 -29.51 -10.75 28.48
N VAL G 268 -30.00 -9.65 27.90
CA VAL G 268 -31.26 -9.62 27.15
C VAL G 268 -31.00 -9.55 25.65
N GLU G 269 -29.93 -8.79 25.26
CA GLU G 269 -29.52 -8.64 23.86
C GLU G 269 -28.89 -9.94 23.30
N ILE G 270 -28.21 -10.71 24.18
CA ILE G 270 -27.58 -12.01 23.90
C ILE G 270 -28.14 -13.06 24.91
N PRO G 271 -28.12 -14.40 24.62
CA PRO G 271 -28.65 -15.36 25.60
C PRO G 271 -27.94 -15.27 26.95
N ALA G 272 -28.71 -15.45 28.04
CA ALA G 272 -28.22 -15.35 29.41
C ALA G 272 -26.95 -16.16 29.70
N GLU G 273 -26.88 -17.39 29.19
CA GLU G 273 -25.74 -18.30 29.38
C GLU G 273 -24.44 -17.80 28.69
N LYS G 274 -24.59 -17.06 27.57
CA LYS G 274 -23.47 -16.53 26.80
C LYS G 274 -22.74 -15.39 27.49
N VAL G 275 -23.42 -14.69 28.43
CA VAL G 275 -22.85 -13.54 29.18
C VAL G 275 -21.59 -13.95 29.95
N VAL G 276 -21.57 -15.15 30.58
CA VAL G 276 -20.41 -15.63 31.34
C VAL G 276 -19.16 -15.67 30.45
N VAL G 277 -19.26 -16.36 29.29
CA VAL G 277 -18.20 -16.48 28.30
C VAL G 277 -17.79 -15.08 27.77
N ALA G 278 -18.78 -14.21 27.50
CA ALA G 278 -18.57 -12.84 27.02
C ALA G 278 -17.78 -12.03 28.06
N GLN G 279 -18.10 -12.23 29.35
CA GLN G 279 -17.48 -11.59 30.50
C GLN G 279 -15.99 -11.93 30.60
N MET G 280 -15.66 -13.23 30.58
CA MET G 280 -14.31 -13.81 30.65
C MET G 280 -13.44 -13.27 29.55
N CYS G 281 -13.96 -13.36 28.31
CA CYS G 281 -13.32 -12.93 27.08
C CYS G 281 -13.02 -11.44 27.07
N ILE G 282 -13.99 -10.57 27.49
CA ILE G 282 -13.84 -9.11 27.51
C ILE G 282 -12.78 -8.69 28.52
N ILE G 283 -12.91 -9.16 29.78
CA ILE G 283 -11.99 -8.86 30.90
C ILE G 283 -10.54 -9.23 30.56
N SER G 284 -10.30 -10.42 29.99
CA SER G 284 -8.96 -10.86 29.60
C SER G 284 -8.38 -10.03 28.45
N LYS G 285 -9.23 -9.60 27.51
CA LYS G 285 -8.83 -8.76 26.37
C LYS G 285 -8.37 -7.39 26.88
N CYS G 286 -9.08 -6.86 27.91
CA CYS G 286 -8.80 -5.59 28.56
C CYS G 286 -7.52 -5.72 29.39
N ASN G 287 -7.27 -6.91 29.99
CA ASN G 287 -6.08 -7.19 30.80
C ASN G 287 -4.84 -7.06 29.93
N VAL G 288 -4.83 -7.77 28.76
CA VAL G 288 -3.73 -7.78 27.76
C VAL G 288 -3.54 -6.34 27.21
N ALA G 289 -4.64 -5.59 27.02
CA ALA G 289 -4.65 -4.22 26.52
C ALA G 289 -4.12 -3.24 27.57
N GLY G 290 -4.32 -3.56 28.84
CA GLY G 290 -3.89 -2.71 29.94
C GLY G 290 -4.84 -1.56 30.17
N LYS G 291 -6.16 -1.84 30.09
CA LYS G 291 -7.23 -0.87 30.27
C LYS G 291 -8.22 -1.34 31.34
N PRO G 292 -8.63 -0.44 32.27
CA PRO G 292 -9.56 -0.84 33.34
C PRO G 292 -10.87 -1.46 32.87
N VAL G 293 -11.18 -2.65 33.37
CA VAL G 293 -12.41 -3.34 33.04
C VAL G 293 -13.26 -3.48 34.28
N ILE G 294 -14.56 -3.18 34.15
CA ILE G 294 -15.55 -3.22 35.22
C ILE G 294 -16.56 -4.34 34.93
N CYS G 295 -16.94 -5.07 35.96
CA CYS G 295 -18.08 -6.02 35.85
C CYS G 295 -19.33 -5.25 36.28
N ALA G 296 -20.54 -5.67 35.90
CA ALA G 296 -21.62 -4.68 36.20
C ALA G 296 -22.92 -5.15 36.84
N THR G 297 -23.69 -6.08 36.27
CA THR G 297 -25.05 -6.19 36.85
C THR G 297 -25.32 -7.42 37.73
N GLN G 298 -26.27 -7.27 38.68
CA GLN G 298 -26.82 -8.28 39.62
C GLN G 298 -25.77 -9.10 40.36
N MET G 299 -24.68 -8.44 40.77
CA MET G 299 -23.56 -9.05 41.44
C MET G 299 -23.84 -9.44 42.91
N LEU G 300 -24.55 -8.55 43.68
CA LEU G 300 -24.98 -8.73 45.07
C LEU G 300 -26.45 -8.27 45.25
N GLU G 301 -27.27 -8.45 44.19
CA GLU G 301 -28.68 -8.05 44.10
C GLU G 301 -29.53 -8.37 45.34
N SER G 302 -29.37 -9.58 45.95
CA SER G 302 -30.13 -9.98 47.15
C SER G 302 -29.96 -9.04 48.34
N MET G 303 -28.80 -8.37 48.42
CA MET G 303 -28.47 -7.46 49.51
C MET G 303 -29.21 -6.10 49.46
N THR G 304 -30.14 -5.92 48.47
CA THR G 304 -31.02 -4.76 48.36
C THR G 304 -32.08 -4.88 49.50
N THR G 305 -32.40 -6.13 49.88
CA THR G 305 -33.39 -6.48 50.90
C THR G 305 -32.85 -7.35 52.05
N ASN G 306 -31.71 -8.05 51.87
CA ASN G 306 -31.16 -8.94 52.89
C ASN G 306 -29.80 -8.48 53.45
N PRO G 307 -29.44 -8.83 54.73
CA PRO G 307 -28.15 -8.38 55.27
C PRO G 307 -26.98 -9.28 54.84
N ARG G 308 -27.28 -10.40 54.15
CA ARG G 308 -26.31 -11.38 53.67
C ARG G 308 -26.58 -11.77 52.22
N PRO G 309 -25.54 -12.01 51.38
CA PRO G 309 -25.81 -12.39 49.97
C PRO G 309 -25.98 -13.91 49.78
N THR G 310 -26.51 -14.33 48.63
CA THR G 310 -26.67 -15.75 48.30
C THR G 310 -25.29 -16.38 48.05
N ARG G 311 -25.19 -17.73 48.07
CA ARG G 311 -23.92 -18.42 47.82
C ARG G 311 -23.45 -18.16 46.39
N ALA G 312 -24.41 -17.84 45.49
CA ALA G 312 -24.21 -17.51 44.08
C ALA G 312 -23.51 -16.15 43.88
N GLU G 313 -23.97 -15.11 44.61
CA GLU G 313 -23.46 -13.75 44.52
C GLU G 313 -22.00 -13.64 45.01
N VAL G 314 -21.67 -14.42 46.07
CA VAL G 314 -20.31 -14.47 46.60
C VAL G 314 -19.39 -15.05 45.54
N THR G 315 -19.78 -16.16 44.86
CA THR G 315 -18.99 -16.78 43.78
C THR G 315 -18.94 -15.84 42.55
N ASP G 316 -20.01 -15.05 42.32
CA ASP G 316 -20.04 -14.10 41.20
C ASP G 316 -19.04 -12.95 41.36
N VAL G 317 -18.97 -12.32 42.57
CA VAL G 317 -18.04 -11.23 42.88
C VAL G 317 -16.59 -11.74 42.84
N ALA G 318 -16.34 -12.92 43.45
CA ALA G 318 -15.03 -13.56 43.50
C ALA G 318 -14.53 -13.87 42.11
N ASN G 319 -15.39 -14.46 41.23
CA ASN G 319 -14.99 -14.81 39.87
C ASN G 319 -14.76 -13.60 39.01
N ALA G 320 -15.44 -12.46 39.30
CA ALA G 320 -15.21 -11.22 38.56
C ALA G 320 -13.77 -10.80 38.81
N VAL G 321 -13.29 -10.95 40.07
CA VAL G 321 -11.91 -10.66 40.49
C VAL G 321 -10.96 -11.70 39.83
N PHE G 322 -11.29 -13.02 39.93
CA PHE G 322 -10.54 -14.13 39.35
C PHE G 322 -10.36 -14.00 37.84
N ASN G 323 -11.40 -13.48 37.14
CA ASN G 323 -11.42 -13.23 35.68
C ASN G 323 -10.42 -12.16 35.27
N GLY G 324 -10.09 -11.28 36.21
CA GLY G 324 -9.11 -10.21 36.05
C GLY G 324 -9.68 -8.81 36.04
N ALA G 325 -10.92 -8.64 36.58
CA ALA G 325 -11.56 -7.33 36.62
C ALA G 325 -10.84 -6.36 37.55
N ASP G 326 -10.63 -5.12 37.09
CA ASP G 326 -10.02 -4.06 37.90
C ASP G 326 -11.03 -3.67 38.95
N CYS G 327 -12.28 -3.37 38.51
CA CYS G 327 -13.42 -2.96 39.32
C CYS G 327 -14.60 -3.93 39.25
N VAL G 328 -15.48 -3.80 40.25
CA VAL G 328 -16.71 -4.57 40.45
C VAL G 328 -17.79 -3.50 40.85
N MET G 329 -19.04 -3.63 40.33
CA MET G 329 -20.02 -2.54 40.50
C MET G 329 -21.45 -2.86 41.01
N LEU G 330 -21.84 -2.11 42.06
CA LEU G 330 -23.15 -2.20 42.66
C LEU G 330 -24.11 -1.17 42.10
N SER G 331 -25.31 -1.63 41.74
CA SER G 331 -26.39 -0.78 41.25
C SER G 331 -27.47 -0.57 42.32
N GLY G 332 -28.66 -1.15 42.10
CA GLY G 332 -29.81 -1.07 42.99
C GLY G 332 -29.52 -1.29 44.46
N GLU G 333 -28.47 -2.10 44.76
CA GLU G 333 -28.00 -2.44 46.12
C GLU G 333 -27.70 -1.17 47.00
N THR G 334 -26.96 -0.22 46.40
CA THR G 334 -26.54 1.06 46.98
C THR G 334 -27.45 2.20 46.49
N ALA G 335 -28.23 1.99 45.42
CA ALA G 335 -29.14 3.01 44.91
C ALA G 335 -30.43 3.11 45.75
N LYS G 336 -31.17 1.99 45.85
CA LYS G 336 -32.48 1.85 46.51
C LYS G 336 -32.49 0.73 47.60
N GLY G 337 -31.32 0.25 47.98
CA GLY G 337 -31.21 -0.83 48.96
C GLY G 337 -31.38 -0.40 50.40
N LYS G 338 -31.78 -1.38 51.25
CA LYS G 338 -31.99 -1.22 52.70
C LYS G 338 -30.64 -1.42 53.48
N TYR G 339 -29.61 -2.00 52.83
CA TYR G 339 -28.30 -2.25 53.42
C TYR G 339 -27.19 -1.73 52.49
N PRO G 340 -26.98 -0.39 52.36
CA PRO G 340 -25.96 0.11 51.41
C PRO G 340 -24.53 0.04 51.90
N ASN G 341 -24.28 0.25 53.20
CA ASN G 341 -22.93 0.18 53.75
C ASN G 341 -22.51 -1.29 53.93
N GLU G 342 -23.48 -2.14 54.30
CA GLU G 342 -23.31 -3.58 54.51
C GLU G 342 -22.97 -4.31 53.20
N VAL G 343 -23.53 -3.85 52.05
CA VAL G 343 -23.28 -4.46 50.73
C VAL G 343 -21.86 -4.12 50.21
N VAL G 344 -21.38 -2.87 50.45
CA VAL G 344 -20.04 -2.45 50.00
C VAL G 344 -18.99 -3.22 50.82
N GLN G 345 -19.27 -3.38 52.14
CA GLN G 345 -18.45 -4.09 53.10
C GLN G 345 -18.32 -5.56 52.71
N TYR G 346 -19.43 -6.19 52.26
CA TYR G 346 -19.44 -7.60 51.83
C TYR G 346 -18.60 -7.81 50.59
N MET G 347 -18.75 -6.90 49.61
CA MET G 347 -18.00 -6.90 48.38
C MET G 347 -16.50 -6.78 48.67
N VAL G 348 -16.12 -5.92 49.65
CA VAL G 348 -14.74 -5.74 50.11
C VAL G 348 -14.14 -7.08 50.60
N ARG G 349 -14.87 -7.81 51.49
CA ARG G 349 -14.46 -9.09 52.05
C ARG G 349 -14.13 -10.10 50.98
N ILE G 350 -15.06 -10.23 49.99
CA ILE G 350 -14.97 -11.17 48.85
C ILE G 350 -13.77 -10.82 47.99
N CYS G 351 -13.61 -9.54 47.59
CA CYS G 351 -12.50 -9.03 46.79
C CYS G 351 -11.15 -9.33 47.42
N ILE G 352 -11.03 -9.17 48.75
CA ILE G 352 -9.81 -9.46 49.51
C ILE G 352 -9.56 -10.97 49.54
N GLU G 353 -10.62 -11.80 49.71
CA GLU G 353 -10.48 -13.25 49.70
C GLU G 353 -9.99 -13.75 48.33
N ALA G 354 -10.70 -13.35 47.24
CA ALA G 354 -10.37 -13.73 45.88
C ALA G 354 -8.96 -13.28 45.54
N GLN G 355 -8.56 -12.07 46.03
CA GLN G 355 -7.24 -11.47 45.84
C GLN G 355 -6.16 -12.30 46.48
N SER G 356 -6.42 -12.76 47.73
CA SER G 356 -5.48 -13.55 48.52
C SER G 356 -5.21 -14.90 47.90
N ALA G 357 -6.23 -15.47 47.23
CA ALA G 357 -6.14 -16.74 46.52
C ALA G 357 -5.37 -16.58 45.19
N THR G 358 -5.56 -15.38 44.54
CA THR G 358 -4.96 -14.90 43.27
C THR G 358 -3.68 -14.03 43.59
N HIS G 359 -2.93 -14.38 44.65
CA HIS G 359 -1.73 -13.63 45.05
C HIS G 359 -0.45 -14.31 44.51
N ASP G 360 -0.34 -14.32 43.15
CA ASP G 360 0.73 -14.98 42.39
C ASP G 360 1.26 -14.23 41.14
N SER G 361 2.33 -14.78 40.59
CA SER G 361 3.07 -14.35 39.39
C SER G 361 2.37 -14.76 38.10
N VAL G 362 1.37 -15.64 38.22
CA VAL G 362 0.64 -16.24 37.11
C VAL G 362 0.07 -15.19 36.17
N MET G 363 -0.72 -14.25 36.71
CA MET G 363 -1.34 -13.23 35.87
C MET G 363 -0.29 -12.38 35.19
N PHE G 364 0.77 -11.95 35.93
CA PHE G 364 1.87 -11.13 35.40
C PHE G 364 2.56 -11.84 34.25
N ASN G 365 2.92 -13.11 34.44
CA ASN G 365 3.56 -13.87 33.39
C ASN G 365 2.62 -14.08 32.23
N SER G 366 1.31 -14.33 32.46
CA SER G 366 0.30 -14.53 31.40
C SER G 366 0.20 -13.34 30.47
N ILE G 367 0.05 -12.13 31.07
CA ILE G 367 -0.07 -10.84 30.40
C ILE G 367 1.22 -10.46 29.66
N LYS G 368 2.40 -10.56 30.35
CA LYS G 368 3.72 -10.23 29.80
C LYS G 368 4.02 -11.06 28.53
N ASN G 369 3.78 -12.39 28.58
CA ASN G 369 4.03 -13.31 27.46
C ASN G 369 3.14 -13.05 26.25
N LEU G 370 1.99 -12.37 26.46
CA LEU G 370 1.08 -12.04 25.38
C LEU G 370 1.37 -10.66 24.80
N GLN G 371 2.44 -9.97 25.27
CA GLN G 371 2.85 -8.66 24.73
C GLN G 371 3.85 -8.81 23.57
N LYS G 372 3.65 -8.08 22.45
CA LYS G 372 4.55 -8.14 21.29
C LYS G 372 5.86 -7.34 21.50
N ILE G 373 7.02 -8.00 21.33
CA ILE G 373 8.36 -7.43 21.49
C ILE G 373 8.72 -6.79 20.14
N PRO G 374 9.31 -5.59 20.08
CA PRO G 374 9.75 -4.76 21.19
C PRO G 374 8.65 -3.94 21.85
N MET G 375 8.81 -3.71 23.16
CA MET G 375 7.93 -2.89 23.98
C MET G 375 8.50 -1.48 23.93
N SER G 376 7.70 -0.47 24.31
CA SER G 376 8.19 0.90 24.39
C SER G 376 9.08 1.00 25.62
N PRO G 377 10.17 1.82 25.65
CA PRO G 377 10.97 1.92 26.88
C PRO G 377 10.14 2.16 28.14
N GLU G 378 9.03 2.92 28.05
CA GLU G 378 8.14 3.19 29.19
C GLU G 378 7.50 1.87 29.70
N GLU G 379 6.90 1.06 28.78
CA GLU G 379 6.26 -0.21 29.16
C GLU G 379 7.29 -1.26 29.61
N ALA G 380 8.50 -1.28 28.98
CA ALA G 380 9.60 -2.18 29.37
C ALA G 380 10.12 -1.85 30.78
N VAL G 381 10.08 -0.57 31.18
CA VAL G 381 10.45 -0.13 32.53
C VAL G 381 9.33 -0.51 33.50
N CYS G 382 8.07 -0.30 33.09
CA CYS G 382 6.86 -0.58 33.88
C CYS G 382 6.66 -2.06 34.16
N SER G 383 6.86 -2.95 33.16
CA SER G 383 6.77 -4.41 33.33
C SER G 383 7.94 -4.96 34.16
N SER G 384 9.18 -4.46 33.92
CA SER G 384 10.35 -4.89 34.69
CA SER G 384 10.35 -4.89 34.68
C SER G 384 10.28 -4.40 36.13
N ALA G 385 9.58 -3.29 36.39
CA ALA G 385 9.41 -2.77 37.74
C ALA G 385 8.55 -3.78 38.53
N VAL G 386 7.57 -4.44 37.84
CA VAL G 386 6.72 -5.47 38.42
C VAL G 386 7.55 -6.76 38.65
N SER G 387 8.34 -7.20 37.66
CA SER G 387 9.18 -8.38 37.88
C SER G 387 10.19 -8.17 38.98
N SER G 388 10.80 -6.97 39.10
CA SER G 388 11.75 -6.64 40.18
C SER G 388 11.07 -6.79 41.52
N ALA G 389 9.82 -6.28 41.64
CA ALA G 389 9.00 -6.38 42.86
C ALA G 389 8.83 -7.84 43.23
N PHE G 390 8.48 -8.70 42.26
CA PHE G 390 8.30 -10.13 42.49
C PHE G 390 9.58 -10.83 43.01
N GLU G 391 10.74 -10.49 42.41
CA GLU G 391 12.07 -10.99 42.75
C GLU G 391 12.51 -10.63 44.15
N VAL G 392 12.43 -9.34 44.56
CA VAL G 392 12.82 -8.88 45.92
C VAL G 392 11.70 -8.93 46.96
N GLN G 393 10.49 -9.37 46.57
CA GLN G 393 9.31 -9.39 47.45
C GLN G 393 9.03 -7.98 48.01
N ALA G 394 9.05 -6.97 47.12
CA ALA G 394 8.78 -5.56 47.42
C ALA G 394 7.44 -5.39 48.11
N LYS G 395 7.42 -4.64 49.22
CA LYS G 395 6.19 -4.40 49.96
C LYS G 395 5.27 -3.35 49.31
N ALA G 396 5.81 -2.59 48.28
CA ALA G 396 5.11 -1.56 47.48
C ALA G 396 5.96 -1.04 46.27
N ILE G 397 5.28 -0.58 45.21
CA ILE G 397 5.87 0.05 44.01
C ILE G 397 5.46 1.53 44.01
N LEU G 398 6.41 2.45 43.88
CA LEU G 398 6.11 3.88 43.85
C LEU G 398 6.37 4.44 42.46
N VAL G 399 5.32 4.94 41.81
CA VAL G 399 5.38 5.51 40.48
C VAL G 399 5.08 6.99 40.48
N LEU G 400 5.89 7.76 39.78
CA LEU G 400 5.66 9.19 39.66
C LEU G 400 4.99 9.36 38.34
N SER G 401 3.65 9.51 38.37
CA SER G 401 2.84 9.64 37.18
C SER G 401 1.83 10.78 37.32
N ASN G 402 2.02 11.87 36.54
CA ASN G 402 1.11 13.02 36.58
C ASN G 402 -0.22 12.73 35.91
N THR G 403 -0.21 12.04 34.74
CA THR G 403 -1.42 11.68 33.99
C THR G 403 -2.06 10.36 34.48
N GLY G 404 -1.24 9.48 35.04
CA GLY G 404 -1.67 8.18 35.55
C GLY G 404 -1.49 6.92 34.73
N ARG G 405 -1.05 7.04 33.46
CA ARG G 405 -0.79 5.90 32.57
C ARG G 405 0.33 4.96 33.01
N SER G 406 1.43 5.57 33.52
CA SER G 406 2.60 4.88 34.06
C SER G 406 2.04 3.99 35.16
N ALA G 407 1.12 4.54 35.99
CA ALA G 407 0.47 3.81 37.07
C ALA G 407 -0.48 2.73 36.51
N ARG G 408 -1.19 3.03 35.39
CA ARG G 408 -2.11 2.12 34.72
C ARG G 408 -1.32 1.04 34.04
N LEU G 409 -0.12 1.42 33.55
CA LEU G 409 0.88 0.58 32.86
C LEU G 409 1.56 -0.38 33.81
N ILE G 410 1.76 0.01 35.09
CA ILE G 410 2.35 -0.84 36.11
C ILE G 410 1.27 -1.81 36.59
N SER G 411 0.06 -1.31 36.86
CA SER G 411 -1.08 -2.11 37.27
C SER G 411 -1.47 -3.18 36.22
N LYS G 412 -1.13 -2.91 34.91
CA LYS G 412 -1.37 -3.78 33.76
C LYS G 412 -0.71 -5.15 33.98
N TYR G 413 0.44 -5.16 34.66
CA TYR G 413 1.25 -6.35 34.94
C TYR G 413 0.91 -6.99 36.30
N ARG G 414 -0.25 -6.67 36.84
CA ARG G 414 -0.84 -7.19 38.07
C ARG G 414 0.09 -7.57 39.29
N PRO G 415 0.91 -6.62 39.83
CA PRO G 415 1.74 -6.98 40.99
C PRO G 415 0.97 -7.38 42.26
N ASN G 416 1.59 -8.14 43.20
CA ASN G 416 0.90 -8.50 44.45
C ASN G 416 0.81 -7.32 45.43
N CYS G 417 1.84 -6.46 45.43
CA CYS G 417 2.00 -5.30 46.30
C CYS G 417 1.20 -4.06 45.81
N PRO G 418 0.97 -3.04 46.66
CA PRO G 418 0.25 -1.84 46.18
C PRO G 418 1.15 -0.98 45.30
N ILE G 419 0.50 -0.11 44.49
CA ILE G 419 1.17 0.85 43.59
C ILE G 419 0.81 2.24 44.10
N ILE G 420 1.81 2.98 44.59
CA ILE G 420 1.62 4.34 45.08
C ILE G 420 1.96 5.26 43.91
N CYS G 421 1.04 6.17 43.57
CA CYS G 421 1.24 7.11 42.48
C CYS G 421 1.41 8.54 42.98
N ALA G 422 2.62 9.09 42.83
CA ALA G 422 2.91 10.47 43.21
C ALA G 422 2.54 11.37 42.04
N THR G 423 1.27 11.80 42.03
CA THR G 423 0.69 12.64 40.97
C THR G 423 0.52 14.08 41.38
N THR G 424 0.77 15.01 40.42
CA THR G 424 0.65 16.46 40.61
C THR G 424 -0.77 16.96 40.28
N ARG G 425 -1.62 16.05 39.77
CA ARG G 425 -2.99 16.30 39.36
C ARG G 425 -4.03 15.58 40.23
N LEU G 426 -5.09 16.32 40.67
CA LEU G 426 -6.22 15.78 41.45
C LEU G 426 -7.12 14.96 40.55
N LEU G 427 -7.24 15.35 39.27
CA LEU G 427 -8.05 14.65 38.27
C LEU G 427 -7.53 13.20 38.11
N THR G 428 -6.19 13.02 38.19
CA THR G 428 -5.47 11.75 38.12
C THR G 428 -5.75 10.90 39.38
N CYS G 429 -5.86 11.54 40.56
CA CYS G 429 -6.14 10.87 41.83
C CYS G 429 -7.51 10.25 41.79
N ARG G 430 -8.48 10.93 41.10
CA ARG G 430 -9.87 10.52 40.93
C ARG G 430 -10.06 9.48 39.84
N GLN G 431 -9.34 9.62 38.73
CA GLN G 431 -9.41 8.71 37.57
C GLN G 431 -8.70 7.38 37.84
N LEU G 432 -7.76 7.35 38.81
CA LEU G 432 -7.02 6.13 39.17
C LEU G 432 -7.78 5.21 40.17
N ASN G 433 -9.05 5.57 40.48
CA ASN G 433 -9.90 4.75 41.34
C ASN G 433 -10.44 3.57 40.53
N VAL G 434 -10.30 3.60 39.19
CA VAL G 434 -10.72 2.52 38.29
C VAL G 434 -9.59 1.53 38.03
N THR G 435 -8.37 1.83 38.51
CA THR G 435 -7.22 0.97 38.25
C THR G 435 -6.84 0.19 39.51
N ARG G 436 -6.81 -1.14 39.40
CA ARG G 436 -6.52 -2.08 40.52
C ARG G 436 -5.06 -1.93 40.96
N SER G 437 -4.83 -2.03 42.27
CA SER G 437 -3.57 -1.95 43.05
C SER G 437 -3.12 -0.52 43.32
N VAL G 438 -3.70 0.46 42.63
CA VAL G 438 -3.19 1.85 42.75
C VAL G 438 -3.84 2.60 43.91
N GLU G 439 -3.00 3.36 44.61
CA GLU G 439 -3.29 4.22 45.74
C GLU G 439 -2.55 5.53 45.42
N SER G 440 -3.27 6.59 45.04
CA SER G 440 -2.69 7.89 44.68
C SER G 440 -2.30 8.80 45.88
N VAL G 441 -1.24 9.58 45.69
CA VAL G 441 -0.75 10.59 46.62
C VAL G 441 -0.57 11.92 45.86
N TYR G 442 -1.37 12.93 46.23
CA TYR G 442 -1.35 14.24 45.57
C TYR G 442 -0.28 15.17 46.13
N TYR G 443 0.62 15.62 45.24
CA TYR G 443 1.67 16.57 45.58
C TYR G 443 1.20 17.95 45.13
N ASP G 444 0.96 18.86 46.08
CA ASP G 444 0.52 20.21 45.74
C ASP G 444 1.76 21.05 45.39
N VAL G 445 2.00 21.30 44.09
CA VAL G 445 3.15 22.07 43.58
C VAL G 445 3.12 23.54 44.11
N ASP G 446 1.95 24.20 44.01
CA ASP G 446 1.70 25.59 44.43
C ASP G 446 1.89 25.82 45.95
N ALA G 447 1.97 24.72 46.71
CA ALA G 447 2.15 24.74 48.16
C ALA G 447 3.59 24.42 48.61
N HIS G 448 4.16 23.30 48.12
CA HIS G 448 5.50 22.85 48.48
C HIS G 448 6.61 23.48 47.64
N GLY G 449 6.60 23.20 46.35
CA GLY G 449 7.57 23.70 45.39
C GLY G 449 7.39 23.13 44.00
N GLU G 450 8.23 23.56 43.04
CA GLU G 450 8.13 23.05 41.67
C GLU G 450 8.61 21.58 41.56
N ASP G 451 9.56 21.15 42.46
CA ASP G 451 10.14 19.81 42.56
C ASP G 451 10.58 19.28 41.20
N ASN G 452 11.49 20.03 40.55
CA ASN G 452 12.03 19.65 39.25
C ASN G 452 12.79 18.34 39.34
N ASP G 453 13.60 18.21 40.38
CA ASP G 453 14.43 16.98 40.59
C ASP G 453 13.56 15.81 41.03
N ARG G 454 12.32 16.07 41.46
CA ARG G 454 11.27 15.08 41.91
C ARG G 454 11.53 14.43 43.28
N GLU G 455 12.71 14.61 43.86
CA GLU G 455 13.06 13.98 45.15
C GLU G 455 12.00 14.30 46.18
N LYS G 456 11.21 15.35 45.95
CA LYS G 456 10.19 15.68 46.95
C LYS G 456 9.00 14.74 46.84
N ARG G 457 8.50 14.50 45.60
CA ARG G 457 7.37 13.61 45.28
C ARG G 457 7.66 12.16 45.70
N VAL G 458 8.92 11.71 45.51
CA VAL G 458 9.42 10.38 45.86
C VAL G 458 9.36 10.26 47.38
N GLN G 459 9.89 11.27 48.09
CA GLN G 459 9.92 11.27 49.54
C GLN G 459 8.50 11.38 50.11
N LEU G 460 7.58 12.08 49.40
CA LEU G 460 6.17 12.22 49.77
C LEU G 460 5.50 10.86 49.71
N GLY G 461 5.87 10.07 48.69
CA GLY G 461 5.36 8.73 48.45
C GLY G 461 5.87 7.73 49.48
N VAL G 462 7.21 7.76 49.76
CA VAL G 462 7.87 6.87 50.74
C VAL G 462 7.29 7.08 52.13
N ASP G 463 7.03 8.33 52.47
CA ASP G 463 6.46 8.73 53.74
C ASP G 463 4.99 8.36 53.85
N TRP G 464 4.23 8.48 52.75
CA TRP G 464 2.82 8.11 52.70
C TRP G 464 2.70 6.59 52.86
N ALA G 465 3.66 5.83 52.29
CA ALA G 465 3.74 4.37 52.37
C ALA G 465 4.04 3.95 53.78
N LYS G 466 4.95 4.67 54.47
CA LYS G 466 5.33 4.39 55.85
C LYS G 466 4.13 4.52 56.77
N THR G 467 3.50 5.73 56.79
CA THR G 467 2.35 6.11 57.63
C THR G 467 1.10 5.27 57.33
N LYS G 468 0.82 4.96 56.06
CA LYS G 468 -0.33 4.12 55.75
C LYS G 468 -0.03 2.61 55.98
N GLY G 469 1.10 2.33 56.61
CA GLY G 469 1.59 1.00 56.98
C GLY G 469 2.03 0.04 55.88
N TYR G 470 2.16 0.52 54.63
CA TYR G 470 2.56 -0.28 53.45
C TYR G 470 4.00 -0.80 53.50
N VAL G 471 4.94 0.08 53.84
CA VAL G 471 6.36 -0.34 53.91
C VAL G 471 7.02 0.41 55.07
N SER G 472 7.77 -0.31 55.90
CA SER G 472 8.50 0.33 57.02
C SER G 472 9.99 0.00 56.90
N ALA G 473 10.83 0.84 57.51
CA ALA G 473 12.31 0.80 57.55
C ALA G 473 12.90 -0.58 57.25
N GLY G 474 13.69 -0.71 56.17
CA GLY G 474 14.34 -1.97 55.84
C GLY G 474 13.67 -2.70 54.70
N ASP G 475 12.35 -2.47 54.53
CA ASP G 475 11.56 -3.04 53.46
C ASP G 475 12.01 -2.44 52.14
N VAL G 476 12.12 -3.31 51.12
CA VAL G 476 12.56 -2.89 49.80
C VAL G 476 11.32 -2.43 49.02
N MET G 477 11.49 -1.30 48.31
CA MET G 477 10.50 -0.58 47.54
C MET G 477 11.04 -0.31 46.13
N VAL G 478 10.20 -0.53 45.10
CA VAL G 478 10.57 -0.31 43.70
C VAL G 478 10.08 1.07 43.31
N ILE G 479 11.00 2.01 42.99
CA ILE G 479 10.65 3.38 42.64
C ILE G 479 10.86 3.64 41.13
N VAL G 480 9.78 3.98 40.43
CA VAL G 480 9.73 4.24 38.99
C VAL G 480 9.43 5.72 38.73
N HIS G 481 10.25 6.37 37.90
CA HIS G 481 10.11 7.76 37.47
C HIS G 481 11.00 8.04 36.27
N ALA G 482 11.20 9.34 35.92
CA ALA G 482 12.04 9.76 34.79
C ALA G 482 13.39 10.31 35.28
N ASP G 483 14.45 10.01 34.52
CA ASP G 483 15.84 10.38 34.79
C ASP G 483 16.18 11.84 34.52
N HIS G 484 17.44 12.22 34.84
CA HIS G 484 18.04 13.55 34.66
C HIS G 484 18.06 13.94 33.19
N SER G 485 18.45 13.00 32.30
CA SER G 485 18.52 13.25 30.86
C SER G 485 17.15 13.17 30.15
N VAL G 486 16.50 11.98 30.15
CA VAL G 486 15.22 11.73 29.46
C VAL G 486 13.98 12.01 30.35
N LYS G 487 13.11 12.89 29.84
CA LYS G 487 11.84 13.28 30.44
C LYS G 487 10.70 12.68 29.58
N GLY G 488 9.56 13.39 29.48
CA GLY G 488 8.41 12.95 28.70
C GLY G 488 7.60 11.89 29.41
N TYR G 489 8.26 10.77 29.74
CA TYR G 489 7.68 9.63 30.44
C TYR G 489 8.75 8.91 31.31
N PRO G 490 8.40 7.87 32.12
CA PRO G 490 9.44 7.21 32.93
C PRO G 490 10.40 6.28 32.17
N ASN G 491 11.68 6.27 32.58
CA ASN G 491 12.74 5.47 31.97
C ASN G 491 13.69 4.88 33.00
N GLN G 492 13.50 5.22 34.27
CA GLN G 492 14.38 4.82 35.36
C GLN G 492 13.65 4.03 36.44
N THR G 493 14.31 2.97 36.95
CA THR G 493 13.78 2.14 38.03
C THR G 493 14.84 1.98 39.13
N ARG G 494 14.49 2.32 40.37
CA ARG G 494 15.35 2.17 41.54
C ARG G 494 14.74 1.13 42.48
N LEU G 495 15.58 0.43 43.24
CA LEU G 495 15.21 -0.53 44.27
C LEU G 495 15.78 0.07 45.56
N VAL G 496 14.88 0.60 46.42
CA VAL G 496 15.26 1.35 47.61
C VAL G 496 14.78 0.71 48.91
N ARG G 497 15.69 0.70 49.88
CA ARG G 497 15.46 0.27 51.24
C ARG G 497 15.05 1.54 51.99
N VAL G 498 13.79 1.58 52.47
CA VAL G 498 13.19 2.71 53.19
C VAL G 498 13.88 2.87 54.54
N SER H 2 -2.07 -20.53 28.34
CA SER H 2 -2.52 -19.86 29.57
C SER H 2 -4.01 -19.62 29.51
N GLN H 3 -4.63 -19.46 30.69
CA GLN H 3 -6.07 -19.19 30.81
C GLN H 3 -6.44 -17.89 30.10
N LEU H 4 -5.55 -16.89 30.21
CA LEU H 4 -5.66 -15.58 29.55
C LEU H 4 -5.76 -15.76 28.06
N GLN H 5 -4.78 -16.49 27.45
CA GLN H 5 -4.70 -16.78 26.01
C GLN H 5 -5.91 -17.54 25.54
N HIS H 6 -6.56 -18.30 26.42
CA HIS H 6 -7.74 -19.09 26.09
C HIS H 6 -8.97 -18.19 26.05
N ASN H 7 -9.11 -17.41 27.11
CA ASN H 7 -10.24 -16.47 27.33
C ASN H 7 -10.30 -15.46 26.17
N ILE H 8 -9.15 -15.01 25.69
CA ILE H 8 -9.18 -14.04 24.55
C ILE H 8 -9.61 -14.78 23.28
N GLY H 9 -9.36 -16.08 23.15
CA GLY H 9 -9.80 -16.77 21.94
C GLY H 9 -11.16 -17.40 22.10
N LEU H 10 -11.99 -16.93 23.04
CA LEU H 10 -13.29 -17.62 23.18
C LEU H 10 -14.20 -17.05 22.09
N SER H 11 -14.98 -17.89 21.43
CA SER H 11 -15.90 -17.44 20.40
C SER H 11 -17.29 -17.60 21.00
N ILE H 12 -17.80 -16.51 21.61
CA ILE H 12 -19.09 -16.47 22.30
C ILE H 12 -20.22 -17.08 21.46
N PHE H 13 -20.28 -16.79 20.16
CA PHE H 13 -21.36 -17.22 19.27
C PHE H 13 -21.01 -18.43 18.36
N GLU H 14 -20.12 -19.33 18.83
CA GLU H 14 -19.75 -20.57 18.12
C GLU H 14 -20.85 -21.61 18.43
N PRO H 15 -21.03 -22.70 17.64
CA PRO H 15 -22.10 -23.66 17.99
C PRO H 15 -21.76 -24.43 19.28
N VAL H 16 -22.75 -24.56 20.19
CA VAL H 16 -22.59 -25.26 21.48
C VAL H 16 -22.48 -26.78 21.30
N ALA H 17 -22.09 -27.49 22.38
CA ALA H 17 -21.94 -28.95 22.41
C ALA H 17 -23.32 -29.59 22.25
N LYS H 18 -23.41 -30.60 21.36
CA LYS H 18 -24.66 -31.29 21.08
C LYS H 18 -25.08 -32.23 22.21
N HIS H 19 -24.14 -32.67 23.07
CA HIS H 19 -24.45 -33.60 24.17
C HIS H 19 -23.90 -33.15 25.51
N ARG H 20 -24.82 -32.86 26.46
CA ARG H 20 -24.58 -32.38 27.83
C ARG H 20 -23.85 -33.43 28.65
N ALA H 21 -22.70 -33.02 29.24
CA ALA H 21 -21.82 -33.86 30.05
C ALA H 21 -22.09 -33.73 31.54
N ASN H 22 -22.40 -32.51 32.01
CA ASN H 22 -22.66 -32.28 33.43
C ASN H 22 -24.02 -32.80 33.84
N ARG H 23 -24.13 -33.20 35.11
CA ARG H 23 -25.34 -33.80 35.65
C ARG H 23 -26.07 -32.92 36.64
N ILE H 24 -27.39 -33.02 36.60
CA ILE H 24 -28.28 -32.21 37.40
C ILE H 24 -28.98 -33.04 38.51
N ILE H 25 -28.91 -32.54 39.79
CA ILE H 25 -29.52 -33.15 40.99
C ILE H 25 -30.61 -32.20 41.50
N CYS H 26 -31.84 -32.73 41.69
CA CYS H 26 -32.99 -31.93 42.15
C CYS H 26 -33.61 -32.54 43.40
N THR H 27 -34.05 -31.68 44.33
CA THR H 27 -34.72 -32.11 45.57
C THR H 27 -36.23 -32.08 45.44
N ILE H 28 -36.84 -33.18 45.78
CA ILE H 28 -38.28 -33.30 45.65
C ILE H 28 -38.99 -32.68 46.86
N GLY H 29 -39.93 -31.82 46.55
CA GLY H 29 -40.79 -31.20 47.54
C GLY H 29 -42.24 -31.16 47.08
N PRO H 30 -43.08 -30.30 47.73
CA PRO H 30 -44.51 -30.22 47.33
C PRO H 30 -44.78 -29.90 45.86
N SER H 31 -43.94 -29.02 45.24
CA SER H 31 -44.05 -28.62 43.84
C SER H 31 -43.78 -29.77 42.84
N THR H 32 -42.89 -30.72 43.21
CA THR H 32 -42.47 -31.78 42.28
C THR H 32 -42.61 -33.25 42.75
N GLN H 33 -43.43 -33.56 43.77
CA GLN H 33 -43.57 -34.95 44.21
C GLN H 33 -44.40 -35.81 43.24
N SER H 34 -45.39 -35.21 42.53
CA SER H 34 -46.26 -35.91 41.58
C SER H 34 -45.50 -36.50 40.39
N VAL H 35 -45.94 -37.68 39.91
CA VAL H 35 -45.35 -38.42 38.79
C VAL H 35 -45.23 -37.52 37.54
N GLU H 36 -46.26 -36.70 37.25
CA GLU H 36 -46.29 -35.76 36.13
C GLU H 36 -45.20 -34.69 36.26
N ALA H 37 -45.00 -34.15 37.50
CA ALA H 37 -43.99 -33.13 37.81
C ALA H 37 -42.58 -33.70 37.71
N LEU H 38 -42.40 -34.98 38.13
CA LEU H 38 -41.12 -35.68 38.07
C LEU H 38 -40.78 -36.00 36.63
N LYS H 39 -41.79 -36.44 35.83
CA LYS H 39 -41.61 -36.72 34.40
C LYS H 39 -41.15 -35.45 33.68
N GLY H 40 -41.69 -34.31 34.12
CA GLY H 40 -41.35 -32.99 33.62
C GLY H 40 -39.93 -32.62 33.97
N LEU H 41 -39.52 -32.84 35.24
CA LEU H 41 -38.15 -32.57 35.70
C LEU H 41 -37.17 -33.39 34.90
N MET H 42 -37.45 -34.68 34.74
CA MET H 42 -36.65 -35.62 33.95
C MET H 42 -36.48 -35.04 32.53
N LYS H 43 -37.60 -34.75 31.87
CA LYS H 43 -37.58 -34.21 30.50
C LYS H 43 -36.84 -32.88 30.48
N SER H 44 -36.59 -32.31 31.66
CA SER H 44 -35.87 -31.01 31.73
C SER H 44 -34.35 -31.25 31.73
N GLY H 45 -33.90 -32.24 32.51
CA GLY H 45 -32.46 -32.59 32.56
C GLY H 45 -32.09 -33.28 33.85
N MET H 46 -33.04 -33.42 34.77
CA MET H 46 -32.78 -34.05 36.09
C MET H 46 -32.20 -35.46 35.89
N SER H 47 -31.20 -35.80 36.68
CA SER H 47 -30.48 -37.10 36.62
C SER H 47 -30.57 -37.83 37.96
N VAL H 48 -30.46 -37.09 39.06
CA VAL H 48 -30.56 -37.62 40.42
C VAL H 48 -31.73 -36.92 41.10
N ALA H 49 -32.57 -37.67 41.82
CA ALA H 49 -33.68 -37.14 42.59
C ALA H 49 -33.29 -37.29 44.06
N ARG H 50 -33.14 -36.15 44.73
CA ARG H 50 -32.73 -36.07 46.13
C ARG H 50 -33.93 -36.05 47.07
N MET H 51 -33.76 -36.62 48.26
CA MET H 51 -34.76 -36.65 49.33
C MET H 51 -34.11 -36.06 50.56
N ASN H 52 -34.52 -34.85 50.99
CA ASN H 52 -33.94 -34.28 52.21
C ASN H 52 -34.64 -34.88 53.40
N PHE H 53 -33.95 -35.74 54.15
CA PHE H 53 -34.50 -36.46 55.31
C PHE H 53 -34.54 -35.60 56.59
N SER H 54 -34.10 -34.33 56.50
CA SER H 54 -34.18 -33.36 57.60
C SER H 54 -35.67 -33.05 57.87
N HIS H 55 -36.51 -33.18 56.82
CA HIS H 55 -37.95 -32.94 56.85
C HIS H 55 -38.69 -34.06 56.13
N GLY H 56 -39.74 -34.59 56.76
CA GLY H 56 -40.60 -35.61 56.16
C GLY H 56 -40.62 -36.96 56.83
N SER H 57 -41.82 -37.59 56.87
CA SER H 57 -42.04 -38.94 57.42
C SER H 57 -41.56 -39.97 56.40
N TYR H 58 -41.35 -41.21 56.82
CA TYR H 58 -40.92 -42.22 55.85
C TYR H 58 -41.99 -42.50 54.80
N GLU H 59 -43.29 -42.32 55.14
CA GLU H 59 -44.44 -42.48 54.22
C GLU H 59 -44.33 -41.47 53.07
N TYR H 60 -43.97 -40.21 53.41
CA TYR H 60 -43.74 -39.11 52.47
C TYR H 60 -42.56 -39.43 51.57
N HIS H 61 -41.48 -39.99 52.15
CA HIS H 61 -40.28 -40.34 51.39
C HIS H 61 -40.47 -41.62 50.58
N GLN H 62 -41.44 -42.48 50.96
CA GLN H 62 -41.79 -43.69 50.20
C GLN H 62 -42.50 -43.24 48.91
N THR H 63 -43.36 -42.20 49.02
CA THR H 63 -44.10 -41.60 47.91
C THR H 63 -43.10 -41.07 46.87
N THR H 64 -42.06 -40.33 47.32
CA THR H 64 -41.02 -39.81 46.40
C THR H 64 -40.32 -40.96 45.68
N ILE H 65 -39.94 -42.03 46.42
CA ILE H 65 -39.30 -43.22 45.86
C ILE H 65 -40.17 -43.83 44.75
N ASN H 66 -41.40 -44.27 45.12
CA ASN H 66 -42.35 -44.90 44.20
C ASN H 66 -42.69 -44.05 42.99
N ASN H 67 -42.84 -42.73 43.18
CA ASN H 67 -43.12 -41.80 42.09
C ASN H 67 -41.93 -41.60 41.15
N VAL H 68 -40.69 -41.57 41.69
CA VAL H 68 -39.50 -41.42 40.86
C VAL H 68 -39.32 -42.65 39.98
N ARG H 69 -39.56 -43.84 40.56
CA ARG H 69 -39.45 -45.11 39.86
C ARG H 69 -40.53 -45.23 38.78
N ALA H 70 -41.76 -44.75 39.06
CA ALA H 70 -42.87 -44.74 38.12
C ALA H 70 -42.57 -43.81 36.94
N ALA H 71 -42.23 -42.52 37.22
CA ALA H 71 -41.90 -41.48 36.23
C ALA H 71 -40.73 -41.92 35.32
N ALA H 72 -39.63 -42.44 35.91
CA ALA H 72 -38.46 -42.96 35.19
C ALA H 72 -38.83 -44.14 34.31
N ALA H 73 -39.72 -45.04 34.80
CA ALA H 73 -40.17 -46.21 34.06
C ALA H 73 -40.93 -45.83 32.78
N GLU H 74 -41.82 -44.81 32.87
CA GLU H 74 -42.62 -44.29 31.74
C GLU H 74 -41.71 -43.73 30.64
N LEU H 75 -40.69 -42.95 31.05
CA LEU H 75 -39.72 -42.30 30.19
C LEU H 75 -38.55 -43.21 29.80
N GLY H 76 -38.52 -44.41 30.37
CA GLY H 76 -37.48 -45.41 30.13
C GLY H 76 -36.10 -44.95 30.55
N LEU H 77 -36.03 -44.27 31.70
CA LEU H 77 -34.79 -43.75 32.27
C LEU H 77 -34.38 -44.49 33.54
N HIS H 78 -33.09 -44.41 33.88
CA HIS H 78 -32.51 -44.97 35.10
C HIS H 78 -31.99 -43.76 35.89
N ILE H 79 -32.89 -43.12 36.64
CA ILE H 79 -32.61 -41.92 37.45
C ILE H 79 -32.28 -42.36 38.88
N GLY H 80 -31.17 -41.87 39.41
CA GLY H 80 -30.71 -42.22 40.75
C GLY H 80 -31.49 -41.54 41.86
N ILE H 81 -31.70 -42.27 42.98
CA ILE H 81 -32.39 -41.73 44.18
C ILE H 81 -31.33 -41.57 45.27
N ALA H 82 -31.20 -40.34 45.80
CA ALA H 82 -30.24 -40.00 46.83
C ALA H 82 -30.94 -39.70 48.16
N LEU H 83 -30.49 -40.36 49.24
CA LEU H 83 -31.04 -40.15 50.58
C LEU H 83 -30.12 -39.18 51.31
N ASP H 84 -30.60 -37.94 51.51
CA ASP H 84 -29.81 -36.92 52.19
C ASP H 84 -30.20 -36.92 53.65
N THR H 85 -29.35 -37.54 54.46
CA THR H 85 -29.50 -37.70 55.91
C THR H 85 -29.73 -36.36 56.65
N LYS H 86 -30.37 -36.41 57.83
CA LYS H 86 -30.56 -35.23 58.65
C LYS H 86 -29.17 -34.87 59.24
N GLY H 87 -28.49 -35.86 59.82
CA GLY H 87 -27.13 -35.71 60.37
C GLY H 87 -27.03 -35.09 61.75
N PRO H 88 -25.79 -34.74 62.18
CA PRO H 88 -25.59 -34.17 63.53
C PRO H 88 -25.63 -32.64 63.64
N GLU H 89 -26.85 -32.05 63.60
CA GLU H 89 -27.12 -30.61 63.77
C GLU H 89 -28.62 -30.36 64.08
N ILE H 90 -28.93 -29.15 64.60
CA ILE H 90 -30.27 -28.68 64.99
C ILE H 90 -31.19 -28.41 63.79
N ARG H 91 -32.49 -28.30 64.05
CA ARG H 91 -33.45 -28.07 62.93
C ARG H 91 -34.54 -27.08 63.33
N THR H 92 -34.61 -26.74 64.62
CA THR H 92 -35.59 -25.79 65.19
C THR H 92 -37.00 -26.32 64.93
N GLY H 93 -37.82 -25.57 64.20
CA GLY H 93 -39.20 -26.01 63.93
C GLY H 93 -40.15 -25.44 64.97
N LEU H 94 -41.46 -25.66 64.79
CA LEU H 94 -42.51 -25.14 65.71
C LEU H 94 -42.12 -25.41 67.17
N THR H 112 -34.94 -25.26 77.76
CA THR H 112 -35.30 -26.06 76.60
C THR H 112 -36.17 -27.25 77.01
N ASP H 113 -37.49 -27.14 76.80
CA ASP H 113 -38.48 -28.17 77.12
C ASP H 113 -39.41 -28.41 75.90
N PRO H 114 -39.31 -29.58 75.21
CA PRO H 114 -40.18 -29.81 74.04
C PRO H 114 -41.63 -30.11 74.42
N PHE H 125 -37.11 -20.00 70.61
CA PHE H 125 -38.17 -20.63 71.39
C PHE H 125 -37.75 -22.04 71.80
N TYR H 126 -37.71 -22.95 70.82
CA TYR H 126 -37.22 -24.33 71.12
C TYR H 126 -36.48 -24.89 69.90
N VAL H 127 -35.25 -25.34 70.15
CA VAL H 127 -34.36 -25.91 69.10
C VAL H 127 -34.11 -27.39 69.41
N ASP H 128 -33.46 -28.10 68.49
CA ASP H 128 -33.16 -29.54 68.60
C ASP H 128 -31.91 -29.81 69.46
N TYR H 129 -31.23 -28.76 69.95
CA TYR H 129 -30.00 -28.94 70.76
C TYR H 129 -30.25 -28.65 72.23
N PRO H 130 -30.39 -29.67 73.09
CA PRO H 130 -30.59 -29.46 74.52
C PRO H 130 -29.37 -28.81 75.15
N GLN H 131 -28.23 -29.49 75.20
CA GLN H 131 -27.01 -28.92 75.83
C GLN H 131 -26.64 -27.62 75.12
N LEU H 132 -27.07 -26.48 75.66
CA LEU H 132 -26.77 -25.17 75.04
C LEU H 132 -26.07 -24.26 76.07
N PRO H 133 -26.67 -24.07 77.26
CA PRO H 133 -26.19 -23.17 78.33
C PRO H 133 -24.69 -22.90 78.44
N ASN H 134 -23.87 -23.92 78.28
CA ASN H 134 -22.41 -23.82 78.37
C ASN H 134 -21.83 -23.43 77.02
N VAL H 135 -22.44 -23.95 75.93
CA VAL H 135 -22.05 -23.75 74.54
C VAL H 135 -22.17 -22.26 74.11
N VAL H 136 -23.29 -21.59 74.45
CA VAL H 136 -23.50 -20.17 74.13
C VAL H 136 -22.79 -19.31 75.20
N ARG H 137 -21.45 -19.42 75.21
CA ARG H 137 -20.57 -18.75 76.19
C ARG H 137 -20.73 -17.23 76.13
N PRO H 138 -20.78 -16.53 77.29
CA PRO H 138 -20.93 -15.08 77.32
C PRO H 138 -19.58 -14.36 77.16
N TYR H 143 -27.20 -17.69 65.62
CA TYR H 143 -27.32 -17.90 64.16
C TYR H 143 -28.57 -18.74 63.88
N VAL H 144 -29.27 -18.49 62.77
CA VAL H 144 -30.50 -19.27 62.46
C VAL H 144 -30.73 -19.26 60.94
N ASP H 145 -31.12 -20.41 60.38
CA ASP H 145 -31.32 -20.56 58.92
C ASP H 145 -30.06 -20.04 58.24
N ASP H 146 -30.17 -18.92 57.53
CA ASP H 146 -29.01 -18.26 56.87
C ASP H 146 -29.30 -16.76 56.90
N GLY H 147 -28.64 -16.04 57.81
CA GLY H 147 -28.89 -14.60 57.90
C GLY H 147 -30.23 -14.29 58.55
N VAL H 148 -30.27 -14.41 59.88
CA VAL H 148 -31.49 -14.08 60.70
C VAL H 148 -30.97 -13.37 61.95
N LEU H 149 -29.93 -13.93 62.56
CA LEU H 149 -29.29 -13.29 63.74
C LEU H 149 -27.87 -13.84 63.91
N THR H 150 -27.33 -13.74 65.11
CA THR H 150 -25.95 -14.12 65.46
C THR H 150 -25.99 -14.75 66.90
N LEU H 151 -24.87 -14.70 67.67
CA LEU H 151 -24.79 -15.27 69.02
C LEU H 151 -24.17 -14.37 70.13
N ARG H 152 -24.31 -13.02 70.02
CA ARG H 152 -23.79 -12.04 70.96
C ARG H 152 -24.47 -12.40 72.29
N VAL H 153 -23.69 -13.01 73.21
CA VAL H 153 -24.16 -13.49 74.52
C VAL H 153 -23.65 -12.52 75.59
N LEU H 154 -24.36 -12.50 76.75
CA LEU H 154 -24.05 -11.68 77.92
C LEU H 154 -24.81 -12.16 79.16
N ASN H 167 -30.14 -5.70 66.97
CA ASN H 167 -28.93 -5.69 66.15
C ASN H 167 -29.20 -6.40 64.82
N ASN H 168 -28.65 -7.62 64.62
CA ASN H 168 -28.90 -8.42 63.42
C ASN H 168 -30.33 -9.00 63.48
N HIS H 169 -31.28 -8.18 63.00
CA HIS H 169 -32.72 -8.46 62.88
C HIS H 169 -33.05 -8.23 61.41
N HIS H 170 -33.82 -9.15 60.80
CA HIS H 170 -34.17 -9.03 59.39
C HIS H 170 -35.67 -9.24 59.12
N ARG H 171 -36.25 -10.31 59.66
CA ARG H 171 -37.66 -10.65 59.45
C ARG H 171 -38.27 -11.33 60.67
N ASN H 179 -27.48 -22.72 63.09
CA ASN H 179 -26.07 -23.11 63.22
C ASN H 179 -25.35 -22.26 64.29
N LEU H 180 -24.46 -22.91 65.08
CA LEU H 180 -23.63 -22.25 66.12
C LEU H 180 -22.19 -22.74 65.93
N PRO H 181 -21.39 -22.01 65.11
CA PRO H 181 -20.01 -22.47 64.81
C PRO H 181 -18.93 -22.17 65.88
N GLY H 182 -17.71 -22.63 65.59
CA GLY H 182 -16.49 -22.45 66.39
C GLY H 182 -16.51 -22.92 67.83
N CYS H 183 -17.40 -23.87 68.18
CA CYS H 183 -17.55 -24.36 69.54
C CYS H 183 -17.54 -25.90 69.67
N GLU H 184 -17.76 -26.38 70.92
CA GLU H 184 -17.84 -27.79 71.32
C GLU H 184 -19.31 -28.28 71.23
N VAL H 185 -19.86 -28.23 69.99
CA VAL H 185 -21.21 -28.69 69.64
C VAL H 185 -21.17 -30.21 69.48
N ASP H 186 -21.85 -30.93 70.40
CA ASP H 186 -21.83 -32.38 70.36
C ASP H 186 -23.19 -32.96 70.08
N LEU H 187 -23.43 -33.20 68.78
CA LEU H 187 -24.60 -33.85 68.22
C LEU H 187 -24.12 -35.18 67.66
N PRO H 188 -24.85 -36.29 67.90
CA PRO H 188 -24.36 -37.61 67.48
C PRO H 188 -24.10 -37.80 65.99
N ALA H 189 -22.85 -38.18 65.67
CA ALA H 189 -22.29 -38.46 64.33
C ALA H 189 -23.21 -39.41 63.53
N VAL H 190 -23.74 -40.46 64.21
CA VAL H 190 -24.70 -41.45 63.70
C VAL H 190 -25.77 -41.69 64.80
N SER H 191 -26.70 -40.73 64.89
CA SER H 191 -27.80 -40.72 65.85
C SER H 191 -28.79 -41.85 65.56
N GLU H 192 -29.69 -42.12 66.52
CA GLU H 192 -30.72 -43.16 66.43
C GLU H 192 -31.63 -42.98 65.21
N LYS H 193 -32.04 -41.71 64.95
CA LYS H 193 -32.91 -41.35 63.82
C LYS H 193 -32.21 -41.66 62.51
N ASP H 194 -30.92 -41.31 62.41
CA ASP H 194 -30.11 -41.52 61.21
C ASP H 194 -29.80 -42.99 60.91
N ARG H 195 -29.52 -43.81 61.94
CA ARG H 195 -29.20 -45.23 61.74
C ARG H 195 -30.35 -46.00 61.05
N LYS H 196 -31.62 -45.69 61.43
CA LYS H 196 -32.86 -46.25 60.87
C LYS H 196 -33.29 -45.56 59.55
N ASP H 197 -32.84 -44.28 59.34
CA ASP H 197 -33.08 -43.46 58.15
C ASP H 197 -32.34 -44.15 57.02
N LEU H 198 -31.12 -44.60 57.34
CA LEU H 198 -30.22 -45.34 56.45
C LEU H 198 -30.73 -46.74 56.24
N GLN H 199 -31.25 -47.39 57.30
CA GLN H 199 -31.84 -48.73 57.25
C GLN H 199 -33.06 -48.74 56.33
N PHE H 200 -33.82 -47.62 56.32
CA PHE H 200 -34.99 -47.47 55.45
C PHE H 200 -34.53 -47.40 54.01
N GLY H 201 -33.54 -46.55 53.75
CA GLY H 201 -32.96 -46.35 52.43
C GLY H 201 -32.50 -47.65 51.78
N VAL H 202 -31.68 -48.41 52.52
CA VAL H 202 -31.13 -49.70 52.11
C VAL H 202 -32.27 -50.68 51.77
N GLU H 203 -33.27 -50.80 52.67
CA GLU H 203 -34.45 -51.65 52.50
C GLU H 203 -35.26 -51.22 51.26
N GLN H 204 -35.21 -49.91 50.90
CA GLN H 204 -35.91 -49.35 49.74
C GLN H 204 -35.15 -49.50 48.45
N GLY H 205 -33.84 -49.48 48.53
CA GLY H 205 -32.98 -49.60 47.36
C GLY H 205 -32.49 -48.26 46.85
N VAL H 206 -32.22 -47.30 47.78
CA VAL H 206 -31.69 -45.99 47.41
C VAL H 206 -30.30 -46.23 46.86
N ASP H 207 -29.96 -45.49 45.81
CA ASP H 207 -28.71 -45.67 45.08
C ASP H 207 -27.49 -45.07 45.77
N MET H 208 -27.64 -43.92 46.42
CA MET H 208 -26.53 -43.24 47.10
C MET H 208 -27.02 -42.52 48.36
N ILE H 209 -26.08 -42.27 49.27
CA ILE H 209 -26.35 -41.58 50.52
C ILE H 209 -25.57 -40.27 50.52
N PHE H 210 -26.24 -39.17 50.89
CA PHE H 210 -25.63 -37.85 51.00
C PHE H 210 -25.48 -37.58 52.50
N ALA H 211 -24.38 -38.09 53.09
CA ALA H 211 -24.06 -38.01 54.51
C ALA H 211 -23.82 -36.57 54.99
N SER H 212 -24.71 -36.08 55.87
CA SER H 212 -24.70 -34.73 56.40
C SER H 212 -23.75 -34.49 57.56
N PHE H 213 -23.04 -33.33 57.54
CA PHE H 213 -22.04 -32.85 58.51
C PHE H 213 -20.96 -33.88 58.80
N ILE H 214 -20.18 -34.21 57.76
CA ILE H 214 -19.08 -35.15 57.89
C ILE H 214 -17.88 -34.38 58.39
N ARG H 215 -17.38 -34.79 59.58
CA ARG H 215 -16.25 -34.12 60.21
C ARG H 215 -14.97 -34.92 60.13
N THR H 216 -15.06 -36.28 60.17
CA THR H 216 -13.92 -37.21 60.14
C THR H 216 -14.12 -38.37 59.16
N ALA H 217 -12.99 -39.00 58.75
CA ALA H 217 -12.99 -40.15 57.86
C ALA H 217 -13.58 -41.38 58.56
N ASP H 218 -13.48 -41.41 59.91
CA ASP H 218 -14.01 -42.48 60.75
C ASP H 218 -15.52 -42.44 60.75
N GLN H 219 -16.12 -41.22 60.63
CA GLN H 219 -17.57 -41.02 60.54
C GLN H 219 -18.12 -41.66 59.25
N VAL H 220 -17.36 -41.56 58.13
CA VAL H 220 -17.72 -42.14 56.82
C VAL H 220 -17.77 -43.67 56.96
N ARG H 221 -16.80 -44.25 57.69
CA ARG H 221 -16.70 -45.68 57.99
C ARG H 221 -17.87 -46.13 58.89
N GLU H 222 -18.39 -45.21 59.74
CA GLU H 222 -19.54 -45.40 60.64
C GLU H 222 -20.81 -45.49 59.80
N VAL H 223 -20.91 -44.63 58.74
CA VAL H 223 -22.07 -44.63 57.85
C VAL H 223 -22.00 -45.83 56.88
N ARG H 224 -20.77 -46.30 56.54
CA ARG H 224 -20.58 -47.49 55.69
C ARG H 224 -20.96 -48.78 56.42
N ALA H 225 -20.80 -48.79 57.76
CA ALA H 225 -21.15 -49.88 58.66
C ALA H 225 -22.66 -49.88 58.94
N ALA H 226 -23.31 -48.68 58.92
CA ALA H 226 -24.75 -48.51 59.11
C ALA H 226 -25.54 -49.17 57.97
N LEU H 227 -24.89 -49.34 56.78
CA LEU H 227 -25.45 -49.99 55.58
C LEU H 227 -25.30 -51.51 55.67
N GLY H 228 -24.12 -51.98 56.09
CA GLY H 228 -23.82 -53.41 56.24
C GLY H 228 -23.58 -53.99 54.85
N GLU H 229 -23.99 -55.26 54.66
CA GLU H 229 -23.81 -56.01 53.41
C GLU H 229 -25.01 -56.20 52.45
N LYS H 230 -26.25 -55.91 52.92
CA LYS H 230 -27.49 -56.04 52.14
C LYS H 230 -27.51 -55.02 51.00
N GLY H 231 -27.02 -53.82 51.29
CA GLY H 231 -26.86 -52.73 50.35
C GLY H 231 -25.43 -52.23 50.36
N LYS H 232 -24.45 -53.17 50.41
CA LYS H 232 -23.00 -52.89 50.49
C LYS H 232 -22.50 -51.97 49.37
N ASP H 233 -23.10 -52.14 48.18
CA ASP H 233 -22.77 -51.41 46.97
C ASP H 233 -23.31 -49.96 46.94
N THR H 234 -24.10 -49.52 47.95
CA THR H 234 -24.61 -48.13 47.98
C THR H 234 -23.46 -47.11 48.10
N LEU H 235 -23.51 -46.02 47.32
CA LEU H 235 -22.48 -44.97 47.36
C LEU H 235 -22.63 -44.04 48.57
N ILE H 236 -21.49 -43.50 49.05
CA ILE H 236 -21.44 -42.56 50.17
C ILE H 236 -20.82 -41.24 49.71
N ILE H 237 -21.67 -40.23 49.50
CA ILE H 237 -21.27 -38.89 49.09
C ILE H 237 -21.27 -38.04 50.36
N SER H 238 -20.08 -37.69 50.84
CA SER H 238 -19.95 -36.92 52.07
C SER H 238 -20.16 -35.43 51.86
N LYS H 239 -20.99 -34.83 52.72
CA LYS H 239 -21.30 -33.40 52.66
C LYS H 239 -20.36 -32.58 53.55
N ILE H 240 -19.58 -31.71 52.93
CA ILE H 240 -18.66 -30.83 53.65
C ILE H 240 -19.40 -29.51 53.90
N GLU H 241 -19.72 -29.23 55.17
CA GLU H 241 -20.47 -28.03 55.54
C GLU H 241 -20.02 -27.40 56.87
N ASN H 242 -18.80 -27.75 57.33
CA ASN H 242 -18.18 -27.24 58.56
C ASN H 242 -16.68 -27.03 58.38
N HIS H 243 -16.03 -26.33 59.33
CA HIS H 243 -14.59 -26.08 59.31
C HIS H 243 -13.77 -27.38 59.36
N GLN H 244 -14.17 -28.35 60.22
CA GLN H 244 -13.50 -29.66 60.38
C GLN H 244 -13.50 -30.47 59.07
N GLY H 245 -14.65 -30.46 58.38
CA GLY H 245 -14.91 -31.17 57.12
C GLY H 245 -14.08 -30.70 55.96
N VAL H 246 -13.65 -29.42 56.00
CA VAL H 246 -12.77 -28.76 55.03
C VAL H 246 -11.33 -29.11 55.40
N GLN H 247 -11.00 -29.05 56.70
CA GLN H 247 -9.69 -29.34 57.26
C GLN H 247 -9.26 -30.81 57.05
N ASN H 248 -10.21 -31.75 57.15
CA ASN H 248 -9.98 -33.19 56.98
C ASN H 248 -10.46 -33.69 55.63
N ILE H 249 -10.49 -32.81 54.62
CA ILE H 249 -11.00 -33.13 53.28
C ILE H 249 -10.29 -34.35 52.64
N ASP H 250 -8.95 -34.44 52.70
CA ASP H 250 -8.20 -35.55 52.10
C ASP H 250 -8.58 -36.93 52.64
N ALA H 251 -8.71 -37.06 53.97
CA ALA H 251 -9.08 -38.28 54.68
C ALA H 251 -10.52 -38.68 54.31
N ILE H 252 -11.43 -37.69 54.34
CA ILE H 252 -12.84 -37.84 54.01
C ILE H 252 -13.01 -38.29 52.54
N ILE H 253 -12.23 -37.74 51.59
CA ILE H 253 -12.32 -38.14 50.17
C ILE H 253 -11.95 -39.62 50.01
N GLU H 254 -10.78 -40.04 50.53
CA GLU H 254 -10.33 -41.43 50.46
C GLU H 254 -11.42 -42.40 50.96
N ALA H 255 -12.06 -42.04 52.08
CA ALA H 255 -13.12 -42.79 52.75
C ALA H 255 -14.45 -42.82 51.98
N SER H 256 -14.78 -41.72 51.25
CA SER H 256 -16.03 -41.58 50.51
C SER H 256 -15.97 -42.10 49.07
N ASP H 257 -17.13 -42.12 48.40
CA ASP H 257 -17.29 -42.53 47.00
C ASP H 257 -17.37 -41.28 46.12
N GLY H 258 -17.64 -40.15 46.78
CA GLY H 258 -17.78 -38.83 46.19
C GLY H 258 -17.99 -37.78 47.28
N ILE H 259 -17.99 -36.50 46.91
CA ILE H 259 -18.13 -35.37 47.86
C ILE H 259 -19.18 -34.35 47.40
N MET H 260 -19.87 -33.73 48.35
CA MET H 260 -20.85 -32.69 48.04
C MET H 260 -20.42 -31.44 48.77
N VAL H 261 -20.25 -30.33 48.04
CA VAL H 261 -19.88 -29.03 48.62
C VAL H 261 -21.22 -28.39 49.08
N ALA H 262 -21.70 -28.81 50.26
CA ALA H 262 -22.95 -28.32 50.82
C ALA H 262 -22.68 -26.87 51.29
N ARG H 263 -22.85 -25.92 50.37
CA ARG H 263 -22.54 -24.52 50.62
C ARG H 263 -23.43 -23.82 51.66
N GLY H 264 -24.66 -24.32 51.81
CA GLY H 264 -25.65 -23.75 52.73
C GLY H 264 -25.09 -23.58 54.12
N ASP H 265 -24.81 -24.70 54.80
CA ASP H 265 -24.27 -24.67 56.14
C ASP H 265 -22.79 -24.28 56.16
N LEU H 266 -22.07 -24.51 55.06
CA LEU H 266 -20.64 -24.15 54.99
C LEU H 266 -20.45 -22.64 55.04
N GLY H 267 -21.33 -21.89 54.35
CA GLY H 267 -21.31 -20.43 54.30
C GLY H 267 -21.61 -19.76 55.62
N VAL H 268 -22.19 -20.52 56.59
CA VAL H 268 -22.53 -20.02 57.94
C VAL H 268 -21.48 -20.50 58.97
N GLU H 269 -20.88 -21.71 58.78
CA GLU H 269 -19.86 -22.31 59.65
C GLU H 269 -18.48 -21.68 59.41
N ILE H 270 -18.20 -21.24 58.15
CA ILE H 270 -16.97 -20.55 57.71
C ILE H 270 -17.38 -19.18 57.06
N PRO H 271 -16.51 -18.13 56.98
CA PRO H 271 -16.95 -16.88 56.36
C PRO H 271 -17.44 -17.07 54.94
N ALA H 272 -18.48 -16.34 54.55
CA ALA H 272 -19.12 -16.40 53.23
C ALA H 272 -18.14 -16.32 52.05
N GLU H 273 -17.13 -15.42 52.14
CA GLU H 273 -16.13 -15.23 51.10
C GLU H 273 -15.20 -16.45 50.92
N LYS H 274 -14.96 -17.21 52.00
CA LYS H 274 -14.08 -18.37 52.02
C LYS H 274 -14.67 -19.57 51.29
N VAL H 275 -16.01 -19.62 51.12
CA VAL H 275 -16.71 -20.74 50.45
C VAL H 275 -16.23 -20.91 49.00
N VAL H 276 -15.98 -19.79 48.26
CA VAL H 276 -15.48 -19.84 46.87
C VAL H 276 -14.17 -20.62 46.80
N VAL H 277 -13.18 -20.22 47.60
CA VAL H 277 -11.86 -20.85 47.71
C VAL H 277 -12.01 -22.32 48.14
N ALA H 278 -12.89 -22.59 49.12
CA ALA H 278 -13.19 -23.93 49.62
C ALA H 278 -13.78 -24.83 48.52
N GLN H 279 -14.68 -24.29 47.70
CA GLN H 279 -15.32 -24.98 46.58
C GLN H 279 -14.29 -25.40 45.52
N MET H 280 -13.47 -24.44 45.07
CA MET H 280 -12.42 -24.64 44.07
C MET H 280 -11.48 -25.74 44.50
N CYS H 281 -10.97 -25.63 45.74
CA CYS H 281 -10.03 -26.54 46.36
C CYS H 281 -10.55 -27.97 46.50
N ILE H 282 -11.76 -28.16 47.06
CA ILE H 282 -12.23 -29.51 47.30
C ILE H 282 -12.72 -30.17 45.98
N ILE H 283 -13.25 -29.37 44.99
CA ILE H 283 -13.65 -29.87 43.65
C ILE H 283 -12.41 -30.42 42.90
N SER H 284 -11.29 -29.66 42.92
CA SER H 284 -10.00 -29.98 42.32
C SER H 284 -9.38 -31.21 42.99
N LYS H 285 -9.50 -31.33 44.35
CA LYS H 285 -9.02 -32.47 45.14
C LYS H 285 -9.72 -33.78 44.75
N CYS H 286 -11.02 -33.70 44.34
CA CYS H 286 -11.84 -34.82 43.89
C CYS H 286 -11.44 -35.32 42.51
N ASN H 287 -11.33 -34.41 41.52
CA ASN H 287 -10.99 -34.68 40.11
C ASN H 287 -9.66 -35.43 39.96
N VAL H 288 -8.65 -35.04 40.75
CA VAL H 288 -7.34 -35.70 40.74
C VAL H 288 -7.50 -37.12 41.35
N ALA H 289 -8.38 -37.28 42.36
CA ALA H 289 -8.65 -38.56 43.02
C ALA H 289 -9.62 -39.46 42.24
N GLY H 290 -10.29 -38.87 41.24
CA GLY H 290 -11.23 -39.52 40.33
C GLY H 290 -12.54 -39.93 40.96
N LYS H 291 -13.17 -38.99 41.71
CA LYS H 291 -14.45 -39.19 42.42
C LYS H 291 -15.48 -38.05 42.17
N PRO H 292 -16.80 -38.34 42.22
CA PRO H 292 -17.80 -37.30 41.93
C PRO H 292 -17.92 -36.18 42.96
N VAL H 293 -17.84 -34.92 42.49
CA VAL H 293 -18.01 -33.77 43.36
C VAL H 293 -19.17 -32.92 42.86
N ILE H 294 -20.15 -32.70 43.75
CA ILE H 294 -21.39 -31.95 43.52
C ILE H 294 -21.28 -30.54 44.16
N CYS H 295 -21.76 -29.50 43.44
CA CYS H 295 -21.89 -28.12 43.94
C CYS H 295 -23.31 -28.08 44.51
N ALA H 296 -23.65 -27.23 45.50
CA ALA H 296 -24.98 -27.48 46.04
C ALA H 296 -25.93 -26.32 46.37
N THR H 297 -25.50 -25.21 46.97
CA THR H 297 -26.60 -24.33 47.39
C THR H 297 -26.60 -22.94 46.78
N GLN H 298 -27.86 -22.45 46.60
CA GLN H 298 -28.30 -21.15 46.09
C GLN H 298 -27.87 -21.01 44.63
N MET H 299 -27.76 -22.13 43.92
CA MET H 299 -27.35 -22.21 42.51
C MET H 299 -28.13 -21.24 41.60
N LEU H 300 -29.48 -21.35 41.65
CA LEU H 300 -30.43 -20.50 40.92
C LEU H 300 -31.60 -20.11 41.83
N GLU H 301 -31.29 -19.72 43.09
CA GLU H 301 -32.23 -19.35 44.15
C GLU H 301 -33.37 -18.40 43.72
N SER H 302 -33.07 -17.34 42.92
CA SER H 302 -34.11 -16.38 42.47
C SER H 302 -35.24 -17.04 41.67
N MET H 303 -34.94 -18.17 41.01
CA MET H 303 -35.90 -18.88 40.16
C MET H 303 -36.97 -19.67 40.96
N THR H 304 -36.95 -19.56 42.32
CA THR H 304 -37.97 -20.14 43.20
C THR H 304 -39.27 -19.29 43.01
N THR H 305 -39.10 -18.00 42.67
CA THR H 305 -40.18 -17.02 42.48
C THR H 305 -40.16 -16.31 41.11
N ASN H 306 -39.02 -16.30 40.40
CA ASN H 306 -38.89 -15.61 39.09
C ASN H 306 -38.68 -16.56 37.88
N PRO H 307 -39.11 -16.18 36.65
CA PRO H 307 -38.93 -17.10 35.50
C PRO H 307 -37.53 -17.06 34.88
N ARG H 308 -36.69 -16.15 35.39
CA ARG H 308 -35.32 -15.96 34.93
C ARG H 308 -34.34 -15.73 36.11
N PRO H 309 -33.08 -16.23 36.03
CA PRO H 309 -32.15 -15.99 37.15
C PRO H 309 -31.36 -14.68 37.01
N THR H 310 -30.73 -14.26 38.12
CA THR H 310 -29.90 -13.05 38.15
C THR H 310 -28.61 -13.32 37.38
N ARG H 311 -27.87 -12.26 37.00
CA ARG H 311 -26.61 -12.44 36.27
C ARG H 311 -25.58 -13.18 37.11
N ALA H 312 -25.73 -13.14 38.46
CA ALA H 312 -24.91 -13.81 39.45
C ALA H 312 -25.14 -15.32 39.45
N GLU H 313 -26.42 -15.73 39.38
CA GLU H 313 -26.85 -17.13 39.41
C GLU H 313 -26.38 -17.92 38.17
N VAL H 314 -26.28 -17.25 37.01
CA VAL H 314 -25.79 -17.85 35.76
C VAL H 314 -24.27 -18.04 35.87
N THR H 315 -23.53 -17.04 36.39
CA THR H 315 -22.08 -17.17 36.53
C THR H 315 -21.71 -18.17 37.63
N ASP H 316 -22.59 -18.37 38.63
CA ASP H 316 -22.35 -19.34 39.70
C ASP H 316 -22.42 -20.80 39.18
N VAL H 317 -23.46 -21.13 38.36
CA VAL H 317 -23.65 -22.44 37.75
C VAL H 317 -22.50 -22.74 36.75
N ALA H 318 -22.15 -21.75 35.91
CA ALA H 318 -21.07 -21.86 34.93
C ALA H 318 -19.73 -22.12 35.60
N ASN H 319 -19.40 -21.34 36.65
CA ASN H 319 -18.13 -21.52 37.35
C ASN H 319 -18.06 -22.82 38.12
N ALA H 320 -19.21 -23.38 38.57
CA ALA H 320 -19.22 -24.68 39.25
C ALA H 320 -18.74 -25.74 38.22
N VAL H 321 -19.18 -25.59 36.95
CA VAL H 321 -18.80 -26.45 35.83
C VAL H 321 -17.32 -26.21 35.52
N PHE H 322 -16.92 -24.92 35.35
CA PHE H 322 -15.54 -24.49 35.07
C PHE H 322 -14.54 -25.00 36.10
N ASN H 323 -14.93 -25.02 37.40
CA ASN H 323 -14.15 -25.50 38.55
C ASN H 323 -13.84 -26.99 38.44
N GLY H 324 -14.70 -27.72 37.74
CA GLY H 324 -14.57 -29.15 37.51
C GLY H 324 -15.61 -30.02 38.16
N ALA H 325 -16.76 -29.44 38.57
CA ALA H 325 -17.83 -30.22 39.22
C ALA H 325 -18.46 -31.23 38.25
N ASP H 326 -18.70 -32.46 38.73
CA ASP H 326 -19.35 -33.53 37.99
C ASP H 326 -20.84 -33.14 37.87
N CYS H 327 -21.46 -32.82 39.02
CA CYS H 327 -22.86 -32.43 39.18
C CYS H 327 -23.03 -31.03 39.75
N VAL H 328 -24.24 -30.48 39.55
CA VAL H 328 -24.72 -29.19 40.05
C VAL H 328 -26.12 -29.47 40.64
N MET H 329 -26.42 -28.91 41.83
CA MET H 329 -27.66 -29.21 42.55
C MET H 329 -28.66 -28.05 42.70
N LEU H 330 -29.97 -28.44 42.71
CA LEU H 330 -31.14 -27.61 42.89
C LEU H 330 -31.84 -28.09 44.12
N SER H 331 -32.10 -27.18 45.07
CA SER H 331 -32.76 -27.47 46.33
C SER H 331 -34.15 -26.85 46.38
N GLY H 332 -34.29 -25.65 46.92
CA GLY H 332 -35.56 -24.94 47.03
C GLY H 332 -36.25 -24.67 45.71
N GLU H 333 -35.45 -24.45 44.65
CA GLU H 333 -35.90 -24.17 43.29
C GLU H 333 -36.91 -25.20 42.81
N THR H 334 -36.53 -26.48 42.93
CA THR H 334 -37.36 -27.59 42.45
C THR H 334 -38.34 -28.11 43.52
N ALA H 335 -37.97 -28.02 44.80
CA ALA H 335 -38.80 -28.51 45.90
C ALA H 335 -40.03 -27.63 46.21
N LYS H 336 -39.81 -26.32 46.48
CA LYS H 336 -40.85 -25.35 46.84
C LYS H 336 -41.03 -24.22 45.80
N GLY H 337 -40.34 -24.30 44.68
CA GLY H 337 -40.39 -23.28 43.64
C GLY H 337 -41.64 -23.25 42.77
N LYS H 338 -41.91 -22.07 42.19
CA LYS H 338 -43.03 -21.81 41.28
C LYS H 338 -42.65 -22.12 39.82
N TYR H 339 -41.34 -22.28 39.53
CA TYR H 339 -40.81 -22.60 38.19
C TYR H 339 -39.84 -23.79 38.28
N PRO H 340 -40.33 -25.04 38.49
CA PRO H 340 -39.39 -26.17 38.63
C PRO H 340 -38.79 -26.73 37.33
N ASN H 341 -39.58 -26.79 36.26
CA ASN H 341 -39.08 -27.28 34.97
C ASN H 341 -38.23 -26.22 34.29
N GLU H 342 -38.61 -24.94 34.47
CA GLU H 342 -37.94 -23.78 33.92
C GLU H 342 -36.55 -23.60 34.51
N VAL H 343 -36.38 -23.93 35.80
CA VAL H 343 -35.09 -23.79 36.51
C VAL H 343 -34.09 -24.89 36.06
N VAL H 344 -34.58 -26.14 35.85
CA VAL H 344 -33.73 -27.26 35.40
C VAL H 344 -33.28 -26.98 33.97
N GLN H 345 -34.19 -26.45 33.13
CA GLN H 345 -33.94 -26.07 31.74
C GLN H 345 -32.88 -24.98 31.63
N TYR H 346 -32.94 -23.97 32.54
CA TYR H 346 -31.97 -22.87 32.59
C TYR H 346 -30.58 -23.40 32.96
N MET H 347 -30.51 -24.28 33.98
CA MET H 347 -29.30 -24.93 34.44
C MET H 347 -28.67 -25.73 33.32
N VAL H 348 -29.50 -26.44 32.49
CA VAL H 348 -29.07 -27.21 31.32
C VAL H 348 -28.35 -26.30 30.32
N ARG H 349 -28.95 -25.16 29.95
CA ARG H 349 -28.40 -24.19 29.00
C ARG H 349 -27.05 -23.66 29.45
N ILE H 350 -26.89 -23.35 30.76
CA ILE H 350 -25.64 -22.84 31.36
C ILE H 350 -24.55 -23.92 31.33
N CYS H 351 -24.87 -25.15 31.79
CA CYS H 351 -23.98 -26.31 31.80
C CYS H 351 -23.42 -26.59 30.40
N ILE H 352 -24.28 -26.52 29.36
CA ILE H 352 -23.88 -26.75 27.97
C ILE H 352 -22.97 -25.62 27.49
N GLU H 353 -23.29 -24.36 27.86
CA GLU H 353 -22.47 -23.20 27.50
C GLU H 353 -21.08 -23.30 28.10
N ALA H 354 -21.01 -23.47 29.45
CA ALA H 354 -19.76 -23.59 30.17
C ALA H 354 -18.94 -24.76 29.64
N GLN H 355 -19.60 -25.89 29.29
CA GLN H 355 -19.00 -27.11 28.73
C GLN H 355 -18.35 -26.86 27.36
N SER H 356 -19.05 -26.08 26.51
CA SER H 356 -18.61 -25.73 25.16
C SER H 356 -17.40 -24.82 25.18
N ALA H 357 -17.30 -23.94 26.20
CA ALA H 357 -16.18 -23.03 26.40
C ALA H 357 -14.99 -23.81 26.96
N THR H 358 -15.27 -24.88 27.72
CA THR H 358 -14.25 -25.71 28.33
C THR H 358 -13.97 -26.98 27.50
N HIS H 359 -14.33 -26.97 26.19
CA HIS H 359 -14.13 -28.11 25.28
C HIS H 359 -12.66 -28.22 24.87
N ASP H 360 -11.79 -28.52 25.85
CA ASP H 360 -10.33 -28.61 25.70
C ASP H 360 -9.68 -29.79 26.44
N SER H 361 -8.45 -30.11 26.02
CA SER H 361 -7.63 -31.18 26.57
C SER H 361 -6.84 -30.69 27.80
N VAL H 362 -7.07 -29.44 28.27
CA VAL H 362 -6.40 -28.80 29.41
C VAL H 362 -6.64 -29.57 30.69
N MET H 363 -7.91 -29.83 31.01
CA MET H 363 -8.28 -30.57 32.23
C MET H 363 -7.67 -31.96 32.24
N PHE H 364 -7.80 -32.68 31.11
CA PHE H 364 -7.24 -34.01 30.90
C PHE H 364 -5.74 -34.01 31.20
N ASN H 365 -4.96 -33.10 30.56
CA ASN H 365 -3.52 -33.02 30.78
C ASN H 365 -3.17 -32.62 32.20
N SER H 366 -3.94 -31.69 32.83
CA SER H 366 -3.74 -31.25 34.22
C SER H 366 -3.84 -32.42 35.19
N ILE H 367 -4.92 -33.22 35.05
CA ILE H 367 -5.23 -34.39 35.88
C ILE H 367 -4.20 -35.52 35.67
N LYS H 368 -3.91 -35.86 34.39
CA LYS H 368 -2.96 -36.91 34.00
C LYS H 368 -1.55 -36.67 34.59
N ASN H 369 -1.04 -35.44 34.44
CA ASN H 369 0.29 -35.06 34.93
C ASN H 369 0.41 -35.10 36.47
N LEU H 370 -0.74 -35.03 37.17
CA LEU H 370 -0.77 -35.06 38.63
C LEU H 370 -0.91 -36.49 39.16
N GLN H 371 -0.94 -37.49 38.25
CA GLN H 371 -1.02 -38.92 38.62
C GLN H 371 0.38 -39.53 38.75
N LYS H 372 0.55 -40.43 39.73
CA LYS H 372 1.83 -41.07 40.02
C LYS H 372 2.15 -42.16 39.02
N ILE H 373 3.40 -42.19 38.53
CA ILE H 373 3.89 -43.20 37.58
C ILE H 373 4.74 -44.23 38.38
N PRO H 374 4.52 -45.56 38.20
CA PRO H 374 3.64 -46.21 37.23
C PRO H 374 2.17 -46.24 37.62
N MET H 375 1.30 -46.17 36.61
CA MET H 375 -0.16 -46.26 36.75
C MET H 375 -0.49 -47.75 36.70
N SER H 376 -1.71 -48.12 37.12
CA SER H 376 -2.14 -49.51 37.00
C SER H 376 -2.48 -49.75 35.52
N PRO H 377 -2.27 -50.95 34.93
CA PRO H 377 -2.67 -51.14 33.52
C PRO H 377 -4.11 -50.72 33.25
N GLU H 378 -5.00 -50.88 34.26
CA GLU H 378 -6.41 -50.48 34.21
C GLU H 378 -6.53 -48.97 33.96
N GLU H 379 -5.86 -48.13 34.78
CA GLU H 379 -5.89 -46.66 34.64
C GLU H 379 -5.12 -46.16 33.42
N ALA H 380 -3.99 -46.83 33.07
CA ALA H 380 -3.18 -46.48 31.89
C ALA H 380 -3.97 -46.72 30.60
N VAL H 381 -4.87 -47.73 30.58
CA VAL H 381 -5.75 -48.01 29.43
C VAL H 381 -6.84 -46.93 29.35
N CYS H 382 -7.48 -46.59 30.50
CA CYS H 382 -8.54 -45.60 30.60
C CYS H 382 -8.11 -44.19 30.26
N SER H 383 -6.92 -43.76 30.76
CA SER H 383 -6.37 -42.43 30.44
C SER H 383 -5.95 -42.33 28.97
N SER H 384 -5.35 -43.40 28.42
CA SER H 384 -4.95 -43.45 27.01
C SER H 384 -6.15 -43.50 26.09
N ALA H 385 -7.27 -44.08 26.56
CA ALA H 385 -8.53 -44.14 25.82
C ALA H 385 -9.04 -42.71 25.61
N VAL H 386 -8.83 -41.82 26.62
CA VAL H 386 -9.19 -40.41 26.58
C VAL H 386 -8.24 -39.66 25.63
N SER H 387 -6.92 -39.87 25.74
CA SER H 387 -6.00 -39.21 24.82
C SER H 387 -6.23 -39.63 23.36
N SER H 388 -6.54 -40.94 23.11
CA SER H 388 -6.87 -41.45 21.77
C SER H 388 -8.07 -40.69 21.22
N ALA H 389 -9.13 -40.51 22.05
CA ALA H 389 -10.35 -39.79 21.70
C ALA H 389 -10.01 -38.38 21.25
N PHE H 390 -9.14 -37.68 22.02
CA PHE H 390 -8.70 -36.31 21.70
C PHE H 390 -7.97 -36.23 20.34
N GLU H 391 -7.07 -37.19 20.08
CA GLU H 391 -6.28 -37.31 18.84
C GLU H 391 -7.14 -37.54 17.59
N VAL H 392 -8.06 -38.54 17.60
CA VAL H 392 -8.93 -38.86 16.45
C VAL H 392 -10.23 -38.07 16.40
N GLN H 393 -10.48 -37.19 17.41
CA GLN H 393 -11.73 -36.44 17.53
C GLN H 393 -12.94 -37.39 17.61
N ALA H 394 -12.81 -38.46 18.44
CA ALA H 394 -13.84 -39.49 18.68
C ALA H 394 -15.16 -38.85 19.08
N LYS H 395 -16.25 -39.27 18.43
CA LYS H 395 -17.58 -38.73 18.71
C LYS H 395 -18.19 -39.33 19.99
N ALA H 396 -17.58 -40.43 20.53
CA ALA H 396 -17.98 -41.14 21.77
C ALA H 396 -16.99 -42.24 22.20
N ILE H 397 -16.92 -42.50 23.53
CA ILE H 397 -16.09 -43.56 24.13
C ILE H 397 -17.07 -44.61 24.69
N LEU H 398 -16.87 -45.90 24.34
CA LEU H 398 -17.69 -47.00 24.84
C LEU H 398 -16.87 -47.81 25.84
N VAL H 399 -17.41 -47.94 27.06
CA VAL H 399 -16.78 -48.69 28.13
C VAL H 399 -17.69 -49.81 28.61
N LEU H 400 -17.13 -50.99 28.77
CA LEU H 400 -17.88 -52.12 29.28
C LEU H 400 -17.52 -52.23 30.74
N SER H 401 -18.40 -51.67 31.61
CA SER H 401 -18.18 -51.62 33.07
C SER H 401 -19.42 -52.03 33.84
N ASN H 402 -19.35 -53.16 34.55
CA ASN H 402 -20.48 -53.68 35.31
C ASN H 402 -20.71 -52.91 36.60
N THR H 403 -19.63 -52.56 37.33
CA THR H 403 -19.70 -51.79 38.58
C THR H 403 -19.72 -50.28 38.36
N GLY H 404 -19.14 -49.84 37.25
CA GLY H 404 -19.05 -48.42 36.89
C GLY H 404 -17.69 -47.82 37.20
N ARG H 405 -16.78 -48.58 37.84
CA ARG H 405 -15.42 -48.17 38.21
C ARG H 405 -14.63 -47.68 36.97
N SER H 406 -14.61 -48.47 35.86
CA SER H 406 -13.95 -48.14 34.58
C SER H 406 -14.54 -46.87 33.94
N ALA H 407 -15.89 -46.70 34.03
CA ALA H 407 -16.59 -45.52 33.50
C ALA H 407 -16.23 -44.27 34.31
N ARG H 408 -16.06 -44.41 35.65
CA ARG H 408 -15.68 -43.34 36.56
C ARG H 408 -14.22 -42.99 36.32
N LEU H 409 -13.41 -44.03 35.96
CA LEU H 409 -11.98 -43.94 35.64
C LEU H 409 -11.74 -43.25 34.30
N ILE H 410 -12.67 -43.40 33.33
CA ILE H 410 -12.56 -42.75 32.02
C ILE H 410 -12.99 -41.30 32.19
N SER H 411 -14.13 -41.08 32.90
CA SER H 411 -14.65 -39.74 33.19
C SER H 411 -13.68 -38.89 34.01
N LYS H 412 -12.79 -39.54 34.80
CA LYS H 412 -11.74 -38.93 35.64
C LYS H 412 -10.82 -38.04 34.78
N TYR H 413 -10.58 -38.48 33.51
CA TYR H 413 -9.69 -37.80 32.57
C TYR H 413 -10.43 -36.82 31.68
N ARG H 414 -11.64 -36.43 32.08
CA ARG H 414 -12.50 -35.41 31.45
C ARG H 414 -12.44 -35.34 29.87
N PRO H 415 -13.01 -36.32 29.13
CA PRO H 415 -13.00 -36.22 27.66
C PRO H 415 -13.98 -35.22 27.02
N ASN H 416 -13.72 -34.73 25.79
CA ASN H 416 -14.72 -33.86 25.15
C ASN H 416 -16.12 -34.52 24.83
N CYS H 417 -16.04 -35.75 24.28
CA CYS H 417 -17.16 -36.65 23.96
C CYS H 417 -17.94 -37.40 25.08
N PRO H 418 -19.13 -37.99 24.79
CA PRO H 418 -19.83 -38.76 25.82
C PRO H 418 -19.17 -40.12 26.07
N ILE H 419 -19.46 -40.70 27.24
CA ILE H 419 -18.97 -42.03 27.62
C ILE H 419 -20.20 -42.94 27.73
N ILE H 420 -20.29 -43.95 26.87
CA ILE H 420 -21.39 -44.91 26.91
C ILE H 420 -20.90 -46.10 27.74
N CYS H 421 -21.68 -46.49 28.75
CA CYS H 421 -21.30 -47.60 29.61
C CYS H 421 -22.23 -48.80 29.43
N ALA H 422 -21.69 -49.91 28.87
CA ALA H 422 -22.43 -51.15 28.68
C ALA H 422 -22.33 -51.95 29.96
N THR H 423 -23.28 -51.70 30.88
CA THR H 423 -23.35 -52.31 32.21
C THR H 423 -24.42 -53.38 32.31
N THR H 424 -24.11 -54.44 33.08
CA THR H 424 -25.02 -55.58 33.33
C THR H 424 -25.93 -55.41 34.58
N ARG H 425 -25.73 -54.30 35.34
CA ARG H 425 -26.49 -53.97 36.54
C ARG H 425 -27.25 -52.64 36.38
N LEU H 426 -28.48 -52.58 36.93
CA LEU H 426 -29.31 -51.37 36.92
C LEU H 426 -28.87 -50.36 37.97
N LEU H 427 -28.34 -50.86 39.10
CA LEU H 427 -27.83 -50.05 40.21
C LEU H 427 -26.70 -49.17 39.71
N THR H 428 -25.86 -49.70 38.80
CA THR H 428 -24.76 -49.01 38.13
C THR H 428 -25.28 -47.90 37.18
N CYS H 429 -26.43 -48.15 36.49
CA CYS H 429 -27.05 -47.17 35.60
C CYS H 429 -27.44 -45.93 36.41
N ARG H 430 -28.04 -46.17 37.58
CA ARG H 430 -28.53 -45.16 38.52
C ARG H 430 -27.42 -44.43 39.27
N GLN H 431 -26.37 -45.16 39.69
CA GLN H 431 -25.22 -44.60 40.41
C GLN H 431 -24.29 -43.80 39.49
N LEU H 432 -24.33 -44.05 38.17
CA LEU H 432 -23.49 -43.34 37.22
C LEU H 432 -24.09 -41.98 36.79
N ASN H 433 -25.23 -41.58 37.40
CA ASN H 433 -25.86 -40.28 37.12
C ASN H 433 -25.09 -39.19 37.83
N VAL H 434 -24.16 -39.56 38.74
CA VAL H 434 -23.32 -38.61 39.47
C VAL H 434 -21.97 -38.37 38.77
N THR H 435 -21.67 -39.16 37.72
CA THR H 435 -20.43 -39.09 36.95
C THR H 435 -20.66 -38.36 35.61
N ARG H 436 -19.90 -37.26 35.39
CA ARG H 436 -19.96 -36.43 34.18
C ARG H 436 -19.70 -37.26 32.92
N SER H 437 -20.39 -36.93 31.80
CA SER H 437 -20.31 -37.51 30.45
C SER H 437 -20.74 -39.00 30.21
N VAL H 438 -21.04 -39.77 31.30
CA VAL H 438 -21.40 -41.20 31.26
C VAL H 438 -22.93 -41.30 31.10
N GLU H 439 -23.33 -41.91 29.97
CA GLU H 439 -24.68 -42.28 29.55
C GLU H 439 -24.67 -43.82 29.55
N SER H 440 -25.33 -44.43 30.54
CA SER H 440 -25.38 -45.89 30.71
C SER H 440 -26.39 -46.61 29.81
N VAL H 441 -26.05 -47.86 29.42
CA VAL H 441 -26.88 -48.76 28.61
C VAL H 441 -26.92 -50.12 29.31
N TYR H 442 -28.11 -50.52 29.78
CA TYR H 442 -28.34 -51.77 30.50
C TYR H 442 -28.55 -52.98 29.59
N TYR H 443 -27.68 -53.98 29.75
CA TYR H 443 -27.74 -55.25 29.02
C TYR H 443 -28.36 -56.27 29.96
N ASP H 444 -29.56 -56.77 29.63
CA ASP H 444 -30.24 -57.76 30.46
C ASP H 444 -29.68 -59.15 30.10
N VAL H 445 -28.80 -59.70 30.96
CA VAL H 445 -28.16 -61.01 30.77
C VAL H 445 -29.21 -62.15 30.74
N ASP H 446 -30.11 -62.18 31.74
CA ASP H 446 -31.17 -63.18 31.93
C ASP H 446 -32.17 -63.22 30.77
N ALA H 447 -32.22 -62.15 29.95
CA ALA H 447 -33.12 -62.03 28.80
C ALA H 447 -32.48 -62.37 27.46
N HIS H 448 -31.25 -61.92 27.22
CA HIS H 448 -30.60 -62.16 25.94
C HIS H 448 -29.61 -63.32 26.00
N GLY H 449 -28.56 -63.18 26.80
CA GLY H 449 -27.55 -64.22 26.96
C GLY H 449 -26.46 -63.92 27.96
N GLU H 450 -25.56 -64.91 28.19
CA GLU H 450 -24.43 -64.81 29.11
C GLU H 450 -23.48 -63.70 28.66
N ASP H 451 -22.95 -63.83 27.42
CA ASP H 451 -22.08 -62.86 26.75
C ASP H 451 -20.73 -62.37 27.32
N ASN H 452 -19.79 -63.32 27.50
CA ASN H 452 -18.42 -63.07 27.98
C ASN H 452 -17.41 -62.64 26.91
N ASP H 453 -17.71 -62.96 25.62
CA ASP H 453 -16.94 -62.58 24.43
C ASP H 453 -17.07 -61.07 24.21
N ARG H 454 -18.01 -60.45 24.96
CA ARG H 454 -18.33 -59.02 25.08
C ARG H 454 -18.90 -58.39 23.79
N GLU H 455 -19.05 -59.19 22.70
CA GLU H 455 -19.56 -58.75 21.40
C GLU H 455 -20.98 -58.15 21.45
N LYS H 456 -21.92 -58.80 22.18
CA LYS H 456 -23.30 -58.36 22.29
C LYS H 456 -23.43 -57.00 22.96
N ARG H 457 -22.74 -56.80 24.11
CA ARG H 457 -22.71 -55.56 24.89
C ARG H 457 -22.10 -54.40 24.10
N VAL H 458 -21.05 -54.68 23.29
CA VAL H 458 -20.36 -53.71 22.44
C VAL H 458 -21.34 -53.26 21.35
N GLN H 459 -21.99 -54.24 20.69
CA GLN H 459 -22.94 -53.97 19.62
C GLN H 459 -24.18 -53.28 20.17
N LEU H 460 -24.56 -53.55 21.43
CA LEU H 460 -25.68 -52.89 22.13
C LEU H 460 -25.34 -51.42 22.32
N GLY H 461 -24.08 -51.14 22.70
CA GLY H 461 -23.56 -49.80 22.93
C GLY H 461 -23.50 -48.97 21.67
N VAL H 462 -22.83 -49.51 20.63
CA VAL H 462 -22.66 -48.89 19.30
C VAL H 462 -24.04 -48.53 18.71
N ASP H 463 -25.00 -49.48 18.76
CA ASP H 463 -26.37 -49.29 18.27
C ASP H 463 -27.09 -48.21 19.07
N TRP H 464 -26.90 -48.18 20.40
CA TRP H 464 -27.51 -47.19 21.29
C TRP H 464 -26.96 -45.81 20.98
N ALA H 465 -25.62 -45.69 20.75
CA ALA H 465 -24.92 -44.45 20.43
C ALA H 465 -25.28 -43.93 19.05
N LYS H 466 -25.79 -44.82 18.17
CA LYS H 466 -26.20 -44.49 16.82
C LYS H 466 -27.59 -43.90 16.86
N THR H 467 -28.57 -44.65 17.41
CA THR H 467 -29.98 -44.26 17.55
C THR H 467 -30.14 -43.00 18.41
N LYS H 468 -29.30 -42.85 19.46
CA LYS H 468 -29.33 -41.64 20.30
C LYS H 468 -28.57 -40.46 19.63
N GLY H 469 -28.17 -40.66 18.37
CA GLY H 469 -27.55 -39.67 17.49
C GLY H 469 -26.17 -39.15 17.83
N TYR H 470 -25.46 -39.78 18.78
CA TYR H 470 -24.10 -39.38 19.18
C TYR H 470 -23.09 -39.56 18.05
N VAL H 471 -23.18 -40.73 17.36
CA VAL H 471 -22.31 -41.11 16.26
C VAL H 471 -23.11 -41.21 14.95
N SER H 472 -22.54 -40.63 13.88
CA SER H 472 -23.10 -40.55 12.54
C SER H 472 -22.32 -41.47 11.61
N ALA H 473 -22.70 -41.49 10.32
CA ALA H 473 -22.07 -42.32 9.29
C ALA H 473 -20.59 -41.98 9.08
N GLY H 474 -19.72 -42.95 9.41
CA GLY H 474 -18.27 -42.86 9.25
C GLY H 474 -17.43 -42.30 10.39
N ASP H 475 -18.04 -42.12 11.58
CA ASP H 475 -17.38 -41.59 12.79
C ASP H 475 -16.54 -42.65 13.52
N VAL H 476 -15.43 -42.20 14.17
CA VAL H 476 -14.53 -43.07 14.94
C VAL H 476 -14.96 -43.04 16.42
N MET H 477 -14.92 -44.24 17.04
CA MET H 477 -15.33 -44.56 18.41
C MET H 477 -14.19 -45.28 19.13
N VAL H 478 -13.98 -44.95 20.40
CA VAL H 478 -12.96 -45.60 21.23
C VAL H 478 -13.69 -46.63 22.12
N ILE H 479 -13.39 -47.94 21.95
CA ILE H 479 -14.03 -49.02 22.73
C ILE H 479 -13.05 -49.63 23.74
N VAL H 480 -13.40 -49.54 25.03
CA VAL H 480 -12.62 -50.00 26.18
C VAL H 480 -13.34 -51.16 26.86
N HIS H 481 -12.61 -52.27 27.07
CA HIS H 481 -13.09 -53.47 27.74
C HIS H 481 -11.90 -54.39 28.07
N ALA H 482 -12.17 -55.65 28.45
CA ALA H 482 -11.18 -56.68 28.81
C ALA H 482 -11.09 -57.81 27.78
N ASP H 483 -10.04 -58.65 27.88
CA ASP H 483 -9.86 -59.84 27.03
C ASP H 483 -10.37 -61.13 27.75
N HIS H 484 -10.44 -62.28 27.03
CA HIS H 484 -10.93 -63.56 27.57
C HIS H 484 -10.02 -64.25 28.64
N SER H 485 -9.09 -63.46 29.19
CA SER H 485 -8.17 -63.95 30.25
C SER H 485 -7.62 -62.77 31.07
N VAL H 486 -8.24 -61.60 31.00
CA VAL H 486 -7.77 -60.46 31.85
C VAL H 486 -8.44 -60.60 33.22
N LYS H 487 -7.66 -60.57 34.29
CA LYS H 487 -8.18 -60.77 35.66
C LYS H 487 -9.15 -59.65 36.06
N GLY H 488 -10.42 -59.78 35.65
CA GLY H 488 -11.49 -58.83 36.05
C GLY H 488 -11.47 -57.48 35.35
N TYR H 489 -10.40 -56.70 35.52
CA TYR H 489 -10.28 -55.33 34.96
C TYR H 489 -10.10 -55.32 33.44
N PRO H 490 -10.27 -54.15 32.78
CA PRO H 490 -10.10 -54.04 31.33
C PRO H 490 -8.62 -53.98 30.93
N ASN H 491 -8.26 -54.61 29.80
CA ASN H 491 -6.84 -54.66 29.38
C ASN H 491 -6.69 -54.36 27.88
N GLN H 492 -7.69 -53.74 27.25
CA GLN H 492 -7.60 -53.49 25.83
C GLN H 492 -8.40 -52.25 25.45
N THR H 493 -7.98 -51.59 24.36
CA THR H 493 -8.61 -50.40 23.76
C THR H 493 -8.63 -50.59 22.23
N ARG H 494 -9.80 -50.42 21.59
CA ARG H 494 -9.93 -50.59 20.15
C ARG H 494 -10.66 -49.42 19.48
N LEU H 495 -9.96 -48.70 18.57
CA LEU H 495 -10.50 -47.58 17.80
C LEU H 495 -11.27 -48.18 16.64
N VAL H 496 -12.61 -48.09 16.73
CA VAL H 496 -13.57 -48.67 15.80
C VAL H 496 -14.28 -47.57 15.02
N ARG H 497 -14.21 -47.63 13.68
CA ARG H 497 -14.93 -46.68 12.84
C ARG H 497 -16.30 -47.26 12.50
N VAL H 498 -17.37 -46.54 12.92
CA VAL H 498 -18.77 -46.96 12.75
C VAL H 498 -19.20 -46.96 11.29
N ARG H 499 -19.98 -47.97 10.92
CA ARG H 499 -20.46 -48.11 9.56
C ARG H 499 -21.62 -47.13 9.27
N GLU H 500 -22.34 -47.31 8.14
CA GLU H 500 -23.46 -46.44 7.77
C GLU H 500 -24.78 -47.19 7.64
#